data_2JBM
#
_entry.id   2JBM
#
_cell.length_a   110.925
_cell.length_b   179.288
_cell.length_c   194.555
_cell.angle_alpha   90.00
_cell.angle_beta   90.00
_cell.angle_gamma   90.00
#
_symmetry.space_group_name_H-M   'P 21 21 21'
#
loop_
_entity.id
_entity.type
_entity.pdbx_description
1 polymer 'NICOTINATE-NUCLEOTIDE PYROPHOSPHORYLASE'
2 non-polymer 'S,R MESO-TARTARIC ACID'
3 water water
#
_entity_poly.entity_id   1
_entity_poly.type   'polypeptide(L)'
_entity_poly.pdbx_seq_one_letter_code
;GAMDAEGLALLLPPVTLAALVDSWLREDCPGLNYAALVSGAGPSQAALWAKSPGVLAGQPFFDAIFTQLNCQVSWFLPEG
SKLVPVARVAEVRGPAHCLLLGERVALNTLARCSGIASAAAAAVEAARGAGWTGHVAGTRKTTPGFRLVEKYGLLVGGAA
SHRYDLGGLVMVKDNHVVAAGGVEKAVRAARQAADFALKVEVECSSLQEAVQAAEAGADLVLLDNFKPEELHPTATVLKA
QFPSVAVEASGGITLDNLPQFCGPHIDVISMGMLTQAAPALDFSLKLFAKEVAPVPKIH
;
_entity_poly.pdbx_strand_id   A,B,C,D,E,F,G,H,I,J,K,L
#
loop_
_chem_comp.id
_chem_comp.type
_chem_comp.name
_chem_comp.formula
SRT non-polymer 'S,R MESO-TARTARIC ACID' 'C4 H6 O6'
#
# COMPACT_ATOMS: atom_id res chain seq x y z
N MET A 3 -47.43 10.69 30.79
CA MET A 3 -47.69 11.90 31.59
C MET A 3 -46.81 13.08 31.13
N ASP A 4 -46.05 13.66 32.07
CA ASP A 4 -45.07 14.73 31.79
C ASP A 4 -44.25 14.38 30.56
N ALA A 5 -44.22 15.30 29.58
CA ALA A 5 -43.67 15.01 28.25
C ALA A 5 -42.23 14.49 28.29
N GLU A 6 -41.41 15.02 29.18
CA GLU A 6 -40.01 14.60 29.26
C GLU A 6 -39.83 13.15 29.73
N GLY A 7 -40.76 12.65 30.53
CA GLY A 7 -40.72 11.25 30.98
C GLY A 7 -41.31 10.23 30.00
N LEU A 8 -41.93 10.71 28.92
CA LEU A 8 -42.59 9.83 27.95
C LEU A 8 -41.64 8.93 27.16
N ALA A 9 -40.39 9.38 26.99
CA ALA A 9 -39.42 8.59 26.21
C ALA A 9 -39.19 7.19 26.82
N LEU A 10 -39.48 7.03 28.10
CA LEU A 10 -39.28 5.74 28.81
C LEU A 10 -40.21 4.65 28.27
N LEU A 11 -41.28 5.06 27.60
CA LEU A 11 -42.21 4.16 26.95
C LEU A 11 -41.65 3.39 25.77
N LEU A 12 -40.52 3.86 25.25
CA LEU A 12 -39.97 3.38 23.99
C LEU A 12 -38.75 2.46 24.24
N PRO A 13 -38.92 1.15 24.03
CA PRO A 13 -37.77 0.22 24.20
C PRO A 13 -36.64 0.50 23.20
N PRO A 14 -35.36 0.48 23.66
CA PRO A 14 -34.25 0.92 22.79
C PRO A 14 -34.04 -0.03 21.58
N VAL A 15 -34.36 -1.30 21.76
CA VAL A 15 -34.22 -2.30 20.69
C VAL A 15 -35.28 -2.09 19.59
N THR A 16 -36.50 -1.76 20.01
CA THR A 16 -37.59 -1.42 19.07
C THR A 16 -37.25 -0.19 18.22
N LEU A 17 -36.71 0.84 18.88
CA LEU A 17 -36.28 2.04 18.17
C LEU A 17 -35.19 1.74 17.18
N ALA A 18 -34.20 0.95 17.61
CA ALA A 18 -33.04 0.65 16.79
C ALA A 18 -33.48 -0.03 15.49
N ALA A 19 -34.38 -1.00 15.60
CA ALA A 19 -34.89 -1.74 14.44
C ALA A 19 -35.70 -0.86 13.47
N LEU A 20 -36.56 -0.02 14.03
CA LEU A 20 -37.32 0.94 13.26
C LEU A 20 -36.38 1.91 12.51
N VAL A 21 -35.49 2.51 13.27
CA VAL A 21 -34.50 3.43 12.73
C VAL A 21 -33.67 2.78 11.60
N ASP A 22 -33.22 1.56 11.82
CA ASP A 22 -32.46 0.85 10.81
C ASP A 22 -33.26 0.67 9.51
N SER A 23 -34.55 0.32 9.63
CA SER A 23 -35.41 0.17 8.44
C SER A 23 -35.57 1.50 7.69
N TRP A 24 -35.64 2.61 8.44
CA TRP A 24 -35.76 3.93 7.81
C TRP A 24 -34.49 4.33 7.06
N LEU A 25 -33.34 4.03 7.66
CA LEU A 25 -32.06 4.34 7.01
C LEU A 25 -31.89 3.49 5.76
N ARG A 26 -32.30 2.23 5.82
CA ARG A 26 -32.22 1.33 4.69
C ARG A 26 -33.11 1.81 3.53
N GLU A 27 -34.31 2.29 3.86
CA GLU A 27 -35.23 2.87 2.87
C GLU A 27 -34.57 4.04 2.13
N ASP A 28 -33.90 4.92 2.86
CA ASP A 28 -33.32 6.14 2.27
C ASP A 28 -31.96 5.92 1.60
N CYS A 29 -31.27 4.84 1.94
CA CYS A 29 -29.98 4.55 1.31
C CYS A 29 -29.76 3.04 1.22
N PRO A 30 -30.36 2.40 0.22
CA PRO A 30 -30.27 0.94 0.16
C PRO A 30 -28.91 0.38 -0.24
N GLY A 31 -28.06 1.20 -0.85
CA GLY A 31 -26.77 0.74 -1.36
C GLY A 31 -25.66 1.71 -0.99
N LEU A 32 -24.96 2.23 -1.99
CA LEU A 32 -23.85 3.16 -1.79
C LEU A 32 -24.34 4.57 -1.48
N ASN A 33 -23.68 5.24 -0.55
CA ASN A 33 -24.00 6.61 -0.21
C ASN A 33 -23.04 7.54 -0.94
N TYR A 34 -23.27 7.69 -2.24
CA TYR A 34 -22.43 8.54 -3.11
C TYR A 34 -22.11 9.91 -2.54
N ALA A 35 -23.11 10.59 -1.97
CA ALA A 35 -22.93 11.92 -1.43
C ALA A 35 -21.92 11.99 -0.27
N ALA A 36 -21.59 10.85 0.34
CA ALA A 36 -20.59 10.86 1.41
C ALA A 36 -19.25 11.38 0.91
N LEU A 37 -18.95 11.12 -0.37
CA LEU A 37 -17.68 11.52 -0.97
C LEU A 37 -17.61 13.02 -1.15
N VAL A 38 -18.76 13.69 -1.14
CA VAL A 38 -18.81 15.14 -1.31
C VAL A 38 -18.43 15.87 -0.01
N SER A 39 -18.96 15.39 1.12
CA SER A 39 -18.71 16.03 2.39
C SER A 39 -17.45 15.53 3.07
N GLY A 40 -17.08 14.28 2.86
CA GLY A 40 -16.00 13.70 3.63
C GLY A 40 -16.45 13.35 5.06
N ALA A 41 -15.50 12.90 5.88
CA ALA A 41 -15.82 12.42 7.23
C ALA A 41 -15.37 13.38 8.36
N GLY A 42 -14.90 14.57 8.00
CA GLY A 42 -14.38 15.51 9.02
C GLY A 42 -15.43 15.77 10.10
N PRO A 43 -15.00 15.86 11.37
CA PRO A 43 -15.91 16.13 12.49
C PRO A 43 -16.62 17.45 12.25
N SER A 44 -17.94 17.41 12.37
CA SER A 44 -18.79 18.53 11.99
C SER A 44 -19.86 18.79 13.01
N GLN A 45 -20.54 19.93 12.86
CA GLN A 45 -21.67 20.30 13.72
C GLN A 45 -22.76 20.89 12.86
N ALA A 46 -23.99 20.59 13.24
CA ALA A 46 -25.15 21.14 12.53
C ALA A 46 -26.15 21.61 13.55
N ALA A 47 -26.88 22.69 13.21
CA ALA A 47 -27.91 23.22 14.08
C ALA A 47 -29.28 22.81 13.54
N LEU A 48 -30.14 22.40 14.47
CA LEU A 48 -31.53 22.06 14.16
C LEU A 48 -32.40 23.28 14.40
N TRP A 49 -33.12 23.71 13.35
CA TRP A 49 -33.93 24.92 13.41
C TRP A 49 -35.40 24.57 13.30
N ALA A 50 -36.25 25.13 14.17
CA ALA A 50 -37.69 24.98 14.07
C ALA A 50 -38.26 26.22 13.36
N LYS A 51 -38.95 25.98 12.24
CA LYS A 51 -39.48 27.09 11.43
C LYS A 51 -41.01 27.19 11.50
N SER A 52 -41.62 26.33 12.31
CA SER A 52 -43.07 26.31 12.51
C SER A 52 -43.45 26.44 13.98
N PRO A 53 -44.61 27.08 14.27
CA PRO A 53 -45.07 27.04 15.65
C PRO A 53 -45.66 25.67 15.98
N GLY A 54 -45.69 25.32 17.24
CA GLY A 54 -46.32 24.09 17.67
C GLY A 54 -45.61 23.52 18.86
N VAL A 55 -45.54 22.19 18.90
CA VAL A 55 -44.98 21.47 20.04
C VAL A 55 -43.87 20.56 19.52
N LEU A 56 -42.73 20.61 20.19
CA LEU A 56 -41.59 19.73 19.87
C LEU A 56 -41.80 18.31 20.35
N ALA A 57 -41.73 17.36 19.45
CA ALA A 57 -41.90 15.96 19.81
C ALA A 57 -41.12 15.05 18.88
N GLY A 58 -40.51 14.04 19.45
CA GLY A 58 -39.81 13.03 18.65
C GLY A 58 -38.32 12.98 18.95
N GLN A 59 -37.88 13.70 19.98
CA GLN A 59 -36.46 13.62 20.37
C GLN A 59 -35.86 12.19 20.46
N PRO A 60 -36.58 11.22 21.08
CA PRO A 60 -35.97 9.89 21.19
C PRO A 60 -35.73 9.24 19.83
N PHE A 61 -36.55 9.54 18.84
CA PHE A 61 -36.38 8.92 17.53
C PHE A 61 -35.26 9.63 16.79
N PHE A 62 -35.29 10.96 16.80
CA PHE A 62 -34.21 11.78 16.25
C PHE A 62 -32.85 11.35 16.83
N ASP A 63 -32.75 11.23 18.16
CA ASP A 63 -31.51 10.75 18.81
C ASP A 63 -31.08 9.34 18.36
N ALA A 64 -32.06 8.44 18.21
CA ALA A 64 -31.78 7.04 17.88
C ALA A 64 -31.23 6.99 16.48
N ILE A 65 -31.78 7.78 15.57
CA ILE A 65 -31.28 7.82 14.19
C ILE A 65 -29.79 8.19 14.19
N PHE A 66 -29.46 9.30 14.86
CA PHE A 66 -28.07 9.76 14.87
C PHE A 66 -27.11 8.87 15.64
N THR A 67 -27.60 8.24 16.71
CA THR A 67 -26.80 7.27 17.46
C THR A 67 -26.38 6.08 16.58
N GLN A 68 -27.29 5.59 15.74
CA GLN A 68 -26.97 4.54 14.78
C GLN A 68 -25.91 4.97 13.78
N LEU A 69 -25.79 6.27 13.59
CA LEU A 69 -24.77 6.85 12.67
C LEU A 69 -23.57 7.44 13.39
N ASN A 70 -23.43 7.09 14.66
CA ASN A 70 -22.32 7.55 15.49
C ASN A 70 -22.21 9.08 15.61
N CYS A 71 -23.37 9.72 15.71
CA CYS A 71 -23.45 11.16 15.93
C CYS A 71 -24.14 11.40 17.28
N GLN A 72 -23.93 12.58 17.86
CA GLN A 72 -24.46 12.93 19.17
C GLN A 72 -25.32 14.17 19.05
N VAL A 73 -26.35 14.26 19.89
CA VAL A 73 -27.32 15.37 19.81
C VAL A 73 -27.39 16.05 21.16
N SER A 74 -27.25 17.39 21.15
CA SER A 74 -27.49 18.19 22.34
C SER A 74 -28.77 18.98 22.11
N TRP A 75 -29.77 18.80 22.97
CA TRP A 75 -31.05 19.51 22.87
C TRP A 75 -31.03 20.77 23.72
N PHE A 76 -31.57 21.86 23.19
CA PHE A 76 -31.65 23.11 23.91
C PHE A 76 -33.04 23.40 24.48
N LEU A 77 -34.00 22.55 24.10
CA LEU A 77 -35.36 22.62 24.60
C LEU A 77 -35.75 21.19 24.97
N PRO A 78 -36.52 21.03 26.07
CA PRO A 78 -37.05 19.73 26.44
C PRO A 78 -38.15 19.23 25.50
N GLU A 79 -38.31 17.92 25.48
CA GLU A 79 -39.39 17.31 24.76
C GLU A 79 -40.72 17.93 25.19
N GLY A 80 -41.61 18.18 24.24
CA GLY A 80 -42.91 18.81 24.55
C GLY A 80 -42.91 20.32 24.68
N SER A 81 -41.75 20.96 24.51
CA SER A 81 -41.68 22.43 24.55
C SER A 81 -42.53 23.07 23.46
N LYS A 82 -43.10 24.24 23.74
CA LYS A 82 -43.75 25.03 22.69
C LYS A 82 -42.66 25.53 21.77
N LEU A 83 -42.91 25.48 20.47
CA LEU A 83 -42.00 26.05 19.52
C LEU A 83 -42.60 27.36 19.06
N VAL A 84 -41.77 28.39 19.06
CA VAL A 84 -42.12 29.71 18.55
C VAL A 84 -41.01 30.00 17.51
N PRO A 85 -41.33 29.86 16.21
CA PRO A 85 -40.30 30.02 15.18
C PRO A 85 -39.81 31.47 15.10
N VAL A 86 -38.58 31.72 14.66
CA VAL A 86 -37.64 30.70 14.22
C VAL A 86 -36.73 30.35 15.41
N ALA A 87 -36.59 29.07 15.72
CA ALA A 87 -35.87 28.63 16.94
C ALA A 87 -34.77 27.64 16.60
N ARG A 88 -33.61 27.84 17.22
CA ARG A 88 -32.49 26.92 17.09
C ARG A 88 -32.53 25.99 18.30
N VAL A 89 -32.92 24.73 18.09
CA VAL A 89 -33.40 23.90 19.22
C VAL A 89 -32.44 22.75 19.61
N ALA A 90 -31.47 22.46 18.75
CA ALA A 90 -30.49 21.40 19.01
C ALA A 90 -29.25 21.57 18.16
N GLU A 91 -28.17 20.90 18.57
CA GLU A 91 -27.01 20.72 17.73
C GLU A 91 -26.73 19.21 17.57
N VAL A 92 -26.25 18.83 16.41
CA VAL A 92 -25.83 17.44 16.14
C VAL A 92 -24.34 17.48 15.74
N ARG A 93 -23.56 16.56 16.31
CA ARG A 93 -22.13 16.50 16.06
C ARG A 93 -21.79 15.11 15.57
N GLY A 94 -20.89 15.03 14.61
CA GLY A 94 -20.44 13.74 14.09
C GLY A 94 -19.67 13.91 12.79
N PRO A 95 -19.16 12.81 12.24
CA PRO A 95 -18.49 12.94 10.95
C PRO A 95 -19.48 13.56 9.93
N ALA A 96 -18.99 14.44 9.05
CA ALA A 96 -19.87 15.17 8.14
C ALA A 96 -20.80 14.24 7.37
N HIS A 97 -20.27 13.13 6.85
CA HIS A 97 -21.08 12.26 5.97
C HIS A 97 -22.17 11.56 6.77
N CYS A 98 -21.90 11.30 8.05
CA CYS A 98 -22.89 10.67 8.93
C CYS A 98 -24.02 11.64 9.26
N LEU A 99 -23.66 12.91 9.52
CA LEU A 99 -24.69 13.92 9.77
C LEU A 99 -25.60 14.03 8.60
N LEU A 100 -25.02 14.07 7.40
CA LEU A 100 -25.81 14.31 6.21
C LEU A 100 -26.58 13.08 5.73
N LEU A 101 -26.09 11.90 6.06
CA LEU A 101 -26.84 10.66 5.84
C LEU A 101 -28.09 10.56 6.73
N GLY A 102 -27.99 11.04 7.97
CA GLY A 102 -29.10 10.95 8.92
C GLY A 102 -30.11 12.07 8.73
N GLU A 103 -29.66 13.19 8.16
CA GLU A 103 -30.42 14.44 8.10
C GLU A 103 -31.89 14.29 7.70
N ARG A 104 -32.14 13.76 6.51
CA ARG A 104 -33.50 13.76 5.94
C ARG A 104 -34.45 12.86 6.75
N VAL A 105 -34.00 11.66 7.08
CA VAL A 105 -34.82 10.72 7.87
C VAL A 105 -35.14 11.34 9.24
N ALA A 106 -34.12 11.93 9.89
CA ALA A 106 -34.32 12.54 11.20
C ALA A 106 -35.30 13.71 11.15
N LEU A 107 -35.16 14.58 10.15
CA LEU A 107 -36.06 15.71 10.00
C LEU A 107 -37.47 15.26 9.64
N ASN A 108 -37.61 14.26 8.75
CA ASN A 108 -38.95 13.72 8.40
C ASN A 108 -39.67 13.17 9.63
N THR A 109 -38.91 12.52 10.49
CA THR A 109 -39.47 11.87 11.68
C THR A 109 -39.92 12.95 12.66
N LEU A 110 -38.99 13.87 13.01
CA LEU A 110 -39.29 14.95 13.94
C LEU A 110 -40.45 15.81 13.44
N ALA A 111 -40.46 16.09 12.14
CA ALA A 111 -41.49 16.97 11.56
C ALA A 111 -42.89 16.40 11.76
N ARG A 112 -43.03 15.09 11.54
CA ARG A 112 -44.33 14.43 11.63
C ARG A 112 -44.74 14.19 13.07
N CYS A 113 -43.78 13.74 13.89
CA CYS A 113 -44.06 13.57 15.31
C CYS A 113 -44.50 14.89 15.95
N SER A 114 -43.77 15.98 15.67
CA SER A 114 -44.12 17.30 16.16
C SER A 114 -45.41 17.84 15.54
N GLY A 115 -45.65 17.56 14.26
CA GLY A 115 -46.92 18.02 13.62
C GLY A 115 -48.14 17.44 14.36
N ILE A 116 -48.02 16.19 14.72
CA ILE A 116 -49.09 15.45 15.47
C ILE A 116 -49.22 15.93 16.89
N ALA A 117 -48.07 16.05 17.58
CA ALA A 117 -48.07 16.64 18.91
C ALA A 117 -48.71 18.02 18.94
N SER A 118 -48.44 18.83 17.90
CA SER A 118 -49.02 20.19 17.79
C SER A 118 -50.54 20.16 17.65
N ALA A 119 -51.04 19.28 16.79
CA ALA A 119 -52.48 19.11 16.59
C ALA A 119 -53.14 18.61 17.87
N ALA A 120 -52.53 17.63 18.53
CA ALA A 120 -53.03 17.14 19.81
C ALA A 120 -53.09 18.24 20.86
N ALA A 121 -52.01 19.02 21.00
CA ALA A 121 -51.98 20.11 21.98
C ALA A 121 -53.06 21.17 21.69
N ALA A 122 -53.27 21.47 20.41
CA ALA A 122 -54.34 22.42 20.06
C ALA A 122 -55.72 21.90 20.47
N ALA A 123 -55.99 20.62 20.17
CA ALA A 123 -57.25 19.98 20.55
C ALA A 123 -57.42 19.95 22.07
N VAL A 124 -56.37 19.56 22.80
CA VAL A 124 -56.38 19.56 24.27
C VAL A 124 -56.68 20.95 24.81
N GLU A 125 -56.07 21.97 24.23
CA GLU A 125 -56.28 23.34 24.66
C GLU A 125 -57.73 23.79 24.40
N ALA A 126 -58.26 23.45 23.23
CA ALA A 126 -59.64 23.79 22.91
C ALA A 126 -60.59 23.11 23.88
N ALA A 127 -60.35 21.84 24.19
CA ALA A 127 -61.20 21.12 25.15
C ALA A 127 -61.11 21.73 26.56
N ARG A 128 -59.89 22.02 27.00
CA ARG A 128 -59.70 22.70 28.30
C ARG A 128 -60.40 24.07 28.34
N GLY A 129 -60.28 24.84 27.26
CA GLY A 129 -60.98 26.14 27.16
C GLY A 129 -62.48 26.02 27.23
N ALA A 130 -62.99 24.85 26.84
CA ALA A 130 -64.43 24.58 26.94
C ALA A 130 -64.83 24.08 28.33
N GLY A 131 -63.86 23.92 29.21
CA GLY A 131 -64.15 23.51 30.60
C GLY A 131 -64.34 22.00 30.72
N TRP A 132 -63.84 21.25 29.74
CA TRP A 132 -64.02 19.81 29.69
C TRP A 132 -62.85 19.12 30.39
N THR A 133 -63.14 18.09 31.19
CA THR A 133 -62.10 17.37 31.94
C THR A 133 -61.87 15.97 31.38
N GLY A 134 -62.47 15.67 30.23
CA GLY A 134 -62.26 14.37 29.60
C GLY A 134 -60.94 14.30 28.87
N HIS A 135 -60.72 13.19 28.17
CA HIS A 135 -59.48 12.99 27.45
C HIS A 135 -59.66 13.05 25.94
N VAL A 136 -58.81 13.87 25.29
CA VAL A 136 -58.75 13.90 23.86
C VAL A 136 -57.88 12.70 23.48
N ALA A 137 -58.29 11.95 22.47
CA ALA A 137 -57.63 10.70 22.15
C ALA A 137 -57.40 10.56 20.67
N GLY A 138 -56.37 9.79 20.32
CA GLY A 138 -56.16 9.42 18.93
C GLY A 138 -56.87 8.09 18.63
N THR A 139 -56.51 7.49 17.50
CA THR A 139 -57.18 6.33 16.93
C THR A 139 -56.14 5.48 16.23
N ARG A 140 -56.60 4.43 15.56
CA ARG A 140 -55.70 3.55 14.80
C ARG A 140 -55.53 4.04 13.37
N LYS A 141 -55.99 5.27 13.09
CA LYS A 141 -55.87 5.87 11.76
C LYS A 141 -54.48 6.54 11.63
N THR A 142 -53.48 5.69 11.66
CA THR A 142 -52.09 6.07 11.63
C THR A 142 -51.44 5.58 10.34
N THR A 143 -50.30 6.19 9.98
CA THR A 143 -49.57 5.78 8.78
C THR A 143 -49.00 4.39 9.03
N PRO A 144 -49.30 3.41 8.14
CA PRO A 144 -48.78 2.05 8.32
C PRO A 144 -47.27 2.03 8.55
N GLY A 145 -46.85 1.31 9.60
CA GLY A 145 -45.42 1.14 9.92
C GLY A 145 -44.88 2.28 10.80
N PHE A 146 -45.65 3.37 10.92
CA PHE A 146 -45.17 4.55 11.62
C PHE A 146 -45.97 4.76 12.92
N ARG A 147 -46.73 3.76 13.37
CA ARG A 147 -47.66 4.02 14.50
C ARG A 147 -46.97 4.42 15.79
N LEU A 148 -45.83 3.80 16.08
CA LEU A 148 -45.12 4.12 17.32
C LEU A 148 -44.81 5.62 17.42
N VAL A 149 -44.29 6.19 16.34
CA VAL A 149 -43.98 7.62 16.31
C VAL A 149 -45.24 8.47 16.49
N GLU A 150 -46.30 8.12 15.78
CA GLU A 150 -47.49 8.94 15.75
C GLU A 150 -48.18 8.91 17.11
N LYS A 151 -48.25 7.74 17.72
CA LYS A 151 -48.87 7.62 19.08
C LYS A 151 -48.03 8.32 20.13
N TYR A 152 -46.71 8.18 20.01
CA TYR A 152 -45.82 8.94 20.88
C TYR A 152 -46.06 10.43 20.74
N GLY A 153 -46.22 10.91 19.50
CA GLY A 153 -46.52 12.33 19.23
C GLY A 153 -47.80 12.78 19.93
N LEU A 154 -48.86 11.98 19.83
CA LEU A 154 -50.12 12.29 20.52
C LEU A 154 -49.91 12.49 22.01
N LEU A 155 -49.14 11.58 22.62
CA LEU A 155 -48.87 11.63 24.04
C LEU A 155 -48.09 12.89 24.44
N VAL A 156 -47.07 13.24 23.67
CA VAL A 156 -46.29 14.46 23.95
C VAL A 156 -47.19 15.70 23.89
N GLY A 157 -48.11 15.71 22.93
CA GLY A 157 -49.10 16.80 22.81
C GLY A 157 -50.18 16.79 23.87
N GLY A 158 -50.20 15.79 24.74
CA GLY A 158 -51.17 15.72 25.84
C GLY A 158 -52.43 14.93 25.57
N ALA A 159 -52.50 14.29 24.41
CA ALA A 159 -53.65 13.43 24.11
C ALA A 159 -53.38 11.99 24.55
N ALA A 160 -54.45 11.20 24.67
CA ALA A 160 -54.30 9.78 24.99
C ALA A 160 -53.96 9.05 23.72
N SER A 161 -53.03 8.11 23.79
CA SER A 161 -52.74 7.30 22.61
C SER A 161 -53.97 6.47 22.30
N HIS A 162 -54.59 5.92 23.37
CA HIS A 162 -55.88 5.25 23.30
C HIS A 162 -55.69 3.93 22.57
N ARG A 163 -56.64 3.54 21.73
CA ARG A 163 -56.56 2.21 21.10
C ARG A 163 -55.32 2.11 20.21
N TYR A 164 -54.39 1.25 20.61
CA TYR A 164 -53.10 1.12 19.92
C TYR A 164 -53.12 0.11 18.76
N ASP A 165 -53.64 -1.08 19.03
CA ASP A 165 -53.70 -2.09 17.99
C ASP A 165 -54.84 -3.06 18.30
N LEU A 166 -54.92 -4.14 17.56
CA LEU A 166 -56.01 -5.11 17.71
C LEU A 166 -55.83 -6.06 18.91
N GLY A 167 -54.79 -5.87 19.71
CA GLY A 167 -54.63 -6.70 20.92
C GLY A 167 -54.93 -5.94 22.23
N GLY A 168 -55.34 -4.70 22.12
CA GLY A 168 -55.45 -3.79 23.28
C GLY A 168 -56.76 -3.70 24.07
N LEU A 169 -57.86 -3.44 23.40
CA LEU A 169 -59.21 -3.57 23.96
C LEU A 169 -60.00 -4.10 22.78
N VAL A 170 -61.04 -4.88 23.03
CA VAL A 170 -61.82 -5.47 21.95
C VAL A 170 -62.84 -4.44 21.42
N MET A 171 -62.60 -3.96 20.21
CA MET A 171 -63.43 -2.91 19.60
C MET A 171 -64.47 -3.56 18.70
N VAL A 172 -65.74 -3.38 19.09
CA VAL A 172 -66.87 -3.89 18.33
C VAL A 172 -67.40 -2.72 17.54
N LYS A 173 -67.10 -2.71 16.24
CA LYS A 173 -67.57 -1.67 15.34
C LYS A 173 -68.92 -2.07 14.70
N ASP A 174 -69.50 -1.16 13.94
CA ASP A 174 -70.70 -1.53 13.18
C ASP A 174 -70.44 -2.76 12.30
N ASN A 175 -69.25 -2.85 11.72
CA ASN A 175 -68.91 -4.07 10.92
C ASN A 175 -69.03 -5.37 11.69
N HIS A 176 -68.57 -5.37 12.94
CA HIS A 176 -68.72 -6.55 13.79
C HIS A 176 -70.15 -6.84 14.19
N VAL A 177 -70.94 -5.79 14.40
CA VAL A 177 -72.36 -5.96 14.73
C VAL A 177 -73.09 -6.68 13.59
N VAL A 178 -72.82 -6.26 12.36
CA VAL A 178 -73.41 -6.87 11.19
C VAL A 178 -72.96 -8.34 11.10
N ALA A 179 -71.66 -8.57 11.26
CA ALA A 179 -71.13 -9.93 11.12
C ALA A 179 -71.67 -10.88 12.20
N ALA A 180 -71.80 -10.36 13.41
CA ALA A 180 -72.29 -11.18 14.52
C ALA A 180 -73.82 -11.35 14.50
N GLY A 181 -74.53 -10.49 13.78
CA GLY A 181 -75.98 -10.59 13.72
C GLY A 181 -76.72 -9.78 14.77
N GLY A 182 -76.07 -8.77 15.33
CA GLY A 182 -76.74 -7.91 16.31
C GLY A 182 -75.83 -7.46 17.42
N VAL A 183 -76.22 -6.39 18.10
CA VAL A 183 -75.37 -5.77 19.13
C VAL A 183 -75.15 -6.72 20.33
N GLU A 184 -76.23 -7.31 20.82
CA GLU A 184 -76.15 -8.19 21.98
C GLU A 184 -75.24 -9.39 21.70
N LYS A 185 -75.42 -10.04 20.54
CA LYS A 185 -74.59 -11.17 20.15
C LYS A 185 -73.11 -10.77 19.99
N ALA A 186 -72.86 -9.63 19.36
CA ALA A 186 -71.49 -9.11 19.18
C ALA A 186 -70.81 -8.83 20.51
N VAL A 187 -71.52 -8.13 21.40
CA VAL A 187 -70.94 -7.77 22.70
C VAL A 187 -70.72 -8.99 23.60
N ARG A 188 -71.64 -9.94 23.57
CA ARG A 188 -71.47 -11.19 24.30
C ARG A 188 -70.21 -11.94 23.85
N ALA A 189 -70.03 -12.08 22.53
CA ALA A 189 -68.80 -12.64 21.98
C ALA A 189 -67.57 -11.85 22.38
N ALA A 190 -67.66 -10.53 22.30
CA ALA A 190 -66.52 -9.65 22.64
C ALA A 190 -66.10 -9.82 24.11
N ARG A 191 -67.09 -9.90 24.97
CA ARG A 191 -66.91 -10.03 26.43
C ARG A 191 -66.26 -11.37 26.75
N GLN A 192 -66.66 -12.43 26.05
CA GLN A 192 -66.00 -13.75 26.16
C GLN A 192 -64.52 -13.73 25.72
N ALA A 193 -64.24 -13.04 24.61
CA ALA A 193 -62.88 -12.91 24.14
C ALA A 193 -61.99 -12.02 25.05
N ALA A 194 -62.58 -10.96 25.60
CA ALA A 194 -61.87 -9.96 26.40
C ALA A 194 -61.57 -10.52 27.77
N ASP A 195 -62.53 -11.29 28.28
CA ASP A 195 -62.45 -11.90 29.60
C ASP A 195 -62.17 -10.80 30.66
N PHE A 196 -61.28 -11.06 31.61
CA PHE A 196 -61.00 -10.06 32.63
C PHE A 196 -59.90 -9.08 32.26
N ALA A 197 -59.04 -9.44 31.31
CA ALA A 197 -57.85 -8.66 31.03
C ALA A 197 -58.08 -7.46 30.11
N LEU A 198 -59.12 -7.52 29.29
CA LEU A 198 -59.33 -6.49 28.26
C LEU A 198 -60.70 -5.82 28.39
N LYS A 199 -60.75 -4.54 28.02
CA LYS A 199 -62.01 -3.87 27.97
C LYS A 199 -62.72 -4.17 26.66
N VAL A 200 -64.03 -3.93 26.64
CA VAL A 200 -64.82 -4.04 25.41
C VAL A 200 -65.38 -2.65 25.11
N GLU A 201 -65.21 -2.20 23.87
CA GLU A 201 -65.82 -0.96 23.41
C GLU A 201 -66.74 -1.26 22.25
N VAL A 202 -67.90 -0.60 22.23
CA VAL A 202 -68.88 -0.83 21.18
C VAL A 202 -69.26 0.48 20.49
N GLU A 203 -69.13 0.50 19.17
CA GLU A 203 -69.50 1.65 18.36
C GLU A 203 -71.02 1.60 18.16
N CYS A 204 -71.74 2.65 18.61
CA CYS A 204 -73.22 2.65 18.57
C CYS A 204 -73.71 3.90 17.85
N SER A 205 -74.77 3.77 17.08
CA SER A 205 -75.26 4.91 16.33
C SER A 205 -76.57 5.43 16.93
N SER A 206 -76.95 4.90 18.09
CA SER A 206 -78.20 5.30 18.71
C SER A 206 -78.20 5.01 20.18
N LEU A 207 -79.12 5.66 20.89
CA LEU A 207 -79.32 5.39 22.31
C LEU A 207 -79.67 3.90 22.50
N GLN A 208 -80.47 3.38 21.57
CA GLN A 208 -81.01 2.03 21.71
C GLN A 208 -79.90 0.98 21.61
N GLU A 209 -78.98 1.18 20.66
CA GLU A 209 -77.80 0.33 20.55
C GLU A 209 -76.89 0.47 21.75
N ALA A 210 -76.68 1.71 22.22
CA ALA A 210 -75.84 1.97 23.39
C ALA A 210 -76.34 1.26 24.66
N VAL A 211 -77.65 1.32 24.86
CA VAL A 211 -78.29 0.59 25.96
C VAL A 211 -78.06 -0.92 25.84
N GLN A 212 -78.23 -1.48 24.64
CA GLN A 212 -78.01 -2.92 24.43
C GLN A 212 -76.56 -3.28 24.71
N ALA A 213 -75.65 -2.42 24.27
CA ALA A 213 -74.22 -2.65 24.46
C ALA A 213 -73.86 -2.65 25.95
N ALA A 214 -74.34 -1.63 26.67
CA ALA A 214 -74.07 -1.51 28.10
C ALA A 214 -74.68 -2.69 28.88
N GLU A 215 -75.93 -3.02 28.59
CA GLU A 215 -76.58 -4.20 29.18
C GLU A 215 -75.79 -5.49 28.97
N ALA A 216 -75.13 -5.62 27.82
CA ALA A 216 -74.41 -6.83 27.51
C ALA A 216 -72.99 -6.79 28.09
N GLY A 217 -72.66 -5.70 28.77
CA GLY A 217 -71.40 -5.60 29.48
C GLY A 217 -70.30 -4.78 28.84
N ALA A 218 -70.63 -3.89 27.90
CA ALA A 218 -69.59 -3.04 27.32
C ALA A 218 -68.98 -2.16 28.41
N ASP A 219 -67.66 -1.96 28.35
CA ASP A 219 -66.97 -1.02 29.24
C ASP A 219 -67.05 0.42 28.72
N LEU A 220 -66.97 0.55 27.40
CA LEU A 220 -67.05 1.82 26.72
C LEU A 220 -68.10 1.76 25.64
N VAL A 221 -68.86 2.84 25.52
CA VAL A 221 -69.78 2.99 24.42
C VAL A 221 -69.26 4.17 23.61
N LEU A 222 -69.06 3.92 22.33
CA LEU A 222 -68.58 4.94 21.41
C LEU A 222 -69.79 5.42 20.61
N LEU A 223 -70.18 6.66 20.87
CA LEU A 223 -71.27 7.30 20.17
C LEU A 223 -70.68 7.96 18.92
N ASP A 224 -70.95 7.35 17.78
CA ASP A 224 -70.29 7.70 16.54
C ASP A 224 -71.16 8.53 15.63
N ASN A 225 -70.61 9.65 15.16
CA ASN A 225 -71.26 10.54 14.18
C ASN A 225 -72.60 11.10 14.62
N PHE A 226 -72.71 11.37 15.91
CA PHE A 226 -73.89 12.05 16.45
C PHE A 226 -73.70 13.54 16.23
N LYS A 227 -74.80 14.26 16.01
CA LYS A 227 -74.80 15.72 16.13
C LYS A 227 -74.70 16.02 17.61
N PRO A 228 -73.96 17.08 17.99
CA PRO A 228 -73.83 17.48 19.40
C PRO A 228 -75.17 17.56 20.15
N GLU A 229 -76.20 18.11 19.50
CA GLU A 229 -77.52 18.24 20.13
C GLU A 229 -78.16 16.90 20.46
N GLU A 230 -77.82 15.84 19.73
CA GLU A 230 -78.25 14.48 20.05
C GLU A 230 -77.27 13.79 21.01
N LEU A 231 -75.99 14.07 20.84
CA LEU A 231 -74.93 13.43 21.60
C LEU A 231 -75.12 13.57 23.12
N HIS A 232 -75.28 14.79 23.59
CA HIS A 232 -75.28 15.03 25.03
C HIS A 232 -76.50 14.47 25.78
N PRO A 233 -77.73 14.67 25.26
CA PRO A 233 -78.90 13.99 25.84
C PRO A 233 -78.77 12.48 25.88
N THR A 234 -78.19 11.88 24.83
CA THR A 234 -77.96 10.43 24.77
C THR A 234 -76.98 9.99 25.86
N ALA A 235 -75.83 10.67 25.95
CA ALA A 235 -74.82 10.35 26.95
C ALA A 235 -75.38 10.53 28.36
N THR A 236 -76.20 11.57 28.54
CA THR A 236 -76.82 11.88 29.85
C THR A 236 -77.69 10.72 30.37
N VAL A 237 -78.62 10.30 29.52
CA VAL A 237 -79.57 9.23 29.78
C VAL A 237 -78.84 7.88 29.98
N LEU A 238 -77.91 7.59 29.08
CA LEU A 238 -77.06 6.41 29.19
C LEU A 238 -76.23 6.35 30.49
N LYS A 239 -75.61 7.46 30.87
CA LYS A 239 -74.83 7.52 32.09
C LYS A 239 -75.68 7.31 33.35
N ALA A 240 -76.91 7.81 33.30
CA ALA A 240 -77.89 7.58 34.34
C ALA A 240 -78.10 6.13 34.65
N GLN A 241 -78.29 5.37 33.58
CA GLN A 241 -78.67 3.99 33.70
C GLN A 241 -77.40 3.17 33.95
N PHE A 242 -76.30 3.58 33.34
CA PHE A 242 -75.06 2.81 33.37
C PHE A 242 -73.86 3.69 33.77
N PRO A 243 -73.81 4.14 35.03
CA PRO A 243 -72.78 5.09 35.39
C PRO A 243 -71.34 4.56 35.34
N SER A 244 -71.16 3.24 35.33
CA SER A 244 -69.84 2.61 35.17
C SER A 244 -69.33 2.59 33.74
N VAL A 245 -70.22 2.78 32.76
CA VAL A 245 -69.83 2.74 31.35
C VAL A 245 -69.21 4.08 30.97
N ALA A 246 -68.07 4.05 30.32
CA ALA A 246 -67.44 5.26 29.82
C ALA A 246 -67.99 5.59 28.43
N VAL A 247 -68.17 6.87 28.15
CA VAL A 247 -68.72 7.31 26.88
C VAL A 247 -67.65 7.99 26.05
N GLU A 248 -67.50 7.53 24.81
CA GLU A 248 -66.57 8.13 23.87
C GLU A 248 -67.37 8.74 22.73
N ALA A 249 -66.99 9.93 22.28
CA ALA A 249 -67.59 10.54 21.09
C ALA A 249 -66.53 10.57 19.98
N SER A 250 -66.97 10.31 18.76
CA SER A 250 -66.12 10.37 17.60
C SER A 250 -66.95 10.61 16.36
N GLY A 251 -66.30 11.05 15.30
CA GLY A 251 -66.92 11.12 13.97
C GLY A 251 -67.18 12.55 13.60
N GLY A 252 -66.38 13.07 12.67
CA GLY A 252 -66.58 14.43 12.16
C GLY A 252 -66.17 15.54 13.12
N ILE A 253 -65.28 15.19 14.06
CA ILE A 253 -64.86 16.16 15.07
C ILE A 253 -63.59 16.85 14.57
N THR A 254 -63.61 18.17 14.64
CA THR A 254 -62.49 18.97 14.16
C THR A 254 -62.04 19.88 15.31
N LEU A 255 -60.90 20.54 15.13
CA LEU A 255 -60.45 21.49 16.13
C LEU A 255 -61.50 22.57 16.36
N ASP A 256 -62.11 23.03 15.28
CA ASP A 256 -63.11 24.10 15.35
C ASP A 256 -64.40 23.71 16.06
N ASN A 257 -64.88 22.49 15.84
CA ASN A 257 -66.15 22.08 16.44
C ASN A 257 -65.99 21.30 17.75
N LEU A 258 -64.75 20.99 18.12
CA LEU A 258 -64.49 20.20 19.33
C LEU A 258 -65.25 20.65 20.59
N PRO A 259 -65.28 21.97 20.89
CA PRO A 259 -66.07 22.39 22.05
C PRO A 259 -67.53 21.96 22.06
N GLN A 260 -68.15 21.81 20.89
CA GLN A 260 -69.55 21.39 20.82
C GLN A 260 -69.73 19.95 21.30
N PHE A 261 -68.69 19.13 21.12
CA PHE A 261 -68.69 17.72 21.52
C PHE A 261 -68.27 17.50 22.97
N CYS A 262 -67.72 18.53 23.60
CA CYS A 262 -67.38 18.50 25.01
C CYS A 262 -68.65 18.64 25.85
N GLY A 263 -68.82 17.73 26.81
CA GLY A 263 -69.92 17.82 27.77
C GLY A 263 -69.63 16.95 28.99
N PRO A 264 -70.41 17.12 30.06
CA PRO A 264 -70.13 16.46 31.32
C PRO A 264 -70.28 14.94 31.25
N HIS A 265 -71.03 14.43 30.25
CA HIS A 265 -71.20 12.99 30.15
C HIS A 265 -70.39 12.32 29.05
N ILE A 266 -69.46 13.07 28.47
CA ILE A 266 -68.53 12.54 27.49
C ILE A 266 -67.18 12.39 28.19
N ASP A 267 -66.60 11.19 28.14
CA ASP A 267 -65.34 10.89 28.84
C ASP A 267 -64.14 11.00 27.92
N VAL A 268 -64.34 10.64 26.64
CA VAL A 268 -63.27 10.54 25.66
C VAL A 268 -63.77 11.10 24.37
N ILE A 269 -62.95 11.89 23.70
CA ILE A 269 -63.28 12.38 22.37
C ILE A 269 -62.13 11.96 21.48
N SER A 270 -62.40 11.10 20.49
CA SER A 270 -61.32 10.65 19.62
C SER A 270 -61.42 11.33 18.27
N MET A 271 -60.26 11.68 17.73
CA MET A 271 -60.19 12.47 16.50
C MET A 271 -59.19 11.84 15.53
N GLY A 272 -59.70 11.30 14.42
CA GLY A 272 -58.89 10.81 13.33
C GLY A 272 -57.95 11.89 12.78
N MET A 273 -58.41 13.12 12.76
CA MET A 273 -57.67 14.23 12.13
C MET A 273 -56.32 14.48 12.80
N LEU A 274 -56.19 14.12 14.07
CA LEU A 274 -54.92 14.35 14.80
C LEU A 274 -53.78 13.57 14.17
N THR A 275 -54.09 12.46 13.50
CA THR A 275 -53.06 11.64 12.83
C THR A 275 -53.23 11.65 11.28
N GLN A 276 -54.44 11.88 10.77
CA GLN A 276 -54.68 11.81 9.35
C GLN A 276 -54.48 13.13 8.65
N ALA A 277 -54.56 14.22 9.40
CA ALA A 277 -54.56 15.54 8.80
C ALA A 277 -53.77 16.56 9.63
N ALA A 278 -52.66 16.13 10.21
CA ALA A 278 -51.80 17.05 10.95
C ALA A 278 -50.60 17.37 10.06
N PRO A 279 -50.49 18.60 9.56
CA PRO A 279 -49.34 18.93 8.69
C PRO A 279 -48.03 18.81 9.46
N ALA A 280 -46.99 18.28 8.81
CA ALA A 280 -45.67 18.18 9.40
C ALA A 280 -45.13 19.60 9.70
N LEU A 281 -44.37 19.75 10.77
CA LEU A 281 -43.71 21.04 11.05
C LEU A 281 -42.50 21.20 10.13
N ASP A 282 -42.11 22.45 9.88
CA ASP A 282 -40.94 22.74 9.09
C ASP A 282 -39.70 22.79 10.01
N PHE A 283 -38.80 21.82 9.85
CA PHE A 283 -37.48 21.83 10.49
C PHE A 283 -36.37 21.78 9.45
N SER A 284 -35.21 22.35 9.77
CA SER A 284 -34.03 22.19 8.90
C SER A 284 -32.80 21.90 9.76
N LEU A 285 -31.79 21.30 9.14
CA LEU A 285 -30.56 20.96 9.83
C LEU A 285 -29.46 21.62 9.01
N LYS A 286 -28.72 22.53 9.63
CA LYS A 286 -27.74 23.31 8.89
C LYS A 286 -26.36 23.12 9.44
N LEU A 287 -25.51 22.55 8.60
CA LEU A 287 -24.12 22.29 8.97
C LEU A 287 -23.39 23.62 9.04
N PHE A 288 -22.83 23.93 10.21
CA PHE A 288 -22.18 25.24 10.38
C PHE A 288 -20.69 25.17 10.71
N ALA A 289 -20.20 23.96 11.02
CA ALA A 289 -18.81 23.83 11.48
C ALA A 289 -18.27 22.52 10.97
N LYS A 290 -17.00 22.54 10.58
CA LYS A 290 -16.32 21.31 10.23
C LYS A 290 -14.84 21.52 10.52
N GLU A 291 -14.28 20.55 11.23
CA GLU A 291 -12.83 20.19 11.26
C GLU A 291 -12.40 19.91 12.69
N VAL A 292 -11.26 19.55 13.00
N ASP B 4 -49.81 6.76 -17.74
CA ASP B 4 -51.25 6.40 -17.55
C ASP B 4 -51.42 5.72 -16.19
N ALA B 5 -52.31 6.27 -15.37
CA ALA B 5 -52.45 5.84 -13.96
C ALA B 5 -52.67 4.34 -13.78
N GLU B 6 -53.45 3.72 -14.67
CA GLU B 6 -53.76 2.29 -14.57
C GLU B 6 -52.51 1.40 -14.77
N GLY B 7 -51.54 1.91 -15.55
CA GLY B 7 -50.32 1.18 -15.85
C GLY B 7 -49.24 1.32 -14.77
N LEU B 8 -49.45 2.24 -13.82
CA LEU B 8 -48.42 2.54 -12.82
C LEU B 8 -48.17 1.44 -11.81
N ALA B 9 -49.13 0.53 -11.65
CA ALA B 9 -49.01 -0.55 -10.66
C ALA B 9 -47.85 -1.47 -11.04
N LEU B 10 -47.50 -1.51 -12.32
CA LEU B 10 -46.39 -2.33 -12.78
C LEU B 10 -45.03 -1.98 -12.16
N LEU B 11 -44.95 -0.75 -11.63
CA LEU B 11 -43.74 -0.26 -10.96
C LEU B 11 -43.43 -0.94 -9.65
N LEU B 12 -44.41 -1.66 -9.11
CA LEU B 12 -44.35 -2.19 -7.74
C LEU B 12 -44.10 -3.72 -7.77
N PRO B 13 -42.90 -4.15 -7.39
CA PRO B 13 -42.62 -5.61 -7.38
C PRO B 13 -43.48 -6.33 -6.31
N PRO B 14 -44.02 -7.52 -6.64
CA PRO B 14 -45.01 -8.15 -5.76
C PRO B 14 -44.40 -8.59 -4.42
N VAL B 15 -43.11 -8.94 -4.44
CA VAL B 15 -42.40 -9.36 -3.24
C VAL B 15 -42.15 -8.19 -2.28
N THR B 16 -41.81 -7.04 -2.83
CA THR B 16 -41.69 -5.80 -2.04
C THR B 16 -43.02 -5.42 -1.35
N LEU B 17 -44.12 -5.46 -2.10
CA LEU B 17 -45.43 -5.19 -1.55
C LEU B 17 -45.78 -6.15 -0.43
N ALA B 18 -45.54 -7.44 -0.66
CA ALA B 18 -45.90 -8.47 0.30
C ALA B 18 -45.21 -8.22 1.65
N ALA B 19 -43.91 -7.91 1.61
CA ALA B 19 -43.11 -7.64 2.81
C ALA B 19 -43.58 -6.41 3.57
N LEU B 20 -43.88 -5.33 2.82
CA LEU B 20 -44.41 -4.12 3.39
C LEU B 20 -45.76 -4.40 4.06
N VAL B 21 -46.67 -4.97 3.29
CA VAL B 21 -48.00 -5.34 3.78
C VAL B 21 -47.92 -6.21 5.04
N ASP B 22 -47.02 -7.20 5.03
CA ASP B 22 -46.86 -8.05 6.20
C ASP B 22 -46.40 -7.28 7.45
N SER B 23 -45.48 -6.33 7.27
CA SER B 23 -45.06 -5.49 8.40
C SER B 23 -46.20 -4.63 8.93
N TRP B 24 -47.07 -4.16 8.03
CA TRP B 24 -48.21 -3.31 8.46
C TRP B 24 -49.23 -4.14 9.26
N LEU B 25 -49.48 -5.36 8.80
CA LEU B 25 -50.40 -6.25 9.50
C LEU B 25 -49.84 -6.63 10.87
N ARG B 26 -48.53 -6.86 10.94
CA ARG B 26 -47.89 -7.17 12.21
C ARG B 26 -47.99 -5.99 13.20
N GLU B 27 -47.76 -4.78 12.69
CA GLU B 27 -47.93 -3.56 13.52
C GLU B 27 -49.32 -3.49 14.13
N ASP B 28 -50.34 -3.80 13.33
CA ASP B 28 -51.72 -3.65 13.79
C ASP B 28 -52.22 -4.82 14.65
N CYS B 29 -51.58 -5.98 14.53
CA CYS B 29 -52.03 -7.15 15.30
C CYS B 29 -50.84 -8.03 15.62
N PRO B 30 -50.06 -7.66 16.65
CA PRO B 30 -48.85 -8.41 16.92
C PRO B 30 -49.04 -9.77 17.56
N GLY B 31 -50.21 -10.02 18.13
CA GLY B 31 -50.51 -11.28 18.80
C GLY B 31 -51.83 -11.91 18.36
N LEU B 32 -52.69 -12.17 19.33
CA LEU B 32 -54.01 -12.72 19.07
C LEU B 32 -54.97 -11.66 18.54
N ASN B 33 -55.82 -12.06 17.59
CA ASN B 33 -56.80 -11.15 17.01
C ASN B 33 -58.15 -11.43 17.68
N TYR B 34 -58.28 -10.94 18.90
CA TYR B 34 -59.48 -11.22 19.71
C TYR B 34 -60.81 -10.96 18.99
N ALA B 35 -60.84 -9.88 18.21
CA ALA B 35 -62.07 -9.49 17.53
C ALA B 35 -62.55 -10.50 16.47
N ALA B 36 -61.65 -11.37 16.02
CA ALA B 36 -62.02 -12.45 15.09
C ALA B 36 -63.17 -13.31 15.64
N LEU B 37 -63.19 -13.50 16.97
CA LEU B 37 -64.21 -14.31 17.62
C LEU B 37 -65.57 -13.64 17.59
N VAL B 38 -65.57 -12.33 17.38
CA VAL B 38 -66.84 -11.60 17.34
C VAL B 38 -67.50 -11.79 15.96
N SER B 39 -66.72 -11.68 14.90
CA SER B 39 -67.30 -11.78 13.56
C SER B 39 -67.42 -13.20 13.03
N GLY B 40 -66.53 -14.11 13.47
CA GLY B 40 -66.50 -15.45 12.88
C GLY B 40 -65.86 -15.45 11.51
N ALA B 41 -65.88 -16.63 10.88
CA ALA B 41 -65.21 -16.81 9.58
C ALA B 41 -66.15 -16.88 8.38
N GLY B 42 -67.44 -16.67 8.58
CA GLY B 42 -68.41 -16.80 7.49
C GLY B 42 -68.00 -15.93 6.29
N PRO B 43 -68.20 -16.46 5.05
CA PRO B 43 -67.93 -15.67 3.83
C PRO B 43 -68.73 -14.39 3.89
N SER B 44 -68.07 -13.26 3.61
CA SER B 44 -68.70 -11.96 3.75
C SER B 44 -68.38 -11.02 2.59
N GLN B 45 -69.08 -9.90 2.56
CA GLN B 45 -68.81 -8.86 1.57
C GLN B 45 -68.83 -7.51 2.27
N ALA B 46 -67.95 -6.63 1.82
CA ALA B 46 -67.86 -5.30 2.35
C ALA B 46 -67.69 -4.33 1.22
N ALA B 47 -68.37 -3.18 1.31
CA ALA B 47 -68.31 -2.18 0.27
C ALA B 47 -67.33 -1.10 0.70
N LEU B 48 -66.47 -0.70 -0.23
CA LEU B 48 -65.58 0.45 -0.02
C LEU B 48 -66.25 1.72 -0.54
N TRP B 49 -66.38 2.71 0.34
CA TRP B 49 -67.04 3.97 0.02
C TRP B 49 -66.05 5.12 0.10
N ALA B 50 -66.07 5.97 -0.92
CA ALA B 50 -65.28 7.19 -0.95
C ALA B 50 -66.16 8.34 -0.47
N LYS B 51 -65.74 8.99 0.61
CA LYS B 51 -66.50 10.09 1.21
C LYS B 51 -65.84 11.47 0.98
N SER B 52 -64.72 11.50 0.26
CA SER B 52 -63.98 12.75 -0.03
C SER B 52 -63.83 12.94 -1.52
N PRO B 53 -63.80 14.18 -1.99
CA PRO B 53 -63.44 14.36 -3.39
C PRO B 53 -61.93 14.20 -3.53
N GLY B 54 -61.48 13.92 -4.76
CA GLY B 54 -60.08 13.78 -5.01
C GLY B 54 -59.81 12.74 -6.08
N VAL B 55 -58.65 12.12 -5.97
CA VAL B 55 -58.19 11.13 -6.93
C VAL B 55 -57.94 9.81 -6.20
N LEU B 56 -58.47 8.72 -6.76
CA LEU B 56 -58.28 7.40 -6.17
C LEU B 56 -56.88 6.88 -6.49
N ALA B 57 -56.13 6.56 -5.45
CA ALA B 57 -54.80 5.98 -5.62
C ALA B 57 -54.48 4.99 -4.51
N GLY B 58 -53.84 3.89 -4.88
CA GLY B 58 -53.36 2.93 -3.91
C GLY B 58 -53.99 1.56 -4.04
N GLN B 59 -54.76 1.32 -5.11
CA GLN B 59 -55.35 -0.02 -5.36
C GLN B 59 -54.38 -1.21 -5.21
N PRO B 60 -53.15 -1.12 -5.80
CA PRO B 60 -52.22 -2.27 -5.64
C PRO B 60 -51.87 -2.58 -4.18
N PHE B 61 -51.77 -1.59 -3.32
CA PHE B 61 -51.45 -1.83 -1.92
C PHE B 61 -52.69 -2.41 -1.20
N PHE B 62 -53.84 -1.81 -1.47
CA PHE B 62 -55.11 -2.26 -0.92
C PHE B 62 -55.35 -3.74 -1.27
N ASP B 63 -55.13 -4.08 -2.54
CA ASP B 63 -55.26 -5.45 -3.03
C ASP B 63 -54.27 -6.40 -2.32
N ALA B 64 -53.01 -5.97 -2.22
CA ALA B 64 -51.97 -6.82 -1.64
C ALA B 64 -52.29 -7.14 -0.19
N ILE B 65 -52.79 -6.16 0.56
CA ILE B 65 -53.23 -6.36 1.96
C ILE B 65 -54.27 -7.49 2.05
N PHE B 66 -55.32 -7.36 1.25
CA PHE B 66 -56.40 -8.35 1.26
C PHE B 66 -56.01 -9.70 0.71
N THR B 67 -55.15 -9.71 -0.32
CA THR B 67 -54.57 -10.94 -0.82
C THR B 67 -53.84 -11.75 0.26
N GLN B 68 -53.05 -11.07 1.09
CA GLN B 68 -52.34 -11.70 2.21
C GLN B 68 -53.31 -12.30 3.22
N LEU B 69 -54.55 -11.79 3.21
CA LEU B 69 -55.58 -12.24 4.15
C LEU B 69 -56.62 -13.11 3.46
N ASN B 70 -56.28 -13.60 2.27
CA ASN B 70 -57.14 -14.48 1.51
C ASN B 70 -58.52 -13.87 1.19
N CYS B 71 -58.53 -12.58 0.90
CA CYS B 71 -59.73 -11.87 0.46
C CYS B 71 -59.52 -11.36 -0.96
N GLN B 72 -60.61 -11.09 -1.67
CA GLN B 72 -60.54 -10.67 -3.06
C GLN B 72 -61.21 -9.31 -3.19
N VAL B 73 -60.67 -8.46 -4.05
CA VAL B 73 -61.21 -7.12 -4.24
C VAL B 73 -61.69 -6.96 -5.69
N SER B 74 -62.89 -6.42 -5.87
CA SER B 74 -63.41 -6.03 -7.19
C SER B 74 -63.56 -4.52 -7.20
N TRP B 75 -62.85 -3.86 -8.12
CA TRP B 75 -62.85 -2.40 -8.21
C TRP B 75 -63.89 -1.93 -9.21
N PHE B 76 -64.64 -0.89 -8.85
CA PHE B 76 -65.64 -0.36 -9.77
C PHE B 76 -65.17 0.92 -10.46
N LEU B 77 -64.00 1.40 -10.05
CA LEU B 77 -63.37 2.57 -10.65
C LEU B 77 -61.91 2.25 -10.87
N PRO B 78 -61.35 2.67 -12.02
CA PRO B 78 -59.92 2.49 -12.23
C PRO B 78 -59.05 3.35 -11.31
N GLU B 79 -57.81 2.90 -11.15
CA GLU B 79 -56.80 3.65 -10.43
C GLU B 79 -56.64 5.02 -11.09
N GLY B 80 -56.53 6.06 -10.27
CA GLY B 80 -56.45 7.42 -10.82
C GLY B 80 -57.77 8.10 -11.12
N SER B 81 -58.88 7.40 -10.94
CA SER B 81 -60.22 8.00 -11.14
C SER B 81 -60.48 9.20 -10.23
N LYS B 82 -61.22 10.17 -10.75
CA LYS B 82 -61.83 11.22 -9.94
C LYS B 82 -62.83 10.59 -8.99
N LEU B 83 -62.80 11.00 -7.73
CA LEU B 83 -63.76 10.52 -6.75
C LEU B 83 -64.80 11.61 -6.53
N VAL B 84 -66.05 11.27 -6.81
CA VAL B 84 -67.20 12.12 -6.51
C VAL B 84 -68.04 11.46 -5.40
N PRO B 85 -67.91 11.95 -4.16
CA PRO B 85 -68.58 11.30 -3.03
C PRO B 85 -70.10 11.54 -3.03
N VAL B 86 -70.88 10.67 -2.38
CA VAL B 86 -70.42 9.44 -1.73
C VAL B 86 -70.52 8.32 -2.78
N ALA B 87 -69.43 7.60 -3.00
CA ALA B 87 -69.32 6.66 -4.13
C ALA B 87 -68.94 5.28 -3.62
N ARG B 88 -69.67 4.27 -4.07
CA ARG B 88 -69.30 2.87 -3.84
C ARG B 88 -68.21 2.49 -4.84
N VAL B 89 -66.97 2.28 -4.37
CA VAL B 89 -65.84 2.14 -5.29
C VAL B 89 -65.24 0.74 -5.46
N ALA B 90 -65.44 -0.14 -4.47
CA ALA B 90 -65.07 -1.55 -4.59
C ALA B 90 -65.93 -2.42 -3.69
N GLU B 91 -65.88 -3.72 -3.90
CA GLU B 91 -66.37 -4.68 -2.93
C GLU B 91 -65.21 -5.63 -2.59
N VAL B 92 -65.06 -5.94 -1.31
CA VAL B 92 -64.10 -6.91 -0.86
C VAL B 92 -64.84 -8.14 -0.36
N ARG B 93 -64.34 -9.31 -0.71
CA ARG B 93 -64.99 -10.56 -0.30
C ARG B 93 -63.99 -11.49 0.35
N GLY B 94 -64.41 -12.14 1.43
CA GLY B 94 -63.56 -13.11 2.13
C GLY B 94 -64.18 -13.47 3.48
N PRO B 95 -63.51 -14.31 4.25
CA PRO B 95 -63.96 -14.65 5.62
C PRO B 95 -64.10 -13.35 6.44
N ALA B 96 -65.18 -13.24 7.23
CA ALA B 96 -65.49 -11.99 7.90
C ALA B 96 -64.30 -11.49 8.72
N HIS B 97 -63.66 -12.40 9.44
CA HIS B 97 -62.57 -12.01 10.34
C HIS B 97 -61.35 -11.51 9.57
N CYS B 98 -61.09 -12.12 8.41
CA CYS B 98 -60.04 -11.64 7.50
C CYS B 98 -60.33 -10.24 6.96
N LEU B 99 -61.58 -10.00 6.51
CA LEU B 99 -61.95 -8.68 6.03
C LEU B 99 -61.70 -7.63 7.11
N LEU B 100 -62.11 -7.93 8.33
CA LEU B 100 -62.05 -6.95 9.42
C LEU B 100 -60.64 -6.79 9.97
N LEU B 101 -59.82 -7.83 9.81
CA LEU B 101 -58.39 -7.74 10.16
C LEU B 101 -57.63 -6.84 9.18
N GLY B 102 -58.00 -6.87 7.90
CA GLY B 102 -57.34 -6.00 6.93
C GLY B 102 -57.89 -4.60 6.83
N GLU B 103 -59.11 -4.39 7.32
CA GLU B 103 -59.85 -3.13 7.13
C GLU B 103 -59.02 -1.87 7.42
N ARG B 104 -58.55 -1.73 8.66
CA ARG B 104 -57.95 -0.50 9.08
C ARG B 104 -56.65 -0.18 8.32
N VAL B 105 -55.77 -1.17 8.21
CA VAL B 105 -54.51 -0.98 7.50
C VAL B 105 -54.78 -0.61 6.02
N ALA B 106 -55.74 -1.30 5.41
CA ALA B 106 -56.06 -1.04 4.02
C ALA B 106 -56.62 0.36 3.82
N LEU B 107 -57.57 0.77 4.67
CA LEU B 107 -58.15 2.11 4.60
C LEU B 107 -57.10 3.18 4.87
N ASN B 108 -56.22 2.92 5.86
CA ASN B 108 -55.16 3.88 6.20
C ASN B 108 -54.25 4.12 5.00
N THR B 109 -53.92 3.04 4.32
CA THR B 109 -53.00 3.09 3.17
C THR B 109 -53.65 3.83 2.00
N LEU B 110 -54.85 3.39 1.60
CA LEU B 110 -55.59 4.05 0.53
C LEU B 110 -55.85 5.53 0.81
N ALA B 111 -56.20 5.85 2.05
CA ALA B 111 -56.53 7.22 2.41
C ALA B 111 -55.33 8.17 2.17
N ARG B 112 -54.14 7.71 2.55
CA ARG B 112 -52.94 8.54 2.46
C ARG B 112 -52.42 8.58 1.02
N CYS B 113 -52.43 7.44 0.33
CA CYS B 113 -51.99 7.38 -1.06
C CYS B 113 -52.89 8.28 -1.91
N SER B 114 -54.21 8.18 -1.70
CA SER B 114 -55.17 9.03 -2.41
C SER B 114 -55.07 10.50 -2.01
N GLY B 115 -54.79 10.77 -0.73
CA GLY B 115 -54.62 12.16 -0.30
C GLY B 115 -53.48 12.82 -1.02
N ILE B 116 -52.38 12.09 -1.17
CA ILE B 116 -51.19 12.59 -1.86
C ILE B 116 -51.46 12.74 -3.36
N ALA B 117 -52.06 11.72 -3.97
CA ALA B 117 -52.45 11.78 -5.38
C ALA B 117 -53.37 12.98 -5.66
N SER B 118 -54.29 13.25 -4.72
CA SER B 118 -55.20 14.38 -4.85
C SER B 118 -54.43 15.71 -4.82
N ALA B 119 -53.51 15.86 -3.88
CA ALA B 119 -52.68 17.07 -3.76
C ALA B 119 -51.84 17.27 -5.03
N ALA B 120 -51.21 16.19 -5.50
CA ALA B 120 -50.41 16.22 -6.72
C ALA B 120 -51.26 16.65 -7.92
N ALA B 121 -52.45 16.06 -8.06
CA ALA B 121 -53.33 16.41 -9.18
C ALA B 121 -53.76 17.86 -9.14
N ALA B 122 -54.00 18.39 -7.94
CA ALA B 122 -54.37 19.80 -7.80
C ALA B 122 -53.23 20.72 -8.23
N ALA B 123 -52.01 20.39 -7.82
CA ALA B 123 -50.82 21.12 -8.22
C ALA B 123 -50.55 21.03 -9.72
N VAL B 124 -50.61 19.82 -10.26
CA VAL B 124 -50.48 19.62 -11.71
C VAL B 124 -51.51 20.45 -12.50
N GLU B 125 -52.75 20.46 -12.02
CA GLU B 125 -53.83 21.25 -12.65
C GLU B 125 -53.55 22.75 -12.59
N ALA B 126 -53.06 23.23 -11.45
CA ALA B 126 -52.73 24.65 -11.29
C ALA B 126 -51.59 25.04 -12.24
N ALA B 127 -50.58 24.18 -12.34
CA ALA B 127 -49.46 24.43 -13.24
C ALA B 127 -49.91 24.46 -14.70
N ARG B 128 -50.72 23.48 -15.09
CA ARG B 128 -51.30 23.43 -16.43
C ARG B 128 -52.17 24.65 -16.74
N GLY B 129 -52.97 25.09 -15.76
CA GLY B 129 -53.80 26.29 -15.91
C GLY B 129 -52.96 27.55 -16.09
N ALA B 130 -51.73 27.51 -15.57
CA ALA B 130 -50.78 28.61 -15.76
C ALA B 130 -50.04 28.52 -17.10
N GLY B 131 -50.34 27.50 -17.89
CA GLY B 131 -49.71 27.33 -19.19
C GLY B 131 -48.28 26.79 -19.12
N TRP B 132 -47.94 26.18 -17.99
CA TRP B 132 -46.59 25.64 -17.76
C TRP B 132 -46.48 24.21 -18.24
N THR B 133 -45.39 23.87 -18.93
CA THR B 133 -45.22 22.52 -19.48
C THR B 133 -44.16 21.70 -18.72
N GLY B 134 -43.66 22.25 -17.62
CA GLY B 134 -42.70 21.55 -16.79
C GLY B 134 -43.34 20.48 -15.93
N HIS B 135 -42.53 19.88 -15.06
CA HIS B 135 -43.01 18.80 -14.21
C HIS B 135 -43.10 19.21 -12.73
N VAL B 136 -44.28 18.99 -12.16
CA VAL B 136 -44.48 19.11 -10.73
C VAL B 136 -43.88 17.86 -10.12
N ALA B 137 -43.09 18.03 -9.06
CA ALA B 137 -42.34 16.91 -8.48
C ALA B 137 -42.47 16.85 -6.97
N GLY B 138 -42.34 15.65 -6.43
CA GLY B 138 -42.21 15.48 -5.00
C GLY B 138 -40.74 15.51 -4.58
N THR B 139 -40.50 15.08 -3.35
CA THR B 139 -39.21 15.20 -2.68
C THR B 139 -39.01 13.97 -1.79
N ARG B 140 -37.93 13.97 -0.99
CA ARG B 140 -37.65 12.89 -0.07
C ARG B 140 -38.27 13.20 1.31
N LYS B 141 -39.15 14.20 1.36
CA LYS B 141 -39.86 14.57 2.58
C LYS B 141 -41.11 13.68 2.73
N THR B 142 -40.82 12.39 2.92
CA THR B 142 -41.84 11.36 2.98
C THR B 142 -41.83 10.74 4.38
N THR B 143 -42.93 10.09 4.74
CA THR B 143 -43.03 9.40 6.03
C THR B 143 -42.07 8.21 6.05
N PRO B 144 -41.17 8.18 7.03
CA PRO B 144 -40.21 7.03 7.11
C PRO B 144 -40.88 5.66 7.01
N GLY B 145 -40.33 4.81 6.15
CA GLY B 145 -40.87 3.46 5.91
C GLY B 145 -42.05 3.43 4.95
N PHE B 146 -42.59 4.59 4.57
CA PHE B 146 -43.83 4.63 3.78
C PHE B 146 -43.57 5.26 2.40
N ARG B 147 -42.30 5.40 2.01
CA ARG B 147 -41.97 6.17 0.79
C ARG B 147 -42.57 5.58 -0.47
N LEU B 148 -42.58 4.23 -0.55
CA LEU B 148 -43.05 3.58 -1.76
C LEU B 148 -44.51 3.97 -2.05
N VAL B 149 -45.34 3.97 -1.01
CA VAL B 149 -46.73 4.37 -1.14
C VAL B 149 -46.87 5.86 -1.51
N GLU B 150 -46.11 6.72 -0.83
CA GLU B 150 -46.21 8.15 -1.05
C GLU B 150 -45.74 8.55 -2.45
N LYS B 151 -44.63 7.98 -2.90
CA LYS B 151 -44.13 8.27 -4.27
C LYS B 151 -45.05 7.72 -5.36
N TYR B 152 -45.61 6.52 -5.12
CA TYR B 152 -46.62 5.97 -6.02
C TYR B 152 -47.84 6.88 -6.11
N GLY B 153 -48.32 7.39 -4.96
CA GLY B 153 -49.42 8.36 -4.96
C GLY B 153 -49.12 9.61 -5.76
N LEU B 154 -47.92 10.18 -5.60
CA LEU B 154 -47.51 11.32 -6.47
C LEU B 154 -47.69 11.01 -7.95
N LEU B 155 -47.20 9.83 -8.36
CA LEU B 155 -47.26 9.42 -9.77
C LEU B 155 -48.70 9.29 -10.26
N VAL B 156 -49.57 8.69 -9.45
CA VAL B 156 -50.96 8.52 -9.83
C VAL B 156 -51.59 9.91 -10.03
N GLY B 157 -51.19 10.87 -9.19
CA GLY B 157 -51.67 12.24 -9.30
C GLY B 157 -51.10 13.02 -10.47
N GLY B 158 -50.14 12.43 -11.19
CA GLY B 158 -49.56 13.08 -12.35
C GLY B 158 -48.29 13.89 -12.06
N ALA B 159 -47.77 13.79 -10.84
CA ALA B 159 -46.49 14.43 -10.49
C ALA B 159 -45.33 13.46 -10.71
N ALA B 160 -44.12 14.00 -10.82
CA ALA B 160 -42.92 13.16 -10.89
C ALA B 160 -42.57 12.71 -9.49
N SER B 161 -42.19 11.44 -9.33
CA SER B 161 -41.72 10.98 -8.04
C SER B 161 -40.44 11.72 -7.73
N HIS B 162 -39.58 11.85 -8.73
CA HIS B 162 -38.36 12.66 -8.67
C HIS B 162 -37.35 11.98 -7.75
N ARG B 163 -36.59 12.73 -6.96
CA ARG B 163 -35.54 12.13 -6.16
C ARG B 163 -36.13 11.10 -5.18
N TYR B 164 -35.75 9.85 -5.34
CA TYR B 164 -36.32 8.74 -4.56
C TYR B 164 -35.51 8.44 -3.29
N ASP B 165 -34.21 8.30 -3.42
CA ASP B 165 -33.37 8.04 -2.26
C ASP B 165 -31.96 8.55 -2.51
N LEU B 166 -31.03 8.23 -1.62
CA LEU B 166 -29.65 8.68 -1.74
C LEU B 166 -28.81 7.88 -2.75
N GLY B 167 -29.41 6.90 -3.40
CA GLY B 167 -28.70 6.11 -4.42
C GLY B 167 -29.02 6.56 -5.84
N GLY B 168 -29.92 7.53 -5.94
CA GLY B 168 -30.30 8.12 -7.22
C GLY B 168 -29.37 9.27 -7.57
N LEU B 169 -29.88 10.31 -8.20
CA LEU B 169 -28.98 11.41 -8.57
C LEU B 169 -28.25 11.98 -7.35
N VAL B 170 -27.06 12.51 -7.55
CA VAL B 170 -26.26 12.99 -6.42
C VAL B 170 -26.65 14.42 -6.10
N MET B 171 -27.31 14.62 -4.96
CA MET B 171 -27.81 15.93 -4.59
C MET B 171 -26.79 16.67 -3.71
N VAL B 172 -26.35 17.81 -4.20
CA VAL B 172 -25.43 18.63 -3.45
C VAL B 172 -26.25 19.76 -2.85
N LYS B 173 -26.47 19.70 -1.55
CA LYS B 173 -27.24 20.72 -0.84
C LYS B 173 -26.32 21.76 -0.22
N ASP B 174 -26.95 22.76 0.37
CA ASP B 174 -26.28 23.76 1.18
C ASP B 174 -25.23 23.10 2.10
N ASN B 175 -25.65 22.07 2.81
CA ASN B 175 -24.77 21.44 3.80
C ASN B 175 -23.50 20.83 3.19
N HIS B 176 -23.63 20.26 2.00
CA HIS B 176 -22.48 19.65 1.30
C HIS B 176 -21.51 20.70 0.83
N VAL B 177 -22.04 21.84 0.38
CA VAL B 177 -21.18 22.97 -0.03
C VAL B 177 -20.32 23.47 1.14
N VAL B 178 -20.95 23.64 2.29
CA VAL B 178 -20.25 24.07 3.49
C VAL B 178 -19.16 23.06 3.85
N ALA B 179 -19.52 21.78 3.89
CA ALA B 179 -18.57 20.74 4.23
C ALA B 179 -17.43 20.62 3.22
N ALA B 180 -17.73 20.72 1.92
CA ALA B 180 -16.72 20.61 0.87
C ALA B 180 -15.80 21.84 0.79
N GLY B 181 -16.29 22.97 1.30
CA GLY B 181 -15.56 24.22 1.23
C GLY B 181 -15.83 25.07 0.00
N GLY B 182 -16.98 24.87 -0.65
CA GLY B 182 -17.34 25.71 -1.79
C GLY B 182 -18.06 24.94 -2.86
N VAL B 183 -18.77 25.66 -3.72
CA VAL B 183 -19.62 25.04 -4.76
C VAL B 183 -18.77 24.22 -5.74
N GLU B 184 -17.70 24.82 -6.25
CA GLU B 184 -16.83 24.17 -7.22
C GLU B 184 -16.26 22.84 -6.69
N LYS B 185 -15.74 22.87 -5.47
CA LYS B 185 -15.19 21.67 -4.84
C LYS B 185 -16.27 20.61 -4.66
N ALA B 186 -17.43 21.02 -4.14
CA ALA B 186 -18.54 20.09 -3.90
C ALA B 186 -19.01 19.43 -5.19
N VAL B 187 -19.19 20.22 -6.25
CA VAL B 187 -19.68 19.71 -7.54
C VAL B 187 -18.65 18.79 -8.21
N ARG B 188 -17.38 19.20 -8.17
CA ARG B 188 -16.28 18.33 -8.65
C ARG B 188 -16.34 16.94 -8.01
N ALA B 189 -16.48 16.90 -6.69
CA ALA B 189 -16.60 15.65 -5.95
C ALA B 189 -17.85 14.89 -6.35
N ALA B 190 -18.98 15.60 -6.50
CA ALA B 190 -20.24 14.92 -6.82
C ALA B 190 -20.20 14.31 -8.20
N ARG B 191 -19.54 15.01 -9.13
CA ARG B 191 -19.40 14.59 -10.52
C ARG B 191 -18.54 13.31 -10.59
N GLN B 192 -17.48 13.27 -9.76
CA GLN B 192 -16.65 12.06 -9.66
C GLN B 192 -17.42 10.89 -9.10
N ALA B 193 -18.26 11.13 -8.09
CA ALA B 193 -19.07 10.09 -7.47
C ALA B 193 -20.17 9.59 -8.41
N ALA B 194 -20.79 10.52 -9.13
CA ALA B 194 -21.92 10.21 -10.00
C ALA B 194 -21.46 9.48 -11.26
N ASP B 195 -20.27 9.86 -11.74
CA ASP B 195 -19.66 9.31 -12.95
C ASP B 195 -20.66 9.45 -14.12
N PHE B 196 -20.77 8.42 -14.98
CA PHE B 196 -21.67 8.49 -16.12
C PHE B 196 -23.12 8.06 -15.85
N ALA B 197 -23.31 7.25 -14.80
CA ALA B 197 -24.62 6.66 -14.55
C ALA B 197 -25.64 7.59 -13.88
N LEU B 198 -25.15 8.55 -13.09
CA LEU B 198 -26.03 9.37 -12.26
C LEU B 198 -25.92 10.86 -12.62
N LYS B 199 -27.01 11.59 -12.46
CA LYS B 199 -26.99 13.04 -12.60
C LYS B 199 -26.49 13.68 -11.31
N VAL B 200 -26.06 14.93 -11.43
CA VAL B 200 -25.71 15.75 -10.28
C VAL B 200 -26.66 16.95 -10.23
N GLU B 201 -27.27 17.17 -9.07
CA GLU B 201 -28.08 18.35 -8.84
C GLU B 201 -27.47 19.18 -7.71
N VAL B 202 -27.50 20.51 -7.86
CA VAL B 202 -26.93 21.42 -6.87
C VAL B 202 -27.97 22.46 -6.43
N GLU B 203 -28.16 22.53 -5.12
CA GLU B 203 -29.05 23.49 -4.48
C GLU B 203 -28.32 24.84 -4.39
N CYS B 204 -28.88 25.87 -5.05
CA CYS B 204 -28.25 27.18 -5.13
C CYS B 204 -29.19 28.23 -4.56
N SER B 205 -28.60 29.18 -3.83
CA SER B 205 -29.36 30.22 -3.16
C SER B 205 -29.13 31.58 -3.84
N SER B 206 -28.16 31.62 -4.74
CA SER B 206 -27.88 32.82 -5.50
C SER B 206 -27.64 32.47 -6.96
N LEU B 207 -27.58 33.50 -7.81
CA LEU B 207 -27.25 33.34 -9.23
C LEU B 207 -25.78 32.94 -9.42
N GLN B 208 -24.91 33.53 -8.60
CA GLN B 208 -23.49 33.22 -8.56
C GLN B 208 -23.24 31.71 -8.32
N GLU B 209 -23.92 31.14 -7.34
CA GLU B 209 -23.80 29.70 -7.02
C GLU B 209 -24.31 28.85 -8.18
N ALA B 210 -25.44 29.25 -8.77
CA ALA B 210 -26.01 28.56 -9.94
C ALA B 210 -25.02 28.50 -11.10
N VAL B 211 -24.31 29.59 -11.35
CA VAL B 211 -23.36 29.64 -12.46
C VAL B 211 -22.13 28.77 -12.16
N GLN B 212 -21.61 28.89 -10.94
CA GLN B 212 -20.56 27.99 -10.45
C GLN B 212 -20.94 26.52 -10.63
N ALA B 213 -22.16 26.16 -10.22
CA ALA B 213 -22.63 24.77 -10.29
C ALA B 213 -22.64 24.31 -11.75
N ALA B 214 -23.28 25.10 -12.61
CA ALA B 214 -23.43 24.78 -14.03
C ALA B 214 -22.07 24.64 -14.69
N GLU B 215 -21.17 25.58 -14.41
CA GLU B 215 -19.79 25.52 -14.95
C GLU B 215 -19.05 24.26 -14.53
N ALA B 216 -19.26 23.82 -13.28
CA ALA B 216 -18.59 22.61 -12.82
C ALA B 216 -19.29 21.31 -13.27
N GLY B 217 -20.34 21.44 -14.08
CA GLY B 217 -20.97 20.26 -14.70
C GLY B 217 -22.22 19.71 -14.05
N ALA B 218 -22.96 20.55 -13.33
CA ALA B 218 -24.23 20.10 -12.74
C ALA B 218 -25.22 19.83 -13.87
N ASP B 219 -26.03 18.79 -13.70
CA ASP B 219 -27.08 18.48 -14.68
C ASP B 219 -28.32 19.31 -14.36
N LEU B 220 -28.58 19.49 -13.07
CA LEU B 220 -29.71 20.27 -12.58
C LEU B 220 -29.24 21.29 -11.57
N VAL B 221 -29.81 22.48 -11.69
CA VAL B 221 -29.61 23.52 -10.70
C VAL B 221 -30.93 23.74 -10.00
N LEU B 222 -30.90 23.60 -8.68
CA LEU B 222 -32.07 23.81 -7.87
C LEU B 222 -31.99 25.20 -7.25
N LEU B 223 -32.90 26.07 -7.70
CA LEU B 223 -32.99 27.43 -7.17
C LEU B 223 -33.91 27.42 -5.97
N ASP B 224 -33.32 27.50 -4.79
CA ASP B 224 -34.05 27.26 -3.55
C ASP B 224 -34.44 28.55 -2.82
N ASN B 225 -35.72 28.64 -2.45
CA ASN B 225 -36.28 29.77 -1.69
C ASN B 225 -36.04 31.14 -2.31
N PHE B 226 -36.10 31.19 -3.64
CA PHE B 226 -36.12 32.44 -4.36
C PHE B 226 -37.53 33.01 -4.31
N LYS B 227 -37.63 34.33 -4.29
CA LYS B 227 -38.88 35.02 -4.62
C LYS B 227 -39.07 34.87 -6.14
N PRO B 228 -40.32 34.68 -6.59
CA PRO B 228 -40.63 34.59 -8.03
C PRO B 228 -40.01 35.68 -8.89
N GLU B 229 -39.99 36.92 -8.41
CA GLU B 229 -39.39 38.04 -9.13
C GLU B 229 -37.87 37.91 -9.31
N GLU B 230 -37.23 37.17 -8.41
CA GLU B 230 -35.79 36.89 -8.54
C GLU B 230 -35.54 35.58 -9.30
N LEU B 231 -36.46 34.62 -9.11
CA LEU B 231 -36.34 33.29 -9.70
C LEU B 231 -36.22 33.31 -11.23
N HIS B 232 -37.18 33.97 -11.88
CA HIS B 232 -37.27 33.93 -13.34
C HIS B 232 -36.14 34.62 -14.11
N PRO B 233 -35.71 35.83 -13.67
CA PRO B 233 -34.51 36.43 -14.25
C PRO B 233 -33.25 35.56 -14.07
N THR B 234 -33.14 34.89 -12.92
CA THR B 234 -32.00 34.02 -12.65
C THR B 234 -32.02 32.82 -13.60
N ALA B 235 -33.18 32.17 -13.70
CA ALA B 235 -33.34 31.03 -14.62
C ALA B 235 -33.09 31.41 -16.08
N THR B 236 -33.56 32.60 -16.46
CA THR B 236 -33.37 33.13 -17.82
C THR B 236 -31.88 33.24 -18.20
N VAL B 237 -31.12 33.92 -17.33
CA VAL B 237 -29.69 34.12 -17.52
C VAL B 237 -28.96 32.78 -17.55
N LEU B 238 -29.36 31.89 -16.65
CA LEU B 238 -28.76 30.57 -16.55
C LEU B 238 -28.98 29.77 -17.84
N LYS B 239 -30.21 29.76 -18.35
CA LYS B 239 -30.50 29.04 -19.59
C LYS B 239 -29.79 29.66 -20.80
N ALA B 240 -29.69 30.99 -20.80
CA ALA B 240 -28.96 31.71 -21.83
C ALA B 240 -27.51 31.26 -21.97
N GLN B 241 -26.86 30.99 -20.84
CA GLN B 241 -25.45 30.63 -20.80
C GLN B 241 -25.22 29.10 -20.77
N PHE B 242 -26.12 28.39 -20.12
CA PHE B 242 -26.02 26.94 -20.01
C PHE B 242 -27.32 26.29 -20.45
N PRO B 243 -27.50 26.09 -21.78
CA PRO B 243 -28.75 25.54 -22.31
C PRO B 243 -29.04 24.10 -21.91
N SER B 244 -28.00 23.30 -21.69
CA SER B 244 -28.15 21.90 -21.32
C SER B 244 -28.57 21.68 -19.86
N VAL B 245 -28.50 22.72 -19.04
CA VAL B 245 -28.79 22.57 -17.62
C VAL B 245 -30.29 22.75 -17.30
N ALA B 246 -30.85 21.80 -16.57
CA ALA B 246 -32.24 21.88 -16.12
C ALA B 246 -32.34 22.70 -14.85
N VAL B 247 -33.44 23.42 -14.72
CA VAL B 247 -33.64 24.28 -13.59
C VAL B 247 -34.82 23.79 -12.78
N GLU B 248 -34.60 23.63 -11.48
CA GLU B 248 -35.66 23.24 -10.56
C GLU B 248 -35.88 24.39 -9.59
N ALA B 249 -37.15 24.66 -9.29
CA ALA B 249 -37.51 25.64 -8.27
C ALA B 249 -38.12 24.93 -7.07
N SER B 250 -37.76 25.37 -5.87
CA SER B 250 -38.33 24.82 -4.65
C SER B 250 -38.23 25.81 -3.51
N GLY B 251 -39.01 25.59 -2.45
CA GLY B 251 -38.91 26.41 -1.25
C GLY B 251 -40.11 27.32 -1.11
N GLY B 252 -41.01 26.96 -0.19
CA GLY B 252 -42.18 27.80 0.12
C GLY B 252 -43.23 27.85 -0.98
N ILE B 253 -43.28 26.79 -1.79
CA ILE B 253 -44.22 26.74 -2.89
C ILE B 253 -45.45 26.04 -2.39
N THR B 254 -46.60 26.65 -2.65
CA THR B 254 -47.89 26.11 -2.23
C THR B 254 -48.80 26.00 -3.46
N LEU B 255 -49.91 25.29 -3.31
CA LEU B 255 -50.90 25.22 -4.38
C LEU B 255 -51.31 26.62 -4.82
N ASP B 256 -51.54 27.52 -3.86
CA ASP B 256 -51.98 28.88 -4.16
C ASP B 256 -50.97 29.72 -4.92
N ASN B 257 -49.69 29.62 -4.56
CA ASN B 257 -48.66 30.46 -5.22
C ASN B 257 -47.92 29.78 -6.38
N LEU B 258 -48.23 28.50 -6.62
CA LEU B 258 -47.57 27.72 -7.67
C LEU B 258 -47.49 28.42 -9.03
N PRO B 259 -48.61 29.00 -9.53
CA PRO B 259 -48.50 29.69 -10.81
C PRO B 259 -47.41 30.76 -10.87
N GLN B 260 -47.08 31.40 -9.76
CA GLN B 260 -46.03 32.43 -9.71
C GLN B 260 -44.63 31.86 -9.98
N PHE B 261 -44.45 30.59 -9.62
CA PHE B 261 -43.18 29.90 -9.79
C PHE B 261 -43.04 29.25 -11.17
N CYS B 262 -44.17 29.11 -11.87
CA CYS B 262 -44.18 28.63 -13.24
C CYS B 262 -43.61 29.69 -14.18
N GLY B 263 -42.72 29.25 -15.07
CA GLY B 263 -42.15 30.13 -16.08
C GLY B 263 -41.47 29.30 -17.15
N PRO B 264 -41.14 29.91 -18.30
CA PRO B 264 -40.56 29.17 -19.43
C PRO B 264 -39.17 28.59 -19.15
N HIS B 265 -38.45 29.12 -18.17
CA HIS B 265 -37.10 28.64 -17.88
C HIS B 265 -37.00 27.77 -16.63
N ILE B 266 -38.16 27.40 -16.09
CA ILE B 266 -38.23 26.49 -14.97
C ILE B 266 -38.70 25.14 -15.50
N ASP B 267 -37.92 24.09 -15.24
CA ASP B 267 -38.22 22.74 -15.75
C ASP B 267 -38.96 21.87 -14.75
N VAL B 268 -38.63 22.06 -13.48
CA VAL B 268 -39.16 21.25 -12.40
C VAL B 268 -39.53 22.16 -11.25
N ILE B 269 -40.68 21.88 -10.63
CA ILE B 269 -41.08 22.56 -9.41
C ILE B 269 -41.37 21.49 -8.38
N SER B 270 -40.56 21.45 -7.31
CA SER B 270 -40.75 20.44 -6.29
C SER B 270 -41.42 21.04 -5.05
N MET B 271 -42.34 20.27 -4.48
CA MET B 271 -43.14 20.74 -3.37
C MET B 271 -43.16 19.72 -2.26
N GLY B 272 -42.53 20.09 -1.14
CA GLY B 272 -42.61 19.27 0.07
C GLY B 272 -44.03 19.05 0.54
N MET B 273 -44.91 20.04 0.35
CA MET B 273 -46.27 19.99 0.87
C MET B 273 -47.09 18.82 0.31
N LEU B 274 -46.75 18.36 -0.88
CA LEU B 274 -47.49 17.26 -1.54
C LEU B 274 -47.41 15.97 -0.73
N THR B 275 -46.35 15.82 0.05
CA THR B 275 -46.20 14.66 0.92
C THR B 275 -46.26 15.02 2.40
N GLN B 276 -45.87 16.22 2.78
CA GLN B 276 -45.84 16.60 4.18
C GLN B 276 -47.16 17.13 4.72
N ALA B 277 -48.03 17.61 3.83
CA ALA B 277 -49.22 18.33 4.24
C ALA B 277 -50.43 18.02 3.32
N ALA B 278 -50.56 16.77 2.88
CA ALA B 278 -51.72 16.36 2.12
C ALA B 278 -52.63 15.57 3.06
N PRO B 279 -53.81 16.12 3.39
CA PRO B 279 -54.74 15.40 4.27
C PRO B 279 -55.20 14.10 3.63
N ALA B 280 -55.29 13.04 4.43
CA ALA B 280 -55.80 11.76 3.99
C ALA B 280 -57.25 11.91 3.53
N LEU B 281 -57.65 11.11 2.53
CA LEU B 281 -59.06 11.13 2.11
C LEU B 281 -59.89 10.27 3.05
N ASP B 282 -61.20 10.48 3.06
CA ASP B 282 -62.09 9.75 3.95
C ASP B 282 -62.69 8.58 3.17
N PHE B 283 -62.27 7.38 3.55
CA PHE B 283 -62.84 6.14 3.02
C PHE B 283 -63.42 5.33 4.17
N SER B 284 -64.46 4.54 3.87
CA SER B 284 -64.95 3.57 4.82
C SER B 284 -65.20 2.22 4.15
N LEU B 285 -65.13 1.14 4.92
CA LEU B 285 -65.37 -0.19 4.40
C LEU B 285 -66.50 -0.77 5.24
N LYS B 286 -67.62 -1.03 4.60
CA LYS B 286 -68.81 -1.42 5.29
C LYS B 286 -69.15 -2.86 4.94
N LEU B 287 -68.91 -3.72 5.94
CA LEU B 287 -69.28 -5.13 5.88
C LEU B 287 -70.80 -5.13 5.95
N PHE B 288 -71.43 -5.55 4.85
CA PHE B 288 -72.87 -5.46 4.79
C PHE B 288 -73.53 -6.84 4.73
N ALA B 289 -72.75 -7.90 4.50
CA ALA B 289 -73.33 -9.26 4.36
C ALA B 289 -72.39 -10.28 4.95
N LYS B 290 -72.97 -11.26 5.62
CA LYS B 290 -72.23 -12.40 6.09
C LYS B 290 -73.06 -13.66 6.04
N GLU B 291 -72.47 -14.63 5.36
CA GLU B 291 -72.72 -16.10 5.36
C GLU B 291 -72.61 -16.70 3.98
N VAL B 292 -72.62 -16.04 2.93
N MET C 3 -63.88 -18.72 22.83
CA MET C 3 -64.97 -19.59 23.34
C MET C 3 -64.74 -21.03 22.87
N ASP C 4 -65.74 -21.57 22.16
CA ASP C 4 -65.74 -22.92 21.55
C ASP C 4 -64.40 -23.22 20.86
N ALA C 5 -63.78 -24.34 21.23
CA ALA C 5 -62.41 -24.66 20.81
C ALA C 5 -62.18 -24.62 19.29
N GLU C 6 -63.16 -25.10 18.51
CA GLU C 6 -63.03 -25.12 17.06
C GLU C 6 -62.98 -23.71 16.43
N GLY C 7 -63.57 -22.72 17.10
CA GLY C 7 -63.58 -21.35 16.60
C GLY C 7 -62.35 -20.54 17.00
N LEU C 8 -61.52 -21.09 17.88
CA LEU C 8 -60.37 -20.35 18.40
C LEU C 8 -59.26 -20.09 17.37
N ALA C 9 -59.16 -20.92 16.35
CA ALA C 9 -58.14 -20.73 15.28
C ALA C 9 -58.25 -19.36 14.58
N LEU C 10 -59.44 -18.76 14.59
CA LEU C 10 -59.68 -17.44 13.99
C LEU C 10 -58.83 -16.34 14.63
N LEU C 11 -58.39 -16.57 15.86
CA LEU C 11 -57.54 -15.65 16.61
C LEU C 11 -56.16 -15.44 16.02
N LEU C 12 -55.75 -16.37 15.14
CA LEU C 12 -54.38 -16.46 14.65
C LEU C 12 -54.25 -15.92 13.22
N PRO C 13 -53.65 -14.73 13.05
CA PRO C 13 -53.50 -14.19 11.68
C PRO C 13 -52.59 -15.08 10.81
N PRO C 14 -52.96 -15.31 9.53
CA PRO C 14 -52.22 -16.29 8.73
C PRO C 14 -50.79 -15.86 8.44
N VAL C 15 -50.57 -14.55 8.36
CA VAL C 15 -49.23 -14.02 8.08
C VAL C 15 -48.30 -14.21 9.30
N THR C 16 -48.82 -14.00 10.50
CA THR C 16 -48.11 -14.26 11.75
C THR C 16 -47.71 -15.72 11.90
N LEU C 17 -48.65 -16.64 11.59
CA LEU C 17 -48.36 -18.05 11.62
C LEU C 17 -47.29 -18.41 10.64
N ALA C 18 -47.42 -17.88 9.40
CA ALA C 18 -46.47 -18.22 8.34
C ALA C 18 -45.03 -17.85 8.73
N ALA C 19 -44.83 -16.66 9.28
CA ALA C 19 -43.51 -16.21 9.73
C ALA C 19 -42.95 -17.04 10.89
N LEU C 20 -43.82 -17.36 11.84
CA LEU C 20 -43.44 -18.21 12.96
C LEU C 20 -43.00 -19.58 12.47
N VAL C 21 -43.83 -20.17 11.62
CA VAL C 21 -43.58 -21.49 11.04
C VAL C 21 -42.29 -21.49 10.24
N ASP C 22 -42.06 -20.43 9.47
CA ASP C 22 -40.84 -20.32 8.69
C ASP C 22 -39.59 -20.30 9.57
N SER C 23 -39.65 -19.56 10.69
CA SER C 23 -38.53 -19.52 11.62
C SER C 23 -38.26 -20.89 12.24
N TRP C 24 -39.32 -21.66 12.50
CA TRP C 24 -39.13 -22.99 13.10
C TRP C 24 -38.46 -23.93 12.12
N LEU C 25 -38.91 -23.88 10.86
CA LEU C 25 -38.31 -24.73 9.83
C LEU C 25 -36.85 -24.36 9.58
N ARG C 26 -36.55 -23.08 9.61
CA ARG C 26 -35.18 -22.60 9.43
C ARG C 26 -34.31 -23.10 10.59
N GLU C 27 -34.88 -23.10 11.79
CA GLU C 27 -34.14 -23.60 12.98
C GLU C 27 -33.78 -25.06 12.80
N ASP C 28 -34.73 -25.84 12.31
CA ASP C 28 -34.52 -27.29 12.19
C ASP C 28 -33.71 -27.71 10.96
N CYS C 29 -33.66 -26.85 9.95
CA CYS C 29 -32.93 -27.18 8.70
C CYS C 29 -32.34 -25.90 8.10
N PRO C 30 -31.21 -25.44 8.64
CA PRO C 30 -30.69 -24.15 8.17
C PRO C 30 -30.04 -24.19 6.76
N GLY C 31 -29.68 -25.38 6.28
CA GLY C 31 -28.98 -25.52 4.99
C GLY C 31 -29.61 -26.60 4.15
N LEU C 32 -28.81 -27.56 3.72
CA LEU C 32 -29.28 -28.70 2.93
C LEU C 32 -30.02 -29.74 3.79
N ASN C 33 -31.09 -30.30 3.22
CA ASN C 33 -31.86 -31.33 3.88
C ASN C 33 -31.44 -32.66 3.28
N TYR C 34 -30.31 -33.18 3.76
CA TYR C 34 -29.71 -34.41 3.24
C TYR C 34 -30.67 -35.60 3.24
N ALA C 35 -31.49 -35.71 4.27
CA ALA C 35 -32.39 -36.85 4.41
C ALA C 35 -33.44 -36.91 3.31
N ALA C 36 -33.67 -35.79 2.63
CA ALA C 36 -34.60 -35.75 1.50
C ALA C 36 -34.23 -36.75 0.42
N LEU C 37 -32.92 -36.98 0.24
CA LEU C 37 -32.41 -37.93 -0.75
C LEU C 37 -32.71 -39.37 -0.38
N VAL C 38 -32.96 -39.61 0.91
CA VAL C 38 -33.30 -40.97 1.39
C VAL C 38 -34.75 -41.32 1.06
N SER C 39 -35.65 -40.41 1.32
CA SER C 39 -37.07 -40.69 1.08
C SER C 39 -37.53 -40.42 -0.36
N GLY C 40 -36.91 -39.45 -1.03
CA GLY C 40 -37.36 -39.04 -2.36
C GLY C 40 -38.66 -38.22 -2.27
N ALA C 41 -39.29 -37.98 -3.41
CA ALA C 41 -40.42 -37.05 -3.48
C ALA C 41 -41.73 -37.73 -3.84
N GLY C 42 -41.78 -39.04 -3.76
CA GLY C 42 -43.00 -39.77 -4.13
C GLY C 42 -44.19 -39.35 -3.26
N PRO C 43 -45.40 -39.22 -3.87
CA PRO C 43 -46.57 -38.82 -3.08
C PRO C 43 -46.77 -39.86 -1.97
N SER C 44 -46.98 -39.38 -0.74
CA SER C 44 -47.02 -40.24 0.43
C SER C 44 -48.13 -39.83 1.35
N GLN C 45 -48.40 -40.67 2.33
CA GLN C 45 -49.36 -40.38 3.41
C GLN C 45 -48.77 -40.84 4.71
N ALA C 46 -49.09 -40.10 5.77
CA ALA C 46 -48.67 -40.43 7.12
C ALA C 46 -49.84 -40.28 8.07
N ALA C 47 -49.93 -41.19 9.03
CA ALA C 47 -50.94 -41.11 10.07
C ALA C 47 -50.39 -40.44 11.32
N LEU C 48 -51.16 -39.51 11.88
CA LEU C 48 -50.84 -38.86 13.15
C LEU C 48 -51.50 -39.63 14.29
N TRP C 49 -50.68 -40.12 15.21
CA TRP C 49 -51.17 -40.94 16.34
C TRP C 49 -51.02 -40.22 17.67
N ALA C 50 -52.08 -40.24 18.48
CA ALA C 50 -52.02 -39.70 19.84
C ALA C 50 -51.76 -40.84 20.80
N LYS C 51 -50.68 -40.74 21.57
CA LYS C 51 -50.24 -41.81 22.47
C LYS C 51 -50.41 -41.44 23.95
N SER C 52 -50.91 -40.22 24.20
CA SER C 52 -51.13 -39.69 25.55
C SER C 52 -52.58 -39.29 25.72
N PRO C 53 -53.14 -39.43 26.95
CA PRO C 53 -54.45 -38.85 27.18
C PRO C 53 -54.33 -37.34 27.32
N GLY C 54 -55.42 -36.63 27.09
CA GLY C 54 -55.43 -35.19 27.28
C GLY C 54 -56.36 -34.52 26.31
N VAL C 55 -55.99 -33.30 25.91
CA VAL C 55 -56.79 -32.50 25.01
C VAL C 55 -55.97 -32.18 23.78
N LEU C 56 -56.57 -32.38 22.60
CA LEU C 56 -55.89 -32.00 21.33
C LEU C 56 -55.90 -30.50 21.10
N ALA C 57 -54.72 -29.91 20.90
CA ALA C 57 -54.64 -28.47 20.62
C ALA C 57 -53.44 -28.18 19.75
N GLY C 58 -53.61 -27.29 18.77
CA GLY C 58 -52.51 -26.85 17.94
C GLY C 58 -52.68 -27.15 16.46
N GLN C 59 -53.85 -27.64 16.05
CA GLN C 59 -54.16 -27.88 14.63
C GLN C 59 -53.74 -26.74 13.68
N PRO C 60 -54.07 -25.47 14.03
CA PRO C 60 -53.70 -24.40 13.07
C PRO C 60 -52.21 -24.28 12.82
N PHE C 61 -51.40 -24.53 13.85
CA PHE C 61 -49.95 -24.47 13.71
C PHE C 61 -49.43 -25.69 12.94
N PHE C 62 -49.95 -26.87 13.28
CA PHE C 62 -49.64 -28.10 12.55
C PHE C 62 -49.96 -27.96 11.07
N ASP C 63 -51.15 -27.42 10.75
CA ASP C 63 -51.57 -27.18 9.37
C ASP C 63 -50.65 -26.19 8.68
N ALA C 64 -50.32 -25.09 9.36
CA ALA C 64 -49.47 -24.05 8.76
C ALA C 64 -48.11 -24.60 8.39
N ILE C 65 -47.50 -25.39 9.28
CA ILE C 65 -46.21 -26.03 9.00
C ILE C 65 -46.27 -26.85 7.69
N PHE C 66 -47.29 -27.69 7.57
CA PHE C 66 -47.39 -28.55 6.39
C PHE C 66 -47.81 -27.83 5.12
N THR C 67 -48.62 -26.78 5.28
CA THR C 67 -48.95 -25.91 4.17
C THR C 67 -47.72 -25.24 3.55
N GLN C 68 -46.80 -24.78 4.42
CA GLN C 68 -45.56 -24.18 3.94
C GLN C 68 -44.71 -25.18 3.17
N LEU C 69 -44.96 -26.47 3.41
CA LEU C 69 -44.19 -27.55 2.78
C LEU C 69 -44.99 -28.29 1.70
N ASN C 70 -46.09 -27.66 1.30
CA ASN C 70 -46.94 -28.14 0.22
C ASN C 70 -47.55 -29.52 0.52
N CYS C 71 -47.95 -29.70 1.78
CA CYS C 71 -48.61 -30.92 2.23
C CYS C 71 -49.99 -30.54 2.77
N GLN C 72 -50.88 -31.52 2.81
CA GLN C 72 -52.27 -31.29 3.21
C GLN C 72 -52.58 -32.19 4.40
N VAL C 73 -53.43 -31.70 5.29
CA VAL C 73 -53.78 -32.42 6.52
C VAL C 73 -55.30 -32.64 6.55
N SER C 74 -55.70 -33.89 6.84
CA SER C 74 -57.09 -34.20 7.14
C SER C 74 -57.20 -34.59 8.61
N TRP C 75 -58.04 -33.87 9.36
CA TRP C 75 -58.21 -34.11 10.79
C TRP C 75 -59.41 -35.01 11.03
N PHE C 76 -59.26 -36.00 11.91
CA PHE C 76 -60.36 -36.92 12.21
C PHE C 76 -60.98 -36.56 13.54
N LEU C 77 -60.33 -35.67 14.28
CA LEU C 77 -60.88 -35.14 15.52
C LEU C 77 -60.85 -33.62 15.51
N PRO C 78 -61.91 -32.98 16.00
CA PRO C 78 -61.86 -31.51 16.11
C PRO C 78 -60.87 -31.00 17.15
N GLU C 79 -60.44 -29.76 16.95
CA GLU C 79 -59.60 -29.07 17.91
C GLU C 79 -60.30 -29.08 19.28
N GLY C 80 -59.53 -29.38 20.32
CA GLY C 80 -60.10 -29.45 21.66
C GLY C 80 -60.65 -30.81 22.06
N SER C 81 -60.56 -31.81 21.19
CA SER C 81 -61.04 -33.15 21.50
C SER C 81 -60.29 -33.76 22.66
N LYS C 82 -61.02 -34.53 23.46
CA LYS C 82 -60.35 -35.43 24.39
C LYS C 82 -59.57 -36.48 23.61
N LEU C 83 -58.36 -36.77 24.08
CA LEU C 83 -57.55 -37.81 23.47
C LEU C 83 -57.55 -39.05 24.33
N VAL C 84 -57.96 -40.17 23.72
CA VAL C 84 -58.00 -41.49 24.35
C VAL C 84 -57.06 -42.37 23.52
N PRO C 85 -55.83 -42.58 24.01
CA PRO C 85 -54.83 -43.29 23.22
C PRO C 85 -55.15 -44.78 23.11
N VAL C 86 -54.69 -45.45 22.05
CA VAL C 86 -53.92 -44.86 20.95
C VAL C 86 -54.91 -44.45 19.85
N ALA C 87 -54.97 -43.14 19.55
CA ALA C 87 -55.98 -42.59 18.64
C ALA C 87 -55.41 -42.12 17.31
N ARG C 88 -56.15 -42.39 16.23
CA ARG C 88 -55.80 -41.91 14.90
C ARG C 88 -56.39 -40.50 14.70
N VAL C 89 -55.54 -39.48 14.81
CA VAL C 89 -55.97 -38.10 14.92
C VAL C 89 -56.14 -37.44 13.55
N ALA C 90 -55.29 -37.84 12.60
CA ALA C 90 -55.15 -37.12 11.32
C ALA C 90 -54.40 -37.92 10.28
N GLU C 91 -54.51 -37.47 9.03
CA GLU C 91 -53.66 -37.95 7.96
C GLU C 91 -53.01 -36.75 7.32
N VAL C 92 -51.74 -36.91 6.96
CA VAL C 92 -51.00 -35.88 6.22
C VAL C 92 -50.55 -36.47 4.88
N ARG C 93 -50.73 -35.71 3.80
CA ARG C 93 -50.40 -36.16 2.45
C ARG C 93 -49.43 -35.19 1.79
N GLY C 94 -48.46 -35.72 1.07
CA GLY C 94 -47.54 -34.87 0.33
C GLY C 94 -46.35 -35.64 -0.16
N PRO C 95 -45.42 -34.96 -0.85
CA PRO C 95 -44.19 -35.64 -1.25
C PRO C 95 -43.51 -36.19 0.01
N ALA C 96 -42.89 -37.35 -0.09
CA ALA C 96 -42.29 -37.99 1.07
C ALA C 96 -41.33 -37.04 1.84
N HIS C 97 -40.41 -36.40 1.12
CA HIS C 97 -39.39 -35.57 1.80
C HIS C 97 -40.00 -34.36 2.53
N CYS C 98 -41.07 -33.81 1.97
CA CYS C 98 -41.77 -32.68 2.61
C CYS C 98 -42.45 -33.12 3.90
N LEU C 99 -43.11 -34.28 3.88
CA LEU C 99 -43.70 -34.83 5.11
C LEU C 99 -42.65 -34.98 6.21
N LEU C 100 -41.51 -35.55 5.85
CA LEU C 100 -40.48 -35.86 6.82
C LEU C 100 -39.69 -34.62 7.28
N LEU C 101 -39.63 -33.61 6.43
CA LEU C 101 -39.05 -32.33 6.82
C LEU C 101 -39.92 -31.60 7.84
N GLY C 102 -41.24 -31.72 7.70
CA GLY C 102 -42.15 -31.05 8.64
C GLY C 102 -42.41 -31.82 9.92
N GLU C 103 -42.19 -33.15 9.86
CA GLU C 103 -42.56 -34.06 10.94
C GLU C 103 -42.19 -33.59 12.36
N ARG C 104 -40.90 -33.37 12.62
CA ARG C 104 -40.44 -33.11 13.97
C ARG C 104 -40.96 -31.76 14.52
N VAL C 105 -40.82 -30.71 13.72
CA VAL C 105 -41.36 -29.38 14.10
C VAL C 105 -42.88 -29.43 14.39
N ALA C 106 -43.62 -30.10 13.50
CA ALA C 106 -45.07 -30.23 13.68
C ALA C 106 -45.45 -31.01 14.96
N LEU C 107 -44.75 -32.11 15.22
CA LEU C 107 -45.01 -32.92 16.40
C LEU C 107 -44.61 -32.17 17.66
N ASN C 108 -43.47 -31.47 17.63
CA ASN C 108 -43.01 -30.69 18.79
C ASN C 108 -44.03 -29.62 19.17
N THR C 109 -44.58 -28.95 18.15
CA THR C 109 -45.56 -27.89 18.34
C THR C 109 -46.87 -28.46 18.90
N LEU C 110 -47.41 -29.50 18.24
CA LEU C 110 -48.67 -30.10 18.67
C LEU C 110 -48.54 -30.68 20.08
N ALA C 111 -47.40 -31.32 20.36
CA ALA C 111 -47.18 -31.94 21.67
C ALA C 111 -47.26 -30.92 22.83
N ARG C 112 -46.64 -29.77 22.62
CA ARG C 112 -46.58 -28.74 23.66
C ARG C 112 -47.89 -28.00 23.78
N CYS C 113 -48.48 -27.64 22.63
CA CYS C 113 -49.76 -26.94 22.62
C CYS C 113 -50.82 -27.82 23.35
N SER C 114 -50.87 -29.10 22.97
CA SER C 114 -51.79 -30.05 23.59
C SER C 114 -51.48 -30.31 25.05
N GLY C 115 -50.19 -30.35 25.41
CA GLY C 115 -49.81 -30.55 26.81
C GLY C 115 -50.32 -29.40 27.69
N ILE C 116 -50.27 -28.19 27.14
CA ILE C 116 -50.76 -27.00 27.86
C ILE C 116 -52.27 -26.98 27.91
N ALA C 117 -52.93 -27.26 26.78
CA ALA C 117 -54.39 -27.39 26.76
C ALA C 117 -54.89 -28.45 27.72
N SER C 118 -54.13 -29.55 27.84
CA SER C 118 -54.48 -30.63 28.76
C SER C 118 -54.43 -30.18 30.22
N ALA C 119 -53.36 -29.48 30.58
CA ALA C 119 -53.19 -28.94 31.91
C ALA C 119 -54.28 -27.91 32.22
N ALA C 120 -54.54 -27.02 31.26
CA ALA C 120 -55.60 -26.02 31.41
C ALA C 120 -56.96 -26.69 31.65
N ALA C 121 -57.28 -27.71 30.83
CA ALA C 121 -58.55 -28.40 30.95
C ALA C 121 -58.72 -29.10 32.30
N ALA C 122 -57.62 -29.67 32.82
CA ALA C 122 -57.64 -30.32 34.13
C ALA C 122 -57.92 -29.30 35.24
N ALA C 123 -57.30 -28.11 35.13
CA ALA C 123 -57.50 -27.04 36.09
C ALA C 123 -58.93 -26.49 36.02
N VAL C 124 -59.42 -26.26 34.80
CA VAL C 124 -60.79 -25.80 34.58
C VAL C 124 -61.81 -26.80 35.16
N GLU C 125 -61.56 -28.10 34.93
CA GLU C 125 -62.41 -29.15 35.49
C GLU C 125 -62.40 -29.16 37.03
N ALA C 126 -61.23 -28.96 37.63
CA ALA C 126 -61.09 -28.99 39.09
C ALA C 126 -61.84 -27.79 39.67
N ALA C 127 -61.72 -26.64 39.01
CA ALA C 127 -62.43 -25.43 39.44
C ALA C 127 -63.94 -25.61 39.33
N ARG C 128 -64.39 -26.13 38.20
CA ARG C 128 -65.81 -26.44 38.03
C ARG C 128 -66.34 -27.47 39.04
N GLY C 129 -65.56 -28.53 39.30
CA GLY C 129 -65.93 -29.51 40.33
C GLY C 129 -66.04 -28.91 41.72
N ALA C 130 -65.34 -27.81 41.95
CA ALA C 130 -65.39 -27.09 43.22
C ALA C 130 -66.59 -26.13 43.29
N GLY C 131 -67.34 -26.05 42.20
CA GLY C 131 -68.51 -25.17 42.13
C GLY C 131 -68.16 -23.71 41.89
N TRP C 132 -66.96 -23.46 41.38
CA TRP C 132 -66.46 -22.11 41.17
C TRP C 132 -66.78 -21.64 39.75
N THR C 133 -67.30 -20.40 39.63
CA THR C 133 -67.69 -19.88 38.31
C THR C 133 -66.70 -18.86 37.76
N GLY C 134 -65.54 -18.73 38.40
CA GLY C 134 -64.52 -17.79 37.97
C GLY C 134 -63.72 -18.36 36.81
N HIS C 135 -62.69 -17.62 36.41
CA HIS C 135 -61.85 -18.00 35.30
C HIS C 135 -60.47 -18.44 35.75
N VAL C 136 -60.07 -19.63 35.28
CA VAL C 136 -58.72 -20.12 35.40
C VAL C 136 -57.92 -19.42 34.28
N ALA C 137 -56.76 -18.88 34.64
CA ALA C 137 -56.01 -18.06 33.69
C ALA C 137 -54.55 -18.48 33.63
N GLY C 138 -53.91 -18.17 32.52
CA GLY C 138 -52.47 -18.30 32.45
C GLY C 138 -51.78 -16.98 32.75
N THR C 139 -50.48 -16.93 32.45
CA THR C 139 -49.60 -15.82 32.82
C THR C 139 -48.62 -15.55 31.69
N ARG C 140 -47.69 -14.61 31.93
CA ARG C 140 -46.64 -14.34 30.96
C ARG C 140 -45.43 -15.26 31.18
N LYS C 141 -45.60 -16.29 32.01
CA LYS C 141 -44.55 -17.29 32.24
C LYS C 141 -44.57 -18.34 31.14
N THR C 142 -44.25 -17.89 29.94
CA THR C 142 -44.29 -18.70 28.72
C THR C 142 -42.89 -18.82 28.16
N THR C 143 -42.67 -19.83 27.31
CA THR C 143 -41.37 -20.00 26.67
C THR C 143 -41.13 -18.86 25.68
N PRO C 144 -40.01 -18.13 25.83
CA PRO C 144 -39.68 -17.04 24.93
C PRO C 144 -39.79 -17.42 23.44
N GLY C 145 -40.50 -16.60 22.67
CA GLY C 145 -40.70 -16.83 21.22
C GLY C 145 -41.84 -17.78 20.90
N PHE C 146 -42.34 -18.48 21.90
CA PHE C 146 -43.40 -19.46 21.72
C PHE C 146 -44.74 -19.05 22.36
N ARG C 147 -44.89 -17.79 22.74
CA ARG C 147 -46.08 -17.38 23.50
C ARG C 147 -47.40 -17.60 22.77
N LEU C 148 -47.43 -17.31 21.46
CA LEU C 148 -48.66 -17.47 20.69
C LEU C 148 -49.23 -18.88 20.79
N VAL C 149 -48.35 -19.87 20.69
CA VAL C 149 -48.77 -21.28 20.75
C VAL C 149 -49.23 -21.63 22.16
N GLU C 150 -48.49 -21.17 23.16
CA GLU C 150 -48.82 -21.51 24.54
C GLU C 150 -50.13 -20.88 25.00
N LYS C 151 -50.32 -19.59 24.69
CA LYS C 151 -51.59 -18.93 24.99
C LYS C 151 -52.78 -19.53 24.24
N TYR C 152 -52.58 -19.85 22.96
CA TYR C 152 -53.63 -20.54 22.19
C TYR C 152 -53.98 -21.89 22.85
N GLY C 153 -52.98 -22.61 23.35
CA GLY C 153 -53.22 -23.90 24.00
C GLY C 153 -54.05 -23.72 25.27
N LEU C 154 -53.73 -22.70 26.08
CA LEU C 154 -54.59 -22.37 27.25
C LEU C 154 -56.05 -22.16 26.87
N LEU C 155 -56.28 -21.41 25.80
CA LEU C 155 -57.64 -21.11 25.30
C LEU C 155 -58.38 -22.38 24.89
N VAL C 156 -57.70 -23.26 24.15
CA VAL C 156 -58.32 -24.53 23.74
C VAL C 156 -58.69 -25.39 24.96
N GLY C 157 -57.86 -25.34 26.00
CA GLY C 157 -58.14 -26.05 27.24
C GLY C 157 -59.22 -25.39 28.10
N GLY C 158 -59.71 -24.22 27.68
CA GLY C 158 -60.80 -23.54 28.37
C GLY C 158 -60.35 -22.53 29.41
N ALA C 159 -59.04 -22.27 29.48
CA ALA C 159 -58.51 -21.24 30.38
C ALA C 159 -58.46 -19.89 29.68
N ALA C 160 -58.42 -18.81 30.45
CA ALA C 160 -58.23 -17.47 29.87
C ALA C 160 -56.76 -17.28 29.52
N SER C 161 -56.45 -16.70 28.36
CA SER C 161 -55.07 -16.38 28.04
C SER C 161 -54.57 -15.34 29.01
N HIS C 162 -55.43 -14.37 29.31
CA HIS C 162 -55.20 -13.37 30.35
C HIS C 162 -54.07 -12.45 29.88
N ARG C 163 -53.21 -12.03 30.80
CA ARG C 163 -52.17 -11.05 30.46
C ARG C 163 -51.25 -11.61 29.37
N TYR C 164 -51.27 -10.97 28.21
CA TYR C 164 -50.54 -11.48 27.06
C TYR C 164 -49.12 -10.88 26.95
N ASP C 165 -49.01 -9.57 27.08
CA ASP C 165 -47.71 -8.93 27.01
C ASP C 165 -47.74 -7.63 27.80
N LEU C 166 -46.65 -6.89 27.76
CA LEU C 166 -46.57 -5.61 28.47
C LEU C 166 -47.34 -4.45 27.84
N GLY C 167 -48.07 -4.69 26.76
CA GLY C 167 -48.93 -3.64 26.21
C GLY C 167 -50.43 -3.81 26.51
N GLY C 168 -50.78 -4.87 27.28
CA GLY C 168 -52.19 -5.32 27.45
C GLY C 168 -53.08 -4.77 28.57
N LEU C 169 -52.52 -4.58 29.75
CA LEU C 169 -53.20 -4.02 30.94
C LEU C 169 -51.98 -3.67 31.77
N VAL C 170 -52.03 -2.58 32.52
CA VAL C 170 -50.86 -2.14 33.27
C VAL C 170 -50.75 -2.88 34.59
N MET C 171 -49.76 -3.76 34.67
CA MET C 171 -49.57 -4.60 35.83
C MET C 171 -48.61 -3.92 36.82
N VAL C 172 -49.09 -3.56 38.01
CA VAL C 172 -48.23 -3.00 39.05
C VAL C 172 -47.82 -4.12 40.01
N LYS C 173 -46.58 -4.57 39.90
CA LYS C 173 -46.08 -5.61 40.78
C LYS C 173 -45.33 -4.99 41.94
N ASP C 174 -44.90 -5.86 42.85
CA ASP C 174 -44.08 -5.48 43.98
C ASP C 174 -42.95 -4.53 43.57
N ASN C 175 -42.20 -4.91 42.53
CA ASN C 175 -41.06 -4.13 42.06
C ASN C 175 -41.44 -2.72 41.64
N HIS C 176 -42.59 -2.57 40.99
CA HIS C 176 -43.07 -1.23 40.61
C HIS C 176 -43.36 -0.39 41.85
N VAL C 177 -43.98 -1.01 42.85
CA VAL C 177 -44.27 -0.33 44.11
C VAL C 177 -42.99 0.21 44.77
N VAL C 178 -41.96 -0.63 44.82
CA VAL C 178 -40.66 -0.24 45.35
C VAL C 178 -40.08 0.93 44.56
N ALA C 179 -40.08 0.80 43.24
CA ALA C 179 -39.53 1.83 42.37
C ALA C 179 -40.29 3.16 42.47
N ALA C 180 -41.61 3.09 42.55
CA ALA C 180 -42.45 4.30 42.62
C ALA C 180 -42.45 4.93 44.01
N GLY C 181 -42.14 4.13 45.03
CA GLY C 181 -42.09 4.64 46.40
C GLY C 181 -43.38 4.45 47.16
N GLY C 182 -44.24 3.53 46.72
CA GLY C 182 -45.46 3.23 47.47
C GLY C 182 -46.61 2.84 46.56
N VAL C 183 -47.60 2.14 47.12
CA VAL C 183 -48.74 1.63 46.35
C VAL C 183 -49.53 2.76 45.72
N GLU C 184 -49.87 3.77 46.52
CA GLU C 184 -50.65 4.91 46.03
C GLU C 184 -49.97 5.61 44.84
N LYS C 185 -48.70 5.93 44.98
CA LYS C 185 -47.94 6.56 43.91
C LYS C 185 -47.87 5.70 42.65
N ALA C 186 -47.61 4.39 42.83
CA ALA C 186 -47.49 3.49 41.70
C ALA C 186 -48.83 3.34 40.95
N VAL C 187 -49.93 3.21 41.69
CA VAL C 187 -51.22 3.00 41.06
C VAL C 187 -51.71 4.30 40.39
N ARG C 188 -51.45 5.44 41.00
CA ARG C 188 -51.75 6.74 40.39
C ARG C 188 -51.06 6.88 39.02
N ALA C 189 -49.77 6.55 38.96
CA ALA C 189 -49.00 6.55 37.72
C ALA C 189 -49.54 5.53 36.73
N ALA C 190 -49.90 4.34 37.21
CA ALA C 190 -50.40 3.29 36.33
C ALA C 190 -51.74 3.72 35.71
N ARG C 191 -52.58 4.37 36.51
CA ARG C 191 -53.90 4.82 36.09
C ARG C 191 -53.76 5.92 35.01
N GLN C 192 -52.78 6.83 35.19
CA GLN C 192 -52.46 7.84 34.18
C GLN C 192 -51.99 7.22 32.86
N ALA C 193 -51.16 6.17 32.94
CA ALA C 193 -50.65 5.49 31.77
C ALA C 193 -51.72 4.65 31.05
N ALA C 194 -52.61 4.02 31.84
CA ALA C 194 -53.65 3.14 31.30
C ALA C 194 -54.77 3.95 30.67
N ASP C 195 -55.03 5.12 31.25
CA ASP C 195 -56.09 6.01 30.77
C ASP C 195 -57.41 5.22 30.66
N PHE C 196 -58.18 5.45 29.59
CA PHE C 196 -59.46 4.76 29.42
C PHE C 196 -59.35 3.40 28.73
N ALA C 197 -58.30 3.17 27.94
CA ALA C 197 -58.24 1.99 27.07
C ALA C 197 -57.76 0.74 27.79
N LEU C 198 -57.00 0.89 28.87
CA LEU C 198 -56.38 -0.27 29.51
C LEU C 198 -56.81 -0.38 30.98
N LYS C 199 -56.89 -1.61 31.46
CA LYS C 199 -57.10 -1.86 32.89
C LYS C 199 -55.79 -1.76 33.66
N VAL C 200 -55.91 -1.55 34.97
CA VAL C 200 -54.79 -1.53 35.87
C VAL C 200 -54.97 -2.69 36.85
N GLU C 201 -53.93 -3.51 36.99
CA GLU C 201 -53.94 -4.56 38.01
C GLU C 201 -52.79 -4.34 38.99
N VAL C 202 -53.06 -4.58 40.27
CA VAL C 202 -52.04 -4.37 41.30
C VAL C 202 -51.83 -5.64 42.13
N GLU C 203 -50.57 -6.07 42.21
CA GLU C 203 -50.18 -7.20 42.99
C GLU C 203 -50.06 -6.78 44.45
N CYS C 204 -50.83 -7.45 45.29
CA CYS C 204 -51.01 -7.06 46.69
C CYS C 204 -50.66 -8.21 47.62
N SER C 205 -49.96 -7.90 48.70
CA SER C 205 -49.46 -8.92 49.63
C SER C 205 -50.19 -8.91 50.98
N SER C 206 -51.20 -8.05 51.08
CA SER C 206 -51.94 -7.85 52.31
C SER C 206 -53.23 -7.15 51.99
N LEU C 207 -54.16 -7.15 52.96
CA LEU C 207 -55.45 -6.49 52.85
C LEU C 207 -55.33 -4.97 52.72
N GLN C 208 -54.40 -4.39 53.48
CA GLN C 208 -54.14 -2.96 53.44
C GLN C 208 -53.66 -2.51 52.05
N GLU C 209 -52.74 -3.26 51.45
CA GLU C 209 -52.28 -2.95 50.10
C GLU C 209 -53.41 -3.03 49.05
N ALA C 210 -54.28 -4.03 49.19
CA ALA C 210 -55.42 -4.23 48.29
C ALA C 210 -56.41 -3.08 48.39
N VAL C 211 -56.65 -2.60 49.61
CA VAL C 211 -57.50 -1.44 49.88
C VAL C 211 -56.94 -0.16 49.27
N GLN C 212 -55.64 0.07 49.48
CA GLN C 212 -54.94 1.21 48.89
C GLN C 212 -55.01 1.16 47.36
N ALA C 213 -54.79 -0.03 46.80
CA ALA C 213 -54.84 -0.20 45.35
C ALA C 213 -56.24 0.08 44.79
N ALA C 214 -57.27 -0.46 45.43
CA ALA C 214 -58.65 -0.24 44.98
C ALA C 214 -59.03 1.23 45.11
N GLU C 215 -58.66 1.86 46.23
CA GLU C 215 -58.90 3.28 46.46
C GLU C 215 -58.33 4.12 45.35
N ALA C 216 -57.14 3.73 44.86
CA ALA C 216 -56.43 4.50 43.86
C ALA C 216 -56.87 4.13 42.45
N GLY C 217 -57.94 3.34 42.35
CA GLY C 217 -58.56 3.07 41.05
C GLY C 217 -58.19 1.81 40.31
N ALA C 218 -57.57 0.83 40.99
CA ALA C 218 -57.23 -0.42 40.32
C ALA C 218 -58.49 -1.13 39.84
N ASP C 219 -58.43 -1.72 38.64
CA ASP C 219 -59.51 -2.53 38.12
C ASP C 219 -59.46 -3.95 38.69
N LEU C 220 -58.23 -4.45 38.85
CA LEU C 220 -58.01 -5.79 39.38
C LEU C 220 -57.03 -5.72 40.54
N VAL C 221 -57.35 -6.46 41.59
CA VAL C 221 -56.42 -6.61 42.68
C VAL C 221 -55.97 -8.07 42.68
N LEU C 222 -54.65 -8.26 42.61
CA LEU C 222 -54.07 -9.58 42.58
C LEU C 222 -53.52 -9.90 43.97
N LEU C 223 -54.20 -10.83 44.65
CA LEU C 223 -53.79 -11.24 46.00
C LEU C 223 -52.79 -12.37 45.83
N ASP C 224 -51.52 -12.05 46.07
CA ASP C 224 -50.44 -12.94 45.69
C ASP C 224 -49.86 -13.67 46.90
N ASN C 225 -49.74 -14.99 46.76
CA ASN C 225 -49.15 -15.87 47.78
C ASN C 225 -49.80 -15.81 49.16
N PHE C 226 -51.12 -15.62 49.16
CA PHE C 226 -51.93 -15.72 50.37
C PHE C 226 -52.17 -17.21 50.67
N LYS C 227 -52.24 -17.53 51.95
CA LYS C 227 -52.82 -18.79 52.38
C LYS C 227 -54.34 -18.68 52.14
N PRO C 228 -54.98 -19.77 51.69
CA PRO C 228 -56.44 -19.78 51.48
C PRO C 228 -57.25 -19.19 52.62
N GLU C 229 -56.85 -19.49 53.87
CA GLU C 229 -57.56 -19.01 55.05
C GLU C 229 -57.46 -17.50 55.22
N GLU C 230 -56.42 -16.89 54.64
CA GLU C 230 -56.27 -15.44 54.64
C GLU C 230 -56.90 -14.83 53.37
N LEU C 231 -56.80 -15.57 52.27
CA LEU C 231 -57.27 -15.11 50.97
C LEU C 231 -58.75 -14.73 50.95
N HIS C 232 -59.59 -15.65 51.41
CA HIS C 232 -61.04 -15.46 51.32
C HIS C 232 -61.62 -14.35 52.17
N PRO C 233 -61.21 -14.23 53.46
CA PRO C 233 -61.61 -13.07 54.26
C PRO C 233 -61.15 -11.73 53.66
N THR C 234 -59.94 -11.71 53.12
CA THR C 234 -59.44 -10.51 52.45
C THR C 234 -60.31 -10.14 51.24
N ALA C 235 -60.55 -11.11 50.35
CA ALA C 235 -61.40 -10.87 49.18
C ALA C 235 -62.81 -10.46 49.57
N THR C 236 -63.32 -11.02 50.67
CA THR C 236 -64.67 -10.69 51.16
C THR C 236 -64.80 -9.22 51.52
N VAL C 237 -63.84 -8.73 52.32
CA VAL C 237 -63.81 -7.37 52.83
C VAL C 237 -63.60 -6.38 51.69
N LEU C 238 -62.69 -6.74 50.80
CA LEU C 238 -62.40 -5.93 49.65
C LEU C 238 -63.66 -5.76 48.79
N LYS C 239 -64.34 -6.86 48.51
CA LYS C 239 -65.55 -6.85 47.70
C LYS C 239 -66.67 -6.07 48.35
N ALA C 240 -66.69 -6.07 49.69
CA ALA C 240 -67.72 -5.32 50.43
C ALA C 240 -67.55 -3.82 50.22
N GLN C 241 -66.31 -3.37 50.25
CA GLN C 241 -65.97 -1.95 50.16
C GLN C 241 -65.83 -1.47 48.70
N PHE C 242 -65.44 -2.38 47.81
CA PHE C 242 -65.23 -2.06 46.41
C PHE C 242 -65.87 -3.12 45.50
N PRO C 243 -67.21 -3.06 45.33
CA PRO C 243 -67.91 -4.07 44.54
C PRO C 243 -67.48 -4.16 43.09
N SER C 244 -67.03 -3.07 42.49
CA SER C 244 -66.61 -3.13 41.08
C SER C 244 -65.22 -3.71 40.84
N VAL C 245 -64.43 -3.95 41.90
CA VAL C 245 -63.03 -4.39 41.71
C VAL C 245 -62.96 -5.90 41.54
N ALA C 246 -62.25 -6.36 40.51
CA ALA C 246 -62.06 -7.80 40.29
C ALA C 246 -60.92 -8.32 41.16
N VAL C 247 -61.07 -9.53 41.67
CA VAL C 247 -60.05 -10.12 42.52
C VAL C 247 -59.42 -11.32 41.84
N GLU C 248 -58.09 -11.30 41.73
CA GLU C 248 -57.32 -12.42 41.19
C GLU C 248 -56.49 -13.04 42.29
N ALA C 249 -56.42 -14.37 42.30
CA ALA C 249 -55.55 -15.09 43.23
C ALA C 249 -54.46 -15.79 42.43
N SER C 250 -53.24 -15.72 42.95
CA SER C 250 -52.10 -16.38 42.32
C SER C 250 -51.03 -16.67 43.35
N GLY C 251 -50.12 -17.57 43.03
CA GLY C 251 -48.98 -17.86 43.87
C GLY C 251 -49.11 -19.21 44.55
N GLY C 252 -48.33 -20.17 44.07
CA GLY C 252 -48.30 -21.51 44.67
C GLY C 252 -49.56 -22.33 44.44
N ILE C 253 -50.29 -22.00 43.38
CA ILE C 253 -51.52 -22.72 43.06
C ILE C 253 -51.18 -23.88 42.14
N THR C 254 -51.71 -25.05 42.49
CA THR C 254 -51.48 -26.27 41.74
C THR C 254 -52.84 -26.89 41.42
N LEU C 255 -52.83 -27.91 40.56
CA LEU C 255 -54.04 -28.63 40.24
C LEU C 255 -54.66 -29.18 41.51
N ASP C 256 -53.82 -29.76 42.38
CA ASP C 256 -54.28 -30.38 43.61
C ASP C 256 -54.90 -29.41 44.62
N ASN C 257 -54.30 -28.23 44.80
CA ASN C 257 -54.84 -27.29 45.79
C ASN C 257 -55.79 -26.22 45.22
N LEU C 258 -55.99 -26.24 43.90
CA LEU C 258 -56.86 -25.25 43.25
C LEU C 258 -58.22 -25.04 43.93
N PRO C 259 -58.96 -26.13 44.26
CA PRO C 259 -60.24 -25.93 44.93
C PRO C 259 -60.16 -25.06 46.19
N GLN C 260 -59.02 -25.06 46.89
CA GLN C 260 -58.89 -24.27 48.12
C GLN C 260 -58.86 -22.76 47.82
N PHE C 261 -58.43 -22.41 46.61
CA PHE C 261 -58.34 -21.03 46.19
C PHE C 261 -59.62 -20.53 45.55
N CYS C 262 -60.53 -21.46 45.25
CA CYS C 262 -61.86 -21.14 44.74
C CYS C 262 -62.72 -20.58 45.84
N GLY C 263 -63.41 -19.49 45.54
CA GLY C 263 -64.39 -18.94 46.47
C GLY C 263 -65.24 -17.91 45.76
N PRO C 264 -66.35 -17.50 46.40
CA PRO C 264 -67.30 -16.59 45.77
C PRO C 264 -66.79 -15.17 45.52
N HIS C 265 -65.71 -14.79 46.19
CA HIS C 265 -65.14 -13.45 45.98
C HIS C 265 -63.84 -13.43 45.21
N ILE C 266 -63.49 -14.58 44.62
CA ILE C 266 -62.33 -14.67 43.73
C ILE C 266 -62.87 -14.79 42.31
N ASP C 267 -62.36 -13.94 41.41
CA ASP C 267 -62.85 -13.86 40.03
C ASP C 267 -61.96 -14.61 39.06
N VAL C 268 -60.65 -14.58 39.34
CA VAL C 268 -59.63 -15.12 38.47
C VAL C 268 -58.62 -15.87 39.33
N ILE C 269 -58.24 -17.05 38.87
CA ILE C 269 -57.14 -17.78 39.47
C ILE C 269 -56.09 -18.03 38.39
N SER C 270 -54.90 -17.47 38.56
CA SER C 270 -53.88 -17.61 37.55
C SER C 270 -52.82 -18.59 38.03
N MET C 271 -52.33 -19.40 37.09
CA MET C 271 -51.42 -20.48 37.40
C MET C 271 -50.24 -20.47 36.43
N GLY C 272 -49.06 -20.12 36.94
CA GLY C 272 -47.83 -20.30 36.16
C GLY C 272 -47.59 -21.74 35.70
N MET C 273 -48.00 -22.71 36.50
CA MET C 273 -47.76 -24.13 36.19
C MET C 273 -48.38 -24.61 34.86
N LEU C 274 -49.47 -23.97 34.46
CA LEU C 274 -50.16 -24.34 33.21
C LEU C 274 -49.28 -24.18 31.97
N THR C 275 -48.32 -23.26 32.03
CA THR C 275 -47.37 -23.08 30.94
C THR C 275 -45.95 -23.49 31.32
N GLN C 276 -45.60 -23.41 32.59
CA GLN C 276 -44.23 -23.70 33.02
C GLN C 276 -43.95 -25.17 33.31
N ALA C 277 -45.02 -25.92 33.60
CA ALA C 277 -44.88 -27.30 34.08
C ALA C 277 -45.94 -28.23 33.50
N ALA C 278 -46.29 -28.03 32.23
CA ALA C 278 -47.22 -28.93 31.55
C ALA C 278 -46.41 -29.85 30.63
N PRO C 279 -46.34 -31.16 30.96
CA PRO C 279 -45.59 -32.08 30.09
C PRO C 279 -46.21 -32.16 28.70
N ALA C 280 -45.37 -32.23 27.66
CA ALA C 280 -45.84 -32.37 26.29
C ALA C 280 -46.54 -33.70 26.12
N LEU C 281 -47.54 -33.77 25.24
CA LEU C 281 -48.20 -35.03 24.97
C LEU C 281 -47.34 -35.83 24.00
N ASP C 282 -47.54 -37.14 23.99
CA ASP C 282 -46.82 -38.02 23.09
C ASP C 282 -47.62 -38.21 21.79
N PHE C 283 -47.09 -37.68 20.69
CA PHE C 283 -47.66 -37.89 19.36
C PHE C 283 -46.61 -38.53 18.44
N SER C 284 -47.05 -39.33 17.49
CA SER C 284 -46.15 -39.77 16.43
C SER C 284 -46.76 -39.60 15.05
N LEU C 285 -45.89 -39.53 14.04
CA LEU C 285 -46.34 -39.42 12.67
C LEU C 285 -45.72 -40.56 11.89
N LYS C 286 -46.57 -41.43 11.34
CA LYS C 286 -46.08 -42.65 10.73
C LYS C 286 -46.50 -42.76 9.27
N LEU C 287 -45.52 -42.73 8.37
CA LEU C 287 -45.76 -42.91 6.95
C LEU C 287 -46.33 -44.29 6.70
N PHE C 288 -47.32 -44.36 5.82
CA PHE C 288 -47.87 -45.63 5.43
C PHE C 288 -48.12 -45.70 3.92
N ASP D 4 -16.49 -28.34 30.80
CA ASP D 4 -16.61 -27.52 32.04
C ASP D 4 -17.67 -26.45 31.82
N ALA D 5 -18.66 -26.41 32.72
CA ALA D 5 -19.86 -25.60 32.54
C ALA D 5 -19.59 -24.11 32.29
N GLU D 6 -18.59 -23.57 32.96
CA GLU D 6 -18.27 -22.15 32.84
C GLU D 6 -17.72 -21.78 31.45
N GLY D 7 -17.08 -22.75 30.79
CA GLY D 7 -16.52 -22.55 29.44
C GLY D 7 -17.54 -22.73 28.31
N LEU D 8 -18.72 -23.28 28.61
CA LEU D 8 -19.72 -23.55 27.58
C LEU D 8 -20.29 -22.32 26.90
N ALA D 9 -20.25 -21.16 27.57
CA ALA D 9 -20.80 -19.93 27.01
C ALA D 9 -20.10 -19.56 25.69
N LEU D 10 -18.87 -20.02 25.51
CA LEU D 10 -18.11 -19.73 24.29
C LEU D 10 -18.74 -20.30 23.02
N LEU D 11 -19.63 -21.27 23.19
CA LEU D 11 -20.37 -21.91 22.10
C LEU D 11 -21.38 -21.02 21.42
N LEU D 12 -21.75 -19.92 22.09
CA LEU D 12 -22.86 -19.07 21.68
C LEU D 12 -22.34 -17.76 21.05
N PRO D 13 -22.48 -17.62 19.71
CA PRO D 13 -22.06 -16.37 19.04
C PRO D 13 -22.86 -15.16 19.53
N PRO D 14 -22.20 -14.01 19.76
CA PRO D 14 -22.90 -12.87 20.37
C PRO D 14 -24.00 -12.29 19.48
N VAL D 15 -23.80 -12.36 18.17
CA VAL D 15 -24.77 -11.84 17.21
C VAL D 15 -26.04 -12.71 17.19
N THR D 16 -25.86 -14.02 17.29
CA THR D 16 -26.98 -14.97 17.38
C THR D 16 -27.82 -14.72 18.63
N LEU D 17 -27.15 -14.50 19.76
CA LEU D 17 -27.82 -14.22 21.02
C LEU D 17 -28.60 -12.93 20.94
N ALA D 18 -27.95 -11.89 20.41
CA ALA D 18 -28.58 -10.58 20.29
C ALA D 18 -29.89 -10.64 19.47
N ALA D 19 -29.87 -11.34 18.34
CA ALA D 19 -31.09 -11.50 17.52
C ALA D 19 -32.20 -12.24 18.23
N LEU D 20 -31.82 -13.33 18.90
CA LEU D 20 -32.76 -14.13 19.66
C LEU D 20 -33.41 -13.30 20.75
N VAL D 21 -32.54 -12.64 21.52
CA VAL D 21 -32.95 -11.80 22.64
C VAL D 21 -33.88 -10.68 22.18
N ASP D 22 -33.54 -10.03 21.07
CA ASP D 22 -34.37 -8.98 20.51
C ASP D 22 -35.79 -9.51 20.16
N SER D 23 -35.86 -10.71 19.59
CA SER D 23 -37.16 -11.27 19.23
C SER D 23 -37.98 -11.57 20.49
N TRP D 24 -37.32 -11.96 21.58
CA TRP D 24 -38.04 -12.22 22.82
C TRP D 24 -38.58 -10.93 23.45
N LEU D 25 -37.77 -9.88 23.41
CA LEU D 25 -38.23 -8.58 23.90
C LEU D 25 -39.36 -8.03 23.05
N ARG D 26 -39.26 -8.18 21.73
CA ARG D 26 -40.36 -7.75 20.85
C ARG D 26 -41.68 -8.49 21.15
N GLU D 27 -41.58 -9.80 21.41
CA GLU D 27 -42.75 -10.61 21.75
C GLU D 27 -43.44 -10.08 23.02
N ASP D 28 -42.64 -9.71 24.01
CA ASP D 28 -43.19 -9.30 25.30
C ASP D 28 -43.61 -7.82 25.36
N CYS D 29 -43.09 -7.00 24.46
CA CYS D 29 -43.47 -5.59 24.41
C CYS D 29 -43.43 -5.09 22.94
N PRO D 30 -44.48 -5.39 22.17
CA PRO D 30 -44.43 -5.03 20.74
C PRO D 30 -44.61 -3.53 20.47
N GLY D 31 -45.12 -2.77 21.44
CA GLY D 31 -45.37 -1.34 21.25
C GLY D 31 -44.84 -0.50 22.40
N LEU D 32 -45.74 0.25 23.03
CA LEU D 32 -45.40 1.10 24.16
C LEU D 32 -45.26 0.30 25.45
N ASN D 33 -44.26 0.66 26.25
CA ASN D 33 -44.06 0.01 27.54
C ASN D 33 -44.67 0.90 28.64
N TYR D 34 -46.00 0.83 28.75
CA TYR D 34 -46.76 1.69 29.67
C TYR D 34 -46.25 1.66 31.10
N ALA D 35 -45.84 0.46 31.56
CA ALA D 35 -45.38 0.29 32.94
C ALA D 35 -44.07 1.04 33.26
N ALA D 36 -43.31 1.44 32.23
CA ALA D 36 -42.11 2.24 32.42
C ALA D 36 -42.43 3.55 33.19
N LEU D 37 -43.61 4.11 32.94
CA LEU D 37 -44.02 5.37 33.57
C LEU D 37 -44.31 5.18 35.05
N VAL D 38 -44.57 3.95 35.46
CA VAL D 38 -44.81 3.64 36.88
C VAL D 38 -43.48 3.62 37.68
N SER D 39 -42.47 2.97 37.14
CA SER D 39 -41.21 2.84 37.86
C SER D 39 -40.27 4.02 37.64
N GLY D 40 -40.32 4.67 36.46
CA GLY D 40 -39.33 5.70 36.10
C GLY D 40 -37.96 5.10 35.79
N ALA D 41 -36.96 5.97 35.61
CA ALA D 41 -35.66 5.56 35.08
C ALA D 41 -34.54 5.65 36.13
N GLY D 42 -34.89 5.82 37.39
CA GLY D 42 -33.89 5.97 38.46
C GLY D 42 -32.96 4.75 38.51
N PRO D 43 -31.64 4.97 38.70
CA PRO D 43 -30.70 3.84 38.80
C PRO D 43 -31.16 2.90 39.91
N SER D 44 -31.19 1.60 39.62
CA SER D 44 -31.77 0.64 40.55
C SER D 44 -30.97 -0.64 40.59
N GLN D 45 -31.30 -1.49 41.55
CA GLN D 45 -30.68 -2.80 41.71
C GLN D 45 -31.76 -3.79 42.05
N ALA D 46 -31.56 -5.01 41.57
CA ALA D 46 -32.46 -6.11 41.83
C ALA D 46 -31.65 -7.36 42.15
N ALA D 47 -32.15 -8.15 43.09
CA ALA D 47 -31.52 -9.41 43.46
C ALA D 47 -32.23 -10.56 42.78
N LEU D 48 -31.45 -11.43 42.15
CA LEU D 48 -31.96 -12.68 41.56
C LEU D 48 -31.95 -13.80 42.59
N TRP D 49 -33.13 -14.35 42.87
CA TRP D 49 -33.27 -15.42 43.87
C TRP D 49 -33.65 -16.74 43.24
N ALA D 50 -32.93 -17.80 43.62
CA ALA D 50 -33.28 -19.15 43.22
C ALA D 50 -34.15 -19.79 44.30
N LYS D 51 -35.35 -20.21 43.91
CA LYS D 51 -36.31 -20.77 44.85
C LYS D 51 -36.53 -22.27 44.66
N SER D 52 -35.81 -22.87 43.72
CA SER D 52 -35.88 -24.31 43.43
C SER D 52 -34.50 -24.94 43.53
N PRO D 53 -34.44 -26.23 43.95
CA PRO D 53 -33.16 -26.91 43.85
C PRO D 53 -32.89 -27.29 42.40
N GLY D 54 -31.63 -27.56 42.08
CA GLY D 54 -31.27 -27.91 40.71
C GLY D 54 -29.93 -27.35 40.30
N VAL D 55 -29.78 -27.10 39.00
CA VAL D 55 -28.53 -26.62 38.44
C VAL D 55 -28.79 -25.27 37.76
N LEU D 56 -27.93 -24.30 38.03
CA LEU D 56 -28.04 -22.99 37.40
C LEU D 56 -27.53 -23.06 35.95
N ALA D 57 -28.37 -22.70 35.00
CA ALA D 57 -27.97 -22.61 33.59
C ALA D 57 -28.69 -21.49 32.87
N GLY D 58 -27.96 -20.83 31.97
CA GLY D 58 -28.57 -19.81 31.11
C GLY D 58 -28.05 -18.40 31.35
N GLN D 59 -27.00 -18.25 32.17
CA GLN D 59 -26.36 -16.95 32.39
C GLN D 59 -26.10 -16.13 31.10
N PRO D 60 -25.54 -16.77 30.04
CA PRO D 60 -25.26 -15.94 28.84
C PRO D 60 -26.50 -15.33 28.21
N PHE D 61 -27.63 -16.03 28.28
CA PHE D 61 -28.86 -15.51 27.74
C PHE D 61 -29.43 -14.42 28.63
N PHE D 62 -29.41 -14.67 29.93
CA PHE D 62 -29.86 -13.72 30.95
C PHE D 62 -29.09 -12.40 30.79
N ASP D 63 -27.75 -12.51 30.73
CA ASP D 63 -26.84 -11.37 30.47
C ASP D 63 -27.18 -10.65 29.18
N ALA D 64 -27.38 -11.40 28.10
CA ALA D 64 -27.63 -10.78 26.79
C ALA D 64 -28.91 -9.96 26.81
N ILE D 65 -29.93 -10.47 27.47
CA ILE D 65 -31.20 -9.75 27.61
C ILE D 65 -30.97 -8.38 28.28
N PHE D 66 -30.29 -8.40 29.42
CA PHE D 66 -30.06 -7.16 30.16
C PHE D 66 -29.08 -6.20 29.50
N THR D 67 -28.08 -6.75 28.82
CA THR D 67 -27.19 -5.94 27.99
C THR D 67 -27.93 -5.16 26.90
N GLN D 68 -28.87 -5.80 26.21
CA GLN D 68 -29.71 -5.10 25.22
C GLN D 68 -30.53 -3.99 25.85
N LEU D 69 -30.72 -4.04 27.17
CA LEU D 69 -31.52 -3.06 27.89
C LEU D 69 -30.65 -2.12 28.73
N ASN D 70 -29.36 -2.15 28.44
CA ASN D 70 -28.37 -1.28 29.10
C ASN D 70 -28.34 -1.48 30.61
N CYS D 71 -28.44 -2.75 31.03
CA CYS D 71 -28.31 -3.12 32.44
C CYS D 71 -27.12 -4.05 32.57
N GLN D 72 -26.59 -4.18 33.79
CA GLN D 72 -25.41 -4.99 34.07
C GLN D 72 -25.75 -6.06 35.10
N VAL D 73 -25.15 -7.24 34.95
CA VAL D 73 -25.41 -8.36 35.85
C VAL D 73 -24.11 -8.76 36.56
N SER D 74 -24.18 -8.92 37.88
CA SER D 74 -23.09 -9.53 38.63
C SER D 74 -23.55 -10.87 39.16
N TRP D 75 -22.85 -11.93 38.78
CA TRP D 75 -23.21 -13.29 39.23
C TRP D 75 -22.46 -13.69 40.48
N PHE D 76 -23.16 -14.28 41.45
CA PHE D 76 -22.51 -14.72 42.68
C PHE D 76 -22.24 -16.22 42.67
N LEU D 77 -22.79 -16.91 41.68
CA LEU D 77 -22.54 -18.33 41.50
C LEU D 77 -22.17 -18.57 40.04
N PRO D 78 -21.17 -19.44 39.80
CA PRO D 78 -20.83 -19.78 38.41
C PRO D 78 -21.92 -20.57 37.68
N GLU D 79 -21.88 -20.50 36.37
CA GLU D 79 -22.74 -21.32 35.55
C GLU D 79 -22.57 -22.80 35.90
N GLY D 80 -23.67 -23.53 35.96
CA GLY D 80 -23.63 -24.95 36.34
C GLY D 80 -23.63 -25.25 37.83
N SER D 81 -23.66 -24.22 38.67
CA SER D 81 -23.70 -24.40 40.14
C SER D 81 -24.93 -25.13 40.60
N LYS D 82 -24.82 -25.95 41.65
CA LYS D 82 -26.00 -26.48 42.36
C LYS D 82 -26.76 -25.34 43.01
N LEU D 83 -28.08 -25.36 42.86
CA LEU D 83 -28.93 -24.36 43.50
C LEU D 83 -29.58 -24.94 44.74
N VAL D 84 -29.33 -24.29 45.88
CA VAL D 84 -29.93 -24.66 47.14
C VAL D 84 -30.82 -23.52 47.65
N PRO D 85 -32.14 -23.66 47.52
CA PRO D 85 -33.06 -22.54 47.81
C PRO D 85 -33.14 -22.18 49.30
N VAL D 86 -33.36 -20.90 49.64
CA VAL D 86 -33.49 -19.78 48.70
C VAL D 86 -32.13 -19.09 48.59
N ALA D 87 -31.60 -19.05 47.37
CA ALA D 87 -30.21 -18.65 47.14
C ALA D 87 -30.12 -17.33 46.40
N ARG D 88 -29.22 -16.47 46.85
CA ARG D 88 -28.90 -15.23 46.18
C ARG D 88 -27.88 -15.55 45.08
N VAL D 89 -28.27 -15.30 43.85
CA VAL D 89 -27.56 -15.79 42.67
C VAL D 89 -26.84 -14.67 41.94
N ALA D 90 -27.45 -13.49 41.92
CA ALA D 90 -26.93 -12.39 41.14
C ALA D 90 -27.57 -11.06 41.54
N GLU D 91 -26.94 -9.99 41.07
CA GLU D 91 -27.51 -8.65 41.15
C GLU D 91 -27.55 -8.07 39.75
N VAL D 92 -28.64 -7.37 39.45
CA VAL D 92 -28.78 -6.68 38.18
C VAL D 92 -28.93 -5.20 38.49
N ARG D 93 -28.23 -4.37 37.72
CA ARG D 93 -28.25 -2.92 37.92
C ARG D 93 -28.58 -2.21 36.64
N GLY D 94 -29.34 -1.13 36.74
CA GLY D 94 -29.69 -0.30 35.58
C GLY D 94 -30.85 0.60 35.93
N PRO D 95 -31.35 1.39 34.96
CA PRO D 95 -32.53 2.21 35.19
C PRO D 95 -33.71 1.31 35.56
N ALA D 96 -34.58 1.73 36.48
CA ALA D 96 -35.67 0.85 36.97
C ALA D 96 -36.50 0.23 35.85
N HIS D 97 -36.91 1.06 34.89
CA HIS D 97 -37.83 0.61 33.85
C HIS D 97 -37.15 -0.44 32.96
N CYS D 98 -35.84 -0.33 32.76
CA CYS D 98 -35.10 -1.33 31.98
C CYS D 98 -35.02 -2.66 32.72
N LEU D 99 -34.75 -2.62 34.03
CA LEU D 99 -34.74 -3.83 34.83
C LEU D 99 -36.09 -4.53 34.75
N LEU D 100 -37.16 -3.77 34.89
CA LEU D 100 -38.49 -4.35 34.93
C LEU D 100 -38.98 -4.78 33.55
N LEU D 101 -38.47 -4.15 32.49
CA LEU D 101 -38.79 -4.58 31.11
C LEU D 101 -38.12 -5.92 30.78
N GLY D 102 -36.92 -6.14 31.30
CA GLY D 102 -36.19 -7.40 31.06
C GLY D 102 -36.59 -8.54 31.99
N GLU D 103 -37.16 -8.21 33.14
CA GLU D 103 -37.42 -9.17 34.21
C GLU D 103 -38.10 -10.49 33.76
N ARG D 104 -39.28 -10.38 33.15
CA ARG D 104 -40.05 -11.60 32.86
C ARG D 104 -39.36 -12.51 31.82
N VAL D 105 -38.90 -11.92 30.72
CA VAL D 105 -38.20 -12.66 29.69
C VAL D 105 -36.94 -13.31 30.25
N ALA D 106 -36.17 -12.57 31.05
CA ALA D 106 -34.95 -13.12 31.62
C ALA D 106 -35.25 -14.27 32.57
N LEU D 107 -36.27 -14.10 33.44
CA LEU D 107 -36.66 -15.17 34.35
C LEU D 107 -37.20 -16.39 33.60
N ASN D 108 -38.03 -16.17 32.58
CA ASN D 108 -38.58 -17.28 31.80
C ASN D 108 -37.47 -18.10 31.15
N THR D 109 -36.47 -17.41 30.63
CA THR D 109 -35.34 -18.06 29.96
C THR D 109 -34.48 -18.85 30.96
N LEU D 110 -34.05 -18.19 32.03
CA LEU D 110 -33.23 -18.86 33.04
C LEU D 110 -33.98 -20.06 33.65
N ALA D 111 -35.27 -19.88 33.91
CA ALA D 111 -36.07 -20.94 34.53
C ALA D 111 -36.08 -22.24 33.71
N ARG D 112 -36.27 -22.10 32.40
CA ARG D 112 -36.33 -23.24 31.47
C ARG D 112 -34.97 -23.84 31.18
N CYS D 113 -33.97 -22.99 30.95
CA CYS D 113 -32.62 -23.47 30.74
C CYS D 113 -32.16 -24.26 31.96
N SER D 114 -32.38 -23.71 33.15
CA SER D 114 -32.00 -24.37 34.39
C SER D 114 -32.82 -25.62 34.66
N GLY D 115 -34.12 -25.59 34.34
CA GLY D 115 -34.98 -26.78 34.49
C GLY D 115 -34.46 -27.93 33.65
N ILE D 116 -34.03 -27.63 32.42
CA ILE D 116 -33.45 -28.65 31.54
C ILE D 116 -32.06 -29.13 32.03
N ALA D 117 -31.19 -28.20 32.44
CA ALA D 117 -29.91 -28.58 33.04
C ALA D 117 -30.09 -29.45 34.28
N SER D 118 -31.08 -29.13 35.10
CA SER D 118 -31.37 -29.93 36.30
C SER D 118 -31.78 -31.36 35.94
N ALA D 119 -32.66 -31.51 34.95
CA ALA D 119 -33.10 -32.83 34.51
C ALA D 119 -31.92 -33.62 33.92
N ALA D 120 -31.11 -32.94 33.11
CA ALA D 120 -29.93 -33.56 32.51
C ALA D 120 -28.96 -34.04 33.59
N ALA D 121 -28.72 -33.19 34.58
CA ALA D 121 -27.79 -33.54 35.66
C ALA D 121 -28.27 -34.73 36.49
N ALA D 122 -29.59 -34.80 36.72
CA ALA D 122 -30.20 -35.93 37.43
C ALA D 122 -30.01 -37.24 36.65
N ALA D 123 -30.24 -37.20 35.34
CA ALA D 123 -30.04 -38.35 34.47
C ALA D 123 -28.58 -38.77 34.42
N VAL D 124 -27.68 -37.79 34.26
CA VAL D 124 -26.23 -38.07 34.25
C VAL D 124 -25.80 -38.73 35.57
N GLU D 125 -26.31 -38.23 36.68
CA GLU D 125 -26.03 -38.81 37.99
C GLU D 125 -26.54 -40.24 38.12
N ALA D 126 -27.77 -40.50 37.64
CA ALA D 126 -28.34 -41.83 37.71
C ALA D 126 -27.54 -42.83 36.88
N ALA D 127 -27.11 -42.40 35.69
CA ALA D 127 -26.26 -43.21 34.81
C ALA D 127 -24.91 -43.48 35.46
N ARG D 128 -24.31 -42.46 36.05
CA ARG D 128 -23.02 -42.62 36.73
C ARG D 128 -23.15 -43.57 37.93
N GLY D 129 -24.25 -43.43 38.67
CA GLY D 129 -24.54 -44.31 39.82
C GLY D 129 -24.70 -45.77 39.42
N ALA D 130 -25.09 -45.99 38.17
CA ALA D 130 -25.24 -47.33 37.60
C ALA D 130 -23.91 -47.85 37.04
N GLY D 131 -22.85 -47.05 37.14
CA GLY D 131 -21.53 -47.47 36.66
C GLY D 131 -21.38 -47.36 35.15
N TRP D 132 -22.24 -46.57 34.52
CA TRP D 132 -22.23 -46.47 33.07
C TRP D 132 -21.31 -45.35 32.63
N THR D 133 -20.51 -45.57 31.59
CA THR D 133 -19.56 -44.55 31.11
C THR D 133 -19.96 -43.94 29.78
N GLY D 134 -21.17 -44.27 29.31
CA GLY D 134 -21.68 -43.69 28.06
C GLY D 134 -22.21 -42.29 28.26
N HIS D 135 -22.81 -41.74 27.22
CA HIS D 135 -23.30 -40.38 27.25
C HIS D 135 -24.83 -40.30 27.25
N VAL D 136 -25.34 -39.58 28.23
CA VAL D 136 -26.74 -39.18 28.24
C VAL D 136 -26.88 -38.05 27.22
N ALA D 137 -27.94 -38.09 26.41
CA ALA D 137 -28.07 -37.17 25.30
C ALA D 137 -29.49 -36.65 25.16
N GLY D 138 -29.62 -35.47 24.59
CA GLY D 138 -30.92 -34.94 24.25
C GLY D 138 -31.25 -35.27 22.80
N THR D 139 -32.29 -34.62 22.27
CA THR D 139 -32.88 -34.97 21.00
C THR D 139 -33.36 -33.66 20.33
N ARG D 140 -34.00 -33.80 19.18
CA ARG D 140 -34.62 -32.67 18.50
C ARG D 140 -36.04 -32.38 18.98
N LYS D 141 -36.42 -33.00 20.10
CA LYS D 141 -37.72 -32.75 20.73
C LYS D 141 -37.67 -31.53 21.62
N THR D 142 -37.40 -30.39 20.99
CA THR D 142 -37.20 -29.12 21.67
C THR D 142 -38.34 -28.17 21.32
N THR D 143 -38.53 -27.10 22.11
CA THR D 143 -39.56 -26.11 21.81
C THR D 143 -39.13 -25.34 20.56
N PRO D 144 -39.99 -25.29 19.52
CA PRO D 144 -39.68 -24.55 18.30
C PRO D 144 -39.22 -23.12 18.58
N GLY D 145 -38.09 -22.73 17.98
CA GLY D 145 -37.51 -21.39 18.18
C GLY D 145 -36.59 -21.26 19.39
N PHE D 146 -36.64 -22.22 20.31
CA PHE D 146 -35.94 -22.12 21.58
C PHE D 146 -34.82 -23.17 21.70
N ARG D 147 -34.46 -23.81 20.57
CA ARG D 147 -33.57 -24.96 20.64
C ARG D 147 -32.18 -24.60 21.21
N LEU D 148 -31.66 -23.42 20.84
CA LEU D 148 -30.35 -23.01 21.29
C LEU D 148 -30.27 -23.02 22.82
N VAL D 149 -31.32 -22.50 23.47
CA VAL D 149 -31.32 -22.43 24.93
C VAL D 149 -31.43 -23.82 25.54
N GLU D 150 -32.31 -24.64 24.98
CA GLU D 150 -32.56 -25.97 25.51
C GLU D 150 -31.33 -26.87 25.39
N LYS D 151 -30.66 -26.82 24.23
CA LYS D 151 -29.46 -27.62 24.01
C LYS D 151 -28.32 -27.14 24.90
N TYR D 152 -28.18 -25.81 25.03
CA TYR D 152 -27.20 -25.25 25.95
C TYR D 152 -27.47 -25.72 27.37
N GLY D 153 -28.73 -25.74 27.77
CA GLY D 153 -29.11 -26.25 29.09
C GLY D 153 -28.67 -27.69 29.31
N LEU D 154 -28.91 -28.55 28.32
CA LEU D 154 -28.48 -29.95 28.37
C LEU D 154 -26.99 -30.05 28.63
N LEU D 155 -26.20 -29.26 27.89
CA LEU D 155 -24.74 -29.24 28.03
C LEU D 155 -24.31 -28.81 29.43
N VAL D 156 -24.95 -27.77 29.95
CA VAL D 156 -24.60 -27.31 31.31
C VAL D 156 -24.89 -28.42 32.32
N GLY D 157 -25.96 -29.17 32.10
CA GLY D 157 -26.31 -30.31 32.94
C GLY D 157 -25.41 -31.54 32.77
N GLY D 158 -24.51 -31.49 31.80
CA GLY D 158 -23.56 -32.59 31.56
C GLY D 158 -24.03 -33.63 30.57
N ALA D 159 -25.13 -33.35 29.86
CA ALA D 159 -25.61 -34.23 28.80
C ALA D 159 -25.08 -33.75 27.46
N ALA D 160 -25.02 -34.65 26.48
CA ALA D 160 -24.62 -34.30 25.12
C ALA D 160 -25.79 -33.60 24.47
N SER D 161 -25.53 -32.52 23.74
CA SER D 161 -26.60 -31.88 22.98
C SER D 161 -27.09 -32.85 21.90
N HIS D 162 -26.13 -33.53 21.27
CA HIS D 162 -26.41 -34.62 20.32
C HIS D 162 -27.02 -34.07 19.05
N ARG D 163 -27.98 -34.77 18.44
CA ARG D 163 -28.50 -34.34 17.16
C ARG D 163 -29.16 -32.95 17.33
N TYR D 164 -28.59 -31.95 16.67
CA TYR D 164 -29.02 -30.56 16.79
C TYR D 164 -30.10 -30.20 15.73
N ASP D 165 -29.85 -30.53 14.47
CA ASP D 165 -30.79 -30.20 13.42
C ASP D 165 -30.66 -31.19 12.26
N LEU D 166 -31.41 -30.95 11.19
CA LEU D 166 -31.42 -31.84 10.03
C LEU D 166 -30.17 -31.73 9.15
N GLY D 167 -29.22 -30.86 9.50
CA GLY D 167 -27.98 -30.75 8.76
C GLY D 167 -26.77 -31.41 9.43
N GLY D 168 -26.97 -32.00 10.61
CA GLY D 168 -25.84 -32.49 11.45
C GLY D 168 -25.33 -33.93 11.28
N LEU D 169 -26.24 -34.89 11.22
CA LEU D 169 -25.92 -36.24 10.75
C LEU D 169 -27.17 -36.72 10.04
N VAL D 170 -27.03 -37.66 9.13
CA VAL D 170 -28.17 -38.11 8.38
C VAL D 170 -28.89 -39.19 9.17
N MET D 171 -30.09 -38.86 9.64
CA MET D 171 -30.87 -39.74 10.48
C MET D 171 -31.90 -40.49 9.62
N VAL D 172 -31.78 -41.82 9.58
CA VAL D 172 -32.73 -42.66 8.86
C VAL D 172 -33.71 -43.25 9.89
N LYS D 173 -34.94 -42.75 9.87
CA LYS D 173 -35.99 -43.20 10.77
C LYS D 173 -36.82 -44.30 10.11
N ASP D 174 -37.74 -44.84 10.90
CA ASP D 174 -38.79 -45.71 10.40
C ASP D 174 -39.42 -45.18 9.12
N ASN D 175 -39.81 -43.90 9.15
CA ASN D 175 -40.45 -43.27 8.00
C ASN D 175 -39.62 -43.25 6.72
N HIS D 176 -38.31 -43.01 6.88
CA HIS D 176 -37.37 -43.06 5.75
C HIS D 176 -37.26 -44.45 5.16
N VAL D 177 -37.25 -45.44 6.04
CA VAL D 177 -37.20 -46.85 5.61
C VAL D 177 -38.41 -47.16 4.75
N VAL D 178 -39.59 -46.77 5.21
CA VAL D 178 -40.83 -46.98 4.45
C VAL D 178 -40.75 -46.30 3.08
N ALA D 179 -40.37 -45.02 3.08
CA ALA D 179 -40.28 -44.23 1.85
C ALA D 179 -39.26 -44.81 0.86
N ALA D 180 -38.12 -45.26 1.37
CA ALA D 180 -37.04 -45.82 0.54
C ALA D 180 -37.34 -47.23 0.08
N GLY D 181 -38.18 -47.94 0.82
CA GLY D 181 -38.55 -49.32 0.46
C GLY D 181 -37.67 -50.38 1.12
N GLY D 182 -37.04 -50.05 2.24
CA GLY D 182 -36.23 -51.02 2.97
C GLY D 182 -35.02 -50.39 3.63
N VAL D 183 -34.50 -51.05 4.66
CA VAL D 183 -33.38 -50.52 5.43
C VAL D 183 -32.12 -50.40 4.56
N GLU D 184 -31.80 -51.45 3.81
CA GLU D 184 -30.62 -51.45 2.95
C GLU D 184 -30.63 -50.28 1.95
N LYS D 185 -31.74 -50.11 1.24
CA LYS D 185 -31.90 -49.00 0.30
C LYS D 185 -31.79 -47.62 0.97
N ALA D 186 -32.47 -47.47 2.11
CA ALA D 186 -32.43 -46.23 2.88
C ALA D 186 -31.01 -45.87 3.33
N VAL D 187 -30.30 -46.85 3.86
CA VAL D 187 -28.97 -46.61 4.41
C VAL D 187 -27.97 -46.33 3.27
N ARG D 188 -28.10 -47.06 2.17
CA ARG D 188 -27.27 -46.79 0.98
C ARG D 188 -27.42 -45.33 0.54
N ALA D 189 -28.66 -44.86 0.43
CA ALA D 189 -28.93 -43.49 0.04
C ALA D 189 -28.38 -42.52 1.07
N ALA D 190 -28.57 -42.82 2.35
CA ALA D 190 -28.10 -41.94 3.42
C ALA D 190 -26.57 -41.80 3.38
N ARG D 191 -25.89 -42.92 3.17
CA ARG D 191 -24.42 -42.99 3.11
C ARG D 191 -23.90 -42.15 1.94
N GLN D 192 -24.60 -42.21 0.79
CA GLN D 192 -24.26 -41.37 -0.35
C GLN D 192 -24.42 -39.88 -0.04
N ALA D 193 -25.49 -39.53 0.67
CA ALA D 193 -25.74 -38.15 1.04
C ALA D 193 -24.78 -37.62 2.12
N ALA D 194 -24.44 -38.49 3.06
CA ALA D 194 -23.56 -38.13 4.19
C ALA D 194 -22.12 -37.99 3.71
N ASP D 195 -21.76 -38.84 2.75
CA ASP D 195 -20.41 -38.88 2.20
C ASP D 195 -19.40 -39.03 3.36
N PHE D 196 -18.32 -38.27 3.33
CA PHE D 196 -17.33 -38.36 4.39
C PHE D 196 -17.56 -37.41 5.58
N ALA D 197 -18.31 -36.34 5.37
CA ALA D 197 -18.41 -35.28 6.35
C ALA D 197 -19.41 -35.55 7.46
N LEU D 198 -20.41 -36.39 7.19
CA LEU D 198 -21.48 -36.60 8.15
C LEU D 198 -21.63 -38.08 8.50
N LYS D 199 -22.05 -38.34 9.72
CA LYS D 199 -22.41 -39.68 10.14
C LYS D 199 -23.82 -40.05 9.67
N VAL D 200 -24.09 -41.34 9.59
CA VAL D 200 -25.42 -41.86 9.35
C VAL D 200 -25.89 -42.63 10.59
N GLU D 201 -27.08 -42.30 11.07
CA GLU D 201 -27.71 -43.02 12.18
C GLU D 201 -29.01 -43.65 11.66
N VAL D 202 -29.31 -44.86 12.10
CA VAL D 202 -30.51 -45.57 11.69
C VAL D 202 -31.34 -46.02 12.90
N GLU D 203 -32.61 -45.62 12.91
CA GLU D 203 -33.55 -45.99 13.95
C GLU D 203 -34.08 -47.38 13.65
N CYS D 204 -33.83 -48.32 14.57
CA CYS D 204 -34.20 -49.71 14.37
C CYS D 204 -35.17 -50.16 15.47
N SER D 205 -36.20 -50.91 15.08
CA SER D 205 -37.25 -51.34 16.00
C SER D 205 -36.99 -52.76 16.46
N SER D 206 -36.05 -53.42 15.79
CA SER D 206 -35.80 -54.82 16.01
C SER D 206 -34.33 -55.13 15.78
N LEU D 207 -33.90 -56.30 16.26
CA LEU D 207 -32.54 -56.78 16.04
C LEU D 207 -32.20 -56.92 14.54
N GLN D 208 -33.17 -57.44 13.78
CA GLN D 208 -32.99 -57.66 12.34
C GLN D 208 -32.73 -56.35 11.56
N GLU D 209 -33.44 -55.28 11.89
CA GLU D 209 -33.18 -53.98 11.27
C GLU D 209 -31.79 -53.44 11.64
N ALA D 210 -31.41 -53.60 12.90
CA ALA D 210 -30.11 -53.16 13.40
C ALA D 210 -28.93 -53.74 12.66
N VAL D 211 -29.01 -55.04 12.36
CA VAL D 211 -27.94 -55.73 11.68
C VAL D 211 -27.85 -55.26 10.23
N GLN D 212 -29.02 -55.20 9.57
CA GLN D 212 -29.13 -54.58 8.22
C GLN D 212 -28.51 -53.19 8.15
N ALA D 213 -28.81 -52.38 9.15
CA ALA D 213 -28.28 -51.02 9.21
C ALA D 213 -26.75 -51.06 9.34
N ALA D 214 -26.23 -51.88 10.25
CA ALA D 214 -24.79 -52.01 10.43
C ALA D 214 -24.10 -52.58 9.18
N GLU D 215 -24.70 -53.61 8.60
CA GLU D 215 -24.17 -54.21 7.37
C GLU D 215 -24.11 -53.22 6.22
N ALA D 216 -25.09 -52.32 6.16
CA ALA D 216 -25.13 -51.28 5.14
C ALA D 216 -24.20 -50.08 5.44
N GLY D 217 -23.59 -50.09 6.62
CA GLY D 217 -22.54 -49.12 6.94
C GLY D 217 -22.94 -47.91 7.77
N ALA D 218 -24.03 -48.03 8.53
CA ALA D 218 -24.44 -46.95 9.45
C ALA D 218 -23.34 -46.72 10.48
N ASP D 219 -23.14 -45.48 10.90
CA ASP D 219 -22.17 -45.16 11.97
C ASP D 219 -22.79 -45.43 13.34
N LEU D 220 -24.09 -45.18 13.45
CA LEU D 220 -24.80 -45.32 14.71
C LEU D 220 -26.07 -46.08 14.45
N VAL D 221 -26.37 -47.01 15.35
CA VAL D 221 -27.62 -47.74 15.30
C VAL D 221 -28.39 -47.34 16.53
N LEU D 222 -29.58 -46.81 16.30
CA LEU D 222 -30.46 -46.38 17.36
C LEU D 222 -31.50 -47.46 17.61
N LEU D 223 -31.38 -48.10 18.77
CA LEU D 223 -32.32 -49.13 19.19
C LEU D 223 -33.48 -48.48 19.92
N ASP D 224 -34.61 -48.39 19.23
CA ASP D 224 -35.71 -47.56 19.69
C ASP D 224 -36.84 -48.37 20.31
N ASN D 225 -37.24 -47.96 21.51
CA ASN D 225 -38.36 -48.57 22.25
C ASN D 225 -38.22 -50.07 22.51
N PHE D 226 -36.98 -50.50 22.74
CA PHE D 226 -36.70 -51.86 23.20
C PHE D 226 -36.97 -51.93 24.69
N LYS D 227 -37.44 -53.07 25.17
CA LYS D 227 -37.38 -53.40 26.59
C LYS D 227 -35.91 -53.66 26.92
N PRO D 228 -35.46 -53.26 28.13
CA PRO D 228 -34.08 -53.50 28.57
C PRO D 228 -33.59 -54.94 28.38
N GLU D 229 -34.46 -55.90 28.64
CA GLU D 229 -34.10 -57.31 28.50
C GLU D 229 -33.84 -57.73 27.05
N GLU D 230 -34.40 -56.99 26.10
CA GLU D 230 -34.15 -57.21 24.67
C GLU D 230 -33.01 -56.32 24.17
N LEU D 231 -32.91 -55.12 24.75
CA LEU D 231 -31.92 -54.12 24.35
C LEU D 231 -30.48 -54.65 24.44
N HIS D 232 -30.11 -55.14 25.62
CA HIS D 232 -28.71 -55.49 25.88
C HIS D 232 -28.20 -56.70 25.08
N PRO D 233 -29.00 -57.78 24.96
CA PRO D 233 -28.61 -58.87 24.05
C PRO D 233 -28.43 -58.41 22.61
N THR D 234 -29.33 -57.55 22.13
CA THR D 234 -29.24 -56.98 20.79
C THR D 234 -27.95 -56.17 20.59
N ALA D 235 -27.68 -55.25 21.52
CA ALA D 235 -26.46 -54.44 21.47
C ALA D 235 -25.19 -55.31 21.57
N THR D 236 -25.25 -56.36 22.36
CA THR D 236 -24.12 -57.29 22.54
C THR D 236 -23.72 -57.93 21.22
N VAL D 237 -24.69 -58.45 20.50
CA VAL D 237 -24.40 -59.06 19.21
C VAL D 237 -23.88 -58.04 18.21
N LEU D 238 -24.48 -56.85 18.20
CA LEU D 238 -24.05 -55.79 17.32
C LEU D 238 -22.58 -55.45 17.49
N LYS D 239 -22.16 -55.27 18.73
CA LYS D 239 -20.79 -54.93 19.04
C LYS D 239 -19.84 -56.07 18.69
N ALA D 240 -20.30 -57.31 18.87
CA ALA D 240 -19.53 -58.48 18.48
C ALA D 240 -19.28 -58.54 16.98
N GLN D 241 -20.32 -58.30 16.20
CA GLN D 241 -20.23 -58.42 14.76
C GLN D 241 -19.82 -57.14 14.04
N PHE D 242 -20.08 -56.00 14.65
CA PHE D 242 -19.78 -54.69 14.07
C PHE D 242 -19.15 -53.77 15.13
N PRO D 243 -17.87 -54.00 15.46
CA PRO D 243 -17.22 -53.35 16.60
C PRO D 243 -17.11 -51.83 16.48
N SER D 244 -17.18 -51.30 15.26
CA SER D 244 -17.05 -49.85 15.03
C SER D 244 -18.36 -49.08 15.05
N VAL D 245 -19.48 -49.81 15.06
CA VAL D 245 -20.80 -49.17 15.10
C VAL D 245 -21.13 -48.77 16.54
N ALA D 246 -21.50 -47.51 16.74
CA ALA D 246 -21.94 -47.03 18.04
C ALA D 246 -23.43 -47.33 18.23
N VAL D 247 -23.81 -47.62 19.46
CA VAL D 247 -25.18 -47.98 19.78
C VAL D 247 -25.85 -46.92 20.65
N GLU D 248 -27.00 -46.45 20.19
CA GLU D 248 -27.83 -45.53 20.95
C GLU D 248 -29.11 -46.23 21.38
N ALA D 249 -29.56 -45.99 22.62
CA ALA D 249 -30.85 -46.46 23.10
C ALA D 249 -31.76 -45.28 23.33
N SER D 250 -33.03 -45.44 22.97
CA SER D 250 -34.03 -44.42 23.16
C SER D 250 -35.42 -45.03 23.17
N GLY D 251 -36.38 -44.28 23.70
CA GLY D 251 -37.77 -44.71 23.67
C GLY D 251 -38.25 -45.17 25.02
N GLY D 252 -39.10 -44.37 25.67
CA GLY D 252 -39.66 -44.72 26.98
C GLY D 252 -38.66 -44.71 28.12
N ILE D 253 -37.58 -43.96 27.97
CA ILE D 253 -36.55 -43.89 29.01
C ILE D 253 -36.88 -42.72 29.95
N THR D 254 -36.87 -43.01 31.25
CA THR D 254 -37.17 -42.03 32.26
C THR D 254 -36.01 -41.98 33.24
N LEU D 255 -35.99 -40.96 34.10
CA LEU D 255 -34.99 -40.89 35.16
C LEU D 255 -35.02 -42.17 36.00
N ASP D 256 -36.22 -42.63 36.34
CA ASP D 256 -36.38 -43.81 37.19
C ASP D 256 -35.87 -45.11 36.57
N ASN D 257 -36.12 -45.30 35.27
CA ASN D 257 -35.72 -46.55 34.61
C ASN D 257 -34.38 -46.49 33.87
N LEU D 258 -33.77 -45.32 33.84
CA LEU D 258 -32.50 -45.11 33.16
C LEU D 258 -31.43 -46.18 33.46
N PRO D 259 -31.20 -46.50 34.75
CA PRO D 259 -30.19 -47.53 35.03
C PRO D 259 -30.40 -48.88 34.31
N GLN D 260 -31.65 -49.22 34.00
CA GLN D 260 -31.94 -50.47 33.28
C GLN D 260 -31.46 -50.43 31.83
N PHE D 261 -31.39 -49.23 31.27
CA PHE D 261 -30.95 -49.04 29.88
C PHE D 261 -29.43 -48.87 29.76
N CYS D 262 -28.78 -48.67 30.90
CA CYS D 262 -27.33 -48.58 30.96
C CYS D 262 -26.71 -49.97 30.85
N GLY D 263 -25.72 -50.10 29.99
CA GLY D 263 -24.99 -51.35 29.83
C GLY D 263 -23.71 -51.09 29.08
N PRO D 264 -22.78 -52.07 29.11
CA PRO D 264 -21.45 -51.89 28.50
C PRO D 264 -21.47 -51.71 26.98
N HIS D 265 -22.56 -52.11 26.32
CA HIS D 265 -22.60 -52.04 24.85
C HIS D 265 -23.53 -50.94 24.34
N ILE D 266 -24.00 -50.10 25.27
CA ILE D 266 -24.78 -48.93 24.93
C ILE D 266 -23.86 -47.71 25.09
N ASP D 267 -23.73 -46.93 24.01
CA ASP D 267 -22.84 -45.77 23.98
C ASP D 267 -23.55 -44.46 24.31
N VAL D 268 -24.81 -44.35 23.88
CA VAL D 268 -25.59 -43.15 24.00
C VAL D 268 -27.00 -43.52 24.46
N ILE D 269 -27.55 -42.73 25.38
CA ILE D 269 -28.93 -42.90 25.79
C ILE D 269 -29.58 -41.56 25.61
N SER D 270 -30.53 -41.48 24.69
CA SER D 270 -31.19 -40.20 24.45
C SER D 270 -32.58 -40.17 25.05
N MET D 271 -32.95 -39.02 25.62
CA MET D 271 -34.18 -38.92 26.37
C MET D 271 -34.93 -37.66 25.95
N GLY D 272 -36.08 -37.85 25.31
CA GLY D 272 -36.98 -36.75 24.98
C GLY D 272 -37.47 -35.99 26.20
N MET D 273 -37.61 -36.69 27.32
CA MET D 273 -38.11 -36.07 28.56
C MET D 273 -37.24 -34.92 29.09
N LEU D 274 -35.95 -34.97 28.81
CA LEU D 274 -35.04 -33.92 29.27
C LEU D 274 -35.42 -32.54 28.73
N THR D 275 -36.04 -32.51 27.57
CA THR D 275 -36.50 -31.25 26.97
C THR D 275 -38.02 -31.13 26.93
N GLN D 276 -38.73 -32.25 26.90
CA GLN D 276 -40.18 -32.21 26.75
C GLN D 276 -40.93 -32.14 28.08
N ALA D 277 -40.27 -32.54 29.16
CA ALA D 277 -40.95 -32.69 30.45
C ALA D 277 -40.05 -32.31 31.61
N ALA D 278 -39.24 -31.28 31.43
CA ALA D 278 -38.43 -30.75 32.53
C ALA D 278 -39.11 -29.49 33.06
N PRO D 279 -39.66 -29.53 34.29
CA PRO D 279 -40.31 -28.33 34.85
C PRO D 279 -39.33 -27.17 35.01
N ALA D 280 -39.78 -25.96 34.70
CA ALA D 280 -38.96 -24.76 34.89
C ALA D 280 -38.62 -24.60 36.37
N LEU D 281 -37.44 -24.06 36.68
CA LEU D 281 -37.13 -23.73 38.07
C LEU D 281 -37.81 -22.42 38.45
N ASP D 282 -38.00 -22.19 39.75
CA ASP D 282 -38.60 -20.99 40.28
C ASP D 282 -37.51 -19.95 40.60
N PHE D 283 -37.50 -18.85 39.84
CA PHE D 283 -36.60 -17.72 40.10
C PHE D 283 -37.43 -16.47 40.28
N SER D 284 -36.93 -15.52 41.07
CA SER D 284 -37.56 -14.22 41.15
C SER D 284 -36.51 -13.13 41.07
N LEU D 285 -36.93 -11.94 40.68
CA LEU D 285 -36.05 -10.80 40.61
C LEU D 285 -36.69 -9.68 41.41
N LYS D 286 -36.00 -9.23 42.46
CA LYS D 286 -36.62 -8.31 43.40
C LYS D 286 -35.79 -7.03 43.50
N LEU D 287 -36.36 -5.90 43.08
CA LEU D 287 -35.72 -4.62 43.34
C LEU D 287 -35.43 -4.46 44.80
N PHE D 288 -34.23 -3.99 45.11
CA PHE D 288 -33.88 -3.61 46.47
C PHE D 288 -33.10 -2.31 46.41
N ASP E 4 -27.77 -38.55 -8.09
CA ASP E 4 -28.32 -38.23 -9.44
C ASP E 4 -28.75 -36.75 -9.47
N ALA E 5 -28.22 -36.01 -10.45
CA ALA E 5 -28.35 -34.54 -10.45
C ALA E 5 -29.79 -34.06 -10.40
N GLU E 6 -30.70 -34.77 -11.05
CA GLU E 6 -32.10 -34.37 -11.11
C GLU E 6 -32.82 -34.47 -9.76
N GLY E 7 -32.37 -35.38 -8.90
CA GLY E 7 -32.94 -35.54 -7.56
C GLY E 7 -32.36 -34.62 -6.49
N LEU E 8 -31.30 -33.89 -6.83
CA LEU E 8 -30.62 -33.02 -5.85
C LEU E 8 -31.46 -31.83 -5.38
N ALA E 9 -32.43 -31.39 -6.20
CA ALA E 9 -33.27 -30.24 -5.84
C ALA E 9 -34.05 -30.50 -4.55
N LEU E 10 -34.29 -31.78 -4.24
CA LEU E 10 -35.02 -32.12 -3.00
C LEU E 10 -34.31 -31.65 -1.72
N LEU E 11 -33.00 -31.42 -1.82
CA LEU E 11 -32.18 -30.90 -0.72
C LEU E 11 -32.51 -29.49 -0.28
N LEU E 12 -33.24 -28.75 -1.12
CA LEU E 12 -33.46 -27.31 -0.92
C LEU E 12 -34.90 -27.03 -0.42
N PRO E 13 -35.05 -26.69 0.85
CA PRO E 13 -36.41 -26.38 1.38
C PRO E 13 -37.03 -25.16 0.69
N PRO E 14 -38.33 -25.21 0.37
CA PRO E 14 -38.91 -24.16 -0.48
C PRO E 14 -38.94 -22.79 0.22
N VAL E 15 -39.09 -22.82 1.54
CA VAL E 15 -39.13 -21.61 2.34
C VAL E 15 -37.77 -20.92 2.38
N THR E 16 -36.71 -21.72 2.52
CA THR E 16 -35.32 -21.20 2.45
C THR E 16 -35.02 -20.52 1.11
N LEU E 17 -35.42 -21.16 0.02
CA LEU E 17 -35.24 -20.61 -1.32
C LEU E 17 -36.00 -19.31 -1.48
N ALA E 18 -37.24 -19.28 -1.00
CA ALA E 18 -38.11 -18.12 -1.15
C ALA E 18 -37.45 -16.89 -0.46
N ALA E 19 -36.94 -17.09 0.75
CA ALA E 19 -36.31 -15.98 1.50
C ALA E 19 -35.05 -15.47 0.80
N LEU E 20 -34.25 -16.39 0.31
CA LEU E 20 -33.03 -16.08 -0.40
C LEU E 20 -33.35 -15.31 -1.69
N VAL E 21 -34.26 -15.86 -2.47
CA VAL E 21 -34.73 -15.23 -3.70
C VAL E 21 -35.29 -13.82 -3.44
N ASP E 22 -36.11 -13.69 -2.39
CA ASP E 22 -36.65 -12.39 -2.05
C ASP E 22 -35.53 -11.37 -1.74
N SER E 23 -34.49 -11.80 -1.01
CA SER E 23 -33.39 -10.88 -0.69
C SER E 23 -32.64 -10.46 -1.96
N TRP E 24 -32.49 -11.39 -2.90
CA TRP E 24 -31.84 -11.06 -4.18
C TRP E 24 -32.64 -10.07 -5.02
N LEU E 25 -33.94 -10.23 -5.04
CA LEU E 25 -34.80 -9.31 -5.79
C LEU E 25 -34.81 -7.93 -5.13
N ARG E 26 -34.76 -7.90 -3.80
CA ARG E 26 -34.72 -6.63 -3.07
C ARG E 26 -33.41 -5.89 -3.36
N GLU E 27 -32.31 -6.62 -3.39
CA GLU E 27 -31.01 -6.05 -3.76
C GLU E 27 -31.03 -5.38 -5.12
N ASP E 28 -31.67 -6.02 -6.09
CA ASP E 28 -31.64 -5.53 -7.47
C ASP E 28 -32.69 -4.46 -7.77
N CYS E 29 -33.72 -4.38 -6.92
CA CYS E 29 -34.79 -3.41 -7.12
C CYS E 29 -35.36 -3.00 -5.78
N PRO E 30 -34.65 -2.11 -5.06
CA PRO E 30 -35.11 -1.77 -3.71
C PRO E 30 -36.37 -0.88 -3.68
N GLY E 31 -36.72 -0.26 -4.81
CA GLY E 31 -37.81 0.73 -4.84
C GLY E 31 -38.72 0.51 -6.04
N LEU E 32 -38.87 1.55 -6.85
CA LEU E 32 -39.71 1.50 -8.04
C LEU E 32 -38.97 0.81 -9.18
N ASN E 33 -39.70 0.01 -9.95
CA ASN E 33 -39.11 -0.63 -11.10
C ASN E 33 -39.49 0.15 -12.35
N TYR E 34 -38.80 1.26 -12.56
CA TYR E 34 -39.09 2.19 -13.67
C TYR E 34 -39.20 1.50 -15.04
N ALA E 35 -38.29 0.56 -15.30
CA ALA E 35 -38.27 -0.16 -16.58
C ALA E 35 -39.55 -0.95 -16.89
N ALA E 36 -40.36 -1.23 -15.86
CA ALA E 36 -41.62 -1.97 -16.07
C ALA E 36 -42.54 -1.20 -17.01
N LEU E 37 -42.45 0.14 -16.97
CA LEU E 37 -43.29 0.99 -17.80
C LEU E 37 -42.91 0.89 -19.27
N VAL E 38 -41.68 0.47 -19.55
CA VAL E 38 -41.18 0.38 -20.93
C VAL E 38 -41.73 -0.89 -21.59
N SER E 39 -41.74 -2.00 -20.85
CA SER E 39 -42.18 -3.28 -21.42
C SER E 39 -43.68 -3.52 -21.28
N GLY E 40 -44.29 -2.96 -20.22
CA GLY E 40 -45.70 -3.26 -19.94
C GLY E 40 -45.87 -4.68 -19.40
N ALA E 41 -47.12 -5.11 -19.29
CA ALA E 41 -47.44 -6.38 -18.63
C ALA E 41 -47.93 -7.49 -19.57
N GLY E 42 -47.83 -7.26 -20.87
CA GLY E 42 -48.30 -8.21 -21.86
C GLY E 42 -47.69 -9.59 -21.65
N PRO E 43 -48.51 -10.65 -21.74
CA PRO E 43 -47.97 -12.02 -21.59
C PRO E 43 -46.87 -12.26 -22.62
N SER E 44 -45.71 -12.71 -22.15
CA SER E 44 -44.53 -12.81 -22.99
C SER E 44 -43.83 -14.15 -22.86
N GLN E 45 -42.96 -14.45 -23.83
CA GLN E 45 -42.08 -15.62 -23.74
C GLN E 45 -40.65 -15.24 -24.00
N ALA E 46 -39.73 -15.86 -23.27
CA ALA E 46 -38.33 -15.60 -23.41
C ALA E 46 -37.58 -16.93 -23.48
N ALA E 47 -36.58 -16.98 -24.35
CA ALA E 47 -35.73 -18.15 -24.48
C ALA E 47 -34.46 -17.99 -23.64
N LEU E 48 -34.12 -19.04 -22.90
CA LEU E 48 -32.85 -19.08 -22.16
C LEU E 48 -31.82 -19.81 -23.03
N TRP E 49 -30.72 -19.11 -23.31
CA TRP E 49 -29.66 -19.64 -24.16
C TRP E 49 -28.39 -19.90 -23.36
N ALA E 50 -27.78 -21.06 -23.57
CA ALA E 50 -26.45 -21.37 -23.02
C ALA E 50 -25.38 -21.09 -24.07
N LYS E 51 -24.48 -20.17 -23.75
CA LYS E 51 -23.44 -19.74 -24.67
C LYS E 51 -22.05 -20.25 -24.28
N SER E 52 -21.98 -21.02 -23.19
CA SER E 52 -20.71 -21.61 -22.69
C SER E 52 -20.83 -23.13 -22.59
N PRO E 53 -19.69 -23.85 -22.79
CA PRO E 53 -19.75 -25.28 -22.52
C PRO E 53 -19.67 -25.48 -21.01
N GLY E 54 -20.08 -26.66 -20.54
CA GLY E 54 -20.06 -26.95 -19.12
C GLY E 54 -21.25 -27.78 -18.69
N VAL E 55 -21.65 -27.61 -17.45
CA VAL E 55 -22.72 -28.39 -16.83
C VAL E 55 -23.81 -27.43 -16.37
N LEU E 56 -25.07 -27.75 -16.72
CA LEU E 56 -26.19 -26.93 -16.29
C LEU E 56 -26.54 -27.18 -14.80
N ALA E 57 -26.55 -26.13 -13.99
CA ALA E 57 -26.92 -26.25 -12.57
C ALA E 57 -27.58 -25.01 -12.07
N GLY E 58 -28.61 -25.18 -11.28
CA GLY E 58 -29.23 -24.03 -10.64
C GLY E 58 -30.70 -23.88 -10.98
N GLN E 59 -31.28 -24.85 -11.69
CA GLN E 59 -32.70 -24.78 -12.04
C GLN E 59 -33.64 -24.45 -10.87
N PRO E 60 -33.46 -25.10 -9.69
CA PRO E 60 -34.41 -24.78 -8.59
C PRO E 60 -34.36 -23.30 -8.14
N PHE E 61 -33.19 -22.67 -8.21
CA PHE E 61 -33.08 -21.24 -7.85
C PHE E 61 -33.66 -20.36 -8.94
N PHE E 62 -33.30 -20.67 -10.18
CA PHE E 62 -33.88 -20.01 -11.37
C PHE E 62 -35.42 -20.06 -11.32
N ASP E 63 -35.98 -21.24 -11.07
CA ASP E 63 -37.42 -21.42 -10.95
C ASP E 63 -38.01 -20.61 -9.81
N ALA E 64 -37.36 -20.63 -8.65
CA ALA E 64 -37.92 -19.97 -7.47
C ALA E 64 -37.96 -18.44 -7.69
N ILE E 65 -36.96 -17.90 -8.37
CA ILE E 65 -36.95 -16.47 -8.70
C ILE E 65 -38.21 -16.16 -9.53
N PHE E 66 -38.43 -16.91 -10.59
CA PHE E 66 -39.53 -16.58 -11.49
C PHE E 66 -40.88 -16.88 -10.92
N THR E 67 -40.95 -17.91 -10.07
CA THR E 67 -42.18 -18.23 -9.34
C THR E 67 -42.61 -17.04 -8.45
N GLN E 68 -41.64 -16.43 -7.74
CA GLN E 68 -41.93 -15.23 -6.92
C GLN E 68 -42.47 -14.08 -7.78
N LEU E 69 -42.20 -14.12 -9.09
CA LEU E 69 -42.60 -13.05 -9.99
C LEU E 69 -43.75 -13.47 -10.88
N ASN E 70 -44.40 -14.58 -10.50
CA ASN E 70 -45.55 -15.11 -11.20
C ASN E 70 -45.25 -15.44 -12.68
N CYS E 71 -44.07 -16.00 -12.92
CA CYS E 71 -43.65 -16.50 -14.21
C CYS E 71 -43.39 -17.99 -14.12
N GLN E 72 -43.48 -18.66 -15.26
CA GLN E 72 -43.33 -20.12 -15.32
C GLN E 72 -42.15 -20.47 -16.18
N VAL E 73 -41.44 -21.53 -15.82
CA VAL E 73 -40.25 -21.96 -16.58
C VAL E 73 -40.44 -23.38 -17.10
N SER E 74 -40.21 -23.58 -18.40
CA SER E 74 -40.19 -24.93 -18.97
C SER E 74 -38.75 -25.24 -19.38
N TRP E 75 -38.18 -26.29 -18.78
CA TRP E 75 -36.79 -26.69 -19.06
C TRP E 75 -36.73 -27.70 -20.19
N PHE E 76 -35.77 -27.51 -21.10
CA PHE E 76 -35.61 -28.45 -22.22
C PHE E 76 -34.45 -29.43 -21.99
N LEU E 77 -33.70 -29.17 -20.93
CA LEU E 77 -32.59 -30.03 -20.54
C LEU E 77 -32.69 -30.26 -19.06
N PRO E 78 -32.44 -31.50 -18.59
CA PRO E 78 -32.44 -31.76 -17.15
C PRO E 78 -31.29 -31.10 -16.41
N GLU E 79 -31.49 -30.93 -15.11
CA GLU E 79 -30.44 -30.42 -14.26
C GLU E 79 -29.21 -31.34 -14.36
N GLY E 80 -28.02 -30.75 -14.42
CA GLY E 80 -26.80 -31.53 -14.58
C GLY E 80 -26.42 -31.88 -16.00
N SER E 81 -27.23 -31.43 -16.96
CA SER E 81 -26.94 -31.70 -18.38
C SER E 81 -25.65 -31.03 -18.83
N LYS E 82 -24.92 -31.72 -19.69
CA LYS E 82 -23.83 -31.11 -20.41
C LYS E 82 -24.36 -30.03 -21.36
N LEU E 83 -23.73 -28.87 -21.35
CA LEU E 83 -24.11 -27.78 -22.22
C LEU E 83 -23.19 -27.73 -23.43
N VAL E 84 -23.78 -27.78 -24.61
CA VAL E 84 -23.05 -27.67 -25.87
C VAL E 84 -23.61 -26.42 -26.55
N PRO E 85 -22.86 -25.30 -26.50
CA PRO E 85 -23.39 -24.02 -26.98
C PRO E 85 -23.49 -23.99 -28.52
N VAL E 86 -24.36 -23.16 -29.09
CA VAL E 86 -25.30 -22.34 -28.36
C VAL E 86 -26.63 -23.11 -28.24
N ALA E 87 -27.07 -23.36 -27.01
CA ALA E 87 -28.15 -24.31 -26.72
C ALA E 87 -29.38 -23.60 -26.18
N ARG E 88 -30.55 -23.92 -26.73
CA ARG E 88 -31.81 -23.46 -26.15
C ARG E 88 -32.09 -24.33 -24.93
N VAL E 89 -32.01 -23.75 -23.74
CA VAL E 89 -32.10 -24.46 -22.47
C VAL E 89 -33.54 -24.53 -21.91
N ALA E 90 -34.31 -23.45 -22.10
CA ALA E 90 -35.61 -23.32 -21.46
C ALA E 90 -36.42 -22.18 -22.07
N GLU E 91 -37.72 -22.17 -21.78
CA GLU E 91 -38.57 -21.02 -22.05
C GLU E 91 -39.09 -20.49 -20.72
N VAL E 92 -39.09 -19.17 -20.59
CA VAL E 92 -39.72 -18.50 -19.44
C VAL E 92 -40.94 -17.75 -19.99
N ARG E 93 -42.06 -17.88 -19.30
CA ARG E 93 -43.31 -17.29 -19.73
C ARG E 93 -43.89 -16.46 -18.60
N GLY E 94 -44.37 -15.26 -18.92
CA GLY E 94 -45.01 -14.42 -17.93
C GLY E 94 -45.21 -13.00 -18.43
N PRO E 95 -45.81 -12.14 -17.58
CA PRO E 95 -45.95 -10.73 -17.92
C PRO E 95 -44.57 -10.17 -18.19
N ALA E 96 -44.44 -9.36 -19.23
CA ALA E 96 -43.15 -8.94 -19.73
C ALA E 96 -42.31 -8.26 -18.64
N HIS E 97 -42.94 -7.38 -17.83
CA HIS E 97 -42.21 -6.63 -16.79
C HIS E 97 -41.69 -7.56 -15.71
N CYS E 98 -42.44 -8.63 -15.42
CA CYS E 98 -42.00 -9.62 -14.44
C CYS E 98 -40.81 -10.41 -14.97
N LEU E 99 -40.88 -10.83 -16.23
CA LEU E 99 -39.79 -11.55 -16.86
C LEU E 99 -38.51 -10.72 -16.79
N LEU E 100 -38.64 -9.43 -17.10
CA LEU E 100 -37.46 -8.57 -17.18
C LEU E 100 -36.96 -8.14 -15.80
N LEU E 101 -37.86 -8.11 -14.82
CA LEU E 101 -37.46 -7.89 -13.44
C LEU E 101 -36.62 -9.06 -12.90
N GLY E 102 -37.02 -10.28 -13.23
CA GLY E 102 -36.29 -11.48 -12.79
C GLY E 102 -35.02 -11.80 -13.57
N GLU E 103 -34.97 -11.34 -14.82
CA GLU E 103 -33.90 -11.68 -15.76
C GLU E 103 -32.47 -11.68 -15.19
N ARG E 104 -32.01 -10.54 -14.70
CA ARG E 104 -30.60 -10.42 -14.32
C ARG E 104 -30.25 -11.29 -13.10
N VAL E 105 -31.09 -11.24 -12.06
CA VAL E 105 -30.85 -12.06 -10.87
C VAL E 105 -30.82 -13.55 -11.25
N ALA E 106 -31.80 -13.98 -12.05
CA ALA E 106 -31.88 -15.38 -12.46
C ALA E 106 -30.68 -15.81 -13.27
N LEU E 107 -30.27 -14.99 -14.23
CA LEU E 107 -29.08 -15.31 -15.02
C LEU E 107 -27.82 -15.34 -14.16
N ASN E 108 -27.70 -14.37 -13.24
CA ASN E 108 -26.49 -14.29 -12.38
C ASN E 108 -26.37 -15.56 -11.54
N THR E 109 -27.52 -16.05 -11.06
CA THR E 109 -27.58 -17.22 -10.19
C THR E 109 -27.23 -18.46 -11.00
N LEU E 110 -27.88 -18.63 -12.14
CA LEU E 110 -27.65 -19.81 -12.94
C LEU E 110 -26.23 -19.84 -13.44
N ALA E 111 -25.71 -18.67 -13.84
CA ALA E 111 -24.35 -18.60 -14.37
C ALA E 111 -23.28 -19.08 -13.37
N ARG E 112 -23.44 -18.65 -12.12
CA ARG E 112 -22.48 -18.99 -11.06
C ARG E 112 -22.65 -20.44 -10.59
N CYS E 113 -23.90 -20.86 -10.41
CA CYS E 113 -24.17 -22.24 -10.02
C CYS E 113 -23.61 -23.19 -11.08
N SER E 114 -23.90 -22.92 -12.36
CA SER E 114 -23.38 -23.72 -13.45
C SER E 114 -21.86 -23.65 -13.58
N GLY E 115 -21.28 -22.47 -13.35
CA GLY E 115 -19.82 -22.33 -13.44
C GLY E 115 -19.14 -23.23 -12.42
N ILE E 116 -19.71 -23.28 -11.22
CA ILE E 116 -19.19 -24.16 -10.15
C ILE E 116 -19.41 -25.65 -10.46
N ALA E 117 -20.62 -26.00 -10.90
CA ALA E 117 -20.89 -27.38 -11.34
C ALA E 117 -19.96 -27.82 -12.46
N SER E 118 -19.66 -26.92 -13.39
CA SER E 118 -18.73 -27.22 -14.50
C SER E 118 -17.32 -27.50 -13.97
N ALA E 119 -16.86 -26.66 -13.04
CA ALA E 119 -15.51 -26.86 -12.46
C ALA E 119 -15.45 -28.17 -11.67
N ALA E 120 -16.51 -28.46 -10.92
CA ALA E 120 -16.59 -29.69 -10.12
C ALA E 120 -16.58 -30.90 -11.06
N ALA E 121 -17.35 -30.83 -12.14
CA ALA E 121 -17.41 -31.95 -13.10
C ALA E 121 -16.07 -32.20 -13.78
N ALA E 122 -15.37 -31.11 -14.10
CA ALA E 122 -14.03 -31.25 -14.73
C ALA E 122 -13.03 -31.93 -13.76
N ALA E 123 -13.07 -31.54 -12.50
CA ALA E 123 -12.25 -32.16 -11.44
C ALA E 123 -12.59 -33.63 -11.22
N VAL E 124 -13.90 -33.92 -11.10
CA VAL E 124 -14.38 -35.31 -10.96
C VAL E 124 -13.91 -36.17 -12.14
N GLU E 125 -14.00 -35.62 -13.34
CA GLU E 125 -13.55 -36.34 -14.55
C GLU E 125 -12.05 -36.61 -14.52
N ALA E 126 -11.27 -35.61 -14.13
CA ALA E 126 -9.81 -35.76 -14.05
C ALA E 126 -9.43 -36.81 -13.02
N ALA E 127 -10.13 -36.82 -11.89
CA ALA E 127 -9.90 -37.82 -10.84
C ALA E 127 -10.26 -39.22 -11.34
N ARG E 128 -11.43 -39.34 -11.97
CA ARG E 128 -11.85 -40.62 -12.55
C ARG E 128 -10.87 -41.12 -13.63
N GLY E 129 -10.41 -40.21 -14.48
CA GLY E 129 -9.41 -40.53 -15.50
C GLY E 129 -8.10 -41.03 -14.91
N ALA E 130 -7.82 -40.60 -13.68
CA ALA E 130 -6.63 -41.04 -12.96
C ALA E 130 -6.83 -42.38 -12.24
N GLY E 131 -8.02 -42.97 -12.39
CA GLY E 131 -8.37 -44.23 -11.72
C GLY E 131 -8.65 -44.11 -10.24
N TRP E 132 -8.94 -42.89 -9.77
CA TRP E 132 -9.16 -42.64 -8.34
C TRP E 132 -10.62 -42.85 -7.99
N THR E 133 -10.90 -43.53 -6.88
CA THR E 133 -12.29 -43.79 -6.48
C THR E 133 -12.73 -42.96 -5.27
N GLY E 134 -11.88 -42.03 -4.84
CA GLY E 134 -12.23 -41.13 -3.75
C GLY E 134 -13.18 -40.03 -4.18
N HIS E 135 -13.45 -39.09 -3.28
CA HIS E 135 -14.39 -38.01 -3.52
C HIS E 135 -13.71 -36.66 -3.65
N VAL E 136 -14.02 -35.97 -4.75
CA VAL E 136 -13.62 -34.59 -4.93
C VAL E 136 -14.61 -33.78 -4.09
N ALA E 137 -14.10 -32.83 -3.33
CA ALA E 137 -14.95 -32.08 -2.40
C ALA E 137 -14.68 -30.60 -2.45
N GLY E 138 -15.70 -29.82 -2.07
CA GLY E 138 -15.53 -28.38 -1.90
C GLY E 138 -15.19 -28.05 -0.46
N THR E 139 -15.27 -26.76 -0.15
CA THR E 139 -14.82 -26.21 1.12
C THR E 139 -15.78 -25.12 1.58
N ARG E 140 -15.45 -24.48 2.72
CA ARG E 140 -16.19 -23.32 3.18
C ARG E 140 -15.72 -22.00 2.52
N LYS E 141 -14.88 -22.11 1.49
CA LYS E 141 -14.40 -20.95 0.75
C LYS E 141 -15.41 -20.54 -0.30
N THR E 142 -16.57 -20.11 0.18
CA THR E 142 -17.70 -19.76 -0.64
C THR E 142 -18.01 -18.26 -0.51
N THR E 143 -18.75 -17.71 -1.46
CA THR E 143 -19.16 -16.30 -1.39
C THR E 143 -20.13 -16.12 -0.25
N PRO E 144 -19.81 -15.22 0.70
CA PRO E 144 -20.71 -14.96 1.83
C PRO E 144 -22.17 -14.71 1.38
N GLY E 145 -23.11 -15.41 2.02
CA GLY E 145 -24.55 -15.29 1.70
C GLY E 145 -24.99 -16.17 0.55
N PHE E 146 -24.03 -16.73 -0.19
CA PHE E 146 -24.37 -17.48 -1.39
C PHE E 146 -24.01 -18.96 -1.29
N ARG E 147 -23.72 -19.43 -0.08
CA ARG E 147 -23.20 -20.79 0.10
C ARG E 147 -24.15 -21.88 -0.39
N LEU E 148 -25.45 -21.72 -0.12
CA LEU E 148 -26.43 -22.70 -0.55
C LEU E 148 -26.36 -23.00 -2.05
N VAL E 149 -26.29 -21.95 -2.85
CA VAL E 149 -26.18 -22.09 -4.30
C VAL E 149 -24.85 -22.73 -4.72
N GLU E 150 -23.76 -22.30 -4.10
CA GLU E 150 -22.43 -22.80 -4.48
C GLU E 150 -22.27 -24.28 -4.13
N LYS E 151 -22.74 -24.68 -2.95
CA LYS E 151 -22.64 -26.09 -2.53
C LYS E 151 -23.55 -26.97 -3.37
N TYR E 152 -24.75 -26.47 -3.68
CA TYR E 152 -25.65 -27.17 -4.56
C TYR E 152 -24.99 -27.38 -5.94
N GLY E 153 -24.30 -26.35 -6.44
CA GLY E 153 -23.57 -26.46 -7.71
C GLY E 153 -22.52 -27.55 -7.69
N LEU E 154 -21.75 -27.63 -6.60
CA LEU E 154 -20.75 -28.68 -6.44
C LEU E 154 -21.41 -30.04 -6.57
N LEU E 155 -22.53 -30.23 -5.89
CA LEU E 155 -23.26 -31.48 -5.92
C LEU E 155 -23.73 -31.86 -7.33
N VAL E 156 -24.28 -30.89 -8.06
CA VAL E 156 -24.74 -31.17 -9.42
C VAL E 156 -23.57 -31.59 -10.29
N GLY E 157 -22.41 -30.97 -10.06
CA GLY E 157 -21.18 -31.35 -10.79
C GLY E 157 -20.59 -32.68 -10.36
N GLY E 158 -21.14 -33.28 -9.30
CA GLY E 158 -20.67 -34.60 -8.85
C GLY E 158 -19.61 -34.57 -7.76
N ALA E 159 -19.32 -33.39 -7.23
CA ALA E 159 -18.42 -33.27 -6.08
C ALA E 159 -19.21 -33.35 -4.78
N ALA E 160 -18.52 -33.65 -3.68
CA ALA E 160 -19.14 -33.64 -2.35
C ALA E 160 -19.21 -32.20 -1.87
N SER E 161 -20.35 -31.80 -1.30
CA SER E 161 -20.43 -30.47 -0.69
C SER E 161 -19.43 -30.39 0.47
N HIS E 162 -19.36 -31.48 1.24
CA HIS E 162 -18.38 -31.65 2.32
C HIS E 162 -18.68 -30.67 3.44
N ARG E 163 -17.65 -30.07 4.04
CA ARG E 163 -17.86 -29.22 5.21
C ARG E 163 -18.71 -28.01 4.83
N TYR E 164 -19.91 -27.96 5.42
CA TYR E 164 -20.89 -26.92 5.07
C TYR E 164 -20.77 -25.66 5.93
N ASP E 165 -20.71 -25.83 7.24
CA ASP E 165 -20.58 -24.70 8.15
C ASP E 165 -19.90 -25.14 9.45
N LEU E 166 -19.80 -24.23 10.41
CA LEU E 166 -19.14 -24.52 11.69
C LEU E 166 -19.97 -25.37 12.67
N GLY E 167 -21.14 -25.80 12.24
CA GLY E 167 -21.97 -26.68 13.06
C GLY E 167 -21.89 -28.11 12.59
N GLY E 168 -21.05 -28.35 11.58
CA GLY E 168 -20.90 -29.68 11.01
C GLY E 168 -19.72 -30.29 11.73
N LEU E 169 -18.99 -31.16 11.09
CA LEU E 169 -17.86 -31.79 11.79
C LEU E 169 -16.97 -30.74 12.49
N VAL E 170 -16.26 -31.15 13.54
CA VAL E 170 -15.36 -30.25 14.25
C VAL E 170 -13.98 -30.23 13.58
N MET E 171 -13.68 -29.10 12.93
CA MET E 171 -12.44 -28.93 12.18
C MET E 171 -11.39 -28.31 13.09
N VAL E 172 -10.30 -29.04 13.31
CA VAL E 172 -9.18 -28.54 14.11
C VAL E 172 -8.08 -28.15 13.11
N LYS E 173 -7.93 -26.85 12.91
CA LYS E 173 -6.94 -26.30 11.98
C LYS E 173 -5.67 -26.01 12.73
N ASP E 174 -4.64 -25.59 11.98
CA ASP E 174 -3.40 -25.12 12.59
C ASP E 174 -3.64 -24.10 13.69
N ASN E 175 -4.54 -23.15 13.41
CA ASN E 175 -4.88 -22.10 14.36
C ASN E 175 -5.40 -22.61 15.70
N HIS E 176 -6.24 -23.63 15.64
CA HIS E 176 -6.79 -24.27 16.83
C HIS E 176 -5.71 -24.93 17.64
N VAL E 177 -4.78 -25.60 16.95
CA VAL E 177 -3.63 -26.23 17.59
C VAL E 177 -2.80 -25.22 18.39
N VAL E 178 -2.51 -24.08 17.78
CA VAL E 178 -1.77 -23.00 18.42
C VAL E 178 -2.52 -22.52 19.67
N ALA E 179 -3.80 -22.22 19.50
CA ALA E 179 -4.62 -21.74 20.62
C ALA E 179 -4.74 -22.76 21.76
N ALA E 180 -4.88 -24.05 21.43
CA ALA E 180 -5.04 -25.09 22.45
C ALA E 180 -3.70 -25.46 23.10
N GLY E 181 -2.61 -25.17 22.41
CA GLY E 181 -1.28 -25.48 22.91
C GLY E 181 -0.74 -26.85 22.53
N GLY E 182 -1.24 -27.40 21.43
CA GLY E 182 -0.72 -28.67 20.94
C GLY E 182 -1.80 -29.52 20.31
N VAL E 183 -1.39 -30.46 19.46
CA VAL E 183 -2.31 -31.28 18.69
C VAL E 183 -3.16 -32.17 19.61
N GLU E 184 -2.52 -32.82 20.57
CA GLU E 184 -3.20 -33.73 21.48
C GLU E 184 -4.28 -33.02 22.30
N LYS E 185 -3.94 -31.88 22.88
CA LYS E 185 -4.89 -31.05 23.63
C LYS E 185 -6.05 -30.58 22.76
N ALA E 186 -5.74 -30.11 21.55
CA ALA E 186 -6.75 -29.64 20.61
C ALA E 186 -7.73 -30.76 20.20
N VAL E 187 -7.19 -31.94 19.90
CA VAL E 187 -8.03 -33.05 19.43
C VAL E 187 -8.87 -33.61 20.58
N ARG E 188 -8.28 -33.69 21.77
CA ARG E 188 -9.01 -34.11 22.98
C ARG E 188 -10.24 -33.21 23.20
N ALA E 189 -10.03 -31.89 23.13
CA ALA E 189 -11.13 -30.93 23.25
C ALA E 189 -12.14 -31.07 22.13
N ALA E 190 -11.67 -31.27 20.89
CA ALA E 190 -12.56 -31.40 19.74
C ALA E 190 -13.44 -32.65 19.87
N ARG E 191 -12.83 -33.73 20.33
CA ARG E 191 -13.53 -35.01 20.52
C ARG E 191 -14.62 -34.88 21.59
N GLN E 192 -14.32 -34.16 22.67
CA GLN E 192 -15.30 -33.87 23.71
C GLN E 192 -16.49 -33.03 23.17
N ALA E 193 -16.20 -32.06 22.30
CA ALA E 193 -17.23 -31.21 21.72
C ALA E 193 -18.07 -31.94 20.65
N ALA E 194 -17.42 -32.81 19.88
CA ALA E 194 -18.08 -33.53 18.80
C ALA E 194 -18.95 -34.65 19.35
N ASP E 195 -18.47 -35.28 20.43
CA ASP E 195 -19.14 -36.40 21.08
C ASP E 195 -19.45 -37.48 20.03
N PHE E 196 -20.65 -38.07 20.08
CA PHE E 196 -21.00 -39.15 19.16
C PHE E 196 -21.61 -38.68 17.84
N ALA E 197 -22.17 -37.47 17.82
CA ALA E 197 -22.94 -37.00 16.68
C ALA E 197 -22.10 -36.44 15.55
N LEU E 198 -20.92 -35.91 15.87
CA LEU E 198 -20.09 -35.23 14.88
C LEU E 198 -18.73 -35.89 14.71
N LYS E 199 -18.17 -35.79 13.51
CA LYS E 199 -16.81 -36.23 13.24
C LYS E 199 -15.82 -35.14 13.66
N VAL E 200 -14.58 -35.54 13.85
CA VAL E 200 -13.47 -34.62 14.10
C VAL E 200 -12.48 -34.76 12.96
N GLU E 201 -12.12 -33.64 12.35
CA GLU E 201 -11.08 -33.59 11.33
C GLU E 201 -9.93 -32.70 11.80
N VAL E 202 -8.69 -33.12 11.54
CA VAL E 202 -7.50 -32.39 11.95
C VAL E 202 -6.57 -32.06 10.77
N GLU E 203 -6.24 -30.78 10.63
CA GLU E 203 -5.36 -30.30 9.60
C GLU E 203 -3.92 -30.53 10.04
N CYS E 204 -3.20 -31.30 9.25
CA CYS E 204 -1.86 -31.75 9.61
C CYS E 204 -0.86 -31.34 8.54
N SER E 205 0.31 -30.89 8.96
CA SER E 205 1.34 -30.38 8.05
C SER E 205 2.51 -31.36 7.92
N SER E 206 2.56 -32.33 8.84
CA SER E 206 3.54 -33.39 8.79
C SER E 206 2.89 -34.70 9.18
N LEU E 207 3.61 -35.80 8.93
CA LEU E 207 3.22 -37.13 9.36
C LEU E 207 3.17 -37.26 10.88
N GLN E 208 4.08 -36.55 11.55
CA GLN E 208 4.14 -36.61 13.01
C GLN E 208 2.81 -36.12 13.56
N GLU E 209 2.35 -34.98 13.04
CA GLU E 209 1.08 -34.39 13.46
C GLU E 209 -0.11 -35.31 13.18
N ALA E 210 -0.05 -36.04 12.06
CA ALA E 210 -1.15 -36.89 11.61
C ALA E 210 -1.33 -38.11 12.51
N VAL E 211 -0.20 -38.66 12.99
CA VAL E 211 -0.20 -39.80 13.92
C VAL E 211 -0.74 -39.37 15.26
N GLN E 212 -0.31 -38.20 15.72
CA GLN E 212 -0.84 -37.63 16.96
C GLN E 212 -2.35 -37.45 16.88
N ALA E 213 -2.83 -36.90 15.76
CA ALA E 213 -4.26 -36.67 15.56
C ALA E 213 -5.05 -37.98 15.58
N ALA E 214 -4.56 -38.97 14.86
CA ALA E 214 -5.21 -40.27 14.78
C ALA E 214 -5.23 -40.95 16.14
N GLU E 215 -4.07 -41.02 16.80
CA GLU E 215 -3.99 -41.57 18.16
C GLU E 215 -4.92 -40.86 19.13
N ALA E 216 -5.24 -39.60 18.85
CA ALA E 216 -6.13 -38.83 19.72
C ALA E 216 -7.60 -38.97 19.31
N GLY E 217 -7.85 -39.76 18.25
CA GLY E 217 -9.22 -40.12 17.88
C GLY E 217 -9.85 -39.37 16.72
N ALA E 218 -9.03 -38.71 15.90
CA ALA E 218 -9.55 -37.97 14.76
C ALA E 218 -10.21 -38.96 13.80
N ASP E 219 -11.35 -38.58 13.23
CA ASP E 219 -12.02 -39.37 12.20
C ASP E 219 -11.38 -39.15 10.84
N LEU E 220 -10.99 -37.90 10.59
CA LEU E 220 -10.35 -37.53 9.34
C LEU E 220 -9.07 -36.78 9.61
N VAL E 221 -8.05 -37.10 8.83
CA VAL E 221 -6.79 -36.38 8.89
C VAL E 221 -6.63 -35.65 7.56
N LEU E 222 -6.50 -34.33 7.65
CA LEU E 222 -6.37 -33.51 6.47
C LEU E 222 -4.89 -33.17 6.30
N LEU E 223 -4.30 -33.72 5.24
CA LEU E 223 -2.90 -33.48 4.94
C LEU E 223 -2.83 -32.26 4.05
N ASP E 224 -2.40 -31.14 4.63
CA ASP E 224 -2.51 -29.84 3.99
C ASP E 224 -1.18 -29.36 3.40
N ASN E 225 -1.24 -28.94 2.15
CA ASN E 225 -0.09 -28.38 1.41
C ASN E 225 1.14 -29.27 1.37
N PHE E 226 0.90 -30.58 1.24
CA PHE E 226 1.98 -31.54 1.00
C PHE E 226 2.31 -31.51 -0.48
N LYS E 227 3.56 -31.76 -0.81
CA LYS E 227 3.93 -32.14 -2.18
C LYS E 227 3.45 -33.58 -2.38
N PRO E 228 2.94 -33.91 -3.58
CA PRO E 228 2.49 -35.28 -3.90
C PRO E 228 3.47 -36.37 -3.50
N GLU E 229 4.77 -36.14 -3.70
CA GLU E 229 5.81 -37.13 -3.34
C GLU E 229 5.92 -37.37 -1.83
N GLU E 230 5.47 -36.40 -1.04
CA GLU E 230 5.42 -36.54 0.42
C GLU E 230 4.05 -37.02 0.87
N LEU E 231 3.02 -36.60 0.15
CA LEU E 231 1.62 -36.91 0.48
C LEU E 231 1.36 -38.42 0.56
N HIS E 232 1.68 -39.12 -0.52
CA HIS E 232 1.33 -40.54 -0.63
C HIS E 232 2.04 -41.49 0.35
N PRO E 233 3.38 -41.33 0.56
CA PRO E 233 4.04 -42.11 1.61
C PRO E 233 3.49 -41.85 3.01
N THR E 234 3.12 -40.59 3.29
CA THR E 234 2.50 -40.21 4.57
C THR E 234 1.15 -40.90 4.75
N ALA E 235 0.30 -40.82 3.73
CA ALA E 235 -1.02 -41.45 3.76
C ALA E 235 -0.92 -42.98 3.87
N THR E 236 0.08 -43.55 3.22
CA THR E 236 0.32 -44.99 3.25
C THR E 236 0.61 -45.47 4.68
N VAL E 237 1.60 -44.83 5.29
CA VAL E 237 1.99 -45.08 6.69
C VAL E 237 0.79 -44.90 7.63
N LEU E 238 0.04 -43.83 7.42
CA LEU E 238 -1.12 -43.54 8.23
C LEU E 238 -2.20 -44.61 8.15
N LYS E 239 -2.55 -45.00 6.92
CA LYS E 239 -3.53 -46.06 6.67
C LYS E 239 -3.11 -47.42 7.24
N ALA E 240 -1.80 -47.70 7.20
CA ALA E 240 -1.24 -48.93 7.76
C ALA E 240 -1.52 -49.03 9.26
N GLN E 241 -1.34 -47.92 9.96
CA GLN E 241 -1.45 -47.88 11.41
C GLN E 241 -2.87 -47.58 11.88
N PHE E 242 -3.58 -46.72 11.14
CA PHE E 242 -4.95 -46.36 11.48
C PHE E 242 -5.89 -46.58 10.28
N PRO E 243 -6.30 -47.85 10.05
CA PRO E 243 -7.09 -48.23 8.87
C PRO E 243 -8.47 -47.58 8.78
N SER E 244 -9.07 -47.21 9.92
CA SER E 244 -10.40 -46.58 9.95
C SER E 244 -10.40 -45.06 9.81
N VAL E 245 -9.21 -44.45 9.85
CA VAL E 245 -9.12 -42.99 9.70
C VAL E 245 -9.15 -42.64 8.22
N ALA E 246 -10.02 -41.71 7.84
CA ALA E 246 -10.07 -41.21 6.48
C ALA E 246 -8.97 -40.16 6.26
N VAL E 247 -8.48 -40.07 5.03
CA VAL E 247 -7.44 -39.12 4.70
C VAL E 247 -7.93 -38.14 3.64
N GLU E 248 -7.79 -36.84 3.95
CA GLU E 248 -8.12 -35.78 3.01
C GLU E 248 -6.85 -35.05 2.60
N ALA E 249 -6.74 -34.72 1.31
CA ALA E 249 -5.65 -33.91 0.82
C ALA E 249 -6.19 -32.56 0.37
N SER E 250 -5.49 -31.49 0.72
CA SER E 250 -5.85 -30.15 0.28
C SER E 250 -4.63 -29.23 0.22
N GLY E 251 -4.77 -28.13 -0.50
CA GLY E 251 -3.75 -27.09 -0.50
C GLY E 251 -3.01 -27.05 -1.81
N GLY E 252 -3.31 -26.04 -2.62
CA GLY E 252 -2.61 -25.84 -3.89
C GLY E 252 -2.97 -26.85 -4.97
N ILE E 253 -4.16 -27.44 -4.83
CA ILE E 253 -4.62 -28.42 -5.81
C ILE E 253 -5.40 -27.70 -6.89
N THR E 254 -5.07 -27.99 -8.14
CA THR E 254 -5.70 -27.38 -9.29
C THR E 254 -6.24 -28.50 -10.19
N LEU E 255 -7.07 -28.14 -11.17
CA LEU E 255 -7.53 -29.11 -12.14
C LEU E 255 -6.34 -29.81 -12.82
N ASP E 256 -5.30 -29.05 -13.16
CA ASP E 256 -4.12 -29.58 -13.86
C ASP E 256 -3.28 -30.55 -13.04
N ASN E 257 -3.11 -30.28 -11.73
CA ASN E 257 -2.25 -31.14 -10.90
C ASN E 257 -3.03 -32.17 -10.08
N LEU E 258 -4.36 -32.11 -10.16
CA LEU E 258 -5.22 -33.04 -9.41
C LEU E 258 -4.82 -34.52 -9.51
N PRO E 259 -4.54 -35.06 -10.71
CA PRO E 259 -4.11 -36.46 -10.77
C PRO E 259 -2.91 -36.80 -9.88
N GLN E 260 -2.01 -35.85 -9.64
CA GLN E 260 -0.83 -36.10 -8.79
C GLN E 260 -1.21 -36.34 -7.32
N PHE E 261 -2.33 -35.75 -6.92
CA PHE E 261 -2.82 -35.86 -5.54
C PHE E 261 -3.72 -37.09 -5.35
N CYS E 262 -4.16 -37.68 -6.46
CA CYS E 262 -4.91 -38.94 -6.42
C CYS E 262 -3.99 -40.10 -6.07
N GLY E 263 -4.45 -40.94 -5.15
CA GLY E 263 -3.70 -42.15 -4.77
C GLY E 263 -4.62 -43.06 -3.98
N PRO E 264 -4.24 -44.33 -3.82
CA PRO E 264 -5.09 -45.31 -3.16
C PRO E 264 -5.35 -45.06 -1.68
N HIS E 265 -4.51 -44.24 -1.04
CA HIS E 265 -4.69 -43.96 0.39
C HIS E 265 -5.23 -42.57 0.69
N ILE E 266 -5.70 -41.89 -0.35
CA ILE E 266 -6.37 -40.59 -0.21
C ILE E 266 -7.85 -40.83 -0.46
N ASP E 267 -8.69 -40.40 0.48
CA ASP E 267 -10.14 -40.62 0.40
C ASP E 267 -10.86 -39.41 -0.15
N VAL E 268 -10.36 -38.23 0.21
CA VAL E 268 -11.02 -36.97 -0.14
C VAL E 268 -9.97 -35.99 -0.65
N ILE E 269 -10.31 -35.27 -1.71
CA ILE E 269 -9.47 -34.18 -2.19
C ILE E 269 -10.36 -32.95 -2.26
N SER E 270 -10.06 -31.96 -1.42
CA SER E 270 -10.85 -30.75 -1.41
C SER E 270 -10.13 -29.61 -2.11
N MET E 271 -10.89 -28.82 -2.85
CA MET E 271 -10.35 -27.78 -3.70
C MET E 271 -11.10 -26.48 -3.47
N GLY E 272 -10.39 -25.49 -2.92
CA GLY E 272 -10.94 -24.13 -2.81
C GLY E 272 -11.28 -23.53 -4.17
N MET E 273 -10.48 -23.85 -5.19
CA MET E 273 -10.68 -23.27 -6.53
C MET E 273 -12.06 -23.53 -7.14
N LEU E 274 -12.68 -24.65 -6.75
CA LEU E 274 -13.99 -25.02 -7.31
C LEU E 274 -15.07 -23.99 -7.01
N THR E 275 -14.90 -23.26 -5.90
CA THR E 275 -15.81 -22.18 -5.55
C THR E 275 -15.16 -20.80 -5.60
N GLN E 276 -13.85 -20.72 -5.47
CA GLN E 276 -13.17 -19.41 -5.44
C GLN E 276 -12.75 -18.90 -6.81
N ALA E 277 -12.64 -19.82 -7.77
CA ALA E 277 -12.08 -19.47 -9.07
C ALA E 277 -12.77 -20.20 -10.22
N ALA E 278 -14.08 -20.38 -10.13
CA ALA E 278 -14.82 -20.97 -11.23
C ALA E 278 -15.53 -19.83 -11.97
N PRO E 279 -15.13 -19.55 -13.22
CA PRO E 279 -15.79 -18.48 -13.97
C PRO E 279 -17.27 -18.81 -14.19
N ALA E 280 -18.12 -17.79 -14.11
CA ALA E 280 -19.55 -17.98 -14.40
C ALA E 280 -19.74 -18.35 -15.87
N LEU E 281 -20.77 -19.14 -16.17
CA LEU E 281 -21.07 -19.47 -17.55
C LEU E 281 -21.86 -18.31 -18.18
N ASP E 282 -21.84 -18.24 -19.50
CA ASP E 282 -22.51 -17.18 -20.23
C ASP E 282 -23.90 -17.67 -20.62
N PHE E 283 -24.93 -17.07 -20.02
CA PHE E 283 -26.34 -17.33 -20.36
C PHE E 283 -26.99 -16.01 -20.75
N SER E 284 -27.98 -16.07 -21.63
CA SER E 284 -28.81 -14.91 -21.93
C SER E 284 -30.27 -15.31 -21.97
N LEU E 285 -31.14 -14.33 -21.75
CA LEU E 285 -32.58 -14.54 -21.75
C LEU E 285 -33.12 -13.56 -22.77
N LYS E 286 -33.73 -14.09 -23.82
CA LYS E 286 -34.17 -13.25 -24.91
C LYS E 286 -35.68 -13.33 -25.09
N LEU E 287 -36.33 -12.19 -24.84
CA LEU E 287 -37.76 -12.04 -25.06
C LEU E 287 -38.03 -12.07 -26.57
N PHE E 288 -38.87 -12.99 -27.02
CA PHE E 288 -39.06 -13.09 -28.47
C PHE E 288 -40.48 -12.92 -28.94
N ALA E 289 -41.43 -12.96 -28.01
CA ALA E 289 -42.82 -12.78 -28.37
C ALA E 289 -43.55 -12.08 -27.22
N LYS E 290 -44.50 -11.21 -27.56
CA LYS E 290 -45.29 -10.52 -26.55
C LYS E 290 -46.75 -10.24 -26.93
N GLU E 291 -47.64 -10.58 -25.99
CA GLU E 291 -49.13 -10.35 -25.95
C GLU E 291 -49.92 -11.63 -26.13
N VAL E 292 -51.15 -11.58 -26.09
N ASP F 4 -10.08 8.37 -4.64
CA ASP F 4 -8.93 7.85 -3.83
C ASP F 4 -9.42 6.67 -3.00
N ALA F 5 -8.73 5.53 -3.14
CA ALA F 5 -9.16 4.25 -2.55
C ALA F 5 -9.44 4.31 -1.04
N GLU F 6 -8.60 5.01 -0.31
CA GLU F 6 -8.74 5.10 1.15
C GLU F 6 -10.01 5.85 1.60
N GLY F 7 -10.53 6.75 0.75
CA GLY F 7 -11.77 7.48 1.05
C GLY F 7 -13.06 6.76 0.66
N LEU F 8 -12.96 5.66 -0.07
CA LEU F 8 -14.13 4.93 -0.57
C LEU F 8 -14.97 4.29 0.52
N ALA F 9 -14.37 3.97 1.67
CA ALA F 9 -15.11 3.32 2.75
C ALA F 9 -16.28 4.20 3.24
N LEU F 10 -16.18 5.49 3.04
CA LEU F 10 -17.26 6.41 3.44
C LEU F 10 -18.59 6.14 2.71
N LEU F 11 -18.52 5.47 1.58
CA LEU F 11 -19.69 5.06 0.79
C LEU F 11 -20.59 4.02 1.48
N LEU F 12 -20.06 3.36 2.49
CA LEU F 12 -20.68 2.20 3.11
C LEU F 12 -21.31 2.59 4.47
N PRO F 13 -22.65 2.65 4.54
CA PRO F 13 -23.29 2.97 5.83
C PRO F 13 -23.07 1.86 6.86
N PRO F 14 -22.75 2.22 8.13
CA PRO F 14 -22.31 1.21 9.10
C PRO F 14 -23.43 0.21 9.45
N VAL F 15 -24.68 0.65 9.36
CA VAL F 15 -25.82 -0.19 9.68
C VAL F 15 -26.04 -1.24 8.57
N THR F 16 -25.84 -0.83 7.33
CA THR F 16 -25.89 -1.74 6.19
C THR F 16 -24.82 -2.84 6.28
N LEU F 17 -23.59 -2.44 6.62
CA LEU F 17 -22.49 -3.39 6.82
C LEU F 17 -22.81 -4.36 7.93
N ALA F 18 -23.32 -3.83 9.05
CA ALA F 18 -23.58 -4.65 10.22
C ALA F 18 -24.57 -5.77 9.89
N ALA F 19 -25.64 -5.42 9.18
CA ALA F 19 -26.69 -6.38 8.83
C ALA F 19 -26.15 -7.46 7.88
N LEU F 20 -25.36 -7.02 6.91
CA LEU F 20 -24.74 -7.91 5.93
C LEU F 20 -23.81 -8.88 6.63
N VAL F 21 -22.92 -8.32 7.45
CA VAL F 21 -21.98 -9.08 8.22
C VAL F 21 -22.67 -10.09 9.14
N ASP F 22 -23.74 -9.65 9.80
CA ASP F 22 -24.49 -10.57 10.65
C ASP F 22 -25.06 -11.76 9.85
N SER F 23 -25.57 -11.50 8.63
CA SER F 23 -26.14 -12.57 7.81
C SER F 23 -25.07 -13.58 7.39
N TRP F 24 -23.86 -13.09 7.13
CA TRP F 24 -22.73 -13.96 6.76
C TRP F 24 -22.30 -14.83 7.92
N LEU F 25 -22.23 -14.25 9.12
CA LEU F 25 -21.89 -15.02 10.31
C LEU F 25 -22.96 -16.06 10.64
N ARG F 26 -24.23 -15.71 10.43
CA ARG F 26 -25.33 -16.66 10.65
C ARG F 26 -25.26 -17.82 9.65
N GLU F 27 -24.92 -17.51 8.40
CA GLU F 27 -24.73 -18.55 7.38
C GLU F 27 -23.65 -19.56 7.79
N ASP F 28 -22.55 -19.06 8.32
CA ASP F 28 -21.41 -19.91 8.63
C ASP F 28 -21.52 -20.62 9.98
N CYS F 29 -22.38 -20.11 10.87
CA CYS F 29 -22.55 -20.74 12.19
C CYS F 29 -23.97 -20.55 12.67
N PRO F 30 -24.91 -21.35 12.16
CA PRO F 30 -26.32 -21.14 12.52
C PRO F 30 -26.72 -21.53 13.94
N GLY F 31 -25.91 -22.35 14.62
CA GLY F 31 -26.24 -22.82 15.96
C GLY F 31 -25.03 -22.71 16.90
N LEU F 32 -24.63 -23.83 17.48
CA LEU F 32 -23.47 -23.87 18.38
C LEU F 32 -22.15 -23.82 17.62
N ASN F 33 -21.18 -23.07 18.17
CA ASN F 33 -19.83 -23.01 17.61
C ASN F 33 -18.91 -23.97 18.36
N TYR F 34 -19.04 -25.27 18.06
CA TYR F 34 -18.33 -26.33 18.76
C TYR F 34 -16.83 -26.08 18.86
N ALA F 35 -16.23 -25.59 17.78
CA ALA F 35 -14.78 -25.35 17.72
C ALA F 35 -14.29 -24.32 18.74
N ALA F 36 -15.19 -23.49 19.26
CA ALA F 36 -14.82 -22.51 20.30
C ALA F 36 -14.21 -23.19 21.52
N LEU F 37 -14.71 -24.40 21.83
CA LEU F 37 -14.20 -25.17 22.96
C LEU F 37 -12.78 -25.66 22.76
N VAL F 38 -12.33 -25.73 21.51
CA VAL F 38 -10.97 -26.18 21.20
C VAL F 38 -9.96 -25.05 21.45
N SER F 39 -10.29 -23.84 21.00
CA SER F 39 -9.35 -22.72 21.14
C SER F 39 -9.45 -22.00 22.49
N GLY F 40 -10.64 -21.99 23.09
CA GLY F 40 -10.86 -21.18 24.29
C GLY F 40 -10.94 -19.69 23.97
N ALA F 41 -10.95 -18.87 25.02
CA ALA F 41 -11.17 -17.42 24.85
C ALA F 41 -9.94 -16.56 25.16
N GLY F 42 -8.78 -17.18 25.31
CA GLY F 42 -7.55 -16.44 25.61
C GLY F 42 -7.28 -15.33 24.61
N PRO F 43 -6.82 -14.16 25.10
CA PRO F 43 -6.49 -13.07 24.17
C PRO F 43 -5.42 -13.54 23.20
N SER F 44 -5.67 -13.32 21.91
CA SER F 44 -4.81 -13.84 20.87
C SER F 44 -4.52 -12.79 19.80
N GLN F 45 -3.63 -13.15 18.88
CA GLN F 45 -3.28 -12.31 17.73
C GLN F 45 -3.10 -13.21 16.54
N ALA F 46 -3.49 -12.72 15.39
CA ALA F 46 -3.35 -13.45 14.15
C ALA F 46 -2.82 -12.50 13.08
N ALA F 47 -1.94 -13.02 12.23
CA ALA F 47 -1.36 -12.24 11.13
C ALA F 47 -2.11 -12.57 9.84
N LEU F 48 -2.51 -11.54 9.12
CA LEU F 48 -3.15 -11.66 7.82
C LEU F 48 -2.07 -11.63 6.75
N TRP F 49 -2.01 -12.69 5.93
CA TRP F 49 -0.99 -12.79 4.89
C TRP F 49 -1.62 -12.76 3.49
N ALA F 50 -1.03 -11.99 2.59
CA ALA F 50 -1.44 -11.94 1.19
C ALA F 50 -0.52 -12.86 0.38
N LYS F 51 -1.11 -13.85 -0.30
CA LYS F 51 -0.32 -14.86 -1.00
C LYS F 51 -0.47 -14.73 -2.51
N SER F 52 -1.23 -13.73 -2.95
CA SER F 52 -1.48 -13.46 -4.38
C SER F 52 -1.08 -12.04 -4.74
N PRO F 53 -0.62 -11.82 -5.99
CA PRO F 53 -0.45 -10.44 -6.40
C PRO F 53 -1.81 -9.82 -6.73
N GLY F 54 -1.87 -8.50 -6.69
CA GLY F 54 -3.10 -7.79 -7.03
C GLY F 54 -3.25 -6.53 -6.24
N VAL F 55 -4.50 -6.20 -5.93
CA VAL F 55 -4.85 -4.97 -5.23
C VAL F 55 -5.65 -5.37 -4.00
N LEU F 56 -5.28 -4.80 -2.86
CA LEU F 56 -6.01 -5.03 -1.61
C LEU F 56 -7.32 -4.26 -1.57
N ALA F 57 -8.43 -4.96 -1.36
CA ALA F 57 -9.75 -4.31 -1.24
C ALA F 57 -10.65 -5.08 -0.29
N GLY F 58 -11.39 -4.35 0.52
CA GLY F 58 -12.43 -4.95 1.37
C GLY F 58 -12.15 -4.75 2.84
N GLN F 59 -11.16 -3.91 3.18
CA GLN F 59 -10.89 -3.60 4.59
C GLN F 59 -12.12 -3.25 5.45
N PRO F 60 -13.04 -2.38 4.95
CA PRO F 60 -14.21 -2.07 5.79
C PRO F 60 -15.11 -3.26 6.14
N PHE F 61 -15.25 -4.23 5.23
CA PHE F 61 -16.04 -5.43 5.48
C PHE F 61 -15.30 -6.37 6.44
N PHE F 62 -14.00 -6.54 6.21
CA PHE F 62 -13.15 -7.37 7.06
C PHE F 62 -13.20 -6.81 8.49
N ASP F 63 -13.07 -5.50 8.62
CA ASP F 63 -13.16 -4.81 9.93
C ASP F 63 -14.52 -5.01 10.58
N ALA F 64 -15.58 -4.89 9.77
CA ALA F 64 -16.95 -4.95 10.31
C ALA F 64 -17.19 -6.34 10.88
N ILE F 65 -16.70 -7.36 10.19
CA ILE F 65 -16.87 -8.74 10.65
C ILE F 65 -16.25 -8.90 12.04
N PHE F 66 -15.01 -8.45 12.18
CA PHE F 66 -14.30 -8.67 13.44
C PHE F 66 -14.81 -7.79 14.55
N THR F 67 -15.28 -6.59 14.20
CA THR F 67 -15.91 -5.69 15.17
C THR F 67 -17.17 -6.34 15.78
N GLN F 68 -17.98 -7.00 14.94
CA GLN F 68 -19.16 -7.75 15.44
C GLN F 68 -18.76 -8.88 16.40
N LEU F 69 -17.50 -9.32 16.30
CA LEU F 69 -16.99 -10.42 17.13
C LEU F 69 -16.04 -9.92 18.20
N ASN F 70 -16.10 -8.61 18.45
CA ASN F 70 -15.31 -7.97 19.49
C ASN F 70 -13.80 -8.18 19.32
N CYS F 71 -13.36 -8.09 18.07
CA CYS F 71 -11.94 -8.19 17.72
C CYS F 71 -11.54 -6.90 17.05
N GLN F 72 -10.24 -6.60 17.09
CA GLN F 72 -9.71 -5.36 16.52
C GLN F 72 -8.73 -5.69 15.41
N VAL F 73 -8.66 -4.82 14.40
CA VAL F 73 -7.78 -5.03 13.25
C VAL F 73 -6.82 -3.84 13.08
N SER F 74 -5.54 -4.12 12.93
CA SER F 74 -4.54 -3.11 12.57
C SER F 74 -4.04 -3.43 11.17
N TRP F 75 -4.22 -2.50 10.25
CA TRP F 75 -3.78 -2.64 8.86
C TRP F 75 -2.40 -2.06 8.64
N PHE F 76 -1.56 -2.79 7.90
CA PHE F 76 -0.20 -2.35 7.65
C PHE F 76 -0.06 -1.74 6.25
N LEU F 77 -1.11 -1.88 5.46
CA LEU F 77 -1.17 -1.36 4.10
C LEU F 77 -2.51 -0.64 3.96
N PRO F 78 -2.53 0.51 3.28
CA PRO F 78 -3.81 1.14 2.99
C PRO F 78 -4.69 0.39 2.00
N GLU F 79 -5.99 0.66 2.09
CA GLU F 79 -6.93 0.11 1.13
C GLU F 79 -6.48 0.49 -0.29
N GLY F 80 -6.58 -0.47 -1.22
CA GLY F 80 -6.18 -0.22 -2.59
C GLY F 80 -4.70 -0.39 -2.89
N SER F 81 -3.90 -0.75 -1.88
CA SER F 81 -2.45 -0.91 -2.12
C SER F 81 -2.17 -2.12 -3.01
N LYS F 82 -1.06 -2.10 -3.73
CA LYS F 82 -0.60 -3.26 -4.47
C LYS F 82 -0.14 -4.36 -3.51
N LEU F 83 -0.54 -5.58 -3.83
CA LEU F 83 -0.11 -6.74 -3.06
C LEU F 83 0.97 -7.47 -3.83
N VAL F 84 2.09 -7.69 -3.14
CA VAL F 84 3.23 -8.43 -3.69
C VAL F 84 3.51 -9.57 -2.71
N PRO F 85 3.14 -10.80 -3.09
CA PRO F 85 3.27 -11.90 -2.14
C PRO F 85 4.74 -12.30 -1.88
N VAL F 86 5.05 -12.87 -0.71
CA VAL F 86 4.10 -13.07 0.38
C VAL F 86 4.22 -11.89 1.34
N ALA F 87 3.11 -11.20 1.55
CA ALA F 87 3.10 -9.94 2.29
C ALA F 87 2.29 -10.03 3.57
N ARG F 88 2.88 -9.58 4.68
CA ARG F 88 2.16 -9.44 5.92
C ARG F 88 1.40 -8.14 5.86
N VAL F 89 0.08 -8.22 5.95
CA VAL F 89 -0.77 -7.04 5.66
C VAL F 89 -1.62 -6.51 6.80
N ALA F 90 -1.87 -7.33 7.80
CA ALA F 90 -2.60 -6.91 8.99
C ALA F 90 -2.36 -7.81 10.23
N GLU F 91 -2.80 -7.30 11.38
CA GLU F 91 -2.92 -8.08 12.60
C GLU F 91 -4.35 -7.95 13.11
N VAL F 92 -4.88 -9.05 13.61
CA VAL F 92 -6.22 -9.07 14.19
C VAL F 92 -6.03 -9.53 15.63
N ARG F 93 -6.67 -8.83 16.56
CA ARG F 93 -6.56 -9.15 17.96
C ARG F 93 -7.91 -9.43 18.59
N GLY F 94 -7.97 -10.42 19.48
CA GLY F 94 -9.17 -10.66 20.28
C GLY F 94 -9.19 -12.03 20.92
N PRO F 95 -10.33 -12.41 21.55
CA PRO F 95 -10.38 -13.75 22.13
C PRO F 95 -10.20 -14.79 21.03
N ALA F 96 -9.48 -15.86 21.34
CA ALA F 96 -9.12 -16.87 20.32
C ALA F 96 -10.33 -17.37 19.54
N HIS F 97 -11.40 -17.73 20.24
CA HIS F 97 -12.57 -18.33 19.61
C HIS F 97 -13.26 -17.33 18.70
N CYS F 98 -13.23 -16.05 19.07
CA CYS F 98 -13.80 -15.00 18.23
C CYS F 98 -13.00 -14.80 16.96
N LEU F 99 -11.68 -14.78 17.08
CA LEU F 99 -10.81 -14.69 15.89
C LEU F 99 -11.09 -15.82 14.92
N LEU F 100 -11.20 -17.04 15.45
CA LEU F 100 -11.38 -18.19 14.59
C LEU F 100 -12.80 -18.33 14.05
N LEU F 101 -13.78 -17.78 14.76
CA LEU F 101 -15.16 -17.72 14.25
C LEU F 101 -15.28 -16.75 13.06
N GLY F 102 -14.57 -15.63 13.11
CA GLY F 102 -14.59 -14.68 12.02
C GLY F 102 -13.69 -15.02 10.84
N GLU F 103 -12.68 -15.86 11.09
CA GLU F 103 -11.62 -16.10 10.12
C GLU F 103 -12.12 -16.38 8.71
N ARG F 104 -12.95 -17.41 8.55
CA ARG F 104 -13.29 -17.87 7.20
C ARG F 104 -14.14 -16.83 6.44
N VAL F 105 -15.20 -16.35 7.07
CA VAL F 105 -16.04 -15.30 6.46
C VAL F 105 -15.21 -14.07 6.06
N ALA F 106 -14.32 -13.64 6.95
CA ALA F 106 -13.49 -12.45 6.68
C ALA F 106 -12.54 -12.69 5.53
N LEU F 107 -11.89 -13.85 5.49
CA LEU F 107 -11.00 -14.19 4.39
C LEU F 107 -11.76 -14.32 3.08
N ASN F 108 -12.93 -14.99 3.11
CA ASN F 108 -13.76 -15.14 1.91
C ASN F 108 -14.13 -13.79 1.30
N THR F 109 -14.51 -12.85 2.17
CA THR F 109 -14.92 -11.51 1.77
C THR F 109 -13.74 -10.75 1.17
N LEU F 110 -12.63 -10.70 1.90
CA LEU F 110 -11.44 -9.98 1.44
C LEU F 110 -10.91 -10.56 0.14
N ALA F 111 -10.89 -11.88 0.04
CA ALA F 111 -10.38 -12.54 -1.14
C ALA F 111 -11.15 -12.15 -2.42
N ARG F 112 -12.47 -12.10 -2.30
CA ARG F 112 -13.32 -11.79 -3.46
C ARG F 112 -13.32 -10.30 -3.79
N CYS F 113 -13.39 -9.46 -2.77
CA CYS F 113 -13.29 -8.02 -2.99
C CYS F 113 -11.97 -7.65 -3.64
N SER F 114 -10.87 -8.19 -3.11
CA SER F 114 -9.55 -7.97 -3.67
C SER F 114 -9.40 -8.57 -5.06
N GLY F 115 -10.01 -9.74 -5.30
CA GLY F 115 -9.95 -10.38 -6.63
C GLY F 115 -10.57 -9.49 -7.70
N ILE F 116 -11.70 -8.88 -7.36
CA ILE F 116 -12.40 -7.92 -8.24
C ILE F 116 -11.63 -6.60 -8.40
N ALA F 117 -11.13 -6.05 -7.30
CA ALA F 117 -10.30 -4.85 -7.38
C ALA F 117 -9.08 -5.08 -8.27
N SER F 118 -8.49 -6.27 -8.17
CA SER F 118 -7.30 -6.61 -8.96
C SER F 118 -7.63 -6.66 -10.45
N ALA F 119 -8.76 -7.30 -10.80
CA ALA F 119 -9.19 -7.37 -12.19
C ALA F 119 -9.50 -5.97 -12.73
N ALA F 120 -10.19 -5.17 -11.92
CA ALA F 120 -10.50 -3.77 -12.30
C ALA F 120 -9.21 -2.97 -12.55
N ALA F 121 -8.26 -3.09 -11.65
CA ALA F 121 -7.00 -2.35 -11.78
C ALA F 121 -6.23 -2.76 -13.01
N ALA F 122 -6.25 -4.06 -13.34
CA ALA F 122 -5.59 -4.55 -14.56
C ALA F 122 -6.25 -3.94 -15.81
N ALA F 123 -7.58 -3.88 -15.81
CA ALA F 123 -8.34 -3.31 -16.92
C ALA F 123 -8.08 -1.81 -17.05
N VAL F 124 -8.08 -1.11 -15.92
CA VAL F 124 -7.84 0.32 -15.89
C VAL F 124 -6.43 0.61 -16.45
N GLU F 125 -5.46 -0.18 -16.01
CA GLU F 125 -4.08 -0.06 -16.49
C GLU F 125 -3.96 -0.30 -18.00
N ALA F 126 -4.62 -1.34 -18.51
CA ALA F 126 -4.61 -1.64 -19.94
C ALA F 126 -5.22 -0.48 -20.74
N ALA F 127 -6.35 0.04 -20.27
CA ALA F 127 -7.00 1.19 -20.91
C ALA F 127 -6.09 2.42 -20.90
N ARG F 128 -5.47 2.70 -19.76
CA ARG F 128 -4.53 3.83 -19.66
C ARG F 128 -3.32 3.63 -20.58
N GLY F 129 -2.78 2.42 -20.62
CA GLY F 129 -1.69 2.09 -21.53
C GLY F 129 -2.04 2.31 -23.00
N ALA F 130 -3.33 2.18 -23.31
CA ALA F 130 -3.83 2.44 -24.67
C ALA F 130 -4.07 3.92 -24.96
N GLY F 131 -3.83 4.78 -23.96
CA GLY F 131 -4.04 6.22 -24.11
C GLY F 131 -5.50 6.64 -24.01
N TRP F 132 -6.34 5.79 -23.41
CA TRP F 132 -7.77 6.06 -23.31
C TRP F 132 -8.07 6.83 -22.03
N THR F 133 -8.92 7.84 -22.12
CA THR F 133 -9.29 8.63 -20.95
C THR F 133 -10.72 8.37 -20.45
N GLY F 134 -11.39 7.39 -21.04
CA GLY F 134 -12.72 6.99 -20.60
C GLY F 134 -12.68 6.17 -19.32
N HIS F 135 -13.85 5.69 -18.91
CA HIS F 135 -14.00 4.95 -17.66
C HIS F 135 -14.27 3.49 -17.90
N VAL F 136 -13.46 2.65 -17.27
CA VAL F 136 -13.75 1.22 -17.20
C VAL F 136 -14.83 1.07 -16.13
N ALA F 137 -15.86 0.26 -16.43
CA ALA F 137 -17.02 0.16 -15.55
C ALA F 137 -17.39 -1.30 -15.29
N GLY F 138 -18.06 -1.53 -14.16
CA GLY F 138 -18.71 -2.81 -13.91
C GLY F 138 -20.16 -2.81 -14.38
N THR F 139 -20.89 -3.85 -13.99
CA THR F 139 -22.23 -4.12 -14.47
C THR F 139 -23.05 -4.71 -13.31
N ARG F 140 -24.30 -5.08 -13.58
CA ARG F 140 -25.14 -5.73 -12.58
C ARG F 140 -24.93 -7.26 -12.57
N LYS F 141 -23.88 -7.74 -13.26
CA LYS F 141 -23.56 -9.17 -13.27
C LYS F 141 -22.74 -9.53 -12.05
N THR F 142 -23.40 -9.40 -10.90
CA THR F 142 -22.74 -9.57 -9.60
C THR F 142 -23.36 -10.80 -8.92
N THR F 143 -22.65 -11.34 -7.93
CA THR F 143 -23.19 -12.47 -7.16
C THR F 143 -24.37 -11.99 -6.31
N PRO F 144 -25.55 -12.64 -6.46
CA PRO F 144 -26.75 -12.26 -5.71
C PRO F 144 -26.47 -12.14 -4.21
N GLY F 145 -26.91 -11.02 -3.61
CA GLY F 145 -26.67 -10.75 -2.18
C GLY F 145 -25.32 -10.13 -1.83
N PHE F 146 -24.39 -10.13 -2.78
CA PHE F 146 -23.01 -9.73 -2.52
C PHE F 146 -22.63 -8.46 -3.31
N ARG F 147 -23.62 -7.78 -3.88
CA ARG F 147 -23.32 -6.67 -4.82
C ARG F 147 -22.51 -5.55 -4.16
N LEU F 148 -22.86 -5.19 -2.92
CA LEU F 148 -22.19 -4.08 -2.25
C LEU F 148 -20.67 -4.30 -2.18
N VAL F 149 -20.27 -5.52 -1.83
CA VAL F 149 -18.85 -5.86 -1.78
C VAL F 149 -18.18 -5.82 -3.18
N GLU F 150 -18.85 -6.41 -4.17
CA GLU F 150 -18.30 -6.46 -5.52
C GLU F 150 -18.18 -5.08 -6.14
N LYS F 151 -19.20 -4.24 -6.01
CA LYS F 151 -19.12 -2.86 -6.51
C LYS F 151 -18.06 -2.06 -5.79
N TYR F 152 -17.96 -2.24 -4.48
CA TYR F 152 -16.93 -1.54 -3.70
C TYR F 152 -15.54 -1.96 -4.22
N GLY F 153 -15.36 -3.26 -4.44
CA GLY F 153 -14.10 -3.77 -5.01
C GLY F 153 -13.74 -3.13 -6.35
N LEU F 154 -14.70 -3.06 -7.27
CA LEU F 154 -14.47 -2.33 -8.53
C LEU F 154 -13.95 -0.91 -8.29
N LEU F 155 -14.62 -0.18 -7.38
CA LEU F 155 -14.22 1.20 -7.06
C LEU F 155 -12.78 1.28 -6.54
N VAL F 156 -12.43 0.38 -5.63
CA VAL F 156 -11.06 0.34 -5.09
C VAL F 156 -10.03 0.11 -6.20
N GLY F 157 -10.39 -0.75 -7.16
CA GLY F 157 -9.53 -1.03 -8.32
C GLY F 157 -9.48 0.10 -9.34
N GLY F 158 -10.28 1.15 -9.13
CA GLY F 158 -10.27 2.30 -10.04
C GLY F 158 -11.29 2.25 -11.17
N ALA F 159 -12.18 1.25 -11.15
CA ALA F 159 -13.29 1.20 -12.09
C ALA F 159 -14.52 1.92 -11.55
N ALA F 160 -15.42 2.35 -12.44
CA ALA F 160 -16.71 2.89 -12.05
C ALA F 160 -17.64 1.74 -11.61
N SER F 161 -18.38 1.93 -10.51
CA SER F 161 -19.35 0.95 -10.13
C SER F 161 -20.44 0.87 -11.20
N HIS F 162 -20.84 2.05 -11.69
CA HIS F 162 -21.73 2.19 -12.83
C HIS F 162 -23.12 1.73 -12.43
N ARG F 163 -23.83 1.03 -13.31
CA ARG F 163 -25.24 0.66 -13.02
C ARG F 163 -25.29 -0.27 -11.78
N TYR F 164 -25.92 0.24 -10.73
CA TYR F 164 -25.96 -0.48 -9.47
C TYR F 164 -27.19 -1.38 -9.36
N ASP F 165 -28.36 -0.83 -9.64
CA ASP F 165 -29.57 -1.62 -9.54
C ASP F 165 -30.61 -1.06 -10.50
N LEU F 166 -31.79 -1.67 -10.51
CA LEU F 166 -32.87 -1.28 -11.42
C LEU F 166 -33.53 0.09 -11.12
N GLY F 167 -33.18 0.71 -10.00
CA GLY F 167 -33.70 2.05 -9.71
C GLY F 167 -32.78 3.20 -10.09
N GLY F 168 -31.59 2.88 -10.63
CA GLY F 168 -30.54 3.89 -10.87
C GLY F 168 -30.54 4.68 -12.18
N LEU F 169 -30.66 4.00 -13.30
CA LEU F 169 -30.92 4.66 -14.58
C LEU F 169 -31.90 3.72 -15.26
N VAL F 170 -32.68 4.25 -16.20
CA VAL F 170 -33.62 3.40 -16.90
C VAL F 170 -32.92 2.76 -18.08
N MET F 171 -32.65 1.47 -17.94
CA MET F 171 -31.95 0.71 -18.99
C MET F 171 -32.93 0.01 -19.93
N VAL F 172 -32.81 0.36 -21.20
CA VAL F 172 -33.62 -0.24 -22.24
C VAL F 172 -32.70 -1.26 -22.92
N LYS F 173 -33.04 -2.53 -22.77
CA LYS F 173 -32.23 -3.61 -23.35
C LYS F 173 -32.91 -4.13 -24.60
N ASP F 174 -32.24 -5.05 -25.28
CA ASP F 174 -32.84 -5.80 -26.38
C ASP F 174 -34.28 -6.20 -26.04
N ASN F 175 -34.46 -6.76 -24.84
CA ASN F 175 -35.75 -7.29 -24.41
C ASN F 175 -36.87 -6.24 -24.31
N HIS F 176 -36.50 -5.06 -23.83
CA HIS F 176 -37.40 -3.91 -23.72
C HIS F 176 -37.80 -3.39 -25.10
N VAL F 177 -36.85 -3.38 -26.02
CA VAL F 177 -37.13 -2.99 -27.40
C VAL F 177 -38.16 -3.93 -28.02
N VAL F 178 -37.96 -5.23 -27.86
CA VAL F 178 -38.92 -6.22 -28.38
C VAL F 178 -40.26 -6.02 -27.74
N ALA F 179 -40.28 -5.88 -26.40
CA ALA F 179 -41.55 -5.73 -25.68
C ALA F 179 -42.31 -4.45 -26.05
N ALA F 180 -41.57 -3.35 -26.18
CA ALA F 180 -42.17 -2.07 -26.55
C ALA F 180 -42.56 -1.96 -28.05
N GLY F 181 -41.97 -2.80 -28.88
CA GLY F 181 -42.25 -2.81 -30.32
C GLY F 181 -41.35 -1.89 -31.12
N GLY F 182 -40.18 -1.56 -30.60
CA GLY F 182 -39.23 -0.75 -31.36
C GLY F 182 -38.43 0.19 -30.47
N VAL F 183 -37.27 0.62 -30.98
CA VAL F 183 -36.37 1.48 -30.18
C VAL F 183 -37.04 2.81 -29.84
N GLU F 184 -37.67 3.44 -30.83
CA GLU F 184 -38.31 4.74 -30.64
C GLU F 184 -39.38 4.69 -29.53
N LYS F 185 -40.27 3.69 -29.62
CA LYS F 185 -41.33 3.52 -28.64
C LYS F 185 -40.76 3.24 -27.25
N ALA F 186 -39.74 2.38 -27.18
CA ALA F 186 -39.11 2.03 -25.91
C ALA F 186 -38.45 3.23 -25.25
N VAL F 187 -37.71 4.02 -26.03
CA VAL F 187 -37.00 5.17 -25.50
C VAL F 187 -38.00 6.24 -25.05
N ARG F 188 -39.06 6.46 -25.87
CA ARG F 188 -40.13 7.38 -25.50
C ARG F 188 -40.69 7.04 -24.11
N ALA F 189 -41.03 5.77 -23.91
CA ALA F 189 -41.55 5.30 -22.64
C ALA F 189 -40.53 5.43 -21.52
N ALA F 190 -39.27 5.08 -21.81
CA ALA F 190 -38.20 5.17 -20.83
C ALA F 190 -37.99 6.62 -20.35
N ARG F 191 -38.01 7.56 -21.30
CA ARG F 191 -37.84 8.97 -21.00
C ARG F 191 -38.98 9.50 -20.13
N GLN F 192 -40.22 9.06 -20.41
CA GLN F 192 -41.38 9.40 -19.59
C GLN F 192 -41.21 8.93 -18.15
N ALA F 193 -40.68 7.72 -18.01
CA ALA F 193 -40.45 7.09 -16.73
C ALA F 193 -39.30 7.73 -15.95
N ALA F 194 -38.23 8.09 -16.68
CA ALA F 194 -37.00 8.67 -16.12
C ALA F 194 -37.24 10.11 -15.67
N ASP F 195 -38.06 10.81 -16.44
CA ASP F 195 -38.37 12.21 -16.22
C ASP F 195 -37.04 13.00 -16.10
N PHE F 196 -36.89 13.83 -15.09
CA PHE F 196 -35.67 14.62 -14.98
C PHE F 196 -34.59 14.00 -14.07
N ALA F 197 -34.98 13.07 -13.20
CA ALA F 197 -34.11 12.59 -12.15
C ALA F 197 -33.17 11.47 -12.58
N LEU F 198 -33.56 10.72 -13.60
CA LEU F 198 -32.78 9.54 -14.01
C LEU F 198 -32.36 9.62 -15.46
N LYS F 199 -31.19 9.03 -15.77
CA LYS F 199 -30.75 8.91 -17.13
C LYS F 199 -31.43 7.71 -17.81
N VAL F 200 -31.41 7.72 -19.14
CA VAL F 200 -31.89 6.58 -19.94
C VAL F 200 -30.71 6.03 -20.75
N GLU F 201 -30.50 4.71 -20.66
CA GLU F 201 -29.48 4.06 -21.46
C GLU F 201 -30.16 3.04 -22.34
N VAL F 202 -29.67 2.89 -23.56
CA VAL F 202 -30.22 1.91 -24.48
C VAL F 202 -29.13 0.97 -24.99
N GLU F 203 -29.37 -0.33 -24.85
CA GLU F 203 -28.48 -1.36 -25.35
C GLU F 203 -28.76 -1.59 -26.80
N CYS F 204 -27.74 -1.38 -27.62
CA CYS F 204 -27.90 -1.44 -29.06
C CYS F 204 -26.99 -2.51 -29.64
N SER F 205 -27.56 -3.38 -30.46
CA SER F 205 -26.79 -4.46 -31.04
C SER F 205 -26.26 -4.09 -32.44
N SER F 206 -26.76 -2.99 -32.99
CA SER F 206 -26.44 -2.59 -34.35
C SER F 206 -26.31 -1.09 -34.49
N LEU F 207 -25.63 -0.70 -35.56
CA LEU F 207 -25.49 0.68 -35.94
C LEU F 207 -26.86 1.35 -36.00
N GLN F 208 -27.82 0.66 -36.63
CA GLN F 208 -29.18 1.16 -36.80
C GLN F 208 -29.82 1.50 -35.45
N GLU F 209 -29.82 0.53 -34.54
CA GLU F 209 -30.40 0.75 -33.21
C GLU F 209 -29.70 1.88 -32.45
N ALA F 210 -28.38 1.96 -32.58
CA ALA F 210 -27.56 2.98 -31.90
C ALA F 210 -27.98 4.38 -32.32
N VAL F 211 -28.19 4.54 -33.63
CA VAL F 211 -28.66 5.81 -34.19
C VAL F 211 -30.11 6.11 -33.79
N GLN F 212 -30.98 5.11 -33.84
CA GLN F 212 -32.35 5.27 -33.35
C GLN F 212 -32.39 5.73 -31.90
N ALA F 213 -31.53 5.15 -31.06
CA ALA F 213 -31.51 5.47 -29.64
C ALA F 213 -31.06 6.91 -29.41
N ALA F 214 -30.01 7.32 -30.12
CA ALA F 214 -29.50 8.68 -30.01
C ALA F 214 -30.54 9.69 -30.48
N GLU F 215 -31.12 9.41 -31.64
CA GLU F 215 -32.12 10.28 -32.21
C GLU F 215 -33.36 10.42 -31.31
N ALA F 216 -33.70 9.34 -30.60
CA ALA F 216 -34.83 9.33 -29.66
C ALA F 216 -34.54 10.02 -28.31
N GLY F 217 -33.28 10.38 -28.04
CA GLY F 217 -32.93 11.19 -26.86
C GLY F 217 -32.37 10.48 -25.64
N ALA F 218 -31.98 9.22 -25.79
CA ALA F 218 -31.22 8.51 -24.77
C ALA F 218 -30.02 9.34 -24.29
N ASP F 219 -29.67 9.21 -23.01
CA ASP F 219 -28.49 9.88 -22.45
C ASP F 219 -27.24 9.06 -22.77
N LEU F 220 -27.37 7.74 -22.71
CA LEU F 220 -26.27 6.85 -22.99
C LEU F 220 -26.68 5.82 -24.01
N VAL F 221 -25.81 5.60 -24.99
CA VAL F 221 -26.03 4.55 -25.99
C VAL F 221 -24.96 3.48 -25.76
N LEU F 222 -25.44 2.28 -25.47
CA LEU F 222 -24.59 1.15 -25.19
C LEU F 222 -24.45 0.31 -26.48
N LEU F 223 -23.24 0.31 -27.01
CA LEU F 223 -22.95 -0.45 -28.22
C LEU F 223 -22.51 -1.84 -27.78
N ASP F 224 -23.39 -2.81 -27.96
CA ASP F 224 -23.19 -4.11 -27.36
C ASP F 224 -22.73 -5.16 -28.37
N ASN F 225 -21.65 -5.85 -28.02
CA ASN F 225 -21.07 -6.93 -28.84
C ASN F 225 -20.72 -6.53 -30.28
N PHE F 226 -20.24 -5.29 -30.44
CA PHE F 226 -19.66 -4.84 -31.70
C PHE F 226 -18.23 -5.40 -31.83
N LYS F 227 -17.81 -5.66 -33.05
CA LYS F 227 -16.38 -5.82 -33.33
C LYS F 227 -15.76 -4.41 -33.27
N PRO F 228 -14.53 -4.29 -32.74
CA PRO F 228 -13.82 -3.00 -32.69
C PRO F 228 -13.84 -2.20 -33.98
N GLU F 229 -13.67 -2.88 -35.11
CA GLU F 229 -13.66 -2.22 -36.41
C GLU F 229 -15.04 -1.62 -36.77
N GLU F 230 -16.11 -2.15 -36.16
CA GLU F 230 -17.45 -1.60 -36.36
C GLU F 230 -17.80 -0.59 -35.27
N LEU F 231 -17.27 -0.82 -34.07
CA LEU F 231 -17.56 0.01 -32.91
C LEU F 231 -17.18 1.49 -33.12
N HIS F 232 -15.93 1.72 -33.50
CA HIS F 232 -15.41 3.07 -33.56
C HIS F 232 -16.04 3.96 -34.63
N PRO F 233 -16.23 3.44 -35.86
CA PRO F 233 -16.96 4.21 -36.89
C PRO F 233 -18.40 4.56 -36.44
N THR F 234 -19.06 3.63 -35.75
CA THR F 234 -20.41 3.85 -35.23
C THR F 234 -20.40 4.96 -34.16
N ALA F 235 -19.50 4.84 -33.19
CA ALA F 235 -19.36 5.87 -32.15
C ALA F 235 -19.00 7.23 -32.72
N THR F 236 -18.19 7.24 -33.77
CA THR F 236 -17.77 8.47 -34.41
C THR F 236 -18.99 9.28 -34.88
N VAL F 237 -19.99 8.62 -35.45
CA VAL F 237 -21.10 9.39 -35.97
C VAL F 237 -22.06 9.87 -34.84
N LEU F 238 -22.10 9.11 -33.76
CA LEU F 238 -22.89 9.48 -32.58
C LEU F 238 -22.34 10.74 -31.92
N LYS F 239 -21.03 10.78 -31.68
CA LYS F 239 -20.39 11.92 -31.07
C LYS F 239 -20.52 13.17 -31.91
N ALA F 240 -20.46 12.99 -33.23
CA ALA F 240 -20.53 14.10 -34.16
C ALA F 240 -21.92 14.74 -34.20
N GLN F 241 -22.96 13.92 -34.24
CA GLN F 241 -24.32 14.43 -34.40
C GLN F 241 -25.11 14.54 -33.11
N PHE F 242 -24.63 13.86 -32.07
CA PHE F 242 -25.27 13.85 -30.76
C PHE F 242 -24.20 14.02 -29.68
N PRO F 243 -23.60 15.22 -29.59
CA PRO F 243 -22.42 15.40 -28.74
C PRO F 243 -22.70 15.33 -27.23
N SER F 244 -23.96 15.51 -26.82
CA SER F 244 -24.40 15.25 -25.42
C SER F 244 -24.53 13.77 -25.06
N VAL F 245 -24.57 12.88 -26.05
CA VAL F 245 -24.76 11.47 -25.73
C VAL F 245 -23.45 10.86 -25.26
N ALA F 246 -23.53 10.07 -24.20
CA ALA F 246 -22.40 9.27 -23.75
C ALA F 246 -22.40 7.92 -24.48
N VAL F 247 -21.23 7.47 -24.93
CA VAL F 247 -21.14 6.19 -25.64
C VAL F 247 -20.47 5.15 -24.77
N GLU F 248 -21.14 4.01 -24.59
CA GLU F 248 -20.62 2.90 -23.81
C GLU F 248 -20.39 1.71 -24.74
N ALA F 249 -19.29 1.00 -24.53
CA ALA F 249 -19.05 -0.24 -25.27
C ALA F 249 -19.06 -1.41 -24.29
N SER F 250 -19.67 -2.51 -24.72
CA SER F 250 -19.71 -3.71 -23.90
C SER F 250 -19.92 -4.92 -24.78
N GLY F 251 -19.64 -6.09 -24.21
CA GLY F 251 -19.90 -7.34 -24.91
C GLY F 251 -18.65 -7.97 -25.50
N GLY F 252 -18.22 -9.05 -24.87
CA GLY F 252 -17.06 -9.81 -25.33
C GLY F 252 -15.74 -9.09 -25.12
N ILE F 253 -15.70 -8.19 -24.14
CA ILE F 253 -14.49 -7.43 -23.86
C ILE F 253 -13.73 -8.17 -22.78
N THR F 254 -12.44 -8.35 -23.01
CA THR F 254 -11.57 -9.04 -22.07
C THR F 254 -10.37 -8.14 -21.78
N LEU F 255 -9.61 -8.44 -20.73
CA LEU F 255 -8.37 -7.72 -20.46
C LEU F 255 -7.48 -7.66 -21.69
N ASP F 256 -7.37 -8.78 -22.40
CA ASP F 256 -6.49 -8.88 -23.56
C ASP F 256 -6.92 -8.03 -24.75
N ASN F 257 -8.22 -7.97 -25.03
CA ASN F 257 -8.69 -7.19 -26.19
C ASN F 257 -9.17 -5.77 -25.86
N LEU F 258 -9.15 -5.42 -24.57
CA LEU F 258 -9.60 -4.10 -24.12
C LEU F 258 -9.03 -2.91 -24.92
N PRO F 259 -7.71 -2.90 -25.19
CA PRO F 259 -7.20 -1.76 -25.96
C PRO F 259 -7.88 -1.56 -27.33
N GLN F 260 -8.39 -2.63 -27.94
CA GLN F 260 -9.08 -2.52 -29.24
C GLN F 260 -10.42 -1.77 -29.13
N PHE F 261 -11.02 -1.83 -27.96
CA PHE F 261 -12.30 -1.16 -27.71
C PHE F 261 -12.13 0.29 -27.22
N CYS F 262 -10.92 0.63 -26.84
CA CYS F 262 -10.57 2.00 -26.46
C CYS F 262 -10.48 2.88 -27.71
N GLY F 263 -11.13 4.04 -27.65
CA GLY F 263 -11.05 5.00 -28.75
C GLY F 263 -11.57 6.34 -28.26
N PRO F 264 -11.28 7.42 -29.01
CA PRO F 264 -11.64 8.76 -28.57
C PRO F 264 -13.15 9.02 -28.40
N HIS F 265 -13.99 8.20 -29.04
CA HIS F 265 -15.42 8.43 -29.04
C HIS F 265 -16.16 7.44 -28.14
N ILE F 266 -15.40 6.66 -27.39
CA ILE F 266 -15.94 5.73 -26.41
C ILE F 266 -15.71 6.33 -25.03
N ASP F 267 -16.78 6.50 -24.25
CA ASP F 267 -16.70 7.13 -22.93
C ASP F 267 -16.58 6.13 -21.81
N VAL F 268 -17.28 5.01 -21.97
CA VAL F 268 -17.37 3.98 -20.94
C VAL F 268 -17.18 2.60 -21.56
N ILE F 269 -16.38 1.76 -20.91
CA ILE F 269 -16.26 0.36 -21.32
C ILE F 269 -16.65 -0.49 -20.12
N SER F 270 -17.75 -1.22 -20.25
CA SER F 270 -18.18 -2.08 -19.16
C SER F 270 -17.83 -3.54 -19.45
N MET F 271 -17.44 -4.24 -18.40
CA MET F 271 -16.91 -5.59 -18.52
C MET F 271 -17.56 -6.46 -17.45
N GLY F 272 -18.36 -7.41 -17.91
CA GLY F 272 -18.96 -8.42 -17.03
C GLY F 272 -17.88 -9.27 -16.36
N MET F 273 -16.76 -9.50 -17.04
CA MET F 273 -15.71 -10.37 -16.51
C MET F 273 -15.09 -9.88 -15.20
N LEU F 274 -15.09 -8.57 -14.98
CA LEU F 274 -14.54 -7.98 -13.75
C LEU F 274 -15.22 -8.51 -12.49
N THR F 275 -16.50 -8.87 -12.62
CA THR F 275 -17.24 -9.45 -11.50
C THR F 275 -17.57 -10.94 -11.70
N GLN F 276 -17.71 -11.38 -12.94
CA GLN F 276 -18.09 -12.77 -13.20
C GLN F 276 -16.92 -13.75 -13.25
N ALA F 277 -15.73 -13.25 -13.53
CA ALA F 277 -14.59 -14.13 -13.76
C ALA F 277 -13.30 -13.55 -13.16
N ALA F 278 -13.39 -12.98 -11.97
CA ALA F 278 -12.20 -12.52 -11.27
C ALA F 278 -11.88 -13.54 -10.17
N PRO F 279 -10.78 -14.31 -10.33
CA PRO F 279 -10.43 -15.28 -9.29
C PRO F 279 -10.16 -14.59 -7.95
N ALA F 280 -10.61 -15.20 -6.86
CA ALA F 280 -10.36 -14.66 -5.53
C ALA F 280 -8.86 -14.71 -5.24
N LEU F 281 -8.36 -13.73 -4.48
CA LEU F 281 -6.94 -13.75 -4.07
C LEU F 281 -6.73 -14.74 -2.92
N ASP F 282 -5.49 -15.20 -2.74
CA ASP F 282 -5.17 -16.14 -1.69
C ASP F 282 -4.71 -15.35 -0.44
N PHE F 283 -5.49 -15.40 0.63
CA PHE F 283 -5.14 -14.82 1.94
C PHE F 283 -5.19 -15.92 2.99
N SER F 284 -4.35 -15.82 4.01
CA SER F 284 -4.51 -16.71 5.18
C SER F 284 -4.42 -15.87 6.44
N LEU F 285 -5.00 -16.40 7.52
CA LEU F 285 -4.94 -15.76 8.81
C LEU F 285 -4.34 -16.78 9.78
N LYS F 286 -3.18 -16.43 10.34
CA LYS F 286 -2.46 -17.37 11.17
C LYS F 286 -2.32 -16.86 12.61
N LEU F 287 -2.94 -17.57 13.56
CA LEU F 287 -2.77 -17.27 14.98
C LEU F 287 -1.29 -17.41 15.32
N PHE F 288 -0.82 -16.46 16.11
CA PHE F 288 0.52 -16.48 16.63
C PHE F 288 0.46 -15.78 17.97
N ASP G 4 38.70 42.78 -19.36
CA ASP G 4 40.13 42.82 -19.76
C ASP G 4 40.70 41.39 -19.76
N ALA G 5 41.26 40.98 -20.91
CA ALA G 5 41.66 39.59 -21.14
C ALA G 5 42.61 39.03 -20.08
N GLU G 6 43.53 39.86 -19.59
CA GLU G 6 44.51 39.41 -18.61
C GLU G 6 43.90 39.09 -17.25
N GLY G 7 42.80 39.76 -16.91
CA GLY G 7 42.09 39.49 -15.66
C GLY G 7 41.12 38.31 -15.70
N LEU G 8 40.86 37.76 -16.88
CA LEU G 8 39.87 36.69 -17.04
C LEU G 8 40.24 35.37 -16.37
N ALA G 9 41.55 35.15 -16.18
CA ALA G 9 42.03 33.92 -15.55
C ALA G 9 41.49 33.72 -14.11
N LEU G 10 41.14 34.83 -13.46
CA LEU G 10 40.56 34.79 -12.11
C LEU G 10 39.24 34.03 -12.06
N LEU G 11 38.58 33.88 -13.20
CA LEU G 11 37.31 33.12 -13.31
C LEU G 11 37.44 31.62 -13.07
N LEU G 12 38.68 31.13 -13.12
CA LEU G 12 38.96 29.70 -13.14
C LEU G 12 39.51 29.22 -11.79
N PRO G 13 38.69 28.48 -11.02
CA PRO G 13 39.19 27.97 -9.73
C PRO G 13 40.34 26.97 -9.93
N PRO G 14 41.39 27.04 -9.10
CA PRO G 14 42.59 26.22 -9.32
C PRO G 14 42.33 24.72 -9.17
N VAL G 15 41.39 24.36 -8.29
CA VAL G 15 41.06 22.95 -8.06
C VAL G 15 40.33 22.35 -9.26
N THR G 16 39.43 23.14 -9.87
CA THR G 16 38.72 22.75 -11.08
C THR G 16 39.69 22.50 -12.24
N LEU G 17 40.66 23.40 -12.39
CA LEU G 17 41.68 23.27 -13.43
C LEU G 17 42.51 22.03 -13.22
N ALA G 18 42.91 21.80 -11.98
CA ALA G 18 43.78 20.69 -11.63
C ALA G 18 43.11 19.36 -11.99
N ALA G 19 41.83 19.22 -11.65
CA ALA G 19 41.08 18.00 -11.95
C ALA G 19 40.93 17.77 -13.45
N LEU G 20 40.63 18.85 -14.17
CA LEU G 20 40.44 18.81 -15.61
C LEU G 20 41.74 18.39 -16.29
N VAL G 21 42.82 19.10 -15.91
CA VAL G 21 44.16 18.83 -16.40
C VAL G 21 44.60 17.38 -16.12
N ASP G 22 44.35 16.91 -14.91
CA ASP G 22 44.66 15.51 -14.57
C ASP G 22 43.94 14.52 -15.47
N SER G 23 42.67 14.78 -15.79
CA SER G 23 41.93 13.88 -16.67
C SER G 23 42.48 13.88 -18.10
N TRP G 24 42.96 15.04 -18.56
CA TRP G 24 43.56 15.13 -19.89
C TRP G 24 44.89 14.38 -19.96
N LEU G 25 45.69 14.50 -18.91
CA LEU G 25 46.97 13.77 -18.84
C LEU G 25 46.74 12.26 -18.78
N ARG G 26 45.72 11.85 -18.02
CA ARG G 26 45.36 10.43 -17.92
C ARG G 26 44.91 9.87 -19.26
N GLU G 27 44.10 10.64 -19.98
CA GLU G 27 43.67 10.27 -21.33
C GLU G 27 44.86 10.01 -22.27
N ASP G 28 45.88 10.87 -22.21
CA ASP G 28 47.00 10.79 -23.14
C ASP G 28 48.07 9.80 -22.70
N CYS G 29 48.12 9.48 -21.42
CA CYS G 29 49.10 8.52 -20.92
C CYS G 29 48.53 7.68 -19.78
N PRO G 30 47.70 6.68 -20.10
CA PRO G 30 47.02 5.93 -19.05
C PRO G 30 47.92 4.98 -18.25
N GLY G 31 49.07 4.62 -18.79
CA GLY G 31 49.99 3.69 -18.12
C GLY G 31 51.43 4.21 -18.09
N LEU G 32 52.35 3.41 -18.63
CA LEU G 32 53.76 3.77 -18.68
C LEU G 32 54.06 4.77 -19.77
N ASN G 33 54.89 5.77 -19.46
CA ASN G 33 55.33 6.76 -20.43
C ASN G 33 56.68 6.33 -21.04
N TYR G 34 56.62 5.37 -21.95
CA TYR G 34 57.82 4.78 -22.57
C TYR G 34 58.82 5.79 -23.13
N ALA G 35 58.29 6.84 -23.76
CA ALA G 35 59.11 7.89 -24.38
C ALA G 35 59.95 8.69 -23.39
N ALA G 36 59.61 8.63 -22.10
CA ALA G 36 60.39 9.29 -21.06
C ALA G 36 61.84 8.78 -21.04
N LEU G 37 62.02 7.52 -21.40
CA LEU G 37 63.33 6.88 -21.39
C LEU G 37 64.19 7.39 -22.55
N VAL G 38 63.55 7.96 -23.56
CA VAL G 38 64.26 8.48 -24.73
C VAL G 38 64.89 9.85 -24.42
N SER G 39 64.13 10.71 -23.76
CA SER G 39 64.58 12.06 -23.45
C SER G 39 65.37 12.15 -22.15
N GLY G 40 65.01 11.34 -21.16
CA GLY G 40 65.62 11.44 -19.84
C GLY G 40 65.04 12.61 -19.06
N ALA G 41 65.63 12.90 -17.90
CA ALA G 41 65.09 13.91 -16.99
C ALA G 41 65.92 15.19 -16.88
N GLY G 42 66.90 15.36 -17.76
CA GLY G 42 67.76 16.54 -17.73
C GLY G 42 66.95 17.83 -17.78
N PRO G 43 67.36 18.84 -17.00
CA PRO G 43 66.68 20.14 -17.05
C PRO G 43 66.73 20.68 -18.48
N SER G 44 65.58 21.10 -18.98
CA SER G 44 65.44 21.50 -20.38
C SER G 44 64.59 22.75 -20.53
N GLN G 45 64.60 23.30 -21.74
CA GLN G 45 63.80 24.47 -22.10
C GLN G 45 63.20 24.22 -23.46
N ALA G 46 61.98 24.72 -23.64
CA ALA G 46 61.30 24.61 -24.92
C ALA G 46 60.65 25.94 -25.23
N ALA G 47 60.67 26.31 -26.51
CA ALA G 47 60.04 27.54 -26.97
C ALA G 47 58.68 27.23 -27.55
N LEU G 48 57.68 28.02 -27.14
CA LEU G 48 56.33 27.94 -27.70
C LEU G 48 56.20 28.91 -28.87
N TRP G 49 55.86 28.38 -30.04
CA TRP G 49 55.79 29.17 -31.27
C TRP G 49 54.37 29.24 -31.77
N ALA G 50 53.93 30.46 -32.13
CA ALA G 50 52.63 30.65 -32.75
C ALA G 50 52.82 30.72 -34.27
N LYS G 51 52.15 29.83 -34.99
CA LYS G 51 52.31 29.73 -36.44
C LYS G 51 51.07 30.19 -37.21
N SER G 52 50.04 30.60 -36.48
CA SER G 52 48.77 31.08 -37.04
C SER G 52 48.47 32.49 -36.57
N PRO G 53 47.81 33.32 -37.41
CA PRO G 53 47.33 34.59 -36.89
C PRO G 53 46.10 34.38 -36.03
N GLY G 54 45.82 35.31 -35.14
CA GLY G 54 44.64 35.22 -34.32
C GLY G 54 44.89 35.85 -32.97
N VAL G 55 44.23 35.28 -31.97
CA VAL G 55 44.27 35.79 -30.60
C VAL G 55 44.77 34.69 -29.69
N LEU G 56 45.73 35.02 -28.84
CA LEU G 56 46.25 34.07 -27.85
C LEU G 56 45.26 33.90 -26.69
N ALA G 57 44.87 32.66 -26.45
CA ALA G 57 43.97 32.36 -25.33
C ALA G 57 44.22 30.96 -24.77
N GLY G 58 44.19 30.85 -23.44
CA GLY G 58 44.34 29.55 -22.78
C GLY G 58 45.56 29.40 -21.90
N GLN G 59 46.27 30.52 -21.66
CA GLN G 59 47.43 30.49 -20.76
C GLN G 59 47.17 29.78 -19.41
N PRO G 60 46.04 30.05 -18.74
CA PRO G 60 45.84 29.39 -17.44
C PRO G 60 45.79 27.86 -17.52
N PHE G 61 45.23 27.33 -18.61
CA PHE G 61 45.14 25.88 -18.79
C PHE G 61 46.51 25.32 -19.16
N PHE G 62 47.21 26.01 -20.05
CA PHE G 62 48.57 25.65 -20.46
C PHE G 62 49.48 25.59 -19.23
N ASP G 63 49.42 26.64 -18.40
CA ASP G 63 50.18 26.70 -17.13
C ASP G 63 49.82 25.57 -16.18
N ALA G 64 48.52 25.31 -16.01
CA ALA G 64 48.06 24.29 -15.09
C ALA G 64 48.58 22.90 -15.49
N ILE G 65 48.58 22.62 -16.79
CA ILE G 65 49.12 21.35 -17.29
C ILE G 65 50.57 21.16 -16.86
N PHE G 66 51.40 22.16 -17.15
CA PHE G 66 52.83 22.07 -16.86
C PHE G 66 53.16 22.13 -15.37
N THR G 67 52.37 22.89 -14.62
CA THR G 67 52.48 22.90 -13.16
C THR G 67 52.27 21.49 -12.56
N GLN G 68 51.25 20.78 -13.04
CA GLN G 68 51.04 19.38 -12.63
C GLN G 68 52.22 18.47 -12.95
N LEU G 69 53.04 18.89 -13.92
CA LEU G 69 54.20 18.11 -14.35
C LEU G 69 55.51 18.70 -13.85
N ASN G 70 55.40 19.63 -12.91
CA ASN G 70 56.55 20.27 -12.27
C ASN G 70 57.42 21.05 -13.24
N CYS G 71 56.77 21.70 -14.20
CA CYS G 71 57.43 22.58 -15.17
C CYS G 71 56.91 24.00 -14.99
N GLN G 72 57.70 24.98 -15.42
CA GLN G 72 57.37 26.38 -15.26
C GLN G 72 57.25 27.05 -16.63
N VAL G 73 56.35 28.02 -16.74
CA VAL G 73 56.12 28.70 -18.01
C VAL G 73 56.36 30.19 -17.84
N SER G 74 57.16 30.75 -18.76
CA SER G 74 57.32 32.21 -18.87
C SER G 74 56.66 32.66 -20.15
N TRP G 75 55.65 33.53 -20.03
CA TRP G 75 54.95 34.08 -21.18
C TRP G 75 55.57 35.39 -21.64
N PHE G 76 55.73 35.54 -22.95
CA PHE G 76 56.29 36.76 -23.53
C PHE G 76 55.21 37.68 -24.09
N LEU G 77 53.99 37.15 -24.17
CA LEU G 77 52.84 37.91 -24.61
C LEU G 77 51.72 37.71 -23.62
N PRO G 78 50.99 38.80 -23.29
CA PRO G 78 49.83 38.63 -22.41
C PRO G 78 48.69 37.83 -23.04
N GLU G 79 47.86 37.26 -22.18
CA GLU G 79 46.63 36.63 -22.61
C GLU G 79 45.80 37.61 -23.44
N GLY G 80 45.24 37.12 -24.55
CA GLY G 80 44.47 37.99 -25.43
C GLY G 80 45.25 38.76 -26.49
N SER G 81 46.58 38.60 -26.54
CA SER G 81 47.42 39.29 -27.54
C SER G 81 47.10 38.83 -28.96
N LYS G 82 47.32 39.73 -29.93
CA LYS G 82 47.30 39.35 -31.35
C LYS G 82 48.52 38.49 -31.61
N LEU G 83 48.31 37.39 -32.32
CA LEU G 83 49.40 36.53 -32.78
C LEU G 83 49.75 36.83 -34.24
N VAL G 84 51.02 37.16 -34.46
CA VAL G 84 51.53 37.41 -35.80
C VAL G 84 52.62 36.37 -36.09
N PRO G 85 52.30 35.38 -36.93
CA PRO G 85 53.23 34.25 -37.19
C PRO G 85 54.52 34.70 -37.90
N VAL G 86 55.66 34.07 -37.59
CA VAL G 86 55.77 33.04 -36.55
C VAL G 86 56.32 33.73 -35.31
N ALA G 87 55.66 33.55 -34.18
CA ALA G 87 55.91 34.35 -32.98
C ALA G 87 56.32 33.55 -31.73
N ARG G 88 57.28 34.09 -30.99
CA ARG G 88 57.78 33.48 -29.77
C ARG G 88 56.94 33.92 -28.58
N VAL G 89 56.14 32.99 -28.07
CA VAL G 89 55.09 33.32 -27.14
C VAL G 89 55.49 33.08 -25.68
N ALA G 90 56.27 32.03 -25.46
CA ALA G 90 56.59 31.60 -24.10
C ALA G 90 57.78 30.66 -24.08
N GLU G 91 58.34 30.48 -22.89
CA GLU G 91 59.35 29.45 -22.62
C GLU G 91 58.88 28.54 -21.48
N VAL G 92 59.07 27.24 -21.64
CA VAL G 92 58.70 26.27 -20.60
C VAL G 92 59.97 25.58 -20.11
N ARG G 93 60.07 25.38 -18.79
CA ARG G 93 61.26 24.79 -18.17
C ARG G 93 60.90 23.65 -17.24
N GLY G 94 61.70 22.60 -17.27
CA GLY G 94 61.53 21.49 -16.34
C GLY G 94 62.33 20.30 -16.79
N PRO G 95 62.06 19.13 -16.20
CA PRO G 95 62.72 17.91 -16.68
C PRO G 95 62.22 17.60 -18.09
N ALA G 96 63.14 17.19 -18.97
CA ALA G 96 62.83 16.95 -20.39
C ALA G 96 61.60 16.05 -20.59
N HIS G 97 61.56 14.94 -19.87
CA HIS G 97 60.45 13.99 -20.01
C HIS G 97 59.12 14.60 -19.60
N CYS G 98 59.16 15.51 -18.62
CA CYS G 98 57.93 16.22 -18.19
C CYS G 98 57.47 17.21 -19.24
N LEU G 99 58.41 17.95 -19.84
CA LEU G 99 58.09 18.85 -20.94
C LEU G 99 57.37 18.11 -22.07
N LEU G 100 57.94 16.97 -22.46
CA LEU G 100 57.43 16.19 -23.58
C LEU G 100 56.15 15.42 -23.26
N LEU G 101 55.95 15.09 -21.99
CA LEU G 101 54.70 14.46 -21.53
C LEU G 101 53.53 15.46 -21.61
N GLY G 102 53.79 16.71 -21.26
CA GLY G 102 52.75 17.73 -21.32
C GLY G 102 52.52 18.37 -22.68
N GLU G 103 53.52 18.28 -23.55
CA GLU G 103 53.52 18.96 -24.85
C GLU G 103 52.20 18.87 -25.63
N ARG G 104 51.77 17.66 -25.96
CA ARG G 104 50.63 17.48 -26.86
C ARG G 104 49.31 18.00 -26.25
N VAL G 105 49.04 17.63 -24.99
CA VAL G 105 47.84 18.07 -24.31
C VAL G 105 47.82 19.61 -24.21
N ALA G 106 48.96 20.20 -23.83
CA ALA G 106 49.06 21.66 -23.70
C ALA G 106 48.82 22.36 -25.03
N LEU G 107 49.43 21.84 -26.11
CA LEU G 107 49.23 22.42 -27.44
C LEU G 107 47.79 22.25 -27.91
N ASN G 108 47.21 21.07 -27.71
CA ASN G 108 45.83 20.84 -28.12
C ASN G 108 44.87 21.83 -27.45
N THR G 109 45.12 22.08 -26.16
CA THR G 109 44.28 22.95 -25.37
C THR G 109 44.43 24.40 -25.84
N LEU G 110 45.68 24.87 -25.95
CA LEU G 110 45.94 26.24 -26.37
C LEU G 110 45.41 26.48 -27.79
N ALA G 111 45.60 25.50 -28.67
CA ALA G 111 45.21 25.63 -30.07
C ALA G 111 43.70 25.86 -30.22
N ARG G 112 42.91 25.12 -29.43
CA ARG G 112 41.46 25.18 -29.50
C ARG G 112 40.93 26.42 -28.79
N CYS G 113 41.42 26.68 -27.59
CA CYS G 113 41.08 27.90 -26.87
C CYS G 113 41.37 29.14 -27.74
N SER G 114 42.56 29.20 -28.34
CA SER G 114 42.93 30.33 -29.20
C SER G 114 42.13 30.37 -30.50
N GLY G 115 41.83 29.20 -31.07
CA GLY G 115 40.97 29.13 -32.27
C GLY G 115 39.59 29.76 -32.02
N ILE G 116 39.03 29.47 -30.85
CA ILE G 116 37.73 30.01 -30.46
C ILE G 116 37.81 31.51 -30.15
N ALA G 117 38.83 31.92 -29.40
CA ALA G 117 39.09 33.33 -29.16
C ALA G 117 39.25 34.13 -30.46
N SER G 118 39.96 33.53 -31.43
CA SER G 118 40.16 34.15 -32.74
C SER G 118 38.85 34.36 -33.49
N ALA G 119 38.01 33.32 -33.53
CA ALA G 119 36.69 33.41 -34.14
C ALA G 119 35.81 34.47 -33.45
N ALA G 120 35.79 34.45 -32.12
CA ALA G 120 35.03 35.42 -31.33
C ALA G 120 35.49 36.84 -31.64
N ALA G 121 36.80 37.05 -31.69
CA ALA G 121 37.37 38.38 -31.94
C ALA G 121 37.01 38.89 -33.34
N ALA G 122 37.01 38.00 -34.32
CA ALA G 122 36.61 38.34 -35.68
C ALA G 122 35.14 38.77 -35.74
N ALA G 123 34.28 38.02 -35.05
CA ALA G 123 32.85 38.36 -34.95
C ALA G 123 32.62 39.69 -34.24
N VAL G 124 33.27 39.87 -33.08
CA VAL G 124 33.21 41.14 -32.34
C VAL G 124 33.64 42.32 -33.21
N GLU G 125 34.73 42.13 -33.97
CA GLU G 125 35.22 43.17 -34.88
C GLU G 125 34.22 43.50 -36.00
N ALA G 126 33.63 42.46 -36.60
CA ALA G 126 32.63 42.66 -37.64
C ALA G 126 31.39 43.40 -37.10
N ALA G 127 30.94 43.03 -35.91
CA ALA G 127 29.83 43.71 -35.26
C ALA G 127 30.16 45.18 -34.96
N ARG G 128 31.35 45.41 -34.40
CA ARG G 128 31.80 46.77 -34.14
C ARG G 128 31.91 47.60 -35.43
N GLY G 129 32.43 47.00 -36.48
CA GLY G 129 32.53 47.64 -37.80
C GLY G 129 31.18 48.00 -38.38
N ALA G 130 30.14 47.27 -37.98
CA ALA G 130 28.77 47.56 -38.38
C ALA G 130 28.11 48.64 -37.50
N GLY G 131 28.85 49.16 -36.52
CA GLY G 131 28.33 50.17 -35.60
C GLY G 131 27.38 49.62 -34.54
N TRP G 132 27.44 48.31 -34.30
CA TRP G 132 26.56 47.66 -33.34
C TRP G 132 27.17 47.70 -31.94
N THR G 133 26.36 47.98 -30.93
CA THR G 133 26.85 48.06 -29.54
C THR G 133 26.36 46.90 -28.67
N GLY G 134 25.76 45.90 -29.31
CA GLY G 134 25.28 44.73 -28.59
C GLY G 134 26.40 43.76 -28.30
N HIS G 135 26.05 42.59 -27.77
CA HIS G 135 27.05 41.61 -27.40
C HIS G 135 26.99 40.38 -28.29
N VAL G 136 28.14 40.03 -28.86
CA VAL G 136 28.30 38.76 -29.55
C VAL G 136 28.45 37.69 -28.47
N ALA G 137 27.76 36.57 -28.63
CA ALA G 137 27.70 35.58 -27.58
C ALA G 137 27.88 34.16 -28.12
N GLY G 138 28.35 33.28 -27.24
CA GLY G 138 28.40 31.87 -27.55
C GLY G 138 27.16 31.17 -27.04
N THR G 139 27.20 29.84 -27.09
CA THR G 139 26.05 29.00 -26.81
C THR G 139 26.52 27.77 -26.00
N ARG G 140 25.60 26.83 -25.79
CA ARG G 140 25.93 25.55 -25.17
C ARG G 140 26.36 24.50 -26.21
N LYS G 141 26.62 24.94 -27.44
CA LYS G 141 27.08 24.04 -28.50
C LYS G 141 28.60 23.89 -28.42
N THR G 142 29.04 23.28 -27.33
CA THR G 142 30.45 23.17 -26.99
C THR G 142 30.80 21.68 -26.99
N THR G 143 32.10 21.38 -27.07
CA THR G 143 32.57 20.00 -27.00
C THR G 143 32.34 19.45 -25.60
N PRO G 144 31.61 18.33 -25.49
CA PRO G 144 31.36 17.72 -24.17
C PRO G 144 32.64 17.54 -23.34
N GLY G 145 32.59 17.96 -22.08
CA GLY G 145 33.77 17.88 -21.19
C GLY G 145 34.76 19.03 -21.34
N PHE G 146 34.60 19.84 -22.38
CA PHE G 146 35.60 20.88 -22.70
C PHE G 146 34.98 22.28 -22.59
N ARG G 147 33.79 22.38 -22.02
CA ARG G 147 33.08 23.68 -22.02
C ARG G 147 33.87 24.81 -21.34
N LEU G 148 34.52 24.52 -20.22
CA LEU G 148 35.23 25.57 -19.47
C LEU G 148 36.26 26.27 -20.34
N VAL G 149 37.01 25.49 -21.12
CA VAL G 149 38.03 26.03 -22.00
C VAL G 149 37.39 26.84 -23.13
N GLU G 150 36.32 26.32 -23.71
CA GLU G 150 35.71 26.94 -24.88
C GLU G 150 35.03 28.25 -24.51
N LYS G 151 34.33 28.27 -23.38
CA LYS G 151 33.71 29.51 -22.88
C LYS G 151 34.76 30.55 -22.49
N TYR G 152 35.82 30.10 -21.83
CA TYR G 152 36.94 30.99 -21.50
C TYR G 152 37.53 31.61 -22.78
N GLY G 153 37.68 30.78 -23.83
CA GLY G 153 38.18 31.26 -25.12
C GLY G 153 37.28 32.34 -25.70
N LEU G 154 35.97 32.15 -25.64
CA LEU G 154 35.01 33.17 -26.11
C LEU G 154 35.25 34.49 -25.39
N LEU G 155 35.39 34.42 -24.07
CA LEU G 155 35.62 35.62 -23.24
C LEU G 155 36.90 36.35 -23.61
N VAL G 156 37.99 35.61 -23.76
CA VAL G 156 39.26 36.23 -24.19
C VAL G 156 39.11 36.96 -25.54
N GLY G 157 38.36 36.35 -26.45
CA GLY G 157 38.08 36.97 -27.75
C GLY G 157 37.11 38.14 -27.72
N GLY G 158 36.53 38.40 -26.55
CA GLY G 158 35.65 39.56 -26.37
C GLY G 158 34.18 39.26 -26.55
N ALA G 159 33.83 37.98 -26.71
CA ALA G 159 32.42 37.58 -26.77
C ALA G 159 31.91 37.25 -25.36
N ALA G 160 30.59 37.31 -25.18
CA ALA G 160 29.96 36.87 -23.94
C ALA G 160 29.93 35.35 -23.90
N SER G 161 30.22 34.75 -22.75
CA SER G 161 30.11 33.29 -22.61
C SER G 161 28.64 32.93 -22.72
N HIS G 162 27.78 33.74 -22.08
CA HIS G 162 26.32 33.66 -22.21
C HIS G 162 25.81 32.39 -21.53
N ARG G 163 24.83 31.70 -22.13
CA ARG G 163 24.25 30.52 -21.46
C ARG G 163 25.31 29.43 -21.25
N TYR G 164 25.63 29.17 -19.98
CA TYR G 164 26.70 28.22 -19.64
C TYR G 164 26.19 26.79 -19.48
N ASP G 165 25.12 26.61 -18.71
CA ASP G 165 24.59 25.28 -18.52
C ASP G 165 23.10 25.35 -18.18
N LEU G 166 22.51 24.22 -17.85
CA LEU G 166 21.07 24.14 -17.59
C LEU G 166 20.65 24.70 -16.25
N GLY G 167 21.61 25.15 -15.45
CA GLY G 167 21.28 25.74 -14.16
C GLY G 167 21.36 27.26 -14.16
N GLY G 168 21.69 27.84 -15.31
CA GLY G 168 22.07 29.25 -15.38
C GLY G 168 20.98 30.25 -15.68
N LEU G 169 20.09 29.89 -16.60
CA LEU G 169 18.87 30.64 -16.86
C LEU G 169 17.92 29.61 -17.43
N VAL G 170 16.63 29.84 -17.32
CA VAL G 170 15.68 28.82 -17.79
C VAL G 170 15.33 29.11 -19.24
N MET G 171 15.77 28.19 -20.11
CA MET G 171 15.61 28.29 -21.54
C MET G 171 14.37 27.51 -21.98
N VAL G 172 13.40 28.25 -22.49
CA VAL G 172 12.22 27.62 -23.06
C VAL G 172 12.42 27.54 -24.57
N LYS G 173 12.72 26.35 -25.06
CA LYS G 173 12.85 26.13 -26.49
C LYS G 173 11.54 25.66 -27.12
N ASP G 174 11.56 25.52 -28.44
CA ASP G 174 10.44 24.95 -29.21
C ASP G 174 9.93 23.65 -28.57
N ASN G 175 10.86 22.77 -28.23
CA ASN G 175 10.55 21.49 -27.59
C ASN G 175 9.76 21.61 -26.29
N HIS G 176 10.14 22.56 -25.45
CA HIS G 176 9.47 22.79 -24.18
C HIS G 176 8.05 23.28 -24.44
N VAL G 177 7.90 24.18 -25.40
CA VAL G 177 6.59 24.70 -25.80
C VAL G 177 5.67 23.54 -26.21
N VAL G 178 6.19 22.61 -27.01
CA VAL G 178 5.43 21.43 -27.43
C VAL G 178 5.03 20.58 -26.21
N ALA G 179 6.00 20.32 -25.34
CA ALA G 179 5.75 19.51 -24.15
C ALA G 179 4.75 20.16 -23.18
N ALA G 180 4.84 21.48 -23.02
CA ALA G 180 3.98 22.22 -22.11
C ALA G 180 2.58 22.47 -22.68
N GLY G 181 2.47 22.39 -24.01
CA GLY G 181 1.21 22.63 -24.70
C GLY G 181 0.94 24.07 -25.08
N GLY G 182 1.99 24.88 -25.19
CA GLY G 182 1.84 26.27 -25.64
C GLY G 182 2.84 27.21 -25.00
N VAL G 183 3.09 28.35 -25.64
CA VAL G 183 4.08 29.32 -25.16
C VAL G 183 3.72 29.87 -23.77
N GLU G 184 2.46 30.28 -23.62
CA GLU G 184 1.99 30.86 -22.36
C GLU G 184 2.20 29.91 -21.19
N LYS G 185 1.73 28.66 -21.35
CA LYS G 185 1.89 27.62 -20.32
C LYS G 185 3.37 27.37 -20.01
N ALA G 186 4.20 27.24 -21.04
CA ALA G 186 5.62 26.97 -20.86
C ALA G 186 6.35 28.12 -20.13
N VAL G 187 6.05 29.36 -20.51
CA VAL G 187 6.70 30.51 -19.91
C VAL G 187 6.21 30.72 -18.47
N ARG G 188 4.93 30.48 -18.21
CA ARG G 188 4.41 30.54 -16.85
C ARG G 188 5.16 29.56 -15.93
N ALA G 189 5.33 28.32 -16.39
CA ALA G 189 6.07 27.30 -15.66
C ALA G 189 7.55 27.69 -15.49
N ALA G 190 8.14 28.27 -16.54
CA ALA G 190 9.55 28.66 -16.48
C ALA G 190 9.73 29.77 -15.44
N ARG G 191 8.80 30.72 -15.45
CA ARG G 191 8.85 31.86 -14.56
C ARG G 191 8.73 31.40 -13.09
N GLN G 192 7.88 30.41 -12.84
CA GLN G 192 7.75 29.80 -11.51
C GLN G 192 9.04 29.10 -11.07
N ALA G 193 9.70 28.40 -11.99
CA ALA G 193 10.95 27.70 -11.71
C ALA G 193 12.14 28.67 -11.51
N ALA G 194 12.14 29.75 -12.28
CA ALA G 194 13.24 30.71 -12.29
C ALA G 194 13.15 31.61 -11.06
N ASP G 195 11.92 31.92 -10.68
CA ASP G 195 11.65 32.74 -9.52
C ASP G 195 12.39 34.10 -9.66
N PHE G 196 13.00 34.59 -8.59
CA PHE G 196 13.73 35.85 -8.65
C PHE G 196 15.21 35.72 -9.05
N ALA G 197 15.80 34.54 -8.84
CA ALA G 197 17.24 34.36 -9.02
C ALA G 197 17.69 34.13 -10.47
N LEU G 198 16.80 33.63 -11.31
CA LEU G 198 17.19 33.27 -12.68
C LEU G 198 16.37 34.02 -13.70
N LYS G 199 16.96 34.28 -14.85
CA LYS G 199 16.24 34.81 -15.99
C LYS G 199 15.53 33.71 -16.76
N VAL G 200 14.53 34.10 -17.54
CA VAL G 200 13.85 33.17 -18.44
C VAL G 200 14.07 33.65 -19.87
N GLU G 201 14.55 32.74 -20.72
CA GLU G 201 14.68 33.04 -22.15
C GLU G 201 13.78 32.11 -22.96
N VAL G 202 13.15 32.64 -24.00
CA VAL G 202 12.25 31.84 -24.82
C VAL G 202 12.64 31.92 -26.30
N GLU G 203 12.82 30.74 -26.89
CA GLU G 203 13.17 30.58 -28.29
C GLU G 203 11.91 30.70 -29.13
N CYS G 204 11.93 31.61 -30.09
CA CYS G 204 10.76 31.98 -30.86
C CYS G 204 11.03 31.90 -32.37
N SER G 205 10.08 31.31 -33.09
CA SER G 205 10.20 31.13 -34.53
C SER G 205 9.39 32.19 -35.30
N SER G 206 8.58 32.94 -34.57
CA SER G 206 7.69 33.95 -35.15
C SER G 206 7.51 35.13 -34.19
N LEU G 207 7.10 36.27 -34.74
CA LEU G 207 6.76 37.45 -33.94
C LEU G 207 5.67 37.12 -32.93
N GLN G 208 4.73 36.27 -33.34
CA GLN G 208 3.61 35.88 -32.49
C GLN G 208 4.10 35.19 -31.21
N GLU G 209 4.97 34.21 -31.39
CA GLU G 209 5.55 33.48 -30.26
C GLU G 209 6.38 34.42 -29.40
N ALA G 210 7.09 35.34 -30.03
CA ALA G 210 7.86 36.38 -29.34
C ALA G 210 7.00 37.24 -28.42
N VAL G 211 5.84 37.69 -28.92
CA VAL G 211 4.95 38.57 -28.16
C VAL G 211 4.32 37.82 -26.98
N GLN G 212 3.89 36.59 -27.24
CA GLN G 212 3.39 35.69 -26.19
C GLN G 212 4.41 35.45 -25.10
N ALA G 213 5.66 35.19 -25.51
CA ALA G 213 6.78 34.99 -24.60
C ALA G 213 6.98 36.20 -23.69
N ALA G 214 7.08 37.38 -24.31
CA ALA G 214 7.24 38.65 -23.60
C ALA G 214 6.07 38.96 -22.66
N GLU G 215 4.84 38.83 -23.20
CA GLU G 215 3.63 38.98 -22.40
C GLU G 215 3.60 38.10 -21.17
N ALA G 216 4.10 36.87 -21.30
CA ALA G 216 4.08 35.92 -20.20
C ALA G 216 5.24 36.14 -19.21
N GLY G 217 6.14 37.07 -19.54
CA GLY G 217 7.15 37.51 -18.58
C GLY G 217 8.59 37.09 -18.82
N ALA G 218 8.90 36.67 -20.04
CA ALA G 218 10.27 36.28 -20.40
C ALA G 218 11.19 37.48 -20.25
N ASP G 219 12.41 37.23 -19.80
CA ASP G 219 13.44 38.27 -19.69
C ASP G 219 14.12 38.47 -21.04
N LEU G 220 14.29 37.37 -21.77
CA LEU G 220 14.93 37.40 -23.08
C LEU G 220 14.09 36.64 -24.07
N VAL G 221 13.96 37.21 -25.26
CA VAL G 221 13.31 36.55 -26.37
C VAL G 221 14.36 36.26 -27.42
N LEU G 222 14.51 34.98 -27.73
CA LEU G 222 15.46 34.52 -28.73
C LEU G 222 14.73 34.31 -30.05
N LEU G 223 15.07 35.17 -31.02
CA LEU G 223 14.47 35.10 -32.35
C LEU G 223 15.35 34.19 -33.20
N ASP G 224 14.85 32.98 -33.44
CA ASP G 224 15.68 31.91 -33.98
C ASP G 224 15.40 31.68 -35.46
N ASN G 225 16.47 31.65 -36.24
CA ASN G 225 16.42 31.37 -37.68
C ASN G 225 15.50 32.29 -38.50
N PHE G 226 15.47 33.56 -38.11
CA PHE G 226 14.79 34.59 -38.87
C PHE G 226 15.70 35.02 -40.00
N LYS G 227 15.12 35.39 -41.14
CA LYS G 227 15.83 36.17 -42.14
C LYS G 227 16.00 37.60 -41.58
N PRO G 228 17.16 38.24 -41.84
CA PRO G 228 17.40 39.61 -41.37
C PRO G 228 16.27 40.60 -41.67
N GLU G 229 15.66 40.48 -42.84
CA GLU G 229 14.54 41.35 -43.22
C GLU G 229 13.29 41.15 -42.37
N GLU G 230 13.15 39.97 -41.76
CA GLU G 230 12.06 39.68 -40.84
C GLU G 230 12.47 39.94 -39.39
N LEU G 231 13.74 39.69 -39.10
CA LEU G 231 14.30 39.84 -37.76
C LEU G 231 14.12 41.26 -37.18
N HIS G 232 14.56 42.27 -37.93
CA HIS G 232 14.59 43.64 -37.41
C HIS G 232 13.22 44.29 -37.19
N PRO G 233 12.27 44.12 -38.13
CA PRO G 233 10.89 44.56 -37.86
C PRO G 233 10.26 43.88 -36.64
N THR G 234 10.51 42.58 -36.49
CA THR G 234 10.01 41.83 -35.33
C THR G 234 10.58 42.38 -34.01
N ALA G 235 11.91 42.54 -33.95
CA ALA G 235 12.58 43.10 -32.78
C ALA G 235 12.12 44.52 -32.48
N THR G 236 11.87 45.31 -33.52
CA THR G 236 11.42 46.70 -33.37
C THR G 236 10.09 46.75 -32.62
N VAL G 237 9.17 45.86 -33.00
CA VAL G 237 7.86 45.77 -32.37
C VAL G 237 7.97 45.30 -30.92
N LEU G 238 8.80 44.28 -30.70
CA LEU G 238 9.03 43.78 -29.35
C LEU G 238 9.56 44.85 -28.41
N LYS G 239 10.58 45.60 -28.85
CA LYS G 239 11.18 46.65 -28.04
C LYS G 239 10.22 47.80 -27.74
N ALA G 240 9.33 48.10 -28.69
CA ALA G 240 8.31 49.14 -28.52
C ALA G 240 7.24 48.73 -27.52
N GLN G 241 6.73 47.50 -27.60
CA GLN G 241 5.73 47.04 -26.63
C GLN G 241 6.32 46.58 -25.29
N PHE G 242 7.52 46.00 -25.32
CA PHE G 242 8.14 45.43 -24.13
C PHE G 242 9.57 45.94 -23.98
N PRO G 243 9.73 47.21 -23.53
CA PRO G 243 11.03 47.88 -23.54
C PRO G 243 12.06 47.23 -22.62
N SER G 244 11.60 46.44 -21.65
CA SER G 244 12.51 45.78 -20.69
C SER G 244 13.05 44.46 -21.20
N VAL G 245 12.37 43.87 -22.19
CA VAL G 245 12.77 42.56 -22.70
C VAL G 245 14.00 42.69 -23.57
N ALA G 246 15.01 41.87 -23.31
CA ALA G 246 16.22 41.80 -24.15
C ALA G 246 15.97 40.89 -25.37
N VAL G 247 16.51 41.28 -26.53
CA VAL G 247 16.30 40.53 -27.76
C VAL G 247 17.60 39.87 -28.21
N GLU G 248 17.54 38.56 -28.41
CA GLU G 248 18.67 37.79 -28.93
C GLU G 248 18.34 37.29 -30.33
N ALA G 249 19.32 37.36 -31.23
CA ALA G 249 19.19 36.77 -32.56
C ALA G 249 20.14 35.59 -32.68
N SER G 250 19.66 34.52 -33.31
CA SER G 250 20.47 33.34 -33.53
C SER G 250 19.93 32.52 -34.68
N GLY G 251 20.78 31.67 -35.24
CA GLY G 251 20.36 30.72 -36.28
C GLY G 251 20.88 31.13 -37.63
N GLY G 252 21.87 30.39 -38.12
CA GLY G 252 22.41 30.62 -39.46
C GLY G 252 23.25 31.88 -39.57
N ILE G 253 23.80 32.33 -38.45
CA ILE G 253 24.64 33.52 -38.42
C ILE G 253 26.09 33.11 -38.60
N THR G 254 26.76 33.78 -39.52
CA THR G 254 28.16 33.50 -39.85
C THR G 254 28.93 34.81 -39.74
N LEU G 255 30.26 34.70 -39.71
CA LEU G 255 31.10 35.90 -39.71
C LEU G 255 30.74 36.83 -40.87
N ASP G 256 30.51 36.23 -42.04
CA ASP G 256 30.22 36.99 -43.26
C ASP G 256 28.88 37.73 -43.23
N ASN G 257 27.83 37.10 -42.68
CA ASN G 257 26.51 37.72 -42.65
C ASN G 257 26.15 38.45 -41.35
N LEU G 258 27.05 38.36 -40.36
CA LEU G 258 26.84 38.98 -39.05
C LEU G 258 26.35 40.44 -39.10
N PRO G 259 27.00 41.32 -39.90
CA PRO G 259 26.49 42.70 -40.00
C PRO G 259 25.01 42.85 -40.37
N GLN G 260 24.45 41.91 -41.13
CA GLN G 260 23.02 41.93 -41.46
C GLN G 260 22.10 41.69 -40.26
N PHE G 261 22.61 40.97 -39.26
CA PHE G 261 21.85 40.66 -38.05
C PHE G 261 22.02 41.71 -36.95
N CYS G 262 22.98 42.60 -37.17
CA CYS G 262 23.21 43.73 -36.30
C CYS G 262 22.15 44.81 -36.53
N GLY G 263 21.54 45.28 -35.45
CA GLY G 263 20.56 46.37 -35.53
C GLY G 263 20.35 46.95 -34.15
N PRO G 264 19.74 48.16 -34.09
CA PRO G 264 19.57 48.86 -32.82
C PRO G 264 18.68 48.13 -31.80
N HIS G 265 17.85 47.19 -32.25
CA HIS G 265 16.91 46.49 -31.35
C HIS G 265 17.32 45.05 -31.03
N ILE G 266 18.52 44.68 -31.47
CA ILE G 266 19.09 43.38 -31.16
C ILE G 266 20.16 43.61 -30.10
N ASP G 267 20.02 42.92 -28.98
CA ASP G 267 20.92 43.07 -27.83
C ASP G 267 22.06 42.06 -27.86
N VAL G 268 21.72 40.84 -28.29
CA VAL G 268 22.63 39.70 -28.24
C VAL G 268 22.55 38.96 -29.56
N ILE G 269 23.71 38.59 -30.09
CA ILE G 269 23.77 37.72 -31.25
C ILE G 269 24.62 36.52 -30.86
N SER G 270 23.98 35.35 -30.81
CA SER G 270 24.69 34.14 -30.46
C SER G 270 25.01 33.30 -31.70
N MET G 271 26.21 32.72 -31.69
CA MET G 271 26.72 32.01 -32.86
C MET G 271 27.30 30.67 -32.46
N GLY G 272 26.64 29.59 -32.90
CA GLY G 272 27.14 28.23 -32.67
C GLY G 272 28.50 28.03 -33.32
N MET G 273 28.72 28.68 -34.46
CA MET G 273 29.97 28.51 -35.22
C MET G 273 31.23 28.87 -34.43
N LEU G 274 31.10 29.77 -33.46
CA LEU G 274 32.25 30.22 -32.67
C LEU G 274 32.90 29.08 -31.90
N THR G 275 32.09 28.09 -31.51
CA THR G 275 32.58 26.91 -30.81
C THR G 275 32.53 25.64 -31.66
N GLN G 276 31.62 25.58 -32.63
CA GLN G 276 31.45 24.39 -33.45
C GLN G 276 32.32 24.32 -34.68
N ALA G 277 32.78 25.48 -35.16
CA ALA G 277 33.52 25.53 -36.41
C ALA G 277 34.65 26.55 -36.38
N ALA G 278 35.35 26.64 -35.26
CA ALA G 278 36.55 27.47 -35.17
C ALA G 278 37.78 26.59 -35.28
N PRO G 279 38.53 26.68 -36.39
CA PRO G 279 39.72 25.84 -36.55
C PRO G 279 40.75 26.14 -35.47
N ALA G 280 41.40 25.12 -34.95
CA ALA G 280 42.47 25.29 -33.95
C ALA G 280 43.62 26.07 -34.58
N LEU G 281 44.32 26.87 -33.78
CA LEU G 281 45.52 27.56 -34.27
C LEU G 281 46.71 26.59 -34.26
N ASP G 282 47.72 26.89 -35.07
CA ASP G 282 48.91 26.06 -35.19
C ASP G 282 49.97 26.57 -34.20
N PHE G 283 50.23 25.78 -33.16
CA PHE G 283 51.31 26.06 -32.22
C PHE G 283 52.30 24.89 -32.24
N SER G 284 53.57 25.18 -31.97
CA SER G 284 54.54 24.10 -31.73
C SER G 284 55.36 24.41 -30.48
N LEU G 285 55.93 23.37 -29.90
CA LEU G 285 56.80 23.51 -28.74
C LEU G 285 58.11 22.84 -29.07
N LYS G 286 59.18 23.62 -29.12
CA LYS G 286 60.47 23.13 -29.60
C LYS G 286 61.51 23.21 -28.50
N LEU G 287 61.96 22.04 -28.05
CA LEU G 287 63.08 21.96 -27.12
C LEU G 287 64.29 22.65 -27.70
N PHE G 288 65.03 23.36 -26.86
CA PHE G 288 66.28 24.00 -27.26
C PHE G 288 67.32 23.98 -26.13
N ASP H 4 34.06 -2.29 -41.33
CA ASP H 4 32.63 -1.97 -41.61
C ASP H 4 32.07 -1.08 -40.50
N ALA H 5 31.54 0.07 -40.89
CA ALA H 5 31.11 1.11 -39.93
C ALA H 5 30.16 0.63 -38.84
N GLU H 6 29.22 -0.24 -39.19
CA GLU H 6 28.24 -0.75 -38.24
C GLU H 6 28.85 -1.63 -37.14
N GLY H 7 29.95 -2.30 -37.45
CA GLY H 7 30.66 -3.13 -36.49
C GLY H 7 31.61 -2.38 -35.56
N LEU H 8 31.87 -1.12 -35.86
CA LEU H 8 32.85 -0.34 -35.09
C LEU H 8 32.44 -0.03 -33.65
N ALA H 9 31.12 -0.02 -33.37
CA ALA H 9 30.64 0.24 -32.01
C ALA H 9 31.17 -0.77 -30.98
N LEU H 10 31.55 -1.96 -31.45
CA LEU H 10 32.10 -3.01 -30.56
C LEU H 10 33.41 -2.57 -29.88
N LEU H 11 34.09 -1.60 -30.47
CA LEU H 11 35.34 -1.07 -29.94
C LEU H 11 35.19 -0.33 -28.63
N LEU H 12 33.96 0.05 -28.30
CA LEU H 12 33.67 0.94 -27.18
C LEU H 12 33.10 0.18 -25.97
N PRO H 13 33.91 0.00 -24.91
CA PRO H 13 33.40 -0.71 -23.71
C PRO H 13 32.24 0.08 -23.07
N PRO H 14 31.19 -0.63 -22.62
CA PRO H 14 29.98 0.07 -22.13
C PRO H 14 30.23 0.88 -20.85
N VAL H 15 31.17 0.41 -20.03
CA VAL H 15 31.48 1.09 -18.78
C VAL H 15 32.23 2.41 -19.04
N THR H 16 33.14 2.38 -20.01
CA THR H 16 33.85 3.58 -20.45
C THR H 16 32.88 4.65 -20.99
N LEU H 17 31.95 4.22 -21.85
CA LEU H 17 30.91 5.12 -22.35
C LEU H 17 30.06 5.70 -21.25
N ALA H 18 29.64 4.85 -20.32
CA ALA H 18 28.77 5.30 -19.22
C ALA H 18 29.43 6.41 -18.40
N ALA H 19 30.71 6.23 -18.07
CA ALA H 19 31.46 7.21 -17.27
C ALA H 19 31.62 8.52 -18.03
N LEU H 20 31.95 8.43 -19.32
CA LEU H 20 32.13 9.58 -20.18
C LEU H 20 30.82 10.37 -20.27
N VAL H 21 29.75 9.65 -20.58
CA VAL H 21 28.42 10.20 -20.69
C VAL H 21 27.95 10.88 -19.39
N ASP H 22 28.21 10.23 -18.27
CA ASP H 22 27.90 10.80 -16.97
C ASP H 22 28.62 12.14 -16.74
N SER H 23 29.90 12.21 -17.10
CA SER H 23 30.67 13.46 -16.93
C SER H 23 30.11 14.59 -17.81
N TRP H 24 29.64 14.24 -19.00
CA TRP H 24 29.02 15.22 -19.90
C TRP H 24 27.70 15.77 -19.37
N LEU H 25 26.88 14.88 -18.84
CA LEU H 25 25.62 15.29 -18.24
C LEU H 25 25.85 16.15 -17.00
N ARG H 26 26.86 15.81 -16.22
CA ARG H 26 27.22 16.59 -15.04
C ARG H 26 27.69 18.00 -15.42
N GLU H 27 28.48 18.09 -16.49
CA GLU H 27 28.93 19.39 -17.03
C GLU H 27 27.75 20.26 -17.43
N ASP H 28 26.76 19.68 -18.09
CA ASP H 28 25.63 20.44 -18.60
C ASP H 28 24.53 20.74 -17.56
N CYS H 29 24.49 19.96 -16.49
CA CYS H 29 23.48 20.16 -15.44
C CYS H 29 24.07 19.76 -14.08
N PRO H 30 24.87 20.66 -13.48
CA PRO H 30 25.53 20.28 -12.23
C PRO H 30 24.62 20.23 -10.98
N GLY H 31 23.45 20.84 -11.07
CA GLY H 31 22.54 20.91 -9.92
C GLY H 31 21.14 20.56 -10.33
N LEU H 32 20.21 21.48 -10.06
CA LEU H 32 18.79 21.31 -10.37
C LEU H 32 18.53 21.55 -11.85
N ASN H 33 17.66 20.74 -12.43
CA ASN H 33 17.26 20.89 -13.81
C ASN H 33 15.91 21.62 -13.85
N TYR H 34 15.96 22.93 -13.65
CA TYR H 34 14.78 23.78 -13.60
C TYR H 34 13.81 23.58 -14.77
N ALA H 35 14.36 23.42 -15.97
CA ALA H 35 13.55 23.33 -17.18
C ALA H 35 12.68 22.06 -17.19
N ALA H 36 13.02 21.07 -16.35
CA ALA H 36 12.22 19.85 -16.26
C ALA H 36 10.77 20.15 -15.86
N LEU H 37 10.59 21.19 -15.04
CA LEU H 37 9.27 21.62 -14.58
C LEU H 37 8.44 22.24 -15.69
N VAL H 38 9.09 22.67 -16.76
CA VAL H 38 8.39 23.26 -17.92
C VAL H 38 7.78 22.14 -18.80
N SER H 39 8.55 21.11 -19.06
CA SER H 39 8.10 20.05 -19.94
C SER H 39 7.27 18.97 -19.24
N GLY H 40 7.58 18.72 -17.96
CA GLY H 40 6.97 17.61 -17.23
C GLY H 40 7.54 16.27 -17.68
N ALA H 41 6.94 15.19 -17.21
CA ALA H 41 7.49 13.85 -17.43
C ALA H 41 6.66 12.99 -18.39
N GLY H 42 5.68 13.58 -19.07
CA GLY H 42 4.82 12.83 -19.99
C GLY H 42 5.63 12.06 -21.05
N PRO H 43 5.22 10.81 -21.36
CA PRO H 43 5.93 10.06 -22.40
C PRO H 43 5.91 10.84 -23.70
N SER H 44 7.06 10.95 -24.34
CA SER H 44 7.22 11.82 -25.50
C SER H 44 8.06 11.16 -26.58
N GLN H 45 8.04 11.77 -27.76
CA GLN H 45 8.87 11.34 -28.88
C GLN H 45 9.50 12.56 -29.52
N ALA H 46 10.73 12.40 -29.98
CA ALA H 46 11.43 13.45 -30.69
C ALA H 46 12.08 12.87 -31.94
N ALA H 47 12.04 13.63 -33.03
CA ALA H 47 12.70 13.23 -34.26
C ALA H 47 14.07 13.88 -34.37
N LEU H 48 15.06 13.08 -34.76
CA LEU H 48 16.41 13.56 -35.02
C LEU H 48 16.55 13.89 -36.49
N TRP H 49 16.91 15.13 -36.79
CA TRP H 49 17.02 15.60 -38.18
C TRP H 49 18.46 15.94 -38.53
N ALA H 50 18.92 15.46 -39.68
CA ALA H 50 20.23 15.82 -40.21
C ALA H 50 20.06 16.97 -41.21
N LYS H 51 20.70 18.10 -40.93
CA LYS H 51 20.58 19.30 -41.76
C LYS H 51 21.83 19.60 -42.58
N SER H 52 22.85 18.77 -42.44
CA SER H 52 24.13 18.92 -43.16
C SER H 52 24.41 17.67 -43.97
N PRO H 53 25.09 17.82 -45.13
CA PRO H 53 25.58 16.62 -45.81
C PRO H 53 26.82 16.09 -45.11
N GLY H 54 27.10 14.80 -45.31
CA GLY H 54 28.24 14.19 -44.67
C GLY H 54 28.00 12.74 -44.35
N VAL H 55 28.64 12.29 -43.28
CA VAL H 55 28.59 10.91 -42.83
C VAL H 55 28.08 10.87 -41.39
N LEU H 56 27.12 9.98 -41.13
CA LEU H 56 26.57 9.82 -39.79
C LEU H 56 27.52 9.02 -38.91
N ALA H 57 27.90 9.58 -37.77
CA ALA H 57 28.78 8.89 -36.82
C ALA H 57 28.50 9.31 -35.40
N GLY H 58 28.53 8.33 -34.50
CA GLY H 58 28.39 8.63 -33.07
C GLY H 58 27.15 8.03 -32.42
N GLN H 59 26.44 7.17 -33.15
CA GLN H 59 25.27 6.47 -32.61
C GLN H 59 25.50 5.85 -31.22
N PRO H 60 26.64 5.15 -31.01
CA PRO H 60 26.82 4.53 -29.67
C PRO H 60 26.87 5.54 -28.52
N PHE H 61 27.42 6.73 -28.77
CA PHE H 61 27.50 7.76 -27.75
C PHE H 61 26.13 8.42 -27.53
N PHE H 62 25.44 8.68 -28.63
CA PHE H 62 24.08 9.24 -28.62
C PHE H 62 23.16 8.29 -27.83
N ASP H 63 23.21 7.00 -28.15
CA ASP H 63 22.45 5.97 -27.43
C ASP H 63 22.78 5.91 -25.94
N ALA H 64 24.07 5.92 -25.63
CA ALA H 64 24.54 5.82 -24.24
C ALA H 64 24.01 6.98 -23.40
N ILE H 65 23.98 8.18 -23.99
CA ILE H 65 23.48 9.37 -23.30
C ILE H 65 22.02 9.13 -22.92
N PHE H 66 21.20 8.76 -23.91
CA PHE H 66 19.78 8.59 -23.65
C PHE H 66 19.44 7.39 -22.78
N THR H 67 20.25 6.34 -22.87
CA THR H 67 20.10 5.18 -21.98
C THR H 67 20.29 5.57 -20.51
N GLN H 68 21.28 6.42 -20.23
CA GLN H 68 21.49 6.93 -18.87
C GLN H 68 20.31 7.77 -18.39
N LEU H 69 19.51 8.28 -19.32
CA LEU H 69 18.35 9.11 -18.99
C LEU H 69 17.03 8.35 -19.15
N ASN H 70 17.14 7.03 -19.28
CA ASN H 70 16.01 6.13 -19.43
C ASN H 70 15.15 6.43 -20.66
N CYS H 71 15.83 6.73 -21.76
CA CYS H 71 15.16 6.98 -23.05
C CYS H 71 15.67 5.95 -24.06
N GLN H 72 14.87 5.71 -25.09
CA GLN H 72 15.22 4.71 -26.10
C GLN H 72 15.35 5.38 -27.47
N VAL H 73 16.26 4.87 -28.30
CA VAL H 73 16.52 5.44 -29.62
C VAL H 73 16.28 4.39 -30.71
N SER H 74 15.50 4.76 -31.72
CA SER H 74 15.35 3.95 -32.92
C SER H 74 16.02 4.68 -34.08
N TRP H 75 17.01 4.02 -34.69
CA TRP H 75 17.76 4.62 -35.80
C TRP H 75 17.17 4.19 -37.13
N PHE H 76 17.04 5.14 -38.06
CA PHE H 76 16.48 4.85 -39.38
C PHE H 76 17.57 4.73 -40.42
N LEU H 77 18.79 5.10 -40.03
CA LEU H 77 19.95 4.95 -40.90
C LEU H 77 21.06 4.28 -40.10
N PRO H 78 21.79 3.34 -40.73
CA PRO H 78 22.93 2.73 -40.04
C PRO H 78 24.09 3.71 -39.82
N GLU H 79 24.92 3.39 -38.83
CA GLU H 79 26.14 4.12 -38.58
C GLU H 79 27.00 4.16 -39.85
N GLY H 80 27.56 5.33 -40.14
CA GLY H 80 28.39 5.50 -41.33
C GLY H 80 27.66 5.88 -42.61
N SER H 81 26.36 6.11 -42.52
CA SER H 81 25.58 6.44 -43.72
C SER H 81 25.82 7.86 -44.19
N LYS H 82 25.67 8.06 -45.50
CA LYS H 82 25.74 9.39 -46.07
C LYS H 82 24.45 10.13 -45.73
N LEU H 83 24.60 11.37 -45.28
CA LEU H 83 23.46 12.17 -44.91
C LEU H 83 23.09 13.10 -46.06
N VAL H 84 21.82 13.05 -46.45
CA VAL H 84 21.29 13.90 -47.51
C VAL H 84 20.16 14.75 -46.92
N PRO H 85 20.49 15.99 -46.51
CA PRO H 85 19.53 16.79 -45.74
C PRO H 85 18.35 17.23 -46.61
N VAL H 86 17.16 17.42 -46.04
CA VAL H 86 16.87 17.23 -44.61
C VAL H 86 16.35 15.80 -44.37
N ALA H 87 17.09 15.04 -43.57
CA ALA H 87 16.85 13.61 -43.41
C ALA H 87 16.38 13.24 -42.00
N ARG H 88 15.35 12.40 -41.91
CA ARG H 88 14.90 11.85 -40.64
C ARG H 88 15.77 10.66 -40.25
N VAL H 89 16.67 10.89 -39.29
CA VAL H 89 17.73 9.94 -38.96
C VAL H 89 17.36 8.96 -37.83
N ALA H 90 16.64 9.45 -36.82
CA ALA H 90 16.28 8.64 -35.66
C ALA H 90 15.03 9.14 -34.97
N GLU H 91 14.47 8.29 -34.09
CA GLU H 91 13.43 8.69 -33.15
C GLU H 91 13.88 8.34 -31.74
N VAL H 92 13.69 9.27 -30.82
CA VAL H 92 14.01 9.08 -29.41
C VAL H 92 12.71 9.11 -28.61
N ARG H 93 12.58 8.19 -27.66
CA ARG H 93 11.38 8.12 -26.84
C ARG H 93 11.73 8.09 -25.36
N GLY H 94 10.93 8.79 -24.57
CA GLY H 94 11.14 8.83 -23.14
C GLY H 94 10.33 9.93 -22.50
N PRO H 95 10.40 10.05 -21.17
CA PRO H 95 9.73 11.14 -20.47
C PRO H 95 10.24 12.45 -21.05
N ALA H 96 9.35 13.42 -21.23
CA ALA H 96 9.69 14.67 -21.91
C ALA H 96 10.95 15.30 -21.33
N HIS H 97 11.02 15.36 -20.00
CA HIS H 97 12.11 16.06 -19.34
C HIS H 97 13.45 15.34 -19.56
N CYS H 98 13.41 14.02 -19.64
CA CYS H 98 14.60 13.23 -19.90
C CYS H 98 15.12 13.46 -21.32
N LEU H 99 14.21 13.47 -22.30
CA LEU H 99 14.58 13.78 -23.69
C LEU H 99 15.26 15.14 -23.77
N LEU H 100 14.68 16.13 -23.10
CA LEU H 100 15.20 17.49 -23.20
C LEU H 100 16.46 17.72 -22.40
N LEU H 101 16.66 16.94 -21.35
CA LEU H 101 17.90 16.95 -20.59
C LEU H 101 19.07 16.40 -21.42
N GLY H 102 18.79 15.38 -22.23
CA GLY H 102 19.84 14.74 -23.04
C GLY H 102 20.11 15.45 -24.34
N GLU H 103 19.13 16.24 -24.80
CA GLU H 103 19.13 16.83 -26.13
C GLU H 103 20.46 17.48 -26.53
N ARG H 104 20.89 18.48 -25.76
CA ARG H 104 22.04 19.29 -26.15
C ARG H 104 23.34 18.48 -26.17
N VAL H 105 23.60 17.73 -25.10
CA VAL H 105 24.80 16.89 -25.04
C VAL H 105 24.83 15.87 -26.18
N ALA H 106 23.70 15.21 -26.44
CA ALA H 106 23.62 14.22 -27.52
C ALA H 106 23.85 14.85 -28.88
N LEU H 107 23.25 16.02 -29.13
CA LEU H 107 23.45 16.71 -30.40
C LEU H 107 24.90 17.18 -30.56
N ASN H 108 25.47 17.74 -29.49
CA ASN H 108 26.87 18.21 -29.52
C ASN H 108 27.84 17.08 -29.89
N THR H 109 27.58 15.91 -29.32
CA THR H 109 28.41 14.72 -29.51
C THR H 109 28.29 14.17 -30.92
N LEU H 110 27.05 13.98 -31.38
CA LEU H 110 26.79 13.49 -32.74
C LEU H 110 27.30 14.48 -33.80
N ALA H 111 27.14 15.77 -33.54
CA ALA H 111 27.56 16.80 -34.50
C ALA H 111 29.06 16.76 -34.74
N ARG H 112 29.83 16.60 -33.67
CA ARG H 112 31.29 16.61 -33.75
C ARG H 112 31.84 15.29 -34.29
N CYS H 113 31.27 14.17 -33.82
CA CYS H 113 31.68 12.86 -34.30
C CYS H 113 31.40 12.77 -35.80
N SER H 114 30.21 13.21 -36.23
CA SER H 114 29.86 13.20 -37.65
C SER H 114 30.69 14.19 -38.46
N GLY H 115 30.99 15.36 -37.89
CA GLY H 115 31.85 16.35 -38.57
C GLY H 115 33.21 15.75 -38.89
N ILE H 116 33.77 15.02 -37.93
CA ILE H 116 35.07 14.37 -38.10
C ILE H 116 35.00 13.21 -39.10
N ALA H 117 33.97 12.38 -38.99
CA ALA H 117 33.74 11.30 -39.95
C ALA H 117 33.56 11.83 -41.35
N SER H 118 32.88 12.97 -41.49
CA SER H 118 32.68 13.63 -42.79
C SER H 118 34.00 14.10 -43.41
N ALA H 119 34.84 14.73 -42.58
CA ALA H 119 36.17 15.18 -43.03
C ALA H 119 37.06 13.99 -43.41
N ALA H 120 37.03 12.93 -42.60
CA ALA H 120 37.79 11.71 -42.88
C ALA H 120 37.36 11.08 -44.20
N ALA H 121 36.05 10.96 -44.41
CA ALA H 121 35.50 10.38 -45.63
C ALA H 121 35.89 11.17 -46.87
N ALA H 122 35.90 12.49 -46.76
CA ALA H 122 36.30 13.36 -47.88
C ALA H 122 37.77 13.15 -48.23
N ALA H 123 38.62 13.04 -47.19
CA ALA H 123 40.04 12.78 -47.38
C ALA H 123 40.28 11.39 -48.00
N VAL H 124 39.60 10.37 -47.46
CA VAL H 124 39.69 9.01 -47.99
C VAL H 124 39.27 8.97 -49.47
N GLU H 125 38.19 9.68 -49.79
CA GLU H 125 37.70 9.77 -51.17
C GLU H 125 38.71 10.45 -52.11
N ALA H 126 39.31 11.54 -51.65
CA ALA H 126 40.34 12.24 -52.43
C ALA H 126 41.57 11.35 -52.67
N ALA H 127 41.99 10.63 -51.64
CA ALA H 127 43.10 9.68 -51.75
C ALA H 127 42.79 8.56 -52.74
N ARG H 128 41.60 7.98 -52.63
CA ARG H 128 41.16 6.94 -53.54
C ARG H 128 41.06 7.44 -54.99
N GLY H 129 40.52 8.65 -55.16
CA GLY H 129 40.45 9.30 -56.48
C GLY H 129 41.82 9.52 -57.11
N ALA H 130 42.84 9.64 -56.26
CA ALA H 130 44.22 9.79 -56.71
C ALA H 130 44.89 8.44 -57.00
N GLY H 131 44.14 7.36 -56.81
CA GLY H 131 44.65 6.01 -57.04
C GLY H 131 45.59 5.49 -55.96
N TRP H 132 45.51 6.09 -54.78
CA TRP H 132 46.39 5.74 -53.67
C TRP H 132 45.76 4.62 -52.83
N THR H 133 46.56 3.63 -52.45
CA THR H 133 46.05 2.49 -51.67
C THR H 133 46.51 2.53 -50.21
N GLY H 134 47.14 3.62 -49.81
CA GLY H 134 47.59 3.79 -48.43
C GLY H 134 46.46 4.18 -47.51
N HIS H 135 46.81 4.46 -46.24
CA HIS H 135 45.80 4.80 -45.25
C HIS H 135 45.86 6.27 -44.82
N VAL H 136 44.71 6.92 -44.90
CA VAL H 136 44.53 8.25 -44.34
C VAL H 136 44.37 8.06 -42.84
N ALA H 137 45.08 8.85 -42.05
CA ALA H 137 45.12 8.64 -40.60
C ALA H 137 44.93 9.93 -39.83
N GLY H 138 44.45 9.80 -38.61
CA GLY H 138 44.40 10.93 -37.71
C GLY H 138 45.61 10.96 -36.81
N THR H 139 45.56 11.82 -35.79
CA THR H 139 46.68 12.12 -34.93
C THR H 139 46.20 12.25 -33.47
N ARG H 140 47.12 12.63 -32.58
CA ARG H 140 46.77 12.91 -31.19
C ARG H 140 46.34 14.38 -31.01
N LYS H 141 46.13 15.08 -32.12
CA LYS H 141 45.63 16.46 -32.09
C LYS H 141 44.12 16.47 -31.93
N THR H 142 43.68 15.97 -30.79
CA THR H 142 42.27 15.80 -30.47
C THR H 142 41.88 16.72 -29.30
N THR H 143 40.59 16.97 -29.13
CA THR H 143 40.12 17.80 -28.04
C THR H 143 40.33 17.02 -26.74
N PRO H 144 41.05 17.63 -25.77
CA PRO H 144 41.29 16.98 -24.48
C PRO H 144 40.00 16.42 -23.85
N GLY H 145 40.04 15.15 -23.44
CA GLY H 145 38.89 14.47 -22.83
C GLY H 145 37.88 13.89 -23.82
N PHE H 146 38.03 14.22 -25.11
CA PHE H 146 37.06 13.84 -26.13
C PHE H 146 37.66 12.89 -27.16
N ARG H 147 38.85 12.37 -26.88
CA ARG H 147 39.58 11.58 -27.88
C ARG H 147 38.81 10.35 -28.37
N LEU H 148 38.15 9.65 -27.45
CA LEU H 148 37.43 8.43 -27.81
C LEU H 148 36.40 8.69 -28.91
N VAL H 149 35.64 9.77 -28.78
CA VAL H 149 34.64 10.15 -29.77
C VAL H 149 35.27 10.56 -31.09
N GLU H 150 36.34 11.36 -31.02
CA GLU H 150 37.01 11.86 -32.22
C GLU H 150 37.68 10.74 -33.02
N LYS H 151 38.37 9.83 -32.33
CA LYS H 151 39.00 8.68 -32.98
C LYS H 151 37.98 7.73 -33.58
N TYR H 152 36.90 7.49 -32.85
CA TYR H 152 35.78 6.69 -33.36
C TYR H 152 35.20 7.33 -34.63
N GLY H 153 35.05 8.66 -34.65
CA GLY H 153 34.59 9.38 -35.84
C GLY H 153 35.49 9.17 -37.05
N LEU H 154 36.79 9.29 -36.84
CA LEU H 154 37.76 9.00 -37.91
C LEU H 154 37.53 7.61 -38.51
N LEU H 155 37.36 6.62 -37.63
CA LEU H 155 37.15 5.23 -38.05
C LEU H 155 35.87 5.06 -38.87
N VAL H 156 34.78 5.65 -38.41
CA VAL H 156 33.52 5.61 -39.18
C VAL H 156 33.70 6.23 -40.57
N GLY H 157 34.46 7.31 -40.64
CA GLY H 157 34.77 7.97 -41.91
C GLY H 157 35.73 7.21 -42.82
N GLY H 158 36.29 6.12 -42.31
CA GLY H 158 37.19 5.27 -43.11
C GLY H 158 38.66 5.57 -42.95
N ALA H 159 38.99 6.49 -42.04
CA ALA H 159 40.39 6.78 -41.72
C ALA H 159 40.91 5.87 -40.61
N ALA H 160 42.22 5.73 -40.50
CA ALA H 160 42.84 5.00 -39.39
C ALA H 160 42.84 5.89 -38.16
N SER H 161 42.49 5.34 -37.00
CA SER H 161 42.63 6.12 -35.76
C SER H 161 44.11 6.44 -35.54
N HIS H 162 44.96 5.44 -35.80
CA HIS H 162 46.42 5.60 -35.78
C HIS H 162 46.90 5.83 -34.35
N ARG H 163 47.89 6.70 -34.17
CA ARG H 163 48.47 6.89 -32.83
C ARG H 163 47.39 7.42 -31.87
N TYR H 164 47.05 6.59 -30.89
CA TYR H 164 45.97 6.90 -29.93
C TYR H 164 46.45 7.66 -28.71
N ASP H 165 47.52 7.18 -28.08
CA ASP H 165 48.06 7.84 -26.89
C ASP H 165 49.55 7.55 -26.74
N LEU H 166 50.15 8.04 -25.66
CA LEU H 166 51.57 7.87 -25.42
C LEU H 166 52.04 6.45 -25.10
N GLY H 167 51.09 5.52 -24.97
CA GLY H 167 51.44 4.11 -24.73
C GLY H 167 51.36 3.20 -25.95
N GLY H 168 50.99 3.76 -27.09
CA GLY H 168 50.62 2.97 -28.27
C GLY H 168 51.78 2.49 -29.12
N LEU H 169 52.64 3.42 -29.48
CA LEU H 169 53.95 3.13 -30.06
C LEU H 169 54.86 4.23 -29.54
N VAL H 170 56.16 3.96 -29.54
CA VAL H 170 57.15 4.95 -29.11
C VAL H 170 57.42 5.92 -30.27
N MET H 171 56.85 7.12 -30.16
CA MET H 171 56.97 8.14 -31.19
C MET H 171 58.13 9.09 -30.88
N VAL H 172 59.16 9.04 -31.73
CA VAL H 172 60.36 9.85 -31.57
C VAL H 172 60.23 11.10 -32.44
N LYS H 173 59.93 12.23 -31.80
CA LYS H 173 59.73 13.50 -32.49
C LYS H 173 61.03 14.31 -32.63
N ASP H 174 60.91 15.49 -33.25
CA ASP H 174 62.00 16.47 -33.28
C ASP H 174 62.61 16.67 -31.89
N ASN H 175 61.73 16.85 -30.90
CA ASN H 175 62.10 17.15 -29.52
C ASN H 175 62.90 16.06 -28.82
N HIS H 176 62.54 14.80 -29.08
CA HIS H 176 63.24 13.66 -28.49
C HIS H 176 64.65 13.55 -29.04
N VAL H 177 64.81 13.83 -30.33
CA VAL H 177 66.12 13.81 -30.97
C VAL H 177 67.04 14.86 -30.33
N VAL H 178 66.53 16.07 -30.13
CA VAL H 178 67.27 17.14 -29.46
C VAL H 178 67.69 16.71 -28.05
N ALA H 179 66.72 16.22 -27.27
CA ALA H 179 66.97 15.77 -25.90
C ALA H 179 67.97 14.62 -25.80
N ALA H 180 67.88 13.66 -26.73
CA ALA H 180 68.76 12.49 -26.74
C ALA H 180 70.15 12.80 -27.29
N GLY H 181 70.25 13.86 -28.09
CA GLY H 181 71.52 14.26 -28.68
C GLY H 181 71.78 13.65 -30.05
N GLY H 182 70.73 13.26 -30.76
CA GLY H 182 70.88 12.73 -32.10
C GLY H 182 69.90 11.63 -32.43
N VAL H 183 69.68 11.42 -33.73
CA VAL H 183 68.70 10.44 -34.22
C VAL H 183 69.04 9.03 -33.76
N GLU H 184 70.29 8.61 -33.98
CA GLU H 184 70.75 7.28 -33.65
C GLU H 184 70.58 6.97 -32.15
N LYS H 185 71.03 7.88 -31.30
CA LYS H 185 70.87 7.74 -29.85
C LYS H 185 69.41 7.66 -29.44
N ALA H 186 68.57 8.52 -30.02
CA ALA H 186 67.15 8.55 -29.71
C ALA H 186 66.45 7.25 -30.11
N VAL H 187 66.74 6.77 -31.32
CA VAL H 187 66.09 5.55 -31.83
C VAL H 187 66.57 4.32 -31.06
N ARG H 188 67.86 4.26 -30.72
CA ARG H 188 68.41 3.18 -29.89
C ARG H 188 67.66 3.09 -28.56
N ALA H 189 67.48 4.23 -27.91
CA ALA H 189 66.75 4.29 -26.65
C ALA H 189 65.27 3.91 -26.83
N ALA H 190 64.67 4.36 -27.92
CA ALA H 190 63.26 4.06 -28.20
C ALA H 190 63.05 2.56 -28.44
N ARG H 191 63.99 1.97 -29.19
CA ARG H 191 63.99 0.54 -29.49
C ARG H 191 64.08 -0.30 -28.20
N GLN H 192 64.94 0.12 -27.27
CA GLN H 192 65.06 -0.54 -25.98
C GLN H 192 63.80 -0.45 -25.14
N ALA H 193 63.13 0.70 -25.18
CA ALA H 193 61.88 0.89 -24.45
C ALA H 193 60.70 0.15 -25.09
N ALA H 194 60.68 0.10 -26.42
CA ALA H 194 59.60 -0.54 -27.17
C ALA H 194 59.68 -2.04 -27.07
N ASP H 195 60.91 -2.55 -27.07
CA ASP H 195 61.17 -3.98 -27.02
C ASP H 195 60.45 -4.67 -28.19
N PHE H 196 59.81 -5.80 -27.95
CA PHE H 196 59.12 -6.52 -29.01
C PHE H 196 57.65 -6.13 -29.16
N ALA H 197 57.07 -5.55 -28.11
CA ALA H 197 55.64 -5.31 -28.07
C ALA H 197 55.18 -4.03 -28.81
N LEU H 198 56.07 -3.06 -28.92
CA LEU H 198 55.68 -1.77 -29.49
C LEU H 198 56.52 -1.42 -30.72
N LYS H 199 55.90 -0.69 -31.63
CA LYS H 199 56.61 -0.13 -32.76
C LYS H 199 57.33 1.16 -32.38
N VAL H 200 58.34 1.52 -33.16
CA VAL H 200 59.04 2.79 -33.01
C VAL H 200 58.79 3.59 -34.28
N GLU H 201 58.34 4.84 -34.11
CA GLU H 201 58.20 5.78 -35.22
C GLU H 201 59.11 6.98 -34.98
N VAL H 202 59.73 7.49 -36.05
CA VAL H 202 60.64 8.61 -35.94
C VAL H 202 60.26 9.72 -36.92
N GLU H 203 60.07 10.91 -36.37
CA GLU H 203 59.75 12.11 -37.13
C GLU H 203 61.03 12.66 -37.75
N CYS H 204 61.03 12.78 -39.08
CA CYS H 204 62.22 13.16 -39.82
C CYS H 204 61.99 14.40 -40.67
N SER H 205 62.97 15.30 -40.67
CA SER H 205 62.85 16.58 -41.38
C SER H 205 63.74 16.62 -42.61
N SER H 206 64.51 15.56 -42.82
CA SER H 206 65.41 15.46 -43.98
C SER H 206 65.54 13.99 -44.38
N LEU H 207 66.16 13.73 -45.53
CA LEU H 207 66.42 12.37 -46.00
C LEU H 207 67.49 11.67 -45.14
N GLN H 208 68.46 12.44 -44.67
CA GLN H 208 69.53 11.91 -43.82
C GLN H 208 68.96 11.40 -42.50
N GLU H 209 68.11 12.19 -41.86
CA GLU H 209 67.43 11.77 -40.64
C GLU H 209 66.63 10.50 -40.90
N ALA H 210 65.89 10.48 -42.01
CA ALA H 210 65.10 9.31 -42.44
C ALA H 210 65.93 8.04 -42.58
N VAL H 211 67.06 8.15 -43.27
CA VAL H 211 67.97 7.02 -43.44
C VAL H 211 68.59 6.59 -42.11
N GLN H 212 68.91 7.56 -41.25
CA GLN H 212 69.46 7.28 -39.93
C GLN H 212 68.43 6.56 -39.07
N ALA H 213 67.19 7.06 -39.09
CA ALA H 213 66.07 6.45 -38.37
C ALA H 213 65.87 4.99 -38.78
N ALA H 214 65.68 4.77 -40.07
CA ALA H 214 65.50 3.44 -40.62
C ALA H 214 66.68 2.53 -40.32
N GLU H 215 67.89 3.07 -40.43
CA GLU H 215 69.12 2.30 -40.14
C GLU H 215 69.21 1.84 -38.68
N ALA H 216 68.83 2.73 -37.76
CA ALA H 216 68.78 2.40 -36.34
C ALA H 216 67.57 1.54 -35.96
N GLY H 217 66.74 1.22 -36.96
CA GLY H 217 65.66 0.25 -36.81
C GLY H 217 64.27 0.78 -36.47
N ALA H 218 63.91 1.96 -36.99
CA ALA H 218 62.54 2.46 -36.88
C ALA H 218 61.61 1.61 -37.74
N ASP H 219 60.39 1.38 -37.25
CA ASP H 219 59.37 0.69 -38.02
C ASP H 219 58.68 1.63 -39.01
N LEU H 220 58.45 2.85 -38.55
CA LEU H 220 57.85 3.89 -39.37
C LEU H 220 58.73 5.12 -39.40
N VAL H 221 58.86 5.71 -40.57
CA VAL H 221 59.50 6.99 -40.72
C VAL H 221 58.43 8.01 -41.11
N LEU H 222 58.31 9.04 -40.30
CA LEU H 222 57.36 10.11 -40.55
C LEU H 222 58.08 11.28 -41.20
N LEU H 223 57.78 11.52 -42.47
CA LEU H 223 58.34 12.63 -43.21
C LEU H 223 57.46 13.84 -43.00
N ASP H 224 57.96 14.77 -42.18
CA ASP H 224 57.12 15.87 -41.68
C ASP H 224 57.41 17.20 -42.39
N ASN H 225 56.33 17.84 -42.85
CA ASN H 225 56.36 19.15 -43.49
C ASN H 225 57.30 19.23 -44.71
N PHE H 226 57.35 18.15 -45.47
CA PHE H 226 58.02 18.13 -46.76
C PHE H 226 57.09 18.75 -47.80
N LYS H 227 57.68 19.44 -48.77
CA LYS H 227 56.98 19.76 -50.01
C LYS H 227 56.83 18.46 -50.80
N PRO H 228 55.66 18.26 -51.46
CA PRO H 228 55.42 17.05 -52.27
C PRO H 228 56.56 16.69 -53.24
N GLU H 229 57.18 17.70 -53.87
CA GLU H 229 58.29 17.48 -54.79
C GLU H 229 59.55 16.93 -54.10
N GLU H 230 59.67 17.18 -52.80
CA GLU H 230 60.77 16.62 -51.99
C GLU H 230 60.37 15.31 -51.34
N LEU H 231 59.08 15.22 -50.99
CA LEU H 231 58.54 14.05 -50.28
C LEU H 231 58.74 12.74 -51.04
N HIS H 232 58.29 12.71 -52.29
CA HIS H 232 58.27 11.48 -53.07
C HIS H 232 59.64 10.91 -53.43
N PRO H 233 60.59 11.77 -53.88
CA PRO H 233 61.96 11.28 -54.09
C PRO H 233 62.60 10.73 -52.82
N THR H 234 62.33 11.38 -51.68
CA THR H 234 62.82 10.93 -50.37
C THR H 234 62.28 9.54 -50.02
N ALA H 235 60.94 9.40 -50.09
CA ALA H 235 60.28 8.12 -49.84
C ALA H 235 60.74 7.01 -50.80
N THR H 236 60.99 7.38 -52.05
CA THR H 236 61.48 6.44 -53.07
C THR H 236 62.81 5.82 -52.64
N VAL H 237 63.75 6.66 -52.23
CA VAL H 237 65.07 6.23 -51.76
C VAL H 237 64.93 5.35 -50.51
N LEU H 238 64.14 5.83 -49.56
CA LEU H 238 63.90 5.11 -48.32
C LEU H 238 63.29 3.73 -48.58
N LYS H 239 62.33 3.65 -49.49
CA LYS H 239 61.69 2.38 -49.83
C LYS H 239 62.61 1.48 -50.64
N ALA H 240 63.47 2.09 -51.45
CA ALA H 240 64.51 1.38 -52.17
C ALA H 240 65.45 0.69 -51.19
N GLN H 241 65.86 1.43 -50.15
CA GLN H 241 66.85 0.91 -49.20
C GLN H 241 66.21 0.13 -48.03
N PHE H 242 65.00 0.53 -47.65
CA PHE H 242 64.31 -0.13 -46.54
C PHE H 242 62.88 -0.49 -46.94
N PRO H 243 62.70 -1.63 -47.63
CA PRO H 243 61.39 -2.01 -48.13
C PRO H 243 60.35 -2.26 -47.03
N SER H 244 60.80 -2.81 -45.89
CA SER H 244 59.89 -3.18 -44.79
C SER H 244 59.62 -2.04 -43.80
N VAL H 245 60.16 -0.86 -44.09
CA VAL H 245 59.92 0.34 -43.28
C VAL H 245 58.78 1.17 -43.86
N ALA H 246 57.79 1.46 -43.03
CA ALA H 246 56.60 2.17 -43.46
C ALA H 246 56.86 3.67 -43.45
N VAL H 247 56.33 4.36 -44.45
CA VAL H 247 56.54 5.78 -44.60
C VAL H 247 55.24 6.52 -44.37
N GLU H 248 55.28 7.48 -43.45
CA GLU H 248 54.15 8.36 -43.18
C GLU H 248 54.49 9.78 -43.59
N ALA H 249 53.53 10.45 -44.23
CA ALA H 249 53.68 11.86 -44.58
C ALA H 249 52.71 12.68 -43.73
N SER H 250 53.18 13.81 -43.24
CA SER H 250 52.35 14.72 -42.45
C SER H 250 52.90 16.14 -42.51
N GLY H 251 52.06 17.10 -42.15
CA GLY H 251 52.48 18.50 -42.07
C GLY H 251 51.97 19.33 -43.21
N GLY H 252 50.98 20.19 -42.93
CA GLY H 252 50.44 21.10 -43.92
C GLY H 252 49.61 20.42 -44.99
N ILE H 253 49.07 19.25 -44.66
CA ILE H 253 48.24 18.51 -45.61
C ILE H 253 46.78 18.90 -45.42
N THR H 254 46.13 19.26 -46.52
CA THR H 254 44.73 19.67 -46.51
C THR H 254 43.97 18.77 -47.47
N LEU H 255 42.64 18.82 -47.40
CA LEU H 255 41.81 18.10 -48.37
C LEU H 255 42.19 18.47 -49.80
N ASP H 256 42.40 19.76 -50.05
CA ASP H 256 42.74 20.25 -51.38
C ASP H 256 44.08 19.76 -51.94
N ASN H 257 45.11 19.72 -51.09
CA ASN H 257 46.44 19.32 -51.55
C ASN H 257 46.79 17.83 -51.33
N LEU H 258 45.88 17.11 -50.68
CA LEU H 258 46.09 15.69 -50.35
C LEU H 258 46.59 14.83 -51.54
N PRO H 259 45.95 14.95 -52.73
CA PRO H 259 46.46 14.18 -53.87
C PRO H 259 47.95 14.36 -54.17
N GLN H 260 48.50 15.54 -53.87
CA GLN H 260 49.93 15.81 -54.11
C GLN H 260 50.84 14.99 -53.19
N PHE H 261 50.32 14.65 -52.01
CA PHE H 261 51.08 13.88 -51.02
C PHE H 261 50.92 12.36 -51.22
N CYS H 262 49.93 11.98 -52.02
CA CYS H 262 49.73 10.59 -52.40
C CYS H 262 50.80 10.14 -53.39
N GLY H 263 51.39 8.98 -53.12
CA GLY H 263 52.38 8.39 -54.01
C GLY H 263 52.59 6.93 -53.64
N PRO H 264 53.22 6.15 -54.54
CA PRO H 264 53.39 4.71 -54.33
C PRO H 264 54.28 4.34 -53.14
N HIS H 265 55.10 5.27 -52.67
CA HIS H 265 56.02 4.98 -51.56
C HIS H 265 55.61 5.63 -50.24
N ILE H 266 54.39 6.19 -50.22
CA ILE H 266 53.81 6.71 -48.99
C ILE H 266 52.73 5.73 -48.52
N ASP H 267 52.84 5.30 -47.27
CA ASP H 267 51.92 4.29 -46.71
C ASP H 267 50.79 4.91 -45.91
N VAL H 268 51.11 5.99 -45.20
CA VAL H 268 50.19 6.65 -44.30
C VAL H 268 50.28 8.16 -44.53
N ILE H 269 49.13 8.81 -44.58
CA ILE H 269 49.07 10.27 -44.60
C ILE H 269 48.22 10.70 -43.41
N SER H 270 48.85 11.39 -42.47
CA SER H 270 48.12 11.83 -41.27
C SER H 270 47.80 13.31 -41.35
N MET H 271 46.59 13.66 -40.92
CA MET H 271 46.08 15.02 -41.06
C MET H 271 45.51 15.51 -39.75
N GLY H 272 46.16 16.52 -39.18
CA GLY H 272 45.67 17.18 -37.97
C GLY H 272 44.30 17.80 -38.19
N MET H 273 44.08 18.31 -39.42
CA MET H 273 42.84 19.03 -39.76
C MET H 273 41.56 18.20 -39.59
N LEU H 274 41.68 16.88 -39.75
CA LEU H 274 40.53 15.98 -39.62
C LEU H 274 39.88 16.06 -38.24
N THR H 275 40.67 16.40 -37.22
CA THR H 275 40.15 16.55 -35.86
C THR H 275 40.19 18.00 -35.37
N GLN H 276 41.14 18.79 -35.87
CA GLN H 276 41.31 20.17 -35.41
C GLN H 276 40.46 21.20 -36.14
N ALA H 277 40.01 20.86 -37.35
CA ALA H 277 39.30 21.81 -38.19
C ALA H 277 38.17 21.16 -38.99
N ALA H 278 37.45 20.22 -38.38
CA ALA H 278 36.26 19.65 -39.00
C ALA H 278 35.02 20.28 -38.36
N PRO H 279 34.28 21.10 -39.14
CA PRO H 279 33.08 21.74 -38.58
C PRO H 279 32.03 20.70 -38.18
N ALA H 280 31.38 20.92 -37.04
CA ALA H 280 30.30 20.05 -36.59
C ALA H 280 29.14 20.08 -37.60
N LEU H 281 28.46 18.94 -37.78
CA LEU H 281 27.26 18.91 -38.62
C LEU H 281 26.07 19.53 -37.88
N ASP H 282 25.08 19.97 -38.65
CA ASP H 282 23.88 20.56 -38.07
C ASP H 282 22.81 19.46 -37.88
N PHE H 283 22.52 19.13 -36.63
CA PHE H 283 21.44 18.23 -36.27
C PHE H 283 20.45 18.94 -35.37
N SER H 284 19.17 18.57 -35.46
CA SER H 284 18.19 19.03 -34.47
C SER H 284 17.35 17.86 -33.96
N LEU H 285 16.80 18.03 -32.77
CA LEU H 285 15.91 17.05 -32.18
C LEU H 285 14.59 17.74 -31.87
N LYS H 286 13.53 17.30 -32.53
CA LYS H 286 12.25 17.97 -32.42
C LYS H 286 11.21 17.05 -31.82
N LEU H 287 10.82 17.40 -30.59
CA LEU H 287 9.69 16.80 -29.90
C LEU H 287 8.45 16.98 -30.78
N PHE H 288 7.64 15.93 -30.89
CA PHE H 288 6.39 16.01 -31.64
C PHE H 288 5.27 15.22 -30.97
N ASP I 4 4.20 22.68 -7.44
CA ASP I 4 3.48 21.52 -6.80
C ASP I 4 4.52 20.50 -6.34
N ALA I 5 4.48 20.17 -5.04
CA ALA I 5 5.52 19.36 -4.40
C ALA I 5 5.79 18.02 -5.11
N GLU I 6 4.75 17.36 -5.57
CA GLU I 6 4.88 16.06 -6.21
C GLU I 6 5.64 16.12 -7.55
N GLY I 7 5.57 17.26 -8.24
CA GLY I 7 6.30 17.44 -9.50
C GLY I 7 7.76 17.85 -9.34
N LEU I 8 8.18 18.20 -8.12
CA LEU I 8 9.52 18.74 -7.91
C LEU I 8 10.63 17.71 -8.15
N ALA I 9 10.30 16.43 -8.02
CA ALA I 9 11.30 15.38 -8.19
C ALA I 9 11.94 15.43 -9.59
N LEU I 10 11.21 15.94 -10.57
CA LEU I 10 11.73 16.06 -11.95
C LEU I 10 13.00 16.93 -12.06
N LEU I 11 13.23 17.76 -11.05
CA LEU I 11 14.39 18.67 -10.99
C LEU I 11 15.70 17.91 -10.80
N LEU I 12 15.60 16.65 -10.39
CA LEU I 12 16.75 15.88 -9.94
C LEU I 12 17.19 14.83 -11.00
N PRO I 13 18.28 15.09 -11.70
CA PRO I 13 18.76 14.11 -12.70
C PRO I 13 19.13 12.76 -12.05
N PRO I 14 18.73 11.63 -12.68
CA PRO I 14 18.91 10.32 -12.02
C PRO I 14 20.39 9.97 -11.82
N VAL I 15 21.23 10.42 -12.74
CA VAL I 15 22.66 10.15 -12.66
C VAL I 15 23.31 10.92 -11.49
N THR I 16 22.90 12.16 -11.29
CA THR I 16 23.36 12.97 -10.15
C THR I 16 22.97 12.35 -8.80
N LEU I 17 21.72 11.88 -8.71
CA LEU I 17 21.26 11.19 -7.51
C LEU I 17 22.06 9.93 -7.25
N ALA I 18 22.28 9.14 -8.29
CA ALA I 18 22.97 7.87 -8.17
C ALA I 18 24.37 8.08 -7.58
N ALA I 19 25.09 9.08 -8.07
CA ALA I 19 26.48 9.35 -7.63
C ALA I 19 26.53 9.86 -6.19
N LEU I 20 25.57 10.70 -5.85
CA LEU I 20 25.42 11.20 -4.50
C LEU I 20 25.14 10.05 -3.53
N VAL I 21 24.14 9.26 -3.89
CA VAL I 21 23.72 8.10 -3.11
C VAL I 21 24.89 7.11 -2.93
N ASP I 22 25.62 6.84 -4.00
CA ASP I 22 26.76 5.95 -3.91
C ASP I 22 27.82 6.47 -2.92
N SER I 23 28.10 7.78 -2.95
CA SER I 23 29.08 8.34 -2.00
C SER I 23 28.59 8.20 -0.55
N TRP I 24 27.28 8.35 -0.32
CA TRP I 24 26.72 8.19 1.02
C TRP I 24 26.83 6.76 1.55
N LEU I 25 26.59 5.80 0.66
CA LEU I 25 26.67 4.39 1.03
C LEU I 25 28.11 4.01 1.32
N ARG I 26 29.03 4.54 0.52
CA ARG I 26 30.46 4.31 0.72
C ARG I 26 30.94 4.87 2.06
N GLU I 27 30.45 6.05 2.41
CA GLU I 27 30.75 6.66 3.70
C GLU I 27 30.32 5.76 4.87
N ASP I 28 29.12 5.18 4.77
CA ASP I 28 28.58 4.39 5.86
C ASP I 28 29.08 2.95 5.91
N CYS I 29 29.58 2.44 4.77
CA CYS I 29 30.10 1.08 4.73
C CYS I 29 31.26 0.99 3.74
N PRO I 30 32.47 1.42 4.17
CA PRO I 30 33.59 1.48 3.21
C PRO I 30 34.18 0.11 2.85
N GLY I 31 33.90 -0.92 3.64
CA GLY I 31 34.47 -2.26 3.41
C GLY I 31 33.41 -3.34 3.51
N LEU I 32 33.65 -4.30 4.42
CA LEU I 32 32.71 -5.41 4.64
C LEU I 32 31.50 -4.97 5.47
N ASN I 33 30.33 -5.48 5.09
CA ASN I 33 29.11 -5.22 5.83
C ASN I 33 28.81 -6.40 6.74
N TYR I 34 29.58 -6.46 7.84
CA TYR I 34 29.49 -7.56 8.82
C TYR I 34 28.06 -7.89 9.22
N ALA I 35 27.24 -6.86 9.47
CA ALA I 35 25.89 -7.05 9.98
C ALA I 35 24.98 -7.81 8.99
N ALA I 36 25.38 -7.86 7.72
CA ALA I 36 24.60 -8.57 6.70
C ALA I 36 24.43 -10.05 7.06
N LEU I 37 25.44 -10.61 7.73
CA LEU I 37 25.44 -12.00 8.16
C LEU I 37 24.44 -12.26 9.28
N VAL I 38 24.04 -11.22 10.00
CA VAL I 38 23.09 -11.35 11.11
C VAL I 38 21.67 -11.46 10.57
N SER I 39 21.37 -10.64 9.57
CA SER I 39 20.00 -10.60 9.04
C SER I 39 19.77 -11.60 7.91
N GLY I 40 20.80 -11.88 7.14
CA GLY I 40 20.66 -12.73 5.98
C GLY I 40 19.95 -12.02 4.85
N ALA I 41 19.60 -12.75 3.79
CA ALA I 41 19.09 -12.13 2.57
C ALA I 41 17.62 -12.38 2.30
N GLY I 42 16.92 -12.98 3.27
CA GLY I 42 15.50 -13.29 3.11
C GLY I 42 14.67 -12.08 2.71
N PRO I 43 13.74 -12.26 1.74
CA PRO I 43 12.88 -11.15 1.34
C PRO I 43 12.13 -10.61 2.56
N SER I 44 12.15 -9.29 2.74
CA SER I 44 11.63 -8.67 3.95
C SER I 44 10.82 -7.43 3.65
N GLN I 45 10.06 -6.99 4.65
CA GLN I 45 9.35 -5.71 4.56
C GLN I 45 9.60 -4.89 5.78
N ALA I 46 9.65 -3.57 5.60
CA ALA I 46 9.89 -2.65 6.70
C ALA I 46 8.93 -1.47 6.55
N ALA I 47 8.40 -1.02 7.67
CA ALA I 47 7.51 0.14 7.68
C ALA I 47 8.30 1.39 8.03
N LEU I 48 8.05 2.46 7.30
CA LEU I 48 8.63 3.78 7.58
C LEU I 48 7.63 4.56 8.41
N TRP I 49 8.08 4.98 9.59
CA TRP I 49 7.21 5.72 10.53
C TRP I 49 7.66 7.16 10.72
N ALA I 50 6.70 8.09 10.68
CA ALA I 50 6.95 9.50 10.98
C ALA I 50 6.56 9.77 12.42
N LYS I 51 7.53 10.22 13.22
CA LYS I 51 7.31 10.44 14.66
C LYS I 51 7.32 11.94 15.01
N SER I 52 7.50 12.80 14.00
CA SER I 52 7.52 14.25 14.18
C SER I 52 6.46 14.91 13.32
N PRO I 53 5.88 16.03 13.79
CA PRO I 53 5.03 16.78 12.88
C PRO I 53 5.88 17.55 11.88
N GLY I 54 5.29 17.95 10.77
CA GLY I 54 6.00 18.74 9.78
C GLY I 54 5.56 18.38 8.38
N VAL I 55 6.50 18.49 7.46
CA VAL I 55 6.25 18.26 6.04
C VAL I 55 7.20 17.16 5.57
N LEU I 56 6.65 16.19 4.83
CA LEU I 56 7.44 15.10 4.28
C LEU I 56 8.19 15.57 3.04
N ALA I 57 9.51 15.42 3.05
CA ALA I 57 10.30 15.75 1.86
C ALA I 57 11.50 14.85 1.76
N GLY I 58 11.82 14.47 0.53
CA GLY I 58 13.05 13.69 0.29
C GLY I 58 12.77 12.31 -0.29
N GLN I 59 11.54 12.03 -0.69
CA GLN I 59 11.21 10.75 -1.32
C GLN I 59 12.18 10.34 -2.48
N PRO I 60 12.51 11.27 -3.40
CA PRO I 60 13.40 10.84 -4.51
C PRO I 60 14.78 10.33 -4.04
N PHE I 61 15.32 10.92 -2.98
CA PHE I 61 16.61 10.50 -2.44
C PHE I 61 16.48 9.18 -1.71
N PHE I 62 15.44 9.07 -0.88
CA PHE I 62 15.12 7.84 -0.16
C PHE I 62 14.96 6.67 -1.16
N ASP I 63 14.18 6.90 -2.22
CA ASP I 63 13.99 5.92 -3.29
C ASP I 63 15.29 5.55 -3.96
N ALA I 64 16.11 6.55 -4.29
CA ALA I 64 17.38 6.32 -5.00
C ALA I 64 18.32 5.45 -4.18
N ILE I 65 18.35 5.67 -2.87
CA ILE I 65 19.21 4.89 -1.98
C ILE I 65 18.79 3.42 -2.04
N PHE I 66 17.51 3.17 -1.86
CA PHE I 66 17.03 1.79 -1.88
C PHE I 66 17.08 1.12 -3.24
N THR I 67 16.90 1.91 -4.30
CA THR I 67 17.06 1.37 -5.66
C THR I 67 18.47 0.84 -5.91
N GLN I 68 19.48 1.60 -5.47
CA GLN I 68 20.88 1.15 -5.56
C GLN I 68 21.11 -0.14 -4.78
N LEU I 69 20.24 -0.43 -3.83
CA LEU I 69 20.39 -1.63 -3.00
C LEU I 69 19.36 -2.68 -3.37
N ASN I 70 18.76 -2.52 -4.55
CA ASN I 70 17.78 -3.48 -5.09
C ASN I 70 16.58 -3.70 -4.16
N CYS I 71 16.13 -2.61 -3.53
CA CYS I 71 14.91 -2.60 -2.73
C CYS I 71 13.87 -1.65 -3.36
N GLN I 72 12.61 -1.89 -3.04
CA GLN I 72 11.50 -1.13 -3.62
C GLN I 72 10.75 -0.39 -2.53
N VAL I 73 10.30 0.83 -2.82
CA VAL I 73 9.58 1.64 -1.85
C VAL I 73 8.16 1.94 -2.33
N SER I 74 7.16 1.67 -1.47
CA SER I 74 5.79 2.08 -1.73
C SER I 74 5.41 3.18 -0.75
N TRP I 75 5.06 4.35 -1.29
CA TRP I 75 4.72 5.51 -0.45
C TRP I 75 3.23 5.57 -0.22
N PHE I 76 2.84 5.83 1.03
CA PHE I 76 1.43 5.97 1.38
C PHE I 76 1.00 7.43 1.49
N LEU I 77 1.98 8.33 1.44
CA LEU I 77 1.71 9.76 1.45
C LEU I 77 2.53 10.40 0.33
N PRO I 78 1.92 11.37 -0.39
CA PRO I 78 2.69 12.09 -1.41
C PRO I 78 3.78 12.98 -0.82
N GLU I 79 4.78 13.27 -1.64
CA GLU I 79 5.81 14.23 -1.30
C GLU I 79 5.16 15.57 -0.94
N GLY I 80 5.64 16.19 0.13
CA GLY I 80 5.08 17.45 0.59
C GLY I 80 3.88 17.35 1.53
N SER I 81 3.45 16.13 1.85
CA SER I 81 2.34 15.93 2.77
C SER I 81 2.70 16.44 4.14
N LYS I 82 1.71 16.99 4.84
CA LYS I 82 1.83 17.28 6.26
C LYS I 82 1.86 15.98 7.06
N LEU I 83 2.83 15.88 7.97
CA LEU I 83 2.97 14.69 8.80
C LEU I 83 2.25 14.91 10.11
N VAL I 84 1.38 13.95 10.44
CA VAL I 84 0.63 13.96 11.69
C VAL I 84 1.03 12.69 12.45
N PRO I 85 2.00 12.82 13.38
CA PRO I 85 2.55 11.63 14.04
C PRO I 85 1.55 10.92 14.98
N VAL I 86 1.71 9.62 15.18
CA VAL I 86 2.70 8.79 14.51
C VAL I 86 2.05 8.26 13.23
N ALA I 87 2.71 8.47 12.09
CA ALA I 87 2.13 8.12 10.79
C ALA I 87 2.95 7.06 10.06
N ARG I 88 2.25 6.09 9.47
CA ARG I 88 2.85 5.15 8.54
C ARG I 88 2.96 5.80 7.17
N VAL I 89 4.20 6.03 6.75
CA VAL I 89 4.55 6.83 5.57
C VAL I 89 4.76 5.94 4.33
N ALA I 90 5.36 4.79 4.54
CA ALA I 90 5.77 3.91 3.45
C ALA I 90 6.04 2.50 3.96
N GLU I 91 6.18 1.60 2.99
CA GLU I 91 6.75 0.28 3.21
C GLU I 91 7.94 0.11 2.27
N VAL I 92 9.04 -0.39 2.81
CA VAL I 92 10.21 -0.75 2.00
C VAL I 92 10.32 -2.26 1.96
N ARG I 93 10.59 -2.80 0.76
CA ARG I 93 10.70 -4.26 0.58
C ARG I 93 11.98 -4.62 -0.14
N GLY I 94 12.59 -5.73 0.26
CA GLY I 94 13.84 -6.16 -0.36
C GLY I 94 14.56 -7.17 0.52
N PRO I 95 15.74 -7.65 0.08
CA PRO I 95 16.50 -8.58 0.92
C PRO I 95 16.80 -7.91 2.27
N ALA I 96 16.69 -8.67 3.37
CA ALA I 96 16.79 -8.07 4.70
C ALA I 96 18.09 -7.24 4.85
N HIS I 97 19.22 -7.82 4.45
CA HIS I 97 20.51 -7.16 4.63
C HIS I 97 20.61 -5.87 3.83
N CYS I 98 19.97 -5.84 2.66
CA CYS I 98 19.95 -4.64 1.84
C CYS I 98 19.11 -3.55 2.52
N LEU I 99 17.94 -3.92 3.04
CA LEU I 99 17.10 -2.98 3.76
C LEU I 99 17.90 -2.32 4.87
N LEU I 100 18.61 -3.13 5.63
CA LEU I 100 19.27 -2.66 6.84
C LEU I 100 20.55 -1.89 6.55
N LEU I 101 21.16 -2.19 5.41
CA LEU I 101 22.31 -1.42 4.92
C LEU I 101 21.89 0.00 4.49
N GLY I 102 20.71 0.12 3.87
CA GLY I 102 20.20 1.44 3.46
C GLY I 102 19.56 2.26 4.55
N GLU I 103 19.07 1.59 5.59
CA GLU I 103 18.25 2.20 6.65
C GLU I 103 18.76 3.55 7.15
N ARG I 104 19.98 3.56 7.71
CA ARG I 104 20.45 4.75 8.41
C ARG I 104 20.66 5.94 7.45
N VAL I 105 21.32 5.69 6.33
CA VAL I 105 21.51 6.73 5.33
C VAL I 105 20.18 7.31 4.84
N ALA I 106 19.21 6.41 4.57
CA ALA I 106 17.93 6.83 4.04
C ALA I 106 17.16 7.66 5.06
N LEU I 107 17.15 7.21 6.31
CA LEU I 107 16.51 7.96 7.39
C LEU I 107 17.19 9.31 7.65
N ASN I 108 18.53 9.32 7.65
CA ASN I 108 19.27 10.58 7.85
C ASN I 108 18.91 11.60 6.77
N THR I 109 18.83 11.13 5.53
CA THR I 109 18.51 11.98 4.39
C THR I 109 17.09 12.54 4.46
N LEU I 110 16.12 11.66 4.68
CA LEU I 110 14.71 12.06 4.76
C LEU I 110 14.47 12.98 5.95
N ALA I 111 15.14 12.70 7.06
CA ALA I 111 14.93 13.47 8.29
C ALA I 111 15.35 14.94 8.08
N ARG I 112 16.49 15.11 7.41
CA ARG I 112 17.03 16.46 7.18
C ARG I 112 16.27 17.22 6.11
N CYS I 113 15.99 16.55 4.99
CA CYS I 113 15.20 17.13 3.89
C CYS I 113 13.83 17.59 4.41
N SER I 114 13.16 16.69 5.15
CA SER I 114 11.86 17.01 5.74
C SER I 114 11.96 18.11 6.78
N GLY I 115 13.02 18.11 7.59
CA GLY I 115 13.22 19.13 8.62
C GLY I 115 13.32 20.52 7.98
N ILE I 116 14.04 20.61 6.87
CA ILE I 116 14.13 21.85 6.08
C ILE I 116 12.81 22.23 5.40
N ALA I 117 12.14 21.25 4.77
CA ALA I 117 10.82 21.51 4.18
C ALA I 117 9.84 22.01 5.21
N SER I 118 9.89 21.43 6.42
CA SER I 118 9.01 21.85 7.52
C SER I 118 9.25 23.32 7.92
N ALA I 119 10.53 23.68 8.09
CA ALA I 119 10.91 25.06 8.43
C ALA I 119 10.45 26.05 7.35
N ALA I 120 10.71 25.69 6.08
CA ALA I 120 10.29 26.48 4.93
C ALA I 120 8.76 26.70 4.93
N ALA I 121 8.01 25.62 5.18
CA ALA I 121 6.56 25.70 5.15
C ALA I 121 6.04 26.61 6.26
N ALA I 122 6.67 26.52 7.43
CA ALA I 122 6.28 27.36 8.55
C ALA I 122 6.50 28.84 8.23
N ALA I 123 7.63 29.14 7.60
CA ALA I 123 7.98 30.50 7.16
C ALA I 123 7.00 31.00 6.09
N VAL I 124 6.71 30.14 5.10
CA VAL I 124 5.77 30.50 4.04
C VAL I 124 4.39 30.81 4.63
N GLU I 125 3.97 29.98 5.59
CA GLU I 125 2.71 30.19 6.27
C GLU I 125 2.67 31.51 7.03
N ALA I 126 3.73 31.80 7.77
CA ALA I 126 3.83 33.07 8.49
C ALA I 126 3.77 34.26 7.52
N ALA I 127 4.50 34.16 6.40
CA ALA I 127 4.49 35.24 5.40
C ALA I 127 3.10 35.42 4.78
N ARG I 128 2.46 34.30 4.43
CA ARG I 128 1.11 34.34 3.87
C ARG I 128 0.09 34.89 4.89
N GLY I 129 0.23 34.50 6.16
CA GLY I 129 -0.63 35.02 7.23
C GLY I 129 -0.47 36.53 7.40
N ALA I 130 0.71 37.04 7.07
CA ALA I 130 0.98 38.48 7.11
C ALA I 130 0.47 39.22 5.86
N GLY I 131 -0.11 38.49 4.91
CA GLY I 131 -0.63 39.08 3.69
C GLY I 131 0.45 39.40 2.65
N TRP I 132 1.60 38.78 2.80
CA TRP I 132 2.74 39.06 1.93
C TRP I 132 2.74 38.14 0.72
N THR I 133 2.95 38.70 -0.46
CA THR I 133 2.90 37.90 -1.70
C THR I 133 4.30 37.63 -2.28
N GLY I 134 5.33 38.03 -1.55
CA GLY I 134 6.68 37.81 -1.98
C GLY I 134 7.13 36.38 -1.78
N HIS I 135 8.41 36.14 -2.05
CA HIS I 135 8.96 34.78 -1.92
C HIS I 135 9.91 34.64 -0.75
N VAL I 136 9.64 33.62 0.06
CA VAL I 136 10.54 33.21 1.12
C VAL I 136 11.61 32.39 0.43
N ALA I 137 12.87 32.66 0.76
CA ALA I 137 13.98 32.05 0.04
C ALA I 137 15.06 31.52 0.97
N GLY I 138 15.78 30.51 0.51
CA GLY I 138 16.95 30.01 1.21
C GLY I 138 18.19 30.72 0.72
N THR I 139 19.35 30.19 1.10
CA THR I 139 20.65 30.82 0.87
C THR I 139 21.68 29.73 0.58
N ARG I 140 22.94 30.12 0.42
CA ARG I 140 24.03 29.17 0.24
C ARG I 140 24.59 28.66 1.59
N LYS I 141 23.91 28.99 2.68
CA LYS I 141 24.28 28.51 4.00
C LYS I 141 23.78 27.08 4.22
N THR I 142 24.34 26.18 3.41
CA THR I 142 23.93 24.79 3.39
C THR I 142 25.08 23.91 3.87
N THR I 143 24.79 22.68 4.24
CA THR I 143 25.84 21.74 4.66
C THR I 143 26.65 21.36 3.44
N PRO I 144 27.99 21.56 3.49
CA PRO I 144 28.87 21.21 2.36
C PRO I 144 28.59 19.79 1.84
N GLY I 145 28.44 19.65 0.53
CA GLY I 145 28.16 18.34 -0.09
C GLY I 145 26.71 17.90 -0.08
N PHE I 146 25.87 18.60 0.69
CA PHE I 146 24.48 18.20 0.87
C PHE I 146 23.51 19.23 0.28
N ARG I 147 24.03 20.18 -0.51
CA ARG I 147 23.19 21.30 -0.99
C ARG I 147 21.97 20.84 -1.81
N LEU I 148 22.16 19.84 -2.65
CA LEU I 148 21.06 19.39 -3.52
C LEU I 148 19.86 18.97 -2.69
N VAL I 149 20.12 18.24 -1.60
CA VAL I 149 19.05 17.78 -0.71
C VAL I 149 18.38 18.92 0.04
N GLU I 150 19.19 19.85 0.52
CA GLU I 150 18.70 20.97 1.31
C GLU I 150 17.88 21.94 0.47
N LYS I 151 18.35 22.27 -0.73
CA LYS I 151 17.63 23.15 -1.64
C LYS I 151 16.32 22.49 -2.12
N TYR I 152 16.37 21.20 -2.38
CA TYR I 152 15.18 20.46 -2.77
C TYR I 152 14.16 20.52 -1.64
N GLY I 153 14.61 20.34 -0.40
CA GLY I 153 13.74 20.43 0.76
C GLY I 153 13.06 21.79 0.88
N LEU I 154 13.82 22.87 0.67
CA LEU I 154 13.23 24.22 0.64
C LEU I 154 12.09 24.30 -0.36
N LEU I 155 12.32 23.77 -1.57
CA LEU I 155 11.32 23.81 -2.64
C LEU I 155 10.05 23.04 -2.25
N VAL I 156 10.22 21.85 -1.70
CA VAL I 156 9.07 21.06 -1.25
C VAL I 156 8.24 21.84 -0.21
N GLY I 157 8.94 22.57 0.66
CA GLY I 157 8.29 23.38 1.68
C GLY I 157 7.67 24.66 1.13
N GLY I 158 7.86 24.93 -0.15
CA GLY I 158 7.27 26.11 -0.78
C GLY I 158 8.13 27.37 -0.76
N ALA I 159 9.38 27.24 -0.34
CA ALA I 159 10.34 28.35 -0.44
C ALA I 159 11.10 28.30 -1.76
N ALA I 160 11.69 29.43 -2.16
CA ALA I 160 12.52 29.48 -3.34
C ALA I 160 13.90 28.92 -3.00
N SER I 161 14.49 28.11 -3.87
CA SER I 161 15.86 27.67 -3.62
C SER I 161 16.78 28.90 -3.66
N HIS I 162 16.52 29.78 -4.63
CA HIS I 162 17.19 31.07 -4.74
C HIS I 162 18.65 30.84 -5.12
N ARG I 163 19.59 31.61 -4.58
CA ARG I 163 20.98 31.52 -4.97
C ARG I 163 21.52 30.09 -4.69
N TYR I 164 21.88 29.38 -5.75
CA TYR I 164 22.28 27.98 -5.61
C TYR I 164 23.79 27.81 -5.46
N ASP I 165 24.57 28.47 -6.31
CA ASP I 165 26.02 28.42 -6.23
C ASP I 165 26.62 29.69 -6.82
N LEU I 166 27.94 29.70 -6.93
CA LEU I 166 28.62 30.90 -7.37
C LEU I 166 28.56 31.09 -8.89
N GLY I 167 27.80 30.24 -9.57
CA GLY I 167 27.67 30.33 -11.02
C GLY I 167 26.35 30.88 -11.45
N GLY I 168 25.47 31.12 -10.48
CA GLY I 168 24.15 31.68 -10.70
C GLY I 168 24.30 33.18 -10.75
N LEU I 169 23.31 33.91 -10.24
CA LEU I 169 23.43 35.38 -10.25
C LEU I 169 24.74 35.86 -9.61
N VAL I 170 25.24 37.01 -10.07
CA VAL I 170 26.47 37.58 -9.54
C VAL I 170 26.14 38.42 -8.31
N MET I 171 26.54 37.90 -7.16
CA MET I 171 26.24 38.45 -5.83
C MET I 171 27.41 39.31 -5.36
N VAL I 172 27.15 40.61 -5.19
CA VAL I 172 28.16 41.56 -4.74
C VAL I 172 27.91 41.86 -3.27
N LYS I 173 28.77 41.31 -2.42
CA LYS I 173 28.63 41.44 -0.98
C LYS I 173 29.49 42.57 -0.48
N ASP I 174 29.34 42.87 0.81
CA ASP I 174 30.23 43.76 1.54
C ASP I 174 31.70 43.55 1.17
N ASN I 175 32.15 42.30 1.25
CA ASN I 175 33.53 41.94 0.95
C ASN I 175 33.97 42.32 -0.46
N HIS I 176 33.08 42.17 -1.44
CA HIS I 176 33.40 42.57 -2.84
C HIS I 176 33.56 44.07 -2.98
N VAL I 177 32.67 44.82 -2.32
CA VAL I 177 32.75 46.28 -2.30
C VAL I 177 34.12 46.75 -1.79
N VAL I 178 34.55 46.18 -0.68
CA VAL I 178 35.85 46.49 -0.06
C VAL I 178 36.97 46.21 -1.05
N ALA I 179 36.94 45.03 -1.66
CA ALA I 179 37.98 44.63 -2.61
C ALA I 179 37.98 45.49 -3.88
N ALA I 180 36.80 45.83 -4.37
CA ALA I 180 36.66 46.66 -5.58
C ALA I 180 37.01 48.12 -5.35
N GLY I 181 36.86 48.56 -4.10
CA GLY I 181 37.12 49.97 -3.77
C GLY I 181 35.88 50.84 -3.85
N GLY I 182 34.70 50.24 -3.77
CA GLY I 182 33.45 51.01 -3.74
C GLY I 182 32.30 50.33 -4.45
N VAL I 183 31.08 50.73 -4.09
CA VAL I 183 29.86 50.11 -4.64
C VAL I 183 29.78 50.25 -6.15
N GLU I 184 29.99 51.47 -6.65
CA GLU I 184 29.86 51.72 -8.07
C GLU I 184 30.85 50.89 -8.90
N LYS I 185 32.11 50.89 -8.50
CA LYS I 185 33.15 50.06 -9.12
C LYS I 185 32.78 48.57 -9.08
N ALA I 186 32.36 48.08 -7.92
CA ALA I 186 31.98 46.67 -7.77
C ALA I 186 30.81 46.30 -8.67
N VAL I 187 29.78 47.16 -8.71
CA VAL I 187 28.58 46.81 -9.48
C VAL I 187 28.85 46.87 -10.98
N ARG I 188 29.65 47.86 -11.40
CA ARG I 188 30.08 47.98 -12.79
C ARG I 188 30.77 46.69 -13.24
N ALA I 189 31.71 46.20 -12.44
CA ALA I 189 32.41 44.95 -12.72
C ALA I 189 31.46 43.75 -12.72
N ALA I 190 30.52 43.71 -11.76
CA ALA I 190 29.55 42.63 -11.70
C ALA I 190 28.66 42.59 -12.95
N ARG I 191 28.23 43.78 -13.37
CA ARG I 191 27.37 43.94 -14.53
C ARG I 191 28.07 43.46 -15.81
N GLN I 192 29.37 43.74 -15.90
CA GLN I 192 30.17 43.25 -17.04
C GLN I 192 30.33 41.73 -17.03
N ALA I 193 30.48 41.14 -15.85
CA ALA I 193 30.62 39.70 -15.72
C ALA I 193 29.30 38.97 -15.97
N ALA I 194 28.21 39.57 -15.48
CA ALA I 194 26.89 38.96 -15.59
C ALA I 194 26.37 39.05 -17.02
N ASP I 195 26.66 40.16 -17.69
CA ASP I 195 26.23 40.40 -19.07
C ASP I 195 24.70 40.27 -19.16
N PHE I 196 24.20 39.64 -20.24
CA PHE I 196 22.75 39.46 -20.40
C PHE I 196 22.17 38.20 -19.74
N ALA I 197 23.00 37.19 -19.52
CA ALA I 197 22.51 35.88 -19.05
C ALA I 197 22.24 35.83 -17.54
N LEU I 198 22.96 36.64 -16.76
CA LEU I 198 22.85 36.57 -15.30
C LEU I 198 22.37 37.88 -14.69
N LYS I 199 21.67 37.76 -13.56
CA LYS I 199 21.31 38.93 -12.77
C LYS I 199 22.47 39.36 -11.87
N VAL I 200 22.42 40.61 -11.42
CA VAL I 200 23.35 41.13 -10.45
C VAL I 200 22.55 41.50 -9.19
N GLU I 201 23.01 41.01 -8.04
CA GLU I 201 22.44 41.39 -6.75
C GLU I 201 23.53 42.05 -5.92
N VAL I 202 23.14 43.09 -5.17
CA VAL I 202 24.10 43.86 -4.36
C VAL I 202 23.61 43.98 -2.93
N GLU I 203 24.48 43.59 -2.00
CA GLU I 203 24.21 43.65 -0.57
C GLU I 203 24.49 45.09 -0.11
N CYS I 204 23.46 45.76 0.41
CA CYS I 204 23.53 47.16 0.79
C CYS I 204 23.16 47.40 2.25
N SER I 205 23.91 48.27 2.92
CA SER I 205 23.67 48.55 4.34
C SER I 205 22.93 49.86 4.57
N SER I 206 22.58 50.55 3.50
CA SER I 206 21.94 51.87 3.61
C SER I 206 21.20 52.20 2.32
N LEU I 207 20.27 53.15 2.40
CA LEU I 207 19.59 53.68 1.22
C LEU I 207 20.59 54.21 0.18
N GLN I 208 21.64 54.86 0.65
CA GLN I 208 22.61 55.47 -0.24
C GLN I 208 23.32 54.38 -1.06
N GLU I 209 23.71 53.30 -0.40
CA GLU I 209 24.29 52.15 -1.08
C GLU I 209 23.31 51.52 -2.08
N ALA I 210 22.06 51.35 -1.65
CA ALA I 210 21.00 50.79 -2.50
C ALA I 210 20.79 51.64 -3.75
N VAL I 211 20.84 52.96 -3.60
CA VAL I 211 20.66 53.87 -4.73
C VAL I 211 21.80 53.75 -5.72
N GLN I 212 23.03 53.72 -5.23
CA GLN I 212 24.21 53.58 -6.10
C GLN I 212 24.16 52.25 -6.86
N ALA I 213 23.73 51.19 -6.16
CA ALA I 213 23.65 49.87 -6.74
C ALA I 213 22.63 49.84 -7.86
N ALA I 214 21.43 50.36 -7.59
CA ALA I 214 20.39 50.44 -8.62
C ALA I 214 20.84 51.27 -9.83
N GLU I 215 21.44 52.43 -9.57
CA GLU I 215 21.97 53.30 -10.64
C GLU I 215 23.01 52.63 -11.52
N ALA I 216 23.80 51.72 -10.95
CA ALA I 216 24.85 51.00 -11.68
C ALA I 216 24.32 49.74 -12.31
N GLY I 217 23.01 49.54 -12.19
CA GLY I 217 22.31 48.49 -12.93
C GLY I 217 22.07 47.19 -12.20
N ALA I 218 22.00 47.24 -10.87
CA ALA I 218 21.70 46.01 -10.12
C ALA I 218 20.28 45.58 -10.41
N ASP I 219 20.08 44.28 -10.57
CA ASP I 219 18.74 43.72 -10.75
C ASP I 219 18.06 43.57 -9.39
N LEU I 220 18.84 43.18 -8.39
CA LEU I 220 18.30 43.01 -7.04
C LEU I 220 19.15 43.80 -6.07
N VAL I 221 18.48 44.43 -5.11
CA VAL I 221 19.17 45.10 -4.02
C VAL I 221 18.81 44.33 -2.75
N LEU I 222 19.84 43.83 -2.08
CA LEU I 222 19.67 43.11 -0.84
C LEU I 222 19.91 44.05 0.34
N LEU I 223 18.83 44.37 1.04
CA LEU I 223 18.91 45.22 2.24
C LEU I 223 19.20 44.33 3.45
N ASP I 224 20.45 44.39 3.92
CA ASP I 224 20.94 43.43 4.88
C ASP I 224 21.01 44.00 6.29
N ASN I 225 20.46 43.24 7.24
CA ASN I 225 20.46 43.59 8.66
C ASN I 225 19.88 44.95 9.00
N PHE I 226 18.84 45.34 8.26
CA PHE I 226 18.06 46.53 8.59
C PHE I 226 17.09 46.17 9.71
N LYS I 227 16.79 47.14 10.57
CA LYS I 227 15.62 47.04 11.44
C LYS I 227 14.41 47.26 10.55
N PRO I 228 13.30 46.53 10.81
CA PRO I 228 12.05 46.70 10.05
C PRO I 228 11.61 48.14 9.86
N GLU I 229 11.76 48.97 10.90
CA GLU I 229 11.37 50.39 10.82
C GLU I 229 12.23 51.19 9.84
N GLU I 230 13.43 50.70 9.57
CA GLU I 230 14.32 51.33 8.58
C GLU I 230 14.18 50.67 7.21
N LEU I 231 13.89 49.38 7.22
CA LEU I 231 13.78 48.57 6.01
C LEU I 231 12.71 49.08 5.05
N HIS I 232 11.50 49.26 5.58
CA HIS I 232 10.35 49.59 4.71
C HIS I 232 10.38 50.97 4.07
N PRO I 233 10.73 52.03 4.84
CA PRO I 233 10.95 53.34 4.24
C PRO I 233 12.06 53.34 3.17
N THR I 234 13.11 52.54 3.37
CA THR I 234 14.20 52.45 2.42
C THR I 234 13.71 51.78 1.13
N ALA I 235 13.05 50.63 1.26
CA ALA I 235 12.47 49.92 0.12
C ALA I 235 11.46 50.78 -0.64
N THR I 236 10.66 51.56 0.11
CA THR I 236 9.67 52.47 -0.49
C THR I 236 10.32 53.49 -1.43
N VAL I 237 11.36 54.17 -0.92
CA VAL I 237 12.10 55.19 -1.69
C VAL I 237 12.81 54.57 -2.88
N LEU I 238 13.40 53.40 -2.66
CA LEU I 238 14.09 52.70 -3.73
C LEU I 238 13.12 52.32 -4.85
N LYS I 239 11.98 51.72 -4.49
CA LYS I 239 10.97 51.31 -5.47
C LYS I 239 10.35 52.50 -6.24
N ALA I 240 10.29 53.66 -5.59
CA ALA I 240 9.78 54.87 -6.22
C ALA I 240 10.71 55.34 -7.34
N GLN I 241 12.02 55.30 -7.09
CA GLN I 241 12.98 55.80 -8.06
C GLN I 241 13.41 54.70 -9.04
N PHE I 242 13.37 53.45 -8.58
CA PHE I 242 13.80 52.32 -9.41
C PHE I 242 12.77 51.18 -9.37
N PRO I 243 11.64 51.34 -10.10
CA PRO I 243 10.54 50.37 -10.04
C PRO I 243 10.88 48.99 -10.59
N SER I 244 11.92 48.91 -11.43
CA SER I 244 12.34 47.64 -12.04
C SER I 244 13.18 46.81 -11.09
N VAL I 245 13.75 47.43 -10.06
CA VAL I 245 14.68 46.76 -9.18
C VAL I 245 13.91 45.93 -8.15
N ALA I 246 14.32 44.67 -7.99
CA ALA I 246 13.75 43.81 -6.96
C ALA I 246 14.46 44.05 -5.63
N VAL I 247 13.73 43.89 -4.54
CA VAL I 247 14.27 44.15 -3.22
C VAL I 247 14.21 42.89 -2.40
N GLU I 248 15.37 42.50 -1.88
CA GLU I 248 15.48 41.36 -0.98
C GLU I 248 15.82 41.85 0.43
N ALA I 249 15.18 41.27 1.44
CA ALA I 249 15.56 41.52 2.83
C ALA I 249 16.19 40.27 3.42
N SER I 250 17.26 40.47 4.20
CA SER I 250 17.92 39.37 4.88
C SER I 250 18.67 39.88 6.10
N GLY I 251 18.98 38.97 7.01
CA GLY I 251 19.80 39.27 8.17
C GLY I 251 18.98 39.29 9.43
N GLY I 252 19.15 38.27 10.27
CA GLY I 252 18.51 38.21 11.58
C GLY I 252 17.02 37.97 11.50
N ILE I 253 16.57 37.35 10.40
CA ILE I 253 15.15 37.08 10.21
C ILE I 253 14.89 35.68 10.75
N THR I 254 13.85 35.58 11.58
CA THR I 254 13.47 34.33 12.20
C THR I 254 12.02 34.08 11.87
N LEU I 255 11.54 32.86 12.13
CA LEU I 255 10.14 32.55 11.98
C LEU I 255 9.27 33.53 12.76
N ASP I 256 9.65 33.82 14.01
CA ASP I 256 8.90 34.72 14.88
C ASP I 256 8.81 36.16 14.38
N ASN I 257 9.93 36.73 13.89
CA ASN I 257 9.92 38.12 13.44
C ASN I 257 9.64 38.33 11.94
N LEU I 258 9.55 37.24 11.18
CA LEU I 258 9.31 37.30 9.73
C LEU I 258 8.19 38.29 9.30
N PRO I 259 7.00 38.24 9.96
CA PRO I 259 5.96 39.20 9.56
C PRO I 259 6.40 40.66 9.58
N GLN I 260 7.37 41.03 10.43
CA GLN I 260 7.85 42.42 10.53
C GLN I 260 8.63 42.84 9.29
N PHE I 261 9.24 41.86 8.64
CA PHE I 261 10.04 42.07 7.44
C PHE I 261 9.21 42.03 6.17
N CYS I 262 7.98 41.50 6.27
CA CYS I 262 7.04 41.49 5.17
C CYS I 262 6.49 42.89 4.94
N GLY I 263 6.48 43.31 3.68
CA GLY I 263 5.91 44.58 3.29
C GLY I 263 5.72 44.63 1.79
N PRO I 264 4.93 45.60 1.29
CA PRO I 264 4.59 45.66 -0.12
C PRO I 264 5.77 45.95 -1.06
N HIS I 265 6.86 46.49 -0.52
CA HIS I 265 8.02 46.80 -1.34
C HIS I 265 9.20 45.84 -1.16
N ILE I 266 8.95 44.72 -0.45
CA ILE I 266 9.92 43.67 -0.32
C ILE I 266 9.48 42.51 -1.21
N ASP I 267 10.38 42.06 -2.09
CA ASP I 267 10.05 40.98 -3.04
C ASP I 267 10.48 39.59 -2.59
N VAL I 268 11.59 39.55 -1.86
CA VAL I 268 12.23 38.31 -1.45
C VAL I 268 12.70 38.48 -0.01
N ILE I 269 12.47 37.45 0.79
CA ILE I 269 13.01 37.43 2.17
C ILE I 269 13.81 36.14 2.27
N SER I 270 15.11 36.26 2.49
CA SER I 270 15.94 35.06 2.57
C SER I 270 16.36 34.81 4.01
N MET I 271 16.41 33.54 4.39
CA MET I 271 16.62 33.15 5.77
C MET I 271 17.65 32.02 5.85
N GLY I 272 18.81 32.34 6.41
CA GLY I 272 19.84 31.34 6.67
C GLY I 272 19.32 30.22 7.60
N MET I 273 18.45 30.57 8.53
CA MET I 273 17.93 29.59 9.51
C MET I 273 17.21 28.39 8.88
N LEU I 274 16.58 28.60 7.73
CA LEU I 274 15.84 27.52 7.06
C LEU I 274 16.71 26.30 6.75
N THR I 275 17.99 26.54 6.52
CA THR I 275 18.95 25.46 6.27
C THR I 275 19.93 25.27 7.43
N GLN I 276 20.25 26.32 8.17
CA GLN I 276 21.29 26.24 9.22
C GLN I 276 20.76 25.76 10.56
N ALA I 277 19.45 25.92 10.77
CA ALA I 277 18.86 25.69 12.09
C ALA I 277 17.48 25.06 11.99
N ALA I 278 17.32 24.13 11.05
CA ALA I 278 16.08 23.37 10.96
C ALA I 278 16.35 21.97 11.53
N PRO I 279 15.77 21.65 12.70
CA PRO I 279 15.99 20.33 13.28
C PRO I 279 15.45 19.24 12.35
N ALA I 280 16.19 18.14 12.24
CA ALA I 280 15.77 16.98 11.48
C ALA I 280 14.50 16.39 12.08
N LEU I 281 13.62 15.85 11.24
CA LEU I 281 12.40 15.19 11.74
C LEU I 281 12.75 13.77 12.22
N ASP I 282 11.90 13.23 13.09
CA ASP I 282 12.13 11.89 13.63
C ASP I 282 11.40 10.86 12.77
N PHE I 283 12.18 10.02 12.08
CA PHE I 283 11.67 8.91 11.29
C PHE I 283 12.30 7.61 11.80
N SER I 284 11.56 6.51 11.70
CA SER I 284 12.14 5.19 11.96
C SER I 284 11.71 4.20 10.87
N LEU I 285 12.50 3.15 10.72
CA LEU I 285 12.23 2.11 9.73
C LEU I 285 12.21 0.80 10.48
N LYS I 286 11.05 0.13 10.47
CA LYS I 286 10.87 -1.05 11.28
C LYS I 286 10.57 -2.29 10.43
N LEU I 287 11.49 -3.24 10.48
CA LEU I 287 11.40 -4.49 9.74
C LEU I 287 10.43 -5.42 10.48
N PHE I 288 9.36 -5.82 9.81
CA PHE I 288 8.34 -6.57 10.53
C PHE I 288 8.00 -7.96 10.01
N ALA I 289 8.51 -8.32 8.84
CA ALA I 289 8.27 -9.65 8.28
C ALA I 289 9.44 -10.02 7.42
N LYS I 290 9.81 -11.30 7.43
CA LYS I 290 10.94 -11.77 6.67
C LYS I 290 10.71 -13.17 6.12
N GLU I 291 10.98 -13.33 4.81
CA GLU I 291 11.08 -14.62 4.10
C GLU I 291 10.00 -14.78 3.02
N VAL I 292 10.04 -15.75 2.24
N ASP J 4 42.80 15.68 24.15
CA ASP J 4 43.08 17.14 24.11
C ASP J 4 42.72 17.68 22.73
N ALA J 5 41.84 18.70 22.70
CA ALA J 5 41.24 19.19 21.46
C ALA J 5 42.25 19.57 20.37
N GLU J 6 43.36 20.20 20.77
CA GLU J 6 44.40 20.63 19.82
C GLU J 6 45.11 19.46 19.11
N GLY J 7 45.22 18.31 19.79
CA GLY J 7 45.79 17.10 19.19
C GLY J 7 44.86 16.28 18.29
N LEU J 8 43.57 16.62 18.30
CA LEU J 8 42.59 15.86 17.52
C LEU J 8 42.74 15.96 16.01
N ALA J 9 43.35 17.04 15.53
CA ALA J 9 43.56 17.24 14.10
C ALA J 9 44.41 16.13 13.47
N LEU J 10 45.25 15.49 14.28
CA LEU J 10 46.06 14.36 13.79
C LEU J 10 45.25 13.17 13.28
N LEU J 11 43.97 13.11 13.66
CA LEU J 11 43.04 12.05 13.24
C LEU J 11 42.66 12.11 11.78
N LEU J 12 42.92 13.26 11.15
CA LEU J 12 42.40 13.56 9.82
C LEU J 12 43.49 13.48 8.77
N PRO J 13 43.48 12.42 7.93
CA PRO J 13 44.52 12.31 6.90
C PRO J 13 44.41 13.48 5.88
N PRO J 14 45.56 14.04 5.45
CA PRO J 14 45.52 15.23 4.60
C PRO J 14 44.90 14.97 3.22
N VAL J 15 45.09 13.76 2.69
CA VAL J 15 44.53 13.40 1.38
C VAL J 15 42.99 13.29 1.45
N THR J 16 42.48 12.75 2.55
CA THR J 16 41.05 12.66 2.78
C THR J 16 40.42 14.07 2.82
N LEU J 17 41.06 14.97 3.56
CA LEU J 17 40.59 16.35 3.67
C LEU J 17 40.58 17.03 2.33
N ALA J 18 41.68 16.89 1.60
CA ALA J 18 41.82 17.50 0.29
C ALA J 18 40.68 17.10 -0.66
N ALA J 19 40.39 15.80 -0.73
CA ALA J 19 39.31 15.30 -1.59
C ALA J 19 37.94 15.83 -1.17
N LEU J 20 37.69 15.85 0.14
CA LEU J 20 36.43 16.33 0.68
C LEU J 20 36.25 17.81 0.35
N VAL J 21 37.29 18.58 0.64
CA VAL J 21 37.32 20.01 0.39
C VAL J 21 37.11 20.32 -1.09
N ASP J 22 37.78 19.59 -1.96
CA ASP J 22 37.62 19.76 -3.40
C ASP J 22 36.17 19.53 -3.84
N SER J 23 35.50 18.53 -3.26
CA SER J 23 34.12 18.25 -3.64
C SER J 23 33.19 19.39 -3.18
N TRP J 24 33.49 20.00 -2.04
CA TRP J 24 32.70 21.12 -1.52
C TRP J 24 32.86 22.36 -2.38
N LEU J 25 34.09 22.60 -2.83
CA LEU J 25 34.36 23.75 -3.69
C LEU J 25 33.71 23.57 -5.05
N ARG J 26 33.72 22.34 -5.58
CA ARG J 26 33.07 22.02 -6.84
C ARG J 26 31.54 22.20 -6.74
N GLU J 27 30.97 21.80 -5.61
CA GLU J 27 29.53 22.03 -5.36
C GLU J 27 29.17 23.53 -5.43
N ASP J 28 29.99 24.36 -4.80
CA ASP J 28 29.70 25.78 -4.70
C ASP J 28 30.06 26.59 -5.95
N CYS J 29 30.96 26.06 -6.78
CA CYS J 29 31.37 26.74 -8.01
C CYS J 29 31.70 25.74 -9.09
N PRO J 30 30.69 25.20 -9.78
CA PRO J 30 30.96 24.13 -10.74
C PRO J 30 31.59 24.61 -12.05
N GLY J 31 31.53 25.89 -12.34
CA GLY J 31 32.03 26.42 -13.61
C GLY J 31 32.87 27.67 -13.40
N LEU J 32 32.47 28.76 -14.05
CA LEU J 32 33.15 30.04 -13.93
C LEU J 32 32.81 30.75 -12.63
N ASN J 33 33.81 31.37 -12.02
CA ASN J 33 33.63 32.15 -10.79
C ASN J 33 33.52 33.64 -11.15
N TYR J 34 32.36 34.02 -11.68
CA TYR J 34 32.09 35.40 -12.14
C TYR J 34 32.49 36.48 -11.13
N ALA J 35 32.16 36.25 -9.86
CA ALA J 35 32.44 37.25 -8.81
C ALA J 35 33.95 37.57 -8.66
N ALA J 36 34.82 36.69 -9.15
CA ALA J 36 36.27 36.92 -9.09
C ALA J 36 36.65 38.22 -9.80
N LEU J 37 35.92 38.54 -10.85
CA LEU J 37 36.17 39.75 -11.62
C LEU J 37 35.80 41.02 -10.84
N VAL J 38 34.95 40.87 -9.84
CA VAL J 38 34.53 41.99 -9.00
C VAL J 38 35.61 42.36 -7.97
N SER J 39 36.19 41.36 -7.33
CA SER J 39 37.20 41.63 -6.30
C SER J 39 38.62 41.78 -6.86
N GLY J 40 38.93 41.08 -7.94
CA GLY J 40 40.30 41.01 -8.45
C GLY J 40 41.18 40.12 -7.58
N ALA J 41 42.49 40.16 -7.81
CA ALA J 41 43.40 39.20 -7.18
C ALA J 41 44.37 39.87 -6.21
N GLY J 42 44.07 41.11 -5.82
CA GLY J 42 44.98 41.85 -4.96
C GLY J 42 45.18 41.14 -3.63
N PRO J 43 46.42 41.14 -3.09
CA PRO J 43 46.65 40.49 -1.80
C PRO J 43 45.75 41.12 -0.75
N SER J 44 45.07 40.29 0.00
CA SER J 44 44.06 40.78 0.93
C SER J 44 44.12 40.06 2.24
N GLN J 45 43.38 40.59 3.19
CA GLN J 45 43.17 39.93 4.43
C GLN J 45 41.77 40.05 4.97
N ALA J 46 41.33 39.01 5.66
CA ALA J 46 39.97 38.96 6.20
C ALA J 46 40.01 38.49 7.65
N ALA J 47 39.17 39.08 8.47
CA ALA J 47 39.03 38.68 9.86
C ALA J 47 37.86 37.72 10.03
N LEU J 48 38.12 36.62 10.74
CA LEU J 48 37.08 35.67 11.11
C LEU J 48 36.51 36.06 12.47
N TRP J 49 35.18 36.26 12.51
CA TRP J 49 34.49 36.70 13.71
C TRP J 49 33.53 35.63 14.22
N ALA J 50 33.57 35.37 15.52
CA ALA J 50 32.63 34.45 16.15
C ALA J 50 31.51 35.27 16.80
N LYS J 51 30.27 35.04 16.36
CA LYS J 51 29.13 35.84 16.80
C LYS J 51 28.19 35.06 17.71
N SER J 52 28.53 33.81 18.00
CA SER J 52 27.74 32.90 18.85
C SER J 52 28.60 32.37 19.99
N PRO J 53 27.98 32.11 21.17
CA PRO J 53 28.74 31.43 22.20
C PRO J 53 28.82 29.94 21.88
N GLY J 54 29.78 29.24 22.46
CA GLY J 54 29.97 27.82 22.21
C GLY J 54 31.44 27.44 22.19
N VAL J 55 31.75 26.43 21.38
CA VAL J 55 33.08 25.84 21.32
C VAL J 55 33.56 25.90 19.88
N LEU J 56 34.79 26.38 19.68
CA LEU J 56 35.37 26.46 18.35
C LEU J 56 35.83 25.08 17.88
N ALA J 57 35.36 24.65 16.71
CA ALA J 57 35.79 23.36 16.16
C ALA J 57 35.74 23.39 14.64
N GLY J 58 36.74 22.78 14.02
CA GLY J 58 36.75 22.64 12.56
C GLY J 58 37.92 23.36 11.89
N GLN J 59 38.88 23.85 12.68
CA GLN J 59 40.08 24.49 12.13
C GLN J 59 40.76 23.70 11.00
N PRO J 60 40.95 22.35 11.17
CA PRO J 60 41.64 21.63 10.09
C PRO J 60 40.88 21.66 8.74
N PHE J 61 39.55 21.65 8.78
CA PHE J 61 38.76 21.72 7.56
C PHE J 61 38.80 23.13 6.97
N PHE J 62 38.64 24.13 7.83
CA PHE J 62 38.72 25.54 7.44
C PHE J 62 40.07 25.82 6.76
N ASP J 63 41.16 25.35 7.37
CA ASP J 63 42.52 25.48 6.82
C ASP J 63 42.66 24.79 5.47
N ALA J 64 42.17 23.56 5.38
CA ALA J 64 42.31 22.76 4.15
C ALA J 64 41.59 23.46 2.99
N ILE J 65 40.41 24.00 3.24
CA ILE J 65 39.69 24.77 2.23
C ILE J 65 40.57 25.90 1.67
N PHE J 66 41.11 26.72 2.55
CA PHE J 66 41.90 27.87 2.13
C PHE J 66 43.24 27.52 1.53
N THR J 67 43.86 26.44 2.03
CA THR J 67 45.09 25.90 1.46
C THR J 67 44.89 25.48 -0.02
N GLN J 68 43.77 24.82 -0.31
CA GLN J 68 43.43 24.48 -1.71
C GLN J 68 43.25 25.71 -2.60
N LEU J 69 42.95 26.86 -1.97
CA LEU J 69 42.80 28.12 -2.69
C LEU J 69 44.01 29.04 -2.54
N ASN J 70 45.12 28.48 -2.08
CA ASN J 70 46.39 29.20 -1.92
C ASN J 70 46.28 30.41 -0.98
N CYS J 71 45.52 30.24 0.10
CA CYS J 71 45.38 31.25 1.14
C CYS J 71 45.94 30.66 2.43
N GLN J 72 46.33 31.54 3.35
CA GLN J 72 46.91 31.12 4.63
C GLN J 72 46.00 31.59 5.77
N VAL J 73 45.95 30.80 6.84
CA VAL J 73 45.13 31.11 8.02
C VAL J 73 46.01 31.23 9.27
N SER J 74 45.83 32.30 10.02
CA SER J 74 46.45 32.46 11.34
C SER J 74 45.33 32.44 12.37
N TRP J 75 45.37 31.46 13.28
CA TRP J 75 44.35 31.30 14.33
C TRP J 75 44.76 32.00 15.61
N PHE J 76 43.83 32.70 16.24
CA PHE J 76 44.14 33.44 17.48
C PHE J 76 43.66 32.68 18.71
N LEU J 77 42.90 31.61 18.47
CA LEU J 77 42.36 30.76 19.52
C LEU J 77 42.60 29.31 19.11
N PRO J 78 43.03 28.47 20.06
CA PRO J 78 43.20 27.07 19.74
C PRO J 78 41.88 26.36 19.50
N GLU J 79 41.96 25.26 18.75
CA GLU J 79 40.85 24.38 18.56
C GLU J 79 40.23 23.97 19.92
N GLY J 80 38.91 23.99 20.00
CA GLY J 80 38.23 23.67 21.25
C GLY J 80 38.05 24.81 22.25
N SER J 81 38.48 26.03 21.90
CA SER J 81 38.33 27.19 22.79
C SER J 81 36.87 27.56 23.00
N LYS J 82 36.54 28.08 24.19
CA LYS J 82 35.22 28.66 24.43
C LYS J 82 35.10 29.93 23.59
N LEU J 83 33.96 30.11 22.95
CA LEU J 83 33.72 31.33 22.20
C LEU J 83 32.79 32.21 22.99
N VAL J 84 33.25 33.45 23.21
CA VAL J 84 32.46 34.49 23.83
C VAL J 84 32.38 35.67 22.83
N PRO J 85 31.20 35.87 22.23
CA PRO J 85 31.03 36.85 21.16
C PRO J 85 31.06 38.28 21.69
N VAL J 86 31.42 39.25 20.87
CA VAL J 86 31.93 39.02 19.52
C VAL J 86 33.46 38.91 19.59
N ALA J 87 33.98 37.75 19.18
CA ALA J 87 35.38 37.37 19.34
C ALA J 87 36.09 37.34 17.99
N ARG J 88 37.25 38.01 17.90
CA ARG J 88 38.10 37.87 16.73
C ARG J 88 38.88 36.57 16.87
N VAL J 89 38.72 35.67 15.91
CA VAL J 89 39.25 34.31 16.07
C VAL J 89 40.40 33.93 15.13
N ALA J 90 40.49 34.58 13.98
CA ALA J 90 41.54 34.29 12.99
C ALA J 90 41.67 35.38 11.91
N GLU J 91 42.73 35.25 11.12
CA GLU J 91 42.92 36.06 9.94
C GLU J 91 43.21 35.09 8.80
N VAL J 92 42.62 35.39 7.65
CA VAL J 92 42.90 34.63 6.43
C VAL J 92 43.56 35.60 5.46
N ARG J 93 44.68 35.18 4.87
CA ARG J 93 45.41 36.01 3.92
C ARG J 93 45.42 35.34 2.55
N GLY J 94 45.25 36.15 1.51
CA GLY J 94 45.42 35.67 0.16
C GLY J 94 44.91 36.65 -0.89
N PRO J 95 44.97 36.25 -2.16
CA PRO J 95 44.38 37.05 -3.24
C PRO J 95 42.90 37.24 -2.94
N ALA J 96 42.36 38.42 -3.20
CA ALA J 96 40.98 38.72 -2.79
C ALA J 96 39.96 37.69 -3.29
N HIS J 97 40.02 37.33 -4.57
CA HIS J 97 39.04 36.42 -5.17
C HIS J 97 39.10 35.02 -4.57
N CYS J 98 40.30 34.58 -4.20
CA CYS J 98 40.46 33.30 -3.51
C CYS J 98 39.83 33.30 -2.13
N LEU J 99 40.04 34.39 -1.38
CA LEU J 99 39.41 34.53 -0.06
C LEU J 99 37.89 34.43 -0.18
N LEU J 100 37.33 35.14 -1.15
CA LEU J 100 35.88 35.22 -1.28
C LEU J 100 35.28 33.94 -1.88
N LEU J 101 36.07 33.20 -2.66
CA LEU J 101 35.65 31.91 -3.20
C LEU J 101 35.56 30.85 -2.08
N GLY J 102 36.47 30.94 -1.10
CA GLY J 102 36.46 30.01 0.03
C GLY J 102 35.50 30.38 1.14
N GLU J 103 35.15 31.67 1.22
CA GLU J 103 34.41 32.21 2.36
C GLU J 103 33.21 31.36 2.80
N ARG J 104 32.27 31.13 1.89
CA ARG J 104 30.99 30.54 2.28
C ARG J 104 31.16 29.08 2.72
N VAL J 105 31.87 28.31 1.91
CA VAL J 105 32.13 26.90 2.27
C VAL J 105 32.87 26.79 3.62
N ALA J 106 33.89 27.62 3.83
CA ALA J 106 34.65 27.61 5.06
C ALA J 106 33.79 27.98 6.27
N LEU J 107 32.95 29.01 6.12
CA LEU J 107 32.06 29.42 7.19
C LEU J 107 30.99 28.37 7.49
N ASN J 108 30.40 27.79 6.43
CA ASN J 108 29.40 26.72 6.60
C ASN J 108 29.96 25.52 7.37
N THR J 109 31.20 25.17 7.05
CA THR J 109 31.88 24.03 7.69
C THR J 109 32.17 24.34 9.17
N LEU J 110 32.82 25.47 9.41
CA LEU J 110 33.19 25.85 10.78
C LEU J 110 31.94 25.99 11.65
N ALA J 111 30.88 26.56 11.07
CA ALA J 111 29.66 26.84 11.83
C ALA J 111 29.01 25.55 12.35
N ARG J 112 29.00 24.53 11.49
CA ARG J 112 28.37 23.24 11.81
C ARG J 112 29.25 22.40 12.71
N CYS J 113 30.54 22.38 12.44
CA CYS J 113 31.48 21.65 13.30
C CYS J 113 31.45 22.24 14.72
N SER J 114 31.55 23.57 14.82
CA SER J 114 31.48 24.25 16.11
C SER J 114 30.11 24.07 16.80
N GLY J 115 29.03 24.07 16.02
CA GLY J 115 27.68 23.89 16.58
C GLY J 115 27.58 22.52 17.28
N ILE J 116 28.13 21.52 16.63
CA ILE J 116 28.16 20.15 17.18
C ILE J 116 29.10 20.07 18.41
N ALA J 117 30.31 20.60 18.29
CA ALA J 117 31.23 20.66 19.45
C ALA J 117 30.59 21.36 20.64
N SER J 118 29.85 22.44 20.37
CA SER J 118 29.15 23.18 21.42
C SER J 118 28.09 22.34 22.13
N ALA J 119 27.28 21.64 21.35
CA ALA J 119 26.26 20.74 21.88
C ALA J 119 26.91 19.62 22.71
N ALA J 120 27.97 19.02 22.17
CA ALA J 120 28.72 17.97 22.86
C ALA J 120 29.26 18.45 24.21
N ALA J 121 29.84 19.66 24.20
CA ALA J 121 30.45 20.20 25.39
C ALA J 121 29.38 20.47 26.47
N ALA J 122 28.21 20.96 26.04
CA ALA J 122 27.10 21.20 26.96
C ALA J 122 26.64 19.89 27.62
N ALA J 123 26.51 18.84 26.81
CA ALA J 123 26.15 17.52 27.33
C ALA J 123 27.21 16.97 28.26
N VAL J 124 28.48 17.06 27.88
CA VAL J 124 29.60 16.60 28.72
C VAL J 124 29.58 17.30 30.06
N GLU J 125 29.36 18.61 30.03
CA GLU J 125 29.27 19.43 31.25
C GLU J 125 28.10 18.99 32.13
N ALA J 126 26.94 18.76 31.53
CA ALA J 126 25.77 18.33 32.28
C ALA J 126 26.02 16.99 32.95
N ALA J 127 26.63 16.06 32.23
CA ALA J 127 26.99 14.74 32.77
C ALA J 127 27.98 14.87 33.91
N ARG J 128 29.01 15.71 33.73
CA ARG J 128 30.02 15.93 34.76
C ARG J 128 29.39 16.57 36.01
N GLY J 129 28.49 17.54 35.79
CA GLY J 129 27.77 18.19 36.88
C GLY J 129 26.91 17.22 37.67
N ALA J 130 26.49 16.14 37.01
CA ALA J 130 25.72 15.08 37.65
C ALA J 130 26.60 14.06 38.37
N GLY J 131 27.92 14.27 38.32
CA GLY J 131 28.87 13.37 38.98
C GLY J 131 29.11 12.07 38.21
N TRP J 132 28.77 12.06 36.94
CA TRP J 132 28.91 10.86 36.10
C TRP J 132 30.30 10.78 35.45
N THR J 133 30.90 9.60 35.47
CA THR J 133 32.24 9.42 34.91
C THR J 133 32.25 8.65 33.57
N GLY J 134 31.06 8.37 33.04
CA GLY J 134 30.92 7.69 31.77
C GLY J 134 31.19 8.63 30.61
N HIS J 135 31.00 8.12 29.40
CA HIS J 135 31.25 8.90 28.19
C HIS J 135 29.98 9.27 27.46
N VAL J 136 29.85 10.55 27.16
CA VAL J 136 28.81 11.04 26.28
C VAL J 136 29.30 10.71 24.88
N ALA J 137 28.41 10.18 24.04
CA ALA J 137 28.80 9.71 22.73
C ALA J 137 27.84 10.17 21.65
N GLY J 138 28.33 10.19 20.41
CA GLY J 138 27.49 10.44 19.24
C GLY J 138 27.08 9.14 18.57
N THR J 139 26.49 9.25 17.39
CA THR J 139 25.84 8.13 16.72
C THR J 139 26.12 8.25 15.23
N ARG J 140 25.52 7.35 14.44
CA ARG J 140 25.60 7.46 12.98
C ARG J 140 24.49 8.34 12.40
N LYS J 141 23.81 9.09 13.27
CA LYS J 141 22.78 10.03 12.81
C LYS J 141 23.41 11.37 12.40
N THR J 142 24.17 11.29 11.32
CA THR J 142 24.97 12.39 10.82
C THR J 142 24.49 12.75 9.42
N THR J 143 24.85 13.95 8.96
CA THR J 143 24.49 14.38 7.61
C THR J 143 25.27 13.55 6.58
N PRO J 144 24.56 12.89 5.64
CA PRO J 144 25.24 12.10 4.61
C PRO J 144 26.38 12.87 3.92
N GLY J 145 27.56 12.25 3.84
CA GLY J 145 28.73 12.89 3.22
C GLY J 145 29.54 13.81 4.13
N PHE J 146 28.97 14.14 5.29
CA PHE J 146 29.58 15.14 6.18
C PHE J 146 30.01 14.52 7.51
N ARG J 147 30.02 13.19 7.60
CA ARG J 147 30.27 12.51 8.87
C ARG J 147 31.63 12.82 9.49
N LEU J 148 32.68 12.89 8.66
CA LEU J 148 34.03 13.20 9.18
C LEU J 148 34.04 14.50 10.00
N VAL J 149 33.39 15.54 9.49
CA VAL J 149 33.36 16.83 10.16
C VAL J 149 32.53 16.73 11.44
N GLU J 150 31.38 16.05 11.35
CA GLU J 150 30.48 15.99 12.50
C GLU J 150 31.07 15.18 13.63
N LYS J 151 31.71 14.06 13.31
CA LYS J 151 32.37 13.24 14.34
C LYS J 151 33.58 13.96 14.96
N TYR J 152 34.36 14.64 14.13
CA TYR J 152 35.46 15.47 14.62
C TYR J 152 34.94 16.55 15.57
N GLY J 153 33.81 17.17 15.22
CA GLY J 153 33.17 18.15 16.10
C GLY J 153 32.82 17.59 17.47
N LEU J 154 32.21 16.40 17.49
CA LEU J 154 31.90 15.72 18.75
C LEU J 154 33.15 15.58 19.61
N LEU J 155 34.23 15.09 19.01
CA LEU J 155 35.51 14.90 19.71
C LEU J 155 36.04 16.20 20.31
N VAL J 156 36.02 17.27 19.51
CA VAL J 156 36.50 18.57 20.01
C VAL J 156 35.67 19.01 21.22
N GLY J 157 34.36 18.74 21.16
CA GLY J 157 33.46 19.02 22.28
C GLY J 157 33.62 18.13 23.49
N GLY J 158 34.46 17.10 23.39
CA GLY J 158 34.72 16.21 24.52
C GLY J 158 33.85 14.96 24.54
N ALA J 159 33.07 14.72 23.49
CA ALA J 159 32.24 13.52 23.39
C ALA J 159 33.01 12.45 22.60
N ALA J 160 32.64 11.18 22.78
CA ALA J 160 33.20 10.09 22.00
C ALA J 160 32.54 10.11 20.63
N SER J 161 33.33 9.90 19.57
CA SER J 161 32.75 9.76 18.24
C SER J 161 31.89 8.51 18.22
N HIS J 162 32.41 7.43 18.82
CA HIS J 162 31.67 6.19 19.05
C HIS J 162 31.44 5.48 17.71
N ARG J 163 30.25 4.90 17.47
CA ARG J 163 30.04 4.12 16.25
C ARG J 163 30.17 5.02 15.02
N TYR J 164 31.20 4.73 14.22
CA TYR J 164 31.51 5.57 13.05
C TYR J 164 30.80 5.11 11.79
N ASP J 165 30.87 3.81 11.50
CA ASP J 165 30.25 3.28 10.30
C ASP J 165 29.95 1.79 10.50
N LEU J 166 29.50 1.12 9.45
CA LEU J 166 29.10 -0.28 9.56
C LEU J 166 30.26 -1.27 9.63
N GLY J 167 31.49 -0.79 9.61
CA GLY J 167 32.66 -1.68 9.69
C GLY J 167 33.40 -1.59 11.03
N GLY J 168 32.98 -0.66 11.89
CA GLY J 168 33.66 -0.39 13.15
C GLY J 168 33.39 -1.38 14.28
N LEU J 169 32.14 -1.80 14.41
CA LEU J 169 31.72 -2.84 15.34
C LEU J 169 30.45 -3.36 14.74
N VAL J 170 30.05 -4.57 15.14
CA VAL J 170 28.85 -5.20 14.60
C VAL J 170 27.66 -4.85 15.48
N MET J 171 26.77 -4.03 14.92
CA MET J 171 25.63 -3.52 15.64
C MET J 171 24.39 -4.31 15.26
N VAL J 172 23.78 -4.91 16.28
CA VAL J 172 22.56 -5.68 16.17
C VAL J 172 21.41 -4.81 16.69
N LYS J 173 20.54 -4.35 15.81
CA LYS J 173 19.42 -3.52 16.22
C LYS J 173 18.15 -4.34 16.35
N ASP J 174 17.07 -3.65 16.72
CA ASP J 174 15.73 -4.24 16.65
C ASP J 174 15.48 -4.98 15.31
N ASN J 175 15.86 -4.35 14.21
CA ASN J 175 15.61 -4.93 12.88
C ASN J 175 16.39 -6.25 12.60
N HIS J 176 17.63 -6.33 13.10
CA HIS J 176 18.44 -7.56 13.00
C HIS J 176 17.85 -8.69 13.88
N VAL J 177 17.42 -8.34 15.08
CA VAL J 177 16.78 -9.32 15.96
C VAL J 177 15.56 -9.94 15.27
N VAL J 178 14.73 -9.10 14.66
CA VAL J 178 13.54 -9.59 13.94
C VAL J 178 13.98 -10.47 12.78
N ALA J 179 14.94 -9.98 12.00
CA ALA J 179 15.43 -10.69 10.81
C ALA J 179 16.05 -12.04 11.18
N ALA J 180 16.83 -12.06 12.26
CA ALA J 180 17.49 -13.30 12.69
C ALA J 180 16.56 -14.28 13.43
N GLY J 181 15.44 -13.78 13.93
CA GLY J 181 14.48 -14.62 14.63
C GLY J 181 14.72 -14.70 16.12
N GLY J 182 15.41 -13.72 16.70
CA GLY J 182 15.62 -13.70 18.15
C GLY J 182 16.98 -13.16 18.54
N VAL J 183 17.10 -12.69 19.78
CA VAL J 183 18.34 -12.05 20.24
C VAL J 183 19.51 -13.03 20.25
N GLU J 184 19.28 -14.23 20.76
CA GLU J 184 20.33 -15.25 20.85
C GLU J 184 20.89 -15.61 19.46
N LYS J 185 20.02 -15.88 18.50
CA LYS J 185 20.44 -16.17 17.14
C LYS J 185 21.18 -14.99 16.50
N ALA J 186 20.65 -13.79 16.70
CA ALA J 186 21.28 -12.59 16.14
C ALA J 186 22.68 -12.37 16.72
N VAL J 187 22.82 -12.52 18.04
CA VAL J 187 24.11 -12.28 18.70
C VAL J 187 25.11 -13.36 18.30
N ARG J 188 24.64 -14.61 18.22
CA ARG J 188 25.48 -15.74 17.77
C ARG J 188 26.08 -15.43 16.39
N ALA J 189 25.25 -14.99 15.45
CA ALA J 189 25.72 -14.63 14.11
C ALA J 189 26.63 -13.41 14.13
N ALA J 190 26.31 -12.43 14.95
CA ALA J 190 27.12 -11.22 15.06
C ALA J 190 28.51 -11.54 15.58
N ARG J 191 28.58 -12.40 16.60
CA ARG J 191 29.83 -12.83 17.23
C ARG J 191 30.70 -13.59 16.20
N GLN J 192 30.06 -14.40 15.36
CA GLN J 192 30.77 -15.12 14.30
C GLN J 192 31.37 -14.16 13.26
N ALA J 193 30.62 -13.10 12.92
CA ALA J 193 31.06 -12.09 11.97
C ALA J 193 32.15 -11.17 12.54
N ALA J 194 32.03 -10.85 13.83
CA ALA J 194 32.95 -9.94 14.52
C ALA J 194 34.27 -10.61 14.80
N ASP J 195 34.19 -11.90 15.12
CA ASP J 195 35.32 -12.74 15.49
C ASP J 195 36.11 -12.03 16.61
N PHE J 196 37.44 -12.00 16.52
CA PHE J 196 38.22 -11.35 17.59
C PHE J 196 38.48 -9.85 17.39
N ALA J 197 38.36 -9.37 16.15
CA ALA J 197 38.81 -8.02 15.84
C ALA J 197 37.78 -6.94 16.17
N LEU J 198 36.49 -7.30 16.17
CA LEU J 198 35.43 -6.32 16.35
C LEU J 198 34.54 -6.62 17.55
N LYS J 199 34.03 -5.57 18.17
CA LYS J 199 33.04 -5.72 19.23
C LYS J 199 31.65 -5.94 18.63
N VAL J 200 30.78 -6.53 19.44
CA VAL J 200 29.36 -6.67 19.11
C VAL J 200 28.55 -5.83 20.09
N GLU J 201 27.66 -5.00 19.54
CA GLU J 201 26.73 -4.22 20.36
C GLU J 201 25.30 -4.60 19.99
N VAL J 202 24.44 -4.72 21.00
CA VAL J 202 23.05 -5.08 20.77
C VAL J 202 22.11 -4.02 21.33
N GLU J 203 21.24 -3.51 20.47
CA GLU J 203 20.21 -2.56 20.87
C GLU J 203 19.05 -3.30 21.49
N CYS J 204 18.76 -2.94 22.73
CA CYS J 204 17.78 -3.67 23.53
C CYS J 204 16.64 -2.77 23.97
N SER J 205 15.41 -3.24 23.76
CA SER J 205 14.21 -2.47 24.08
C SER J 205 13.66 -2.86 25.45
N SER J 206 14.21 -3.93 26.04
CA SER J 206 13.69 -4.45 27.30
C SER J 206 14.78 -5.12 28.14
N LEU J 207 14.54 -5.18 29.44
CA LEU J 207 15.38 -5.95 30.37
C LEU J 207 15.71 -7.37 29.83
N GLN J 208 14.69 -8.06 29.34
CA GLN J 208 14.82 -9.42 28.81
C GLN J 208 15.86 -9.48 27.69
N GLU J 209 15.70 -8.61 26.68
CA GLU J 209 16.62 -8.53 25.55
C GLU J 209 18.05 -8.23 26.01
N ALA J 210 18.19 -7.23 26.88
CA ALA J 210 19.48 -6.86 27.45
C ALA J 210 20.22 -8.08 28.05
N VAL J 211 19.52 -8.86 28.85
CA VAL J 211 20.11 -10.02 29.50
C VAL J 211 20.42 -11.15 28.49
N GLN J 212 19.52 -11.35 27.54
CA GLN J 212 19.74 -12.28 26.44
C GLN J 212 21.00 -11.88 25.64
N ALA J 213 21.15 -10.60 25.36
CA ALA J 213 22.32 -10.07 24.67
C ALA J 213 23.62 -10.36 25.43
N ALA J 214 23.62 -10.08 26.74
CA ALA J 214 24.82 -10.23 27.56
C ALA J 214 25.20 -11.70 27.71
N GLU J 215 24.20 -12.55 27.89
CA GLU J 215 24.43 -13.98 28.02
C GLU J 215 24.98 -14.57 26.73
N ALA J 216 24.57 -14.03 25.59
CA ALA J 216 25.02 -14.51 24.29
C ALA J 216 26.41 -13.99 23.87
N GLY J 217 26.99 -13.08 24.64
CA GLY J 217 28.40 -12.66 24.42
C GLY J 217 28.70 -11.29 23.82
N ALA J 218 27.69 -10.44 23.68
CA ALA J 218 27.85 -9.06 23.23
C ALA J 218 28.90 -8.32 24.05
N ASP J 219 29.65 -7.42 23.42
CA ASP J 219 30.62 -6.58 24.14
C ASP J 219 29.92 -5.40 24.77
N LEU J 220 28.94 -4.84 24.06
CA LEU J 220 28.16 -3.71 24.54
C LEU J 220 26.68 -4.02 24.46
N VAL J 221 25.96 -3.66 25.52
CA VAL J 221 24.52 -3.78 25.53
C VAL J 221 23.94 -2.36 25.56
N LEU J 222 23.17 -2.04 24.53
CA LEU J 222 22.55 -0.74 24.39
C LEU J 222 21.11 -0.82 24.90
N LEU J 223 20.87 -0.16 26.03
CA LEU J 223 19.55 -0.11 26.62
C LEU J 223 18.80 1.08 26.02
N ASP J 224 17.87 0.78 25.13
CA ASP J 224 17.27 1.80 24.29
C ASP J 224 15.87 2.18 24.76
N ASN J 225 15.66 3.49 24.90
CA ASN J 225 14.37 4.07 25.29
C ASN J 225 13.79 3.52 26.60
N PHE J 226 14.67 3.28 27.56
CA PHE J 226 14.27 2.92 28.92
C PHE J 226 13.92 4.21 29.67
N LYS J 227 12.95 4.12 30.57
CA LYS J 227 12.78 5.15 31.59
C LYS J 227 13.94 5.01 32.58
N PRO J 228 14.49 6.15 33.06
CA PRO J 228 15.59 6.11 34.05
C PRO J 228 15.36 5.14 35.22
N GLU J 229 14.13 5.09 35.73
CA GLU J 229 13.79 4.21 36.84
C GLU J 229 13.87 2.72 36.48
N GLU J 230 13.76 2.41 35.20
CA GLU J 230 13.94 1.03 34.71
C GLU J 230 15.38 0.80 34.25
N LEU J 231 16.00 1.85 33.72
CA LEU J 231 17.36 1.77 33.20
C LEU J 231 18.39 1.29 34.23
N HIS J 232 18.43 1.95 35.38
CA HIS J 232 19.48 1.70 36.35
C HIS J 232 19.41 0.32 37.03
N PRO J 233 18.20 -0.13 37.45
CA PRO J 233 18.07 -1.51 37.96
C PRO J 233 18.48 -2.57 36.94
N THR J 234 18.15 -2.35 35.66
CA THR J 234 18.55 -3.24 34.58
C THR J 234 20.06 -3.28 34.41
N ALA J 235 20.69 -2.11 34.34
CA ALA J 235 22.15 -2.03 34.21
C ALA J 235 22.87 -2.62 35.42
N THR J 236 22.27 -2.47 36.60
CA THR J 236 22.83 -3.01 37.84
C THR J 236 23.04 -4.52 37.73
N VAL J 237 22.11 -5.24 37.16
CA VAL J 237 22.29 -6.69 37.05
C VAL J 237 23.31 -7.08 35.95
N LEU J 238 23.39 -6.27 34.89
CA LEU J 238 24.36 -6.51 33.82
C LEU J 238 25.82 -6.41 34.30
N LYS J 239 26.15 -5.29 34.97
CA LYS J 239 27.48 -5.10 35.55
C LYS J 239 27.83 -6.15 36.62
N ALA J 240 26.86 -6.54 37.43
CA ALA J 240 27.12 -7.52 38.48
C ALA J 240 27.50 -8.90 37.92
N GLN J 241 26.78 -9.36 36.89
CA GLN J 241 26.95 -10.72 36.39
C GLN J 241 27.78 -10.83 35.10
N PHE J 242 27.87 -9.73 34.35
CA PHE J 242 28.65 -9.68 33.11
C PHE J 242 29.59 -8.46 33.14
N PRO J 243 30.60 -8.50 34.05
CA PRO J 243 31.44 -7.33 34.34
C PRO J 243 32.24 -6.79 33.14
N SER J 244 32.59 -7.66 32.19
CA SER J 244 33.23 -7.22 30.94
C SER J 244 32.30 -6.48 29.95
N VAL J 245 30.98 -6.57 30.16
CA VAL J 245 30.04 -5.91 29.24
C VAL J 245 29.95 -4.41 29.57
N ALA J 246 30.00 -3.58 28.53
CA ALA J 246 29.79 -2.16 28.69
C ALA J 246 28.30 -1.87 28.47
N VAL J 247 27.70 -1.03 29.34
CA VAL J 247 26.28 -0.67 29.23
C VAL J 247 26.17 0.73 28.61
N GLU J 248 25.39 0.82 27.53
CA GLU J 248 25.09 2.07 26.87
C GLU J 248 23.61 2.41 27.03
N ALA J 249 23.32 3.68 27.30
CA ALA J 249 21.94 4.14 27.32
C ALA J 249 21.71 5.10 26.17
N SER J 250 20.55 4.96 25.53
CA SER J 250 20.19 5.85 24.45
C SER J 250 18.68 5.90 24.30
N GLY J 251 18.20 6.92 23.60
CA GLY J 251 16.79 7.00 23.23
C GLY J 251 16.06 8.04 24.05
N GLY J 252 15.66 9.12 23.39
CA GLY J 252 14.96 10.22 24.05
C GLY J 252 15.78 10.97 25.10
N ILE J 253 17.11 10.95 24.96
CA ILE J 253 17.98 11.67 25.89
C ILE J 253 18.22 13.06 25.34
N THR J 254 18.05 14.06 26.21
CA THR J 254 18.27 15.46 25.85
C THR J 254 19.23 16.07 26.85
N LEU J 255 19.73 17.27 26.56
CA LEU J 255 20.62 17.98 27.46
C LEU J 255 19.93 18.12 28.81
N ASP J 256 18.65 18.46 28.78
CA ASP J 256 17.89 18.70 30.01
C ASP J 256 17.71 17.46 30.89
N ASN J 257 17.44 16.31 30.27
CA ASN J 257 17.20 15.09 31.06
C ASN J 257 18.43 14.17 31.22
N LEU J 258 19.53 14.55 30.60
CA LEU J 258 20.77 13.76 30.65
C LEU J 258 21.17 13.32 32.08
N PRO J 259 21.17 14.24 33.06
CA PRO J 259 21.50 13.79 34.41
C PRO J 259 20.70 12.59 34.92
N GLN J 260 19.46 12.43 34.46
CA GLN J 260 18.60 11.32 34.93
C GLN J 260 19.08 9.98 34.40
N PHE J 261 19.78 10.01 33.26
CA PHE J 261 20.30 8.80 32.63
C PHE J 261 21.69 8.45 33.12
N CYS J 262 22.33 9.38 33.82
CA CYS J 262 23.62 9.15 34.43
C CYS J 262 23.44 8.29 35.65
N GLY J 263 24.29 7.27 35.78
CA GLY J 263 24.30 6.39 36.94
C GLY J 263 25.58 5.59 36.94
N PRO J 264 25.91 4.98 38.08
CA PRO J 264 27.17 4.25 38.24
C PRO J 264 27.31 3.02 37.33
N HIS J 265 26.20 2.49 36.83
CA HIS J 265 26.24 1.28 36.01
C HIS J 265 26.03 1.55 34.51
N ILE J 266 26.00 2.84 34.16
CA ILE J 266 25.92 3.25 32.77
C ILE J 266 27.31 3.72 32.36
N ASP J 267 27.83 3.13 31.29
CA ASP J 267 29.18 3.45 30.80
C ASP J 267 29.20 4.50 29.71
N VAL J 268 28.18 4.44 28.85
CA VAL J 268 28.08 5.28 27.66
C VAL J 268 26.66 5.81 27.53
N ILE J 269 26.55 7.10 27.22
CA ILE J 269 25.26 7.69 26.89
C ILE J 269 25.36 8.29 25.51
N SER J 270 24.63 7.74 24.55
CA SER J 270 24.71 8.26 23.19
C SER J 270 23.46 9.09 22.90
N MET J 271 23.68 10.18 22.16
CA MET J 271 22.65 11.17 21.90
C MET J 271 22.64 11.54 20.42
N GLY J 272 21.57 11.18 19.73
CA GLY J 272 21.39 11.56 18.34
C GLY J 272 21.32 13.06 18.18
N MET J 273 20.74 13.76 19.15
CA MET J 273 20.57 15.21 19.09
C MET J 273 21.87 15.98 18.91
N LEU J 274 22.97 15.43 19.40
CA LEU J 274 24.28 16.11 19.30
C LEU J 274 24.68 16.39 17.86
N THR J 275 24.23 15.54 16.93
CA THR J 275 24.49 15.70 15.50
C THR J 275 23.23 16.07 14.70
N GLN J 276 22.05 15.63 15.13
CA GLN J 276 20.82 15.88 14.40
C GLN J 276 20.16 17.23 14.68
N ALA J 277 20.46 17.82 15.84
CA ALA J 277 19.75 19.01 16.31
C ALA J 277 20.69 20.01 17.02
N ALA J 278 21.90 20.15 16.51
CA ALA J 278 22.84 21.13 17.04
C ALA J 278 22.85 22.34 16.10
N PRO J 279 22.32 23.48 16.54
CA PRO J 279 22.31 24.65 15.64
C PRO J 279 23.73 25.09 15.30
N ALA J 280 23.95 25.47 14.04
CA ALA J 280 25.23 26.02 13.59
C ALA J 280 25.56 27.28 14.38
N LEU J 281 26.85 27.54 14.64
CA LEU J 281 27.24 28.82 15.26
C LEU J 281 27.31 29.91 14.19
N ASP J 282 27.20 31.16 14.61
CA ASP J 282 27.22 32.28 13.71
C ASP J 282 28.67 32.79 13.60
N PHE J 283 29.25 32.62 12.41
CA PHE J 283 30.59 33.16 12.09
C PHE J 283 30.50 34.07 10.87
N SER J 284 31.35 35.09 10.83
CA SER J 284 31.47 35.89 9.61
C SER J 284 32.95 36.08 9.24
N LEU J 285 33.19 36.38 7.98
CA LEU J 285 34.52 36.61 7.47
C LEU J 285 34.51 37.94 6.74
N LYS J 286 35.25 38.90 7.27
CA LYS J 286 35.15 40.29 6.81
C LYS J 286 36.50 40.76 6.28
N LEU J 287 36.56 41.02 4.97
CA LEU J 287 37.76 41.58 4.36
C LEU J 287 38.08 42.95 4.98
N PHE J 288 39.34 43.16 5.29
CA PHE J 288 39.83 44.43 5.81
C PHE J 288 41.25 44.53 5.28
N ASP K 4 29.33 -19.77 6.94
CA ASP K 4 29.09 -20.64 5.75
C ASP K 4 29.49 -19.90 4.47
N ALA K 5 30.36 -20.52 3.66
CA ALA K 5 30.98 -19.83 2.52
C ALA K 5 29.99 -19.22 1.54
N GLU K 6 28.89 -19.91 1.29
CA GLU K 6 27.87 -19.43 0.35
C GLU K 6 27.16 -18.14 0.80
N GLY K 7 27.08 -17.94 2.11
CA GLY K 7 26.44 -16.76 2.67
C GLY K 7 27.34 -15.54 2.77
N LEU K 8 28.65 -15.73 2.55
CA LEU K 8 29.64 -14.64 2.70
C LEU K 8 29.50 -13.51 1.67
N ALA K 9 28.94 -13.81 0.51
CA ALA K 9 28.73 -12.79 -0.53
C ALA K 9 27.91 -11.60 -0.03
N LEU K 10 27.04 -11.85 0.95
CA LEU K 10 26.20 -10.79 1.51
C LEU K 10 27.00 -9.63 2.14
N LEU K 11 28.27 -9.90 2.45
CA LEU K 11 29.18 -8.92 3.06
C LEU K 11 29.58 -7.80 2.11
N LEU K 12 29.34 -8.01 0.82
CA LEU K 12 29.87 -7.18 -0.24
C LEU K 12 28.79 -6.29 -0.83
N PRO K 13 28.80 -4.98 -0.51
CA PRO K 13 27.78 -4.09 -1.08
C PRO K 13 27.90 -4.01 -2.61
N PRO K 14 26.77 -4.01 -3.33
CA PRO K 14 26.82 -4.08 -4.81
C PRO K 14 27.45 -2.85 -5.45
N VAL K 15 27.25 -1.69 -4.84
CA VAL K 15 27.81 -0.44 -5.34
C VAL K 15 29.35 -0.41 -5.21
N THR K 16 29.85 -0.91 -4.08
CA THR K 16 31.30 -1.05 -3.86
C THR K 16 31.93 -1.97 -4.91
N LEU K 17 31.27 -3.10 -5.18
CA LEU K 17 31.75 -4.04 -6.18
C LEU K 17 31.76 -3.40 -7.56
N ALA K 18 30.68 -2.72 -7.90
CA ALA K 18 30.56 -2.10 -9.21
C ALA K 18 31.70 -1.11 -9.47
N ALA K 19 32.00 -0.26 -8.49
CA ALA K 19 33.08 0.73 -8.61
C ALA K 19 34.46 0.07 -8.76
N LEU K 20 34.69 -0.97 -7.98
CA LEU K 20 35.94 -1.69 -7.99
C LEU K 20 36.12 -2.36 -9.36
N VAL K 21 35.08 -3.08 -9.77
CA VAL K 21 35.06 -3.74 -11.06
C VAL K 21 35.30 -2.78 -12.22
N ASP K 22 34.64 -1.61 -12.17
CA ASP K 22 34.80 -0.59 -13.20
C ASP K 22 36.26 -0.11 -13.30
N SER K 23 36.92 0.06 -12.15
CA SER K 23 38.31 0.50 -12.14
C SER K 23 39.23 -0.56 -12.73
N TRP K 24 38.90 -1.83 -12.51
CA TRP K 24 39.70 -2.92 -13.05
C TRP K 24 39.56 -3.00 -14.57
N LEU K 25 38.34 -2.82 -15.06
CA LEU K 25 38.10 -2.81 -16.50
C LEU K 25 38.76 -1.61 -17.19
N ARG K 26 38.75 -0.47 -16.52
CA ARG K 26 39.43 0.72 -17.02
C ARG K 26 40.94 0.49 -17.12
N GLU K 27 41.50 -0.16 -16.11
CA GLU K 27 42.93 -0.48 -16.10
C GLU K 27 43.30 -1.35 -17.31
N ASP K 28 42.45 -2.32 -17.61
CA ASP K 28 42.79 -3.30 -18.64
C ASP K 28 42.46 -2.81 -20.06
N CYS K 29 41.57 -1.83 -20.18
CA CYS K 29 41.18 -1.30 -21.47
C CYS K 29 40.84 0.18 -21.34
N PRO K 30 41.87 1.06 -21.32
CA PRO K 30 41.60 2.48 -21.09
C PRO K 30 40.97 3.21 -22.28
N GLY K 31 41.10 2.67 -23.48
CA GLY K 31 40.58 3.32 -24.68
C GLY K 31 39.75 2.37 -25.54
N LEU K 32 40.15 2.23 -26.80
CA LEU K 32 39.48 1.34 -27.75
C LEU K 32 39.82 -0.12 -27.48
N ASN K 33 38.81 -0.98 -27.58
CA ASN K 33 39.00 -2.41 -27.45
C ASN K 33 39.12 -3.05 -28.84
N TYR K 34 40.28 -2.86 -29.46
CA TYR K 34 40.57 -3.35 -30.83
C TYR K 34 40.18 -4.83 -31.07
N ALA K 35 40.46 -5.67 -30.09
CA ALA K 35 40.20 -7.11 -30.21
C ALA K 35 38.70 -7.44 -30.36
N ALA K 36 37.83 -6.51 -29.99
CA ALA K 36 36.39 -6.71 -30.16
C ALA K 36 36.03 -6.97 -31.64
N LEU K 37 36.76 -6.33 -32.54
CA LEU K 37 36.51 -6.46 -33.98
C LEU K 37 36.89 -7.84 -34.49
N VAL K 38 37.74 -8.54 -33.75
CA VAL K 38 38.16 -9.91 -34.11
C VAL K 38 37.06 -10.93 -33.81
N SER K 39 36.47 -10.83 -32.62
CA SER K 39 35.46 -11.79 -32.20
C SER K 39 34.05 -11.46 -32.67
N GLY K 40 33.74 -10.17 -32.82
CA GLY K 40 32.37 -9.74 -33.08
C GLY K 40 31.48 -9.87 -31.85
N ALA K 41 30.19 -9.64 -32.02
CA ALA K 41 29.23 -9.55 -30.91
C ALA K 41 28.27 -10.74 -30.84
N GLY K 42 28.51 -11.78 -31.64
CA GLY K 42 27.64 -12.96 -31.65
C GLY K 42 27.45 -13.55 -30.27
N PRO K 43 26.21 -13.98 -29.93
CA PRO K 43 25.97 -14.61 -28.63
C PRO K 43 26.87 -15.82 -28.49
N SER K 44 27.56 -15.90 -27.35
CA SER K 44 28.57 -16.93 -27.14
C SER K 44 28.50 -17.52 -25.74
N GLN K 45 29.22 -18.62 -25.55
CA GLN K 45 29.33 -19.29 -24.27
C GLN K 45 30.78 -19.66 -24.06
N ALA K 46 31.21 -19.60 -22.81
CA ALA K 46 32.56 -19.98 -22.44
C ALA K 46 32.52 -20.82 -21.16
N ALA K 47 33.38 -21.82 -21.10
CA ALA K 47 33.47 -22.68 -19.92
C ALA K 47 34.61 -22.21 -19.03
N LEU K 48 34.34 -22.14 -17.73
CA LEU K 48 35.38 -21.83 -16.74
C LEU K 48 35.96 -23.12 -16.19
N TRP K 49 37.27 -23.29 -16.36
CA TRP K 49 37.96 -24.51 -15.96
C TRP K 49 38.92 -24.26 -14.80
N ALA K 50 38.83 -25.10 -13.79
CA ALA K 50 39.78 -25.04 -12.66
C ALA K 50 40.89 -26.05 -12.91
N LYS K 51 42.14 -25.57 -12.98
CA LYS K 51 43.28 -26.42 -13.31
C LYS K 51 44.20 -26.69 -12.10
N SER K 52 43.83 -26.13 -10.95
CA SER K 52 44.62 -26.23 -9.71
C SER K 52 43.76 -26.80 -8.60
N PRO K 53 44.35 -27.57 -7.68
CA PRO K 53 43.57 -27.95 -6.50
C PRO K 53 43.49 -26.76 -5.54
N GLY K 54 42.49 -26.79 -4.66
CA GLY K 54 42.31 -25.75 -3.67
C GLY K 54 40.85 -25.49 -3.42
N VAL K 55 40.54 -24.24 -3.10
CA VAL K 55 39.20 -23.82 -2.71
C VAL K 55 38.75 -22.72 -3.67
N LEU K 56 37.53 -22.84 -4.17
CA LEU K 56 36.95 -21.83 -5.05
C LEU K 56 36.48 -20.63 -4.25
N ALA K 57 36.98 -19.45 -4.60
CA ALA K 57 36.54 -18.21 -3.95
C ALA K 57 36.58 -17.05 -4.92
N GLY K 58 35.59 -16.17 -4.82
CA GLY K 58 35.56 -14.96 -5.62
C GLY K 58 34.40 -14.86 -6.60
N GLN K 59 33.46 -15.81 -6.54
CA GLN K 59 32.27 -15.76 -7.41
C GLN K 59 31.56 -14.38 -7.49
N PRO K 60 31.38 -13.68 -6.33
CA PRO K 60 30.67 -12.38 -6.43
C PRO K 60 31.43 -11.33 -7.25
N PHE K 61 32.76 -11.37 -7.22
CA PHE K 61 33.57 -10.44 -8.01
C PHE K 61 33.55 -10.83 -9.48
N PHE K 62 33.74 -12.11 -9.73
CA PHE K 62 33.64 -12.69 -11.09
C PHE K 62 32.30 -12.33 -11.73
N ASP K 63 31.21 -12.56 -10.98
CA ASP K 63 29.87 -12.18 -11.44
C ASP K 63 29.70 -10.69 -11.72
N ALA K 64 30.21 -9.86 -10.81
CA ALA K 64 30.09 -8.40 -10.94
C ALA K 64 30.78 -7.90 -12.19
N ILE K 65 31.94 -8.47 -12.50
CA ILE K 65 32.70 -8.11 -13.70
C ILE K 65 31.86 -8.36 -14.94
N PHE K 66 31.32 -9.57 -15.05
CA PHE K 66 30.57 -9.93 -16.23
C PHE K 66 29.20 -9.25 -16.33
N THR K 67 28.60 -8.97 -15.18
CA THR K 67 27.36 -8.19 -15.13
C THR K 67 27.56 -6.81 -15.74
N GLN K 68 28.67 -6.14 -15.39
CA GLN K 68 29.01 -4.84 -15.96
C GLN K 68 29.19 -4.91 -17.48
N LEU K 69 29.45 -6.11 -17.99
CA LEU K 69 29.68 -6.32 -19.42
C LEU K 69 28.49 -7.02 -20.08
N ASN K 70 27.36 -7.02 -19.37
CA ASN K 70 26.11 -7.60 -19.87
C ASN K 70 26.22 -9.08 -20.23
N CYS K 71 26.96 -9.81 -19.40
CA CYS K 71 27.12 -11.27 -19.52
C CYS K 71 26.57 -11.92 -18.25
N GLN K 72 26.17 -13.18 -18.39
CA GLN K 72 25.57 -13.93 -17.29
C GLN K 72 26.46 -15.12 -16.94
N VAL K 73 26.49 -15.48 -15.67
CA VAL K 73 27.30 -16.61 -15.20
C VAL K 73 26.43 -17.65 -14.53
N SER K 74 26.61 -18.91 -14.91
CA SER K 74 26.00 -20.05 -14.23
C SER K 74 27.11 -20.85 -13.55
N TRP K 75 27.04 -20.93 -12.22
CA TRP K 75 28.03 -21.70 -11.44
C TRP K 75 27.60 -23.15 -11.24
N PHE K 76 28.55 -24.07 -11.37
CA PHE K 76 28.25 -25.48 -11.21
C PHE K 76 28.77 -25.98 -9.85
N LEU K 77 29.53 -25.13 -9.17
CA LEU K 77 30.02 -25.43 -7.85
C LEU K 77 29.74 -24.24 -6.95
N PRO K 78 29.31 -24.49 -5.70
CA PRO K 78 29.13 -23.38 -4.77
C PRO K 78 30.43 -22.71 -4.35
N GLU K 79 30.32 -21.46 -3.92
CA GLU K 79 31.42 -20.73 -3.33
C GLU K 79 32.02 -21.53 -2.17
N GLY K 80 33.35 -21.61 -2.12
CA GLY K 80 34.02 -22.40 -1.07
C GLY K 80 34.24 -23.87 -1.39
N SER K 81 33.89 -24.29 -2.61
CA SER K 81 34.02 -25.70 -2.99
C SER K 81 35.47 -26.10 -3.13
N LYS K 82 35.76 -27.35 -2.78
CA LYS K 82 37.10 -27.88 -3.00
C LYS K 82 37.27 -28.04 -4.50
N LEU K 83 38.41 -27.60 -5.02
CA LEU K 83 38.69 -27.79 -6.43
C LEU K 83 39.54 -29.03 -6.68
N VAL K 84 39.02 -29.94 -7.51
CA VAL K 84 39.75 -31.11 -7.98
C VAL K 84 39.90 -30.99 -9.49
N PRO K 85 41.10 -30.58 -9.96
CA PRO K 85 41.33 -30.36 -11.39
C PRO K 85 41.27 -31.66 -12.20
N VAL K 86 40.92 -31.57 -13.49
CA VAL K 86 40.42 -30.35 -14.13
C VAL K 86 38.89 -30.34 -14.05
N ALA K 87 38.34 -29.28 -13.46
CA ALA K 87 36.90 -29.19 -13.18
C ALA K 87 36.22 -28.08 -13.96
N ARG K 88 35.05 -28.41 -14.52
CA ARG K 88 34.18 -27.44 -15.16
C ARG K 88 33.45 -26.74 -14.02
N VAL K 89 33.76 -25.47 -13.82
CA VAL K 89 33.32 -24.76 -12.61
C VAL K 89 32.13 -23.84 -12.86
N ALA K 90 32.07 -23.25 -14.06
CA ALA K 90 31.01 -22.33 -14.43
C ALA K 90 30.85 -22.21 -15.94
N GLU K 91 29.77 -21.56 -16.35
CA GLU K 91 29.58 -21.18 -17.74
C GLU K 91 29.28 -19.68 -17.76
N VAL K 92 29.85 -18.99 -18.74
CA VAL K 92 29.60 -17.56 -18.90
C VAL K 92 28.99 -17.35 -20.28
N ARG K 93 27.97 -16.49 -20.36
CA ARG K 93 27.25 -16.27 -21.62
C ARG K 93 27.08 -14.79 -21.89
N GLY K 94 27.19 -14.42 -23.16
CA GLY K 94 27.01 -13.04 -23.57
C GLY K 94 27.53 -12.82 -24.98
N PRO K 95 27.50 -11.55 -25.45
CA PRO K 95 28.16 -11.29 -26.74
C PRO K 95 29.65 -11.63 -26.64
N ALA K 96 30.20 -12.16 -27.72
CA ALA K 96 31.59 -12.66 -27.74
C ALA K 96 32.60 -11.62 -27.27
N HIS K 97 32.49 -10.39 -27.79
CA HIS K 97 33.43 -9.33 -27.44
C HIS K 97 33.36 -8.98 -25.95
N CYS K 98 32.16 -9.04 -25.37
CA CYS K 98 31.98 -8.78 -23.92
C CYS K 98 32.62 -9.87 -23.07
N LEU K 99 32.45 -11.13 -23.47
CA LEU K 99 33.08 -12.25 -22.80
C LEU K 99 34.59 -12.10 -22.79
N LEU K 100 35.15 -11.73 -23.93
CA LEU K 100 36.59 -11.65 -24.07
C LEU K 100 37.19 -10.40 -23.42
N LEU K 101 36.39 -9.34 -23.33
CA LEU K 101 36.79 -8.13 -22.61
C LEU K 101 36.90 -8.39 -21.11
N GLY K 102 36.00 -9.21 -20.58
CA GLY K 102 35.98 -9.49 -19.15
C GLY K 102 36.91 -10.60 -18.74
N GLU K 103 37.29 -11.45 -19.70
CA GLU K 103 38.05 -12.67 -19.44
C GLU K 103 39.25 -12.51 -18.50
N ARG K 104 40.23 -11.69 -18.89
CA ARG K 104 41.47 -11.58 -18.14
C ARG K 104 41.28 -11.03 -16.72
N VAL K 105 40.54 -9.93 -16.60
CA VAL K 105 40.25 -9.35 -15.28
C VAL K 105 39.54 -10.36 -14.37
N ALA K 106 38.55 -11.06 -14.91
CA ALA K 106 37.76 -12.04 -14.13
C ALA K 106 38.63 -13.21 -13.66
N LEU K 107 39.49 -13.71 -14.57
CA LEU K 107 40.40 -14.80 -14.23
C LEU K 107 41.45 -14.35 -13.21
N ASN K 108 42.01 -13.15 -13.40
CA ASN K 108 42.99 -12.62 -12.45
C ASN K 108 42.41 -12.50 -11.05
N THR K 109 41.17 -12.03 -10.98
CA THR K 109 40.48 -11.85 -9.70
C THR K 109 40.21 -13.19 -9.03
N LEU K 110 39.54 -14.09 -9.75
CA LEU K 110 39.23 -15.43 -9.23
C LEU K 110 40.48 -16.20 -8.82
N ALA K 111 41.54 -16.10 -9.63
CA ALA K 111 42.79 -16.83 -9.37
C ALA K 111 43.43 -16.44 -8.03
N ARG K 112 43.43 -15.14 -7.74
CA ARG K 112 44.03 -14.60 -6.52
C ARG K 112 43.12 -14.83 -5.31
N CYS K 113 41.83 -14.59 -5.47
CA CYS K 113 40.87 -14.83 -4.38
C CYS K 113 40.88 -16.30 -3.98
N SER K 114 40.85 -17.19 -4.98
CA SER K 114 40.97 -18.63 -4.73
C SER K 114 42.32 -19.04 -4.16
N GLY K 115 43.40 -18.42 -4.63
CA GLY K 115 44.74 -18.74 -4.13
C GLY K 115 44.85 -18.44 -2.65
N ILE K 116 44.27 -17.30 -2.24
CA ILE K 116 44.23 -16.92 -0.83
C ILE K 116 43.32 -17.84 0.00
N ALA K 117 42.13 -18.12 -0.52
CA ALA K 117 41.21 -19.06 0.14
C ALA K 117 41.85 -20.44 0.34
N SER K 118 42.61 -20.89 -0.66
CA SER K 118 43.30 -22.18 -0.61
C SER K 118 44.35 -22.20 0.50
N ALA K 119 45.14 -21.13 0.59
CA ALA K 119 46.17 -21.00 1.63
C ALA K 119 45.51 -20.94 3.03
N ALA K 120 44.44 -20.16 3.14
CA ALA K 120 43.66 -20.07 4.37
C ALA K 120 43.12 -21.45 4.79
N ALA K 121 42.54 -22.18 3.84
CA ALA K 121 41.99 -23.50 4.14
C ALA K 121 43.07 -24.48 4.59
N ALA K 122 44.25 -24.39 3.98
CA ALA K 122 45.36 -25.28 4.34
C ALA K 122 45.81 -24.97 5.78
N ALA K 123 45.88 -23.69 6.13
CA ALA K 123 46.26 -23.27 7.47
C ALA K 123 45.22 -23.71 8.52
N VAL K 124 43.94 -23.50 8.20
CA VAL K 124 42.84 -23.95 9.05
C VAL K 124 42.89 -25.48 9.26
N GLU K 125 43.15 -26.20 8.19
CA GLU K 125 43.26 -27.65 8.27
C GLU K 125 44.44 -28.11 9.14
N ALA K 126 45.58 -27.44 9.00
CA ALA K 126 46.76 -27.78 9.81
C ALA K 126 46.51 -27.51 11.29
N ALA K 127 45.84 -26.38 11.59
CA ALA K 127 45.48 -26.04 12.95
C ALA K 127 44.51 -27.08 13.54
N ARG K 128 43.52 -27.47 12.74
CA ARG K 128 42.52 -28.44 13.20
C ARG K 128 43.16 -29.81 13.46
N GLY K 129 44.07 -30.21 12.55
CA GLY K 129 44.86 -31.41 12.72
C GLY K 129 45.68 -31.43 13.99
N ALA K 130 46.09 -30.25 14.45
CA ALA K 130 46.82 -30.09 15.69
C ALA K 130 45.92 -30.07 16.93
N GLY K 131 44.61 -30.20 16.74
CA GLY K 131 43.64 -30.12 17.83
C GLY K 131 43.37 -28.72 18.39
N TRP K 132 43.74 -27.69 17.63
CA TRP K 132 43.58 -26.30 18.07
C TRP K 132 42.17 -25.80 17.74
N THR K 133 41.56 -25.07 18.68
CA THR K 133 40.22 -24.53 18.49
C THR K 133 40.20 -23.00 18.31
N GLY K 134 41.38 -22.40 18.20
CA GLY K 134 41.50 -20.97 17.95
C GLY K 134 41.22 -20.62 16.49
N HIS K 135 41.41 -19.34 16.17
CA HIS K 135 41.15 -18.85 14.82
C HIS K 135 42.43 -18.48 14.10
N VAL K 136 42.55 -18.99 12.88
CA VAL K 136 43.58 -18.57 11.96
C VAL K 136 43.10 -17.26 11.36
N ALA K 137 43.98 -16.27 11.29
CA ALA K 137 43.58 -14.94 10.87
C ALA K 137 44.52 -14.33 9.84
N GLY K 138 43.98 -13.42 9.05
CA GLY K 138 44.81 -12.63 8.14
C GLY K 138 45.21 -11.32 8.79
N THR K 139 45.81 -10.43 8.00
CA THR K 139 46.45 -9.21 8.46
C THR K 139 46.14 -8.08 7.46
N ARG K 140 46.75 -6.91 7.69
CA ARG K 140 46.63 -5.81 6.75
C ARG K 140 47.74 -5.87 5.70
N LYS K 141 48.45 -6.99 5.62
CA LYS K 141 49.49 -7.20 4.60
C LYS K 141 48.87 -7.69 3.29
N THR K 142 48.06 -6.80 2.72
CA THR K 142 47.28 -7.09 1.53
C THR K 142 47.79 -6.24 0.37
N THR K 143 47.46 -6.64 -0.86
CA THR K 143 47.82 -5.83 -2.03
C THR K 143 47.01 -4.53 -2.00
N PRO K 144 47.70 -3.37 -2.05
CA PRO K 144 46.99 -2.09 -2.06
C PRO K 144 45.89 -2.04 -3.13
N GLY K 145 44.69 -1.61 -2.72
CA GLY K 145 43.53 -1.49 -3.61
C GLY K 145 42.74 -2.78 -3.78
N PHE K 146 43.29 -3.90 -3.33
CA PHE K 146 42.70 -5.20 -3.55
C PHE K 146 42.26 -5.87 -2.24
N ARG K 147 42.22 -5.11 -1.15
CA ARG K 147 41.98 -5.70 0.17
C ARG K 147 40.65 -6.43 0.27
N LEU K 148 39.61 -5.85 -0.33
CA LEU K 148 38.27 -6.42 -0.21
C LEU K 148 38.24 -7.84 -0.74
N VAL K 149 38.92 -8.08 -1.87
CA VAL K 149 38.96 -9.42 -2.49
C VAL K 149 39.77 -10.38 -1.61
N GLU K 150 40.93 -9.92 -1.15
CA GLU K 150 41.84 -10.75 -0.38
C GLU K 150 41.20 -11.15 0.96
N LYS K 151 40.58 -10.20 1.66
CA LYS K 151 39.93 -10.51 2.93
C LYS K 151 38.73 -11.41 2.73
N TYR K 152 37.95 -11.16 1.67
CA TYR K 152 36.87 -12.09 1.31
C TYR K 152 37.41 -13.51 1.05
N GLY K 153 38.55 -13.60 0.36
CA GLY K 153 39.20 -14.90 0.09
C GLY K 153 39.54 -15.64 1.38
N LEU K 154 40.15 -14.94 2.33
CA LEU K 154 40.46 -15.52 3.65
C LEU K 154 39.23 -16.13 4.30
N LEU K 155 38.14 -15.36 4.31
CA LEU K 155 36.85 -15.80 4.86
C LEU K 155 36.30 -17.07 4.20
N VAL K 156 36.32 -17.10 2.87
CA VAL K 156 35.87 -18.29 2.14
C VAL K 156 36.71 -19.51 2.52
N GLY K 157 38.02 -19.31 2.75
CA GLY K 157 38.92 -20.39 3.18
C GLY K 157 38.78 -20.81 4.64
N GLY K 158 37.96 -20.08 5.41
CA GLY K 158 37.70 -20.41 6.80
C GLY K 158 38.55 -19.67 7.80
N ALA K 159 39.34 -18.70 7.33
CA ALA K 159 40.14 -17.85 8.23
C ALA K 159 39.36 -16.58 8.60
N ALA K 160 39.72 -15.97 9.72
CA ALA K 160 39.14 -14.69 10.10
C ALA K 160 39.80 -13.61 9.25
N SER K 161 39.00 -12.65 8.75
CA SER K 161 39.58 -11.51 8.06
C SER K 161 40.42 -10.70 9.04
N HIS K 162 39.91 -10.57 10.27
CA HIS K 162 40.65 -9.95 11.38
C HIS K 162 40.83 -8.45 11.11
N ARG K 163 41.98 -7.88 11.47
CA ARG K 163 42.17 -6.43 11.36
C ARG K 163 42.07 -5.98 9.90
N TYR K 164 41.05 -5.17 9.61
CA TYR K 164 40.73 -4.79 8.23
C TYR K 164 41.43 -3.50 7.81
N ASP K 165 41.36 -2.49 8.65
CA ASP K 165 41.97 -1.20 8.34
C ASP K 165 42.30 -0.42 9.64
N LEU K 166 42.81 0.81 9.46
CA LEU K 166 43.19 1.69 10.58
C LEU K 166 42.00 2.30 11.33
N GLY K 167 40.79 2.06 10.82
CA GLY K 167 39.58 2.49 11.52
C GLY K 167 39.00 1.42 12.44
N GLY K 168 39.62 0.25 12.43
CA GLY K 168 39.23 -0.85 13.30
C GLY K 168 39.93 -0.76 14.63
N LEU K 169 40.18 -1.92 15.25
CA LEU K 169 40.83 -1.93 16.56
C LEU K 169 42.14 -1.15 16.54
N VAL K 170 42.46 -0.49 17.65
CA VAL K 170 43.67 0.33 17.71
C VAL K 170 44.89 -0.58 17.98
N MET K 171 45.71 -0.76 16.95
CA MET K 171 46.92 -1.60 17.05
C MET K 171 48.09 -0.76 17.57
N VAL K 172 48.65 -1.20 18.70
CA VAL K 172 49.81 -0.56 19.31
C VAL K 172 50.99 -1.48 19.01
N LYS K 173 51.82 -1.07 18.06
CA LYS K 173 53.03 -1.80 17.71
C LYS K 173 54.23 -1.22 18.42
N ASP K 174 55.38 -1.87 18.20
CA ASP K 174 56.68 -1.39 18.69
C ASP K 174 56.91 0.09 18.35
N ASN K 175 56.57 0.47 17.13
CA ASN K 175 56.75 1.83 16.65
C ASN K 175 55.97 2.84 17.48
N HIS K 176 54.78 2.45 17.91
CA HIS K 176 53.91 3.29 18.72
C HIS K 176 54.48 3.46 20.12
N VAL K 177 55.07 2.37 20.63
CA VAL K 177 55.71 2.37 21.95
C VAL K 177 56.90 3.34 21.97
N VAL K 178 57.72 3.27 20.93
CA VAL K 178 58.88 4.15 20.78
C VAL K 178 58.42 5.61 20.75
N ALA K 179 57.44 5.90 19.91
CA ALA K 179 56.91 7.25 19.73
C ALA K 179 56.27 7.81 21.00
N ALA K 180 55.53 6.98 21.71
CA ALA K 180 54.83 7.39 22.93
C ALA K 180 55.75 7.49 24.14
N GLY K 181 56.88 6.79 24.08
CA GLY K 181 57.85 6.78 25.17
C GLY K 181 57.63 5.70 26.21
N GLY K 182 56.96 4.61 25.81
CA GLY K 182 56.78 3.48 26.71
C GLY K 182 55.44 2.78 26.52
N VAL K 183 55.37 1.52 26.94
CA VAL K 183 54.16 0.71 26.73
C VAL K 183 52.96 1.31 27.46
N GLU K 184 53.15 1.67 28.72
CA GLU K 184 52.05 2.20 29.54
C GLU K 184 51.45 3.47 28.95
N LYS K 185 52.31 4.41 28.55
CA LYS K 185 51.86 5.65 27.90
C LYS K 185 51.13 5.38 26.59
N ALA K 186 51.68 4.46 25.77
CA ALA K 186 51.10 4.09 24.48
C ALA K 186 49.71 3.47 24.64
N VAL K 187 49.59 2.52 25.56
CA VAL K 187 48.33 1.83 25.78
C VAL K 187 47.29 2.77 26.38
N ARG K 188 47.71 3.62 27.30
CA ARG K 188 46.81 4.61 27.89
C ARG K 188 46.20 5.50 26.80
N ALA K 189 47.05 6.00 25.89
CA ALA K 189 46.60 6.81 24.76
C ALA K 189 45.69 6.00 23.82
N ALA K 190 46.05 4.75 23.56
CA ALA K 190 45.29 3.87 22.69
C ALA K 190 43.88 3.63 23.24
N ARG K 191 43.82 3.36 24.55
CA ARG K 191 42.56 3.15 25.23
C ARG K 191 41.63 4.38 25.21
N GLN K 192 42.22 5.57 25.34
CA GLN K 192 41.48 6.82 25.21
C GLN K 192 40.92 7.00 23.80
N ALA K 193 41.72 6.63 22.79
CA ALA K 193 41.34 6.74 21.39
C ALA K 193 40.27 5.73 21.01
N ALA K 194 40.41 4.50 21.52
CA ALA K 194 39.51 3.39 21.20
C ALA K 194 38.18 3.53 21.91
N ASP K 195 38.22 4.11 23.11
CA ASP K 195 37.03 4.31 23.92
C ASP K 195 36.27 2.99 24.08
N PHE K 196 34.96 3.05 24.02
CA PHE K 196 34.14 1.84 24.20
C PHE K 196 33.90 1.07 22.90
N ALA K 197 34.02 1.75 21.77
CA ALA K 197 33.65 1.14 20.48
C ALA K 197 34.71 0.20 19.89
N LEU K 198 35.97 0.43 20.21
CA LEU K 198 37.06 -0.31 19.56
C LEU K 198 37.90 -1.06 20.58
N LYS K 199 38.45 -2.19 20.16
CA LYS K 199 39.42 -2.91 20.98
C LYS K 199 40.81 -2.29 20.83
N VAL K 200 41.68 -2.62 21.79
CA VAL K 200 43.08 -2.24 21.75
C VAL K 200 43.90 -3.53 21.72
N GLU K 201 44.82 -3.61 20.75
CA GLU K 201 45.77 -4.72 20.68
C GLU K 201 47.19 -4.19 20.81
N VAL K 202 48.03 -4.90 21.55
CA VAL K 202 49.41 -4.48 21.76
C VAL K 202 50.39 -5.58 21.35
N GLU K 203 51.31 -5.21 20.46
CA GLU K 203 52.34 -6.11 19.99
C GLU K 203 53.45 -6.16 21.04
N CYS K 204 53.70 -7.37 21.55
CA CYS K 204 54.67 -7.61 22.61
C CYS K 204 55.70 -8.66 22.18
N SER K 205 56.97 -8.42 22.51
CA SER K 205 58.08 -9.31 22.12
C SER K 205 58.69 -10.04 23.31
N SER K 206 58.11 -9.82 24.50
CA SER K 206 58.53 -10.52 25.70
C SER K 206 57.34 -10.66 26.65
N LEU K 207 57.49 -11.49 27.66
CA LEU K 207 56.48 -11.64 28.71
C LEU K 207 56.29 -10.34 29.50
N GLN K 208 57.41 -9.67 29.81
CA GLN K 208 57.39 -8.41 30.54
C GLN K 208 56.42 -7.42 29.91
N GLU K 209 56.53 -7.26 28.60
CA GLU K 209 55.67 -6.37 27.84
C GLU K 209 54.22 -6.86 27.77
N ALA K 210 54.03 -8.18 27.68
CA ALA K 210 52.68 -8.76 27.64
C ALA K 210 51.91 -8.47 28.93
N VAL K 211 52.58 -8.59 30.06
CA VAL K 211 51.97 -8.24 31.35
C VAL K 211 51.69 -6.74 31.47
N GLN K 212 52.65 -5.91 31.04
CA GLN K 212 52.44 -4.46 31.04
C GLN K 212 51.20 -4.10 30.23
N ALA K 213 51.18 -4.56 28.97
CA ALA K 213 50.04 -4.38 28.08
C ALA K 213 48.71 -4.84 28.70
N ALA K 214 48.70 -6.02 29.29
CA ALA K 214 47.50 -6.55 29.97
C ALA K 214 47.05 -5.69 31.16
N GLU K 215 48.01 -5.32 32.01
CA GLU K 215 47.72 -4.43 33.15
C GLU K 215 47.20 -3.07 32.73
N ALA K 216 47.63 -2.63 31.55
CA ALA K 216 47.25 -1.33 31.03
C ALA K 216 45.85 -1.32 30.41
N GLY K 217 45.28 -2.51 30.22
CA GLY K 217 43.91 -2.65 29.72
C GLY K 217 43.78 -3.08 28.26
N ALA K 218 44.80 -3.78 27.75
CA ALA K 218 44.71 -4.30 26.39
C ALA K 218 43.67 -5.41 26.32
N ASP K 219 42.89 -5.44 25.24
CA ASP K 219 41.94 -6.52 24.98
C ASP K 219 42.65 -7.73 24.40
N LEU K 220 43.64 -7.46 23.54
CA LEU K 220 44.42 -8.51 22.91
C LEU K 220 45.89 -8.24 23.11
N VAL K 221 46.63 -9.30 23.40
CA VAL K 221 48.07 -9.23 23.44
C VAL K 221 48.58 -10.05 22.26
N LEU K 222 49.35 -9.38 21.41
CA LEU K 222 49.98 -10.03 20.27
C LEU K 222 51.42 -10.41 20.61
N LEU K 223 51.67 -11.71 20.74
CA LEU K 223 53.01 -12.21 21.03
C LEU K 223 53.72 -12.41 19.70
N ASP K 224 54.66 -11.53 19.41
CA ASP K 224 55.24 -11.43 18.08
C ASP K 224 56.65 -12.02 18.02
N ASN K 225 56.88 -12.87 17.01
CA ASN K 225 58.16 -13.53 16.76
C ASN K 225 58.76 -14.29 17.95
N PHE K 226 57.89 -14.92 18.73
CA PHE K 226 58.32 -15.86 19.77
C PHE K 226 58.66 -17.20 19.13
N LYS K 227 59.64 -17.90 19.70
CA LYS K 227 59.81 -19.32 19.43
C LYS K 227 58.67 -20.06 20.14
N PRO K 228 58.12 -21.11 19.51
CA PRO K 228 57.03 -21.89 20.12
C PRO K 228 57.28 -22.29 21.58
N GLU K 229 58.52 -22.67 21.90
CA GLU K 229 58.88 -23.09 23.26
C GLU K 229 58.81 -21.94 24.27
N GLU K 230 58.91 -20.70 23.79
CA GLU K 230 58.75 -19.52 24.63
C GLU K 230 57.31 -19.02 24.61
N LEU K 231 56.67 -19.17 23.45
CA LEU K 231 55.30 -18.70 23.25
C LEU K 231 54.30 -19.27 24.25
N HIS K 232 54.26 -20.60 24.35
CA HIS K 232 53.23 -21.26 25.14
C HIS K 232 53.31 -21.05 26.66
N PRO K 233 54.52 -21.11 27.25
CA PRO K 233 54.67 -20.73 28.67
C PRO K 233 54.28 -19.28 28.95
N THR K 234 54.61 -18.38 28.03
CA THR K 234 54.23 -16.97 28.14
C THR K 234 52.71 -16.81 28.13
N ALA K 235 52.06 -17.41 27.13
CA ALA K 235 50.60 -17.37 27.01
C ALA K 235 49.89 -17.99 28.23
N THR K 236 50.48 -19.08 28.74
CA THR K 236 49.95 -19.78 29.92
C THR K 236 49.92 -18.86 31.15
N VAL K 237 51.08 -18.26 31.43
CA VAL K 237 51.25 -17.28 32.50
C VAL K 237 50.33 -16.07 32.29
N LEU K 238 50.15 -15.67 31.04
CA LEU K 238 49.27 -14.54 30.73
C LEU K 238 47.78 -14.85 30.94
N LYS K 239 47.35 -16.04 30.54
CA LYS K 239 45.96 -16.49 30.76
C LYS K 239 45.62 -16.74 32.23
N ALA K 240 46.63 -17.03 33.04
CA ALA K 240 46.44 -17.30 34.47
C ALA K 240 46.18 -15.99 35.21
N GLN K 241 46.86 -14.93 34.79
CA GLN K 241 46.73 -13.64 35.44
C GLN K 241 45.64 -12.77 34.81
N PHE K 242 45.41 -12.95 33.51
CA PHE K 242 44.44 -12.13 32.79
C PHE K 242 43.51 -12.98 31.91
N PRO K 243 42.59 -13.73 32.55
CA PRO K 243 41.68 -14.65 31.83
C PRO K 243 40.88 -14.01 30.69
N SER K 244 40.53 -12.72 30.82
CA SER K 244 39.71 -12.03 29.83
C SER K 244 40.50 -11.55 28.61
N VAL K 245 41.83 -11.53 28.74
CA VAL K 245 42.67 -11.04 27.63
C VAL K 245 42.90 -12.15 26.62
N ALA K 246 42.67 -11.81 25.35
CA ALA K 246 42.84 -12.72 24.25
C ALA K 246 44.28 -12.68 23.81
N VAL K 247 44.83 -13.83 23.43
CA VAL K 247 46.22 -13.93 23.03
C VAL K 247 46.32 -14.27 21.55
N GLU K 248 47.06 -13.43 20.82
CA GLU K 248 47.33 -13.66 19.41
C GLU K 248 48.82 -13.94 19.22
N ALA K 249 49.14 -14.92 18.38
CA ALA K 249 50.52 -15.20 18.01
C ALA K 249 50.73 -14.85 16.55
N SER K 250 51.89 -14.29 16.24
CA SER K 250 52.24 -13.92 14.87
C SER K 250 53.74 -13.79 14.74
N GLY K 251 54.22 -13.84 13.50
CA GLY K 251 55.62 -13.60 13.22
C GLY K 251 56.34 -14.87 12.86
N GLY K 252 56.66 -15.01 11.57
CA GLY K 252 57.42 -16.17 11.09
C GLY K 252 56.63 -17.47 11.12
N ILE K 253 55.30 -17.37 11.06
CA ILE K 253 54.44 -18.55 11.07
C ILE K 253 54.16 -18.96 9.64
N THR K 254 54.41 -20.24 9.36
CA THR K 254 54.19 -20.79 8.04
C THR K 254 53.19 -21.95 8.15
N LEU K 255 52.67 -22.41 7.02
CA LEU K 255 51.87 -23.63 6.99
C LEU K 255 52.59 -24.80 7.68
N ASP K 256 53.89 -24.95 7.42
CA ASP K 256 54.68 -26.07 7.96
C ASP K 256 54.87 -26.02 9.47
N ASN K 257 55.11 -24.83 10.02
CA ASN K 257 55.36 -24.73 11.47
C ASN K 257 54.14 -24.36 12.30
N LEU K 258 53.02 -24.11 11.63
CA LEU K 258 51.78 -23.69 12.31
C LEU K 258 51.39 -24.54 13.53
N PRO K 259 51.40 -25.89 13.40
CA PRO K 259 51.12 -26.70 14.59
C PRO K 259 51.93 -26.38 15.84
N GLN K 260 53.18 -25.92 15.68
CA GLN K 260 54.03 -25.56 16.82
C GLN K 260 53.52 -24.35 17.58
N PHE K 261 52.81 -23.47 16.87
CA PHE K 261 52.28 -22.23 17.44
C PHE K 261 50.88 -22.42 18.02
N CYS K 262 50.26 -23.55 17.69
CA CYS K 262 48.98 -23.94 18.27
C CYS K 262 49.16 -24.40 19.71
N GLY K 263 48.30 -23.90 20.59
CA GLY K 263 48.34 -24.26 22.00
C GLY K 263 47.06 -23.83 22.67
N PRO K 264 46.76 -24.39 23.86
CA PRO K 264 45.51 -24.09 24.55
C PRO K 264 45.35 -22.64 24.99
N HIS K 265 46.46 -21.89 25.10
CA HIS K 265 46.38 -20.50 25.54
C HIS K 265 46.59 -19.47 24.44
N ILE K 266 46.59 -19.94 23.19
CA ILE K 266 46.65 -19.07 22.03
C ILE K 266 45.25 -19.05 21.40
N ASP K 267 44.68 -17.85 21.23
CA ASP K 267 43.33 -17.72 20.70
C ASP K 267 43.31 -17.47 19.19
N VAL K 268 44.31 -16.72 18.72
CA VAL K 268 44.38 -16.28 17.33
C VAL K 268 45.80 -16.47 16.83
N ILE K 269 45.93 -16.97 15.60
CA ILE K 269 47.21 -17.06 14.96
C ILE K 269 47.07 -16.34 13.64
N SER K 270 47.79 -15.23 13.49
CA SER K 270 47.71 -14.46 12.24
C SER K 270 48.94 -14.69 11.38
N MET K 271 48.69 -14.77 10.08
CA MET K 271 49.74 -15.15 9.13
C MET K 271 49.71 -14.18 7.96
N GLY K 272 50.79 -13.41 7.82
CA GLY K 272 50.99 -12.54 6.66
C GLY K 272 51.05 -13.33 5.36
N MET K 273 51.62 -14.55 5.42
CA MET K 273 51.80 -15.38 4.23
C MET K 273 50.51 -15.70 3.48
N LEU K 274 49.39 -15.77 4.21
CA LEU K 274 48.09 -16.10 3.61
C LEU K 274 47.69 -15.12 2.51
N THR K 275 48.14 -13.88 2.64
CA THR K 275 47.84 -12.87 1.65
C THR K 275 49.10 -12.45 0.88
N GLN K 276 50.27 -12.58 1.48
CA GLN K 276 51.51 -12.11 0.84
C GLN K 276 52.20 -13.14 -0.05
N ALA K 277 51.91 -14.41 0.19
CA ALA K 277 52.61 -15.49 -0.49
C ALA K 277 51.71 -16.67 -0.84
N ALA K 278 50.48 -16.38 -1.26
CA ALA K 278 49.58 -17.41 -1.73
C ALA K 278 49.55 -17.35 -3.26
N PRO K 279 50.09 -18.39 -3.92
CA PRO K 279 50.08 -18.39 -5.40
C PRO K 279 48.66 -18.43 -5.93
N ALA K 280 48.40 -17.69 -7.01
CA ALA K 280 47.10 -17.70 -7.66
C ALA K 280 46.81 -19.09 -8.22
N LEU K 281 45.55 -19.47 -8.24
CA LEU K 281 45.17 -20.73 -8.88
C LEU K 281 45.10 -20.55 -10.39
N ASP K 282 45.26 -21.66 -11.13
CA ASP K 282 45.20 -21.65 -12.58
C ASP K 282 43.75 -21.89 -13.04
N PHE K 283 43.13 -20.86 -13.61
CA PHE K 283 41.81 -20.98 -14.24
C PHE K 283 41.94 -20.59 -15.71
N SER K 284 41.09 -21.18 -16.55
CA SER K 284 40.94 -20.67 -17.91
C SER K 284 39.46 -20.51 -18.28
N LEU K 285 39.20 -19.64 -19.25
CA LEU K 285 37.85 -19.44 -19.75
C LEU K 285 37.91 -19.72 -21.24
N LYS K 286 37.17 -20.75 -21.68
CA LYS K 286 37.25 -21.19 -23.07
C LYS K 286 35.92 -21.08 -23.77
N LEU K 287 35.88 -20.23 -24.79
CA LEU K 287 34.72 -20.14 -25.64
C LEU K 287 34.51 -21.49 -26.29
N PHE K 288 33.25 -21.90 -26.40
CA PHE K 288 32.92 -23.12 -27.11
C PHE K 288 31.78 -22.93 -28.10
N ASP L 4 68.31 0.56 -17.64
CA ASP L 4 68.98 0.77 -16.32
C ASP L 4 67.94 1.05 -15.25
N ALA L 5 67.97 0.25 -14.17
CA ALA L 5 66.91 0.25 -13.15
C ALA L 5 66.63 1.62 -12.54
N GLU L 6 67.69 2.40 -12.31
CA GLU L 6 67.56 3.73 -11.70
C GLU L 6 66.79 4.75 -12.58
N GLY L 7 66.88 4.58 -13.91
CA GLY L 7 66.17 5.43 -14.85
C GLY L 7 64.72 5.06 -15.10
N LEU L 8 64.30 3.90 -14.61
CA LEU L 8 62.95 3.41 -14.89
C LEU L 8 61.83 4.22 -14.24
N ALA L 9 62.14 4.93 -13.15
CA ALA L 9 61.13 5.74 -12.45
C ALA L 9 60.54 6.85 -13.35
N LEU L 10 61.28 7.22 -14.40
CA LEU L 10 60.82 8.24 -15.35
C LEU L 10 59.57 7.81 -16.12
N LEU L 11 59.34 6.51 -16.17
CA LEU L 11 58.16 5.92 -16.81
C LEU L 11 56.84 6.24 -16.13
N LEU L 12 56.92 6.69 -14.88
CA LEU L 12 55.74 6.83 -14.01
C LEU L 12 55.32 8.30 -13.83
N PRO L 13 54.21 8.71 -14.49
CA PRO L 13 53.76 10.11 -14.35
C PRO L 13 53.37 10.45 -12.91
N PRO L 14 53.79 11.63 -12.41
CA PRO L 14 53.60 11.92 -10.97
C PRO L 14 52.12 11.99 -10.57
N VAL L 15 51.27 12.41 -11.50
CA VAL L 15 49.83 12.56 -11.25
C VAL L 15 49.17 11.19 -11.15
N THR L 16 49.59 10.26 -12.00
CA THR L 16 49.12 8.86 -11.92
C THR L 16 49.47 8.19 -10.60
N LEU L 17 50.71 8.40 -10.14
CA LEU L 17 51.16 7.88 -8.86
C LEU L 17 50.37 8.47 -7.72
N ALA L 18 50.14 9.78 -7.77
CA ALA L 18 49.45 10.48 -6.69
C ALA L 18 48.06 9.91 -6.50
N ALA L 19 47.35 9.69 -7.61
CA ALA L 19 45.98 9.17 -7.56
C ALA L 19 45.92 7.73 -7.04
N LEU L 20 46.86 6.92 -7.51
CA LEU L 20 47.00 5.56 -7.06
C LEU L 20 47.28 5.50 -5.54
N VAL L 21 48.29 6.25 -5.13
CA VAL L 21 48.68 6.37 -3.73
C VAL L 21 47.51 6.85 -2.85
N ASP L 22 46.78 7.86 -3.32
CA ASP L 22 45.64 8.38 -2.56
C ASP L 22 44.56 7.31 -2.35
N SER L 23 44.31 6.48 -3.37
CA SER L 23 43.32 5.41 -3.26
C SER L 23 43.78 4.34 -2.26
N TRP L 24 45.08 4.09 -2.20
CA TRP L 24 45.62 3.10 -1.27
C TRP L 24 45.49 3.60 0.17
N LEU L 25 45.78 4.88 0.37
CA LEU L 25 45.66 5.47 1.70
C LEU L 25 44.20 5.50 2.15
N ARG L 26 43.29 5.79 1.22
CA ARG L 26 41.85 5.78 1.51
C ARG L 26 41.38 4.37 1.92
N GLU L 27 41.87 3.36 1.21
CA GLU L 27 41.56 1.95 1.53
C GLU L 27 41.96 1.61 2.97
N ASP L 28 43.15 2.04 3.37
CA ASP L 28 43.70 1.67 4.67
C ASP L 28 43.18 2.55 5.83
N CYS L 29 42.66 3.73 5.51
CA CYS L 29 42.15 4.64 6.54
C CYS L 29 41.00 5.47 5.97
N PRO L 30 39.80 4.88 5.90
CA PRO L 30 38.69 5.59 5.27
C PRO L 30 38.11 6.75 6.11
N GLY L 31 38.39 6.76 7.42
CA GLY L 31 37.80 7.78 8.31
C GLY L 31 38.85 8.36 9.24
N LEU L 32 38.62 8.22 10.53
CA LEU L 32 39.54 8.74 11.55
C LEU L 32 40.74 7.82 11.75
N ASN L 33 41.93 8.41 11.90
CA ASN L 33 43.14 7.65 12.18
C ASN L 33 43.43 7.65 13.69
N TYR L 34 42.66 6.84 14.42
CA TYR L 34 42.69 6.78 15.88
C TYR L 34 44.09 6.63 16.43
N ALA L 35 44.90 5.79 15.78
CA ALA L 35 46.26 5.50 16.23
C ALA L 35 47.18 6.73 16.23
N ALA L 36 46.79 7.76 15.49
CA ALA L 36 47.58 9.00 15.45
C ALA L 36 47.72 9.59 16.83
N LEU L 37 46.71 9.39 17.68
CA LEU L 37 46.68 9.94 19.04
C LEU L 37 47.69 9.23 19.95
N VAL L 38 48.07 8.02 19.55
CA VAL L 38 49.01 7.22 20.35
C VAL L 38 50.45 7.70 20.12
N SER L 39 50.80 7.97 18.86
CA SER L 39 52.17 8.39 18.54
C SER L 39 52.37 9.90 18.64
N GLY L 40 51.33 10.68 18.36
CA GLY L 40 51.49 12.14 18.28
C GLY L 40 52.24 12.58 17.03
N ALA L 41 52.58 13.86 16.96
CA ALA L 41 53.11 14.46 15.72
C ALA L 41 54.59 14.87 15.82
N GLY L 42 55.28 14.41 16.86
CA GLY L 42 56.70 14.75 17.05
C GLY L 42 57.53 14.31 15.85
N PRO L 43 58.50 15.15 15.42
CA PRO L 43 59.38 14.77 14.31
C PRO L 43 60.08 13.46 14.64
N SER L 44 60.05 12.52 13.70
CA SER L 44 60.56 11.18 13.95
C SER L 44 61.37 10.66 12.76
N GLN L 45 62.04 9.54 12.99
CA GLN L 45 62.79 8.83 11.96
C GLN L 45 62.53 7.35 12.07
N ALA L 46 62.49 6.68 10.93
CA ALA L 46 62.29 5.25 10.90
C ALA L 46 63.27 4.66 9.92
N ALA L 47 63.80 3.48 10.25
CA ALA L 47 64.69 2.77 9.35
C ALA L 47 63.92 1.68 8.60
N LEU L 48 64.15 1.61 7.29
CA LEU L 48 63.57 0.56 6.45
C LEU L 48 64.58 -0.59 6.36
N TRP L 49 64.13 -1.78 6.77
CA TRP L 49 65.00 -2.96 6.80
C TRP L 49 64.54 -4.00 5.78
N ALA L 50 65.47 -4.53 5.00
CA ALA L 50 65.22 -5.63 4.10
C ALA L 50 65.58 -6.95 4.80
N LYS L 51 64.60 -7.83 4.94
CA LYS L 51 64.78 -9.10 5.64
C LYS L 51 64.79 -10.31 4.69
N SER L 52 64.65 -10.06 3.39
CA SER L 52 64.62 -11.12 2.37
C SER L 52 65.70 -10.85 1.34
N PRO L 53 66.28 -11.92 0.76
CA PRO L 53 67.14 -11.70 -0.38
C PRO L 53 66.30 -11.39 -1.61
N GLY L 54 66.91 -10.77 -2.61
CA GLY L 54 66.20 -10.45 -3.83
C GLY L 54 66.66 -9.14 -4.44
N VAL L 55 65.73 -8.46 -5.09
CA VAL L 55 65.99 -7.22 -5.79
C VAL L 55 65.05 -6.14 -5.26
N LEU L 56 65.63 -4.99 -4.89
CA LEU L 56 64.85 -3.85 -4.43
C LEU L 56 64.12 -3.18 -5.59
N ALA L 57 62.81 -3.05 -5.46
CA ALA L 57 62.00 -2.37 -6.48
C ALA L 57 60.78 -1.71 -5.85
N GLY L 58 60.48 -0.50 -6.31
CA GLY L 58 59.27 0.19 -5.89
C GLY L 58 59.53 1.51 -5.19
N GLN L 59 60.78 1.97 -5.18
CA GLN L 59 61.12 3.26 -4.58
C GLN L 59 60.18 4.42 -4.96
N PRO L 60 59.84 4.57 -6.27
CA PRO L 60 58.98 5.70 -6.63
C PRO L 60 57.59 5.66 -5.98
N PHE L 61 57.07 4.46 -5.77
CA PHE L 61 55.76 4.31 -5.13
C PHE L 61 55.88 4.58 -3.63
N PHE L 62 56.91 4.00 -3.02
CA PHE L 62 57.21 4.19 -1.60
C PHE L 62 57.39 5.69 -1.32
N ASP L 63 58.19 6.37 -2.13
CA ASP L 63 58.36 7.83 -2.02
C ASP L 63 57.04 8.60 -2.17
N ALA L 64 56.23 8.22 -3.16
CA ALA L 64 54.99 8.93 -3.44
C ALA L 64 54.03 8.83 -2.25
N ILE L 65 53.98 7.66 -1.62
CA ILE L 65 53.14 7.45 -0.45
C ILE L 65 53.53 8.44 0.65
N PHE L 66 54.82 8.46 0.98
CA PHE L 66 55.28 9.31 2.08
C PHE L 66 55.27 10.80 1.76
N THR L 67 55.45 11.14 0.49
CA THR L 67 55.32 12.53 0.03
C THR L 67 53.89 13.05 0.27
N GLN L 68 52.88 12.21 -0.01
CA GLN L 68 51.48 12.58 0.24
C GLN L 68 51.21 12.79 1.73
N LEU L 69 52.05 12.20 2.57
CA LEU L 69 51.91 12.31 4.02
C LEU L 69 52.93 13.27 4.63
N ASN L 70 53.53 14.09 3.76
CA ASN L 70 54.53 15.09 4.18
C ASN L 70 55.74 14.50 4.95
N CYS L 71 56.20 13.36 4.46
CA CYS L 71 57.41 12.71 4.97
C CYS L 71 58.43 12.61 3.86
N GLN L 72 59.70 12.51 4.24
CA GLN L 72 60.81 12.46 3.30
C GLN L 72 61.56 11.14 3.44
N VAL L 73 62.03 10.61 2.31
CA VAL L 73 62.72 9.31 2.29
C VAL L 73 64.13 9.49 1.76
N SER L 74 65.11 8.95 2.48
CA SER L 74 66.51 8.89 2.02
C SER L 74 66.85 7.44 1.77
N TRP L 75 67.20 7.12 0.53
CA TRP L 75 67.55 5.75 0.13
C TRP L 75 69.04 5.51 0.25
N PHE L 76 69.41 4.35 0.79
CA PHE L 76 70.82 4.00 0.94
C PHE L 76 71.27 3.01 -0.12
N LEU L 77 70.29 2.51 -0.87
CA LEU L 77 70.57 1.60 -1.98
C LEU L 77 69.79 2.07 -3.20
N PRO L 78 70.42 2.05 -4.38
CA PRO L 78 69.67 2.40 -5.58
C PRO L 78 68.58 1.40 -5.93
N GLU L 79 67.59 1.87 -6.69
CA GLU L 79 66.57 1.01 -7.25
C GLU L 79 67.21 -0.14 -8.05
N GLY L 80 66.69 -1.35 -7.86
CA GLY L 80 67.25 -2.53 -8.53
C GLY L 80 68.42 -3.21 -7.85
N SER L 81 68.75 -2.78 -6.63
CA SER L 81 69.86 -3.36 -5.86
C SER L 81 69.57 -4.78 -5.39
N LYS L 82 70.62 -5.59 -5.31
CA LYS L 82 70.56 -6.88 -4.63
C LYS L 82 70.41 -6.64 -3.13
N LEU L 83 69.44 -7.33 -2.53
CA LEU L 83 69.22 -7.22 -1.09
C LEU L 83 69.85 -8.41 -0.39
N VAL L 84 70.82 -8.12 0.48
CA VAL L 84 71.42 -9.15 1.31
C VAL L 84 70.98 -8.83 2.74
N PRO L 85 70.05 -9.63 3.28
CA PRO L 85 69.48 -9.36 4.60
C PRO L 85 70.51 -9.60 5.74
N VAL L 86 70.36 -8.90 6.87
CA VAL L 86 69.39 -7.83 7.06
C VAL L 86 70.05 -6.48 6.72
N ALA L 87 69.46 -5.76 5.76
CA ALA L 87 70.05 -4.55 5.21
C ALA L 87 69.26 -3.30 5.54
N ARG L 88 69.97 -2.20 5.77
CA ARG L 88 69.35 -0.89 5.97
C ARG L 88 69.10 -0.28 4.59
N VAL L 89 67.82 -0.21 4.21
CA VAL L 89 67.44 0.18 2.85
C VAL L 89 67.19 1.69 2.70
N ALA L 90 66.59 2.28 3.74
CA ALA L 90 66.20 3.67 3.70
C ALA L 90 66.00 4.23 5.10
N GLU L 91 65.87 5.55 5.18
CA GLU L 91 65.33 6.22 6.36
C GLU L 91 64.19 7.12 5.97
N VAL L 92 63.11 7.08 6.74
CA VAL L 92 61.97 7.96 6.51
C VAL L 92 61.85 8.91 7.69
N ARG L 93 61.68 10.19 7.39
CA ARG L 93 61.57 11.22 8.41
C ARG L 93 60.29 12.00 8.25
N GLY L 94 59.66 12.32 9.39
CA GLY L 94 58.42 13.08 9.41
C GLY L 94 57.76 12.99 10.77
N PRO L 95 56.58 13.63 10.92
CA PRO L 95 55.88 13.55 12.20
C PRO L 95 55.54 12.09 12.47
N ALA L 96 55.67 11.65 13.73
CA ALA L 96 55.45 10.23 14.06
C ALA L 96 54.17 9.64 13.45
N HIS L 97 53.05 10.37 13.53
CA HIS L 97 51.75 9.82 13.09
C HIS L 97 51.69 9.63 11.58
N CYS L 98 52.37 10.49 10.84
CA CYS L 98 52.43 10.39 9.38
C CYS L 98 53.26 9.21 8.95
N LEU L 99 54.38 8.98 9.63
CA LEU L 99 55.21 7.82 9.35
C LEU L 99 54.41 6.55 9.52
N LEU L 100 53.68 6.49 10.63
CA LEU L 100 52.97 5.28 11.00
C LEU L 100 51.68 5.07 10.18
N LEU L 101 51.11 6.15 9.68
CA LEU L 101 49.98 6.08 8.75
C LEU L 101 50.41 5.53 7.39
N GLY L 102 51.60 5.90 6.93
CA GLY L 102 52.08 5.39 5.64
C GLY L 102 52.73 4.02 5.69
N GLU L 103 53.17 3.62 6.88
CA GLU L 103 53.98 2.43 7.08
C GLU L 103 53.46 1.20 6.34
N ARG L 104 52.24 0.77 6.62
CA ARG L 104 51.74 -0.52 6.12
C ARG L 104 51.56 -0.51 4.59
N VAL L 105 50.94 0.54 4.07
CA VAL L 105 50.74 0.68 2.62
C VAL L 105 52.08 0.70 1.89
N ALA L 106 53.04 1.47 2.41
CA ALA L 106 54.35 1.58 1.79
C ALA L 106 55.07 0.24 1.79
N LEU L 107 55.06 -0.46 2.92
CA LEU L 107 55.70 -1.77 3.03
C LEU L 107 55.03 -2.81 2.12
N ASN L 108 53.70 -2.80 2.10
CA ASN L 108 52.94 -3.73 1.22
C ASN L 108 53.32 -3.53 -0.24
N THR L 109 53.44 -2.27 -0.65
CA THR L 109 53.78 -1.92 -2.02
C THR L 109 55.20 -2.35 -2.36
N LEU L 110 56.16 -1.94 -1.55
CA LEU L 110 57.57 -2.30 -1.76
C LEU L 110 57.77 -3.80 -1.75
N ALA L 111 57.07 -4.49 -0.85
CA ALA L 111 57.26 -5.95 -0.70
C ALA L 111 56.83 -6.69 -1.96
N ARG L 112 55.73 -6.26 -2.56
CA ARG L 112 55.20 -6.90 -3.75
C ARG L 112 55.97 -6.54 -5.01
N CYS L 113 56.31 -5.27 -5.14
CA CYS L 113 57.11 -4.80 -6.26
C CYS L 113 58.47 -5.49 -6.27
N SER L 114 59.12 -5.53 -5.11
CA SER L 114 60.40 -6.22 -4.95
C SER L 114 60.29 -7.74 -5.14
N GLY L 115 59.19 -8.34 -4.66
CA GLY L 115 58.96 -9.77 -4.86
C GLY L 115 58.93 -10.14 -6.34
N ILE L 116 58.24 -9.30 -7.12
CA ILE L 116 58.14 -9.48 -8.57
C ILE L 116 59.48 -9.22 -9.28
N ALA L 117 60.14 -8.12 -8.92
CA ALA L 117 61.48 -7.82 -9.45
C ALA L 117 62.45 -8.97 -9.17
N SER L 118 62.36 -9.54 -7.97
CA SER L 118 63.21 -10.68 -7.59
C SER L 118 62.97 -11.90 -8.47
N ALA L 119 61.69 -12.22 -8.69
CA ALA L 119 61.32 -13.35 -9.55
C ALA L 119 61.78 -13.12 -10.99
N ALA L 120 61.55 -11.90 -11.49
CA ALA L 120 62.01 -11.51 -12.83
C ALA L 120 63.52 -11.67 -12.97
N ALA L 121 64.28 -11.14 -12.00
CA ALA L 121 65.75 -11.23 -12.02
C ALA L 121 66.25 -12.67 -12.02
N ALA L 122 65.59 -13.52 -11.24
CA ALA L 122 65.93 -14.95 -11.20
C ALA L 122 65.72 -15.61 -12.56
N ALA L 123 64.58 -15.31 -13.20
CA ALA L 123 64.27 -15.81 -14.54
C ALA L 123 65.26 -15.30 -15.59
N VAL L 124 65.55 -14.00 -15.57
CA VAL L 124 66.52 -13.39 -16.47
C VAL L 124 67.90 -14.05 -16.31
N GLU L 125 68.31 -14.28 -15.07
CA GLU L 125 69.58 -14.94 -14.77
C GLU L 125 69.63 -16.38 -15.31
N ALA L 126 68.53 -17.12 -15.12
CA ALA L 126 68.44 -18.50 -15.62
C ALA L 126 68.52 -18.54 -17.15
N ALA L 127 67.83 -17.60 -17.81
CA ALA L 127 67.88 -17.49 -19.27
C ALA L 127 69.28 -17.13 -19.76
N ARG L 128 69.91 -16.16 -19.10
CA ARG L 128 71.27 -15.78 -19.45
C ARG L 128 72.27 -16.93 -19.23
N GLY L 129 72.10 -17.66 -18.12
CA GLY L 129 72.92 -18.85 -17.85
C GLY L 129 72.78 -19.93 -18.91
N ALA L 130 71.63 -19.95 -19.57
CA ALA L 130 71.36 -20.89 -20.66
C ALA L 130 71.90 -20.39 -22.01
N GLY L 131 72.53 -19.21 -22.00
CA GLY L 131 73.08 -18.61 -23.21
C GLY L 131 72.04 -18.01 -24.14
N TRP L 132 70.87 -17.69 -23.61
CA TRP L 132 69.75 -17.17 -24.40
C TRP L 132 69.81 -15.65 -24.44
N THR L 133 69.59 -15.06 -25.61
CA THR L 133 69.66 -13.61 -25.77
C THR L 133 68.29 -12.97 -25.96
N GLY L 134 67.23 -13.77 -25.83
CA GLY L 134 65.87 -13.27 -25.94
C GLY L 134 65.42 -12.52 -24.70
N HIS L 135 64.16 -12.12 -24.68
CA HIS L 135 63.61 -11.38 -23.56
C HIS L 135 62.63 -12.19 -22.73
N VAL L 136 62.87 -12.21 -21.42
CA VAL L 136 61.92 -12.73 -20.46
C VAL L 136 60.86 -11.66 -20.28
N ALA L 137 59.59 -12.06 -20.34
CA ALA L 137 58.50 -11.09 -20.32
C ALA L 137 57.42 -11.46 -19.32
N GLY L 138 56.68 -10.45 -18.86
CA GLY L 138 55.49 -10.68 -18.07
C GLY L 138 54.26 -10.74 -18.94
N THR L 139 53.10 -10.67 -18.31
CA THR L 139 51.82 -10.87 -18.96
C THR L 139 50.78 -9.93 -18.34
N ARG L 140 49.53 -10.04 -18.77
CA ARG L 140 48.43 -9.30 -18.18
C ARG L 140 47.83 -10.02 -16.96
N LYS L 141 48.51 -11.08 -16.50
CA LYS L 141 48.10 -11.82 -15.31
C LYS L 141 48.58 -11.11 -14.04
N THR L 142 48.05 -9.91 -13.85
CA THR L 142 48.45 -9.03 -12.78
C THR L 142 47.27 -8.84 -11.82
N THR L 143 47.55 -8.40 -10.60
CA THR L 143 46.51 -8.09 -9.63
C THR L 143 45.70 -6.88 -10.11
N PRO L 144 44.37 -7.05 -10.23
CA PRO L 144 43.51 -5.94 -10.66
C PRO L 144 43.76 -4.66 -9.86
N GLY L 145 43.96 -3.54 -10.58
CA GLY L 145 44.21 -2.24 -9.95
C GLY L 145 45.68 -1.97 -9.60
N PHE L 146 46.50 -3.02 -9.64
CA PHE L 146 47.90 -2.94 -9.19
C PHE L 146 48.88 -3.14 -10.35
N ARG L 147 48.38 -3.11 -11.59
CA ARG L 147 49.23 -3.43 -12.74
C ARG L 147 50.46 -2.55 -12.88
N LEU L 148 50.30 -1.24 -12.65
CA LEU L 148 51.42 -0.31 -12.79
C LEU L 148 52.62 -0.71 -11.94
N VAL L 149 52.35 -1.08 -10.68
CA VAL L 149 53.41 -1.49 -9.75
C VAL L 149 54.04 -2.81 -10.19
N GLU L 150 53.19 -3.77 -10.56
CA GLU L 150 53.70 -5.10 -10.94
C GLU L 150 54.53 -5.05 -12.22
N LYS L 151 54.07 -4.31 -13.23
CA LYS L 151 54.85 -4.15 -14.48
C LYS L 151 56.16 -3.39 -14.25
N TYR L 152 56.11 -2.33 -13.44
CA TYR L 152 57.33 -1.63 -13.03
C TYR L 152 58.31 -2.60 -12.34
N GLY L 153 57.81 -3.44 -11.45
CA GLY L 153 58.64 -4.45 -10.79
C GLY L 153 59.35 -5.36 -11.78
N LEU L 154 58.60 -5.85 -12.77
CA LEU L 154 59.18 -6.70 -13.82
C LEU L 154 60.35 -6.01 -14.49
N LEU L 155 60.15 -4.74 -14.83
CA LEU L 155 61.18 -3.93 -15.51
C LEU L 155 62.43 -3.76 -14.66
N VAL L 156 62.26 -3.46 -13.37
CA VAL L 156 63.38 -3.32 -12.45
C VAL L 156 64.19 -4.62 -12.38
N GLY L 157 63.48 -5.75 -12.41
CA GLY L 157 64.09 -7.07 -12.41
C GLY L 157 64.73 -7.47 -13.73
N GLY L 158 64.56 -6.64 -14.76
CA GLY L 158 65.20 -6.87 -16.05
C GLY L 158 64.34 -7.62 -17.06
N ALA L 159 63.08 -7.86 -16.71
CA ALA L 159 62.13 -8.46 -17.65
C ALA L 159 61.40 -7.40 -18.46
N ALA L 160 60.88 -7.78 -19.62
CA ALA L 160 60.03 -6.90 -20.40
C ALA L 160 58.66 -6.82 -19.75
N SER L 161 58.08 -5.62 -19.68
CA SER L 161 56.70 -5.51 -19.20
C SER L 161 55.79 -6.22 -20.21
N HIS L 162 56.08 -6.03 -21.49
CA HIS L 162 55.40 -6.71 -22.59
C HIS L 162 53.96 -6.23 -22.69
N ARG L 163 53.01 -7.12 -22.97
CA ARG L 163 51.62 -6.71 -23.16
C ARG L 163 51.05 -6.05 -21.89
N TYR L 164 50.74 -4.77 -22.00
CA TYR L 164 50.31 -3.99 -20.83
C TYR L 164 48.79 -4.01 -20.65
N ASP L 165 48.06 -3.74 -21.72
CA ASP L 165 46.59 -3.75 -21.65
C ASP L 165 46.01 -4.07 -23.03
N LEU L 166 44.69 -4.02 -23.16
CA LEU L 166 44.03 -4.35 -24.43
C LEU L 166 44.12 -3.24 -25.49
N GLY L 167 44.89 -2.19 -25.18
CA GLY L 167 45.08 -1.07 -26.10
C GLY L 167 46.39 -1.14 -26.86
N GLY L 168 47.29 -2.01 -26.41
CA GLY L 168 48.57 -2.22 -27.07
C GLY L 168 48.40 -3.17 -28.26
N LEU L 169 49.39 -4.02 -28.50
CA LEU L 169 49.32 -4.95 -29.63
C LEU L 169 48.05 -5.79 -29.59
N VAL L 170 47.52 -6.14 -30.76
CA VAL L 170 46.30 -6.93 -30.84
C VAL L 170 46.65 -8.43 -30.77
N MET L 171 46.19 -9.05 -29.68
CA MET L 171 46.51 -10.44 -29.33
C MET L 171 45.34 -11.35 -29.72
N VAL L 172 45.58 -12.23 -30.69
CA VAL L 172 44.58 -13.20 -31.10
C VAL L 172 44.86 -14.56 -30.46
N LYS L 173 44.04 -14.89 -29.46
CA LYS L 173 44.12 -16.15 -28.75
C LYS L 173 43.18 -17.18 -29.37
N ASP L 174 43.17 -18.39 -28.81
CA ASP L 174 42.24 -19.47 -29.18
C ASP L 174 40.80 -18.97 -29.18
N ASN L 175 40.42 -18.32 -28.06
CA ASN L 175 39.07 -17.79 -27.88
C ASN L 175 38.62 -16.88 -29.01
N HIS L 176 39.52 -15.97 -29.42
CA HIS L 176 39.26 -15.08 -30.54
C HIS L 176 39.03 -15.85 -31.83
N VAL L 177 39.94 -16.80 -32.13
CA VAL L 177 39.81 -17.66 -33.31
C VAL L 177 38.44 -18.36 -33.33
N VAL L 178 38.04 -18.92 -32.20
CA VAL L 178 36.74 -19.55 -32.04
C VAL L 178 35.62 -18.55 -32.35
N ALA L 179 35.69 -17.35 -31.75
CA ALA L 179 34.67 -16.33 -31.95
C ALA L 179 34.62 -15.81 -33.38
N ALA L 180 35.79 -15.66 -34.02
CA ALA L 180 35.88 -15.15 -35.39
C ALA L 180 35.46 -16.20 -36.40
N GLY L 181 35.59 -17.48 -36.02
CA GLY L 181 35.28 -18.58 -36.91
C GLY L 181 36.45 -19.07 -37.73
N GLY L 182 37.68 -18.83 -37.26
CA GLY L 182 38.87 -19.32 -37.96
C GLY L 182 40.06 -18.38 -37.86
N VAL L 183 41.25 -18.93 -38.04
CA VAL L 183 42.50 -18.17 -37.90
C VAL L 183 42.57 -17.03 -38.92
N GLU L 184 42.27 -17.35 -40.18
CA GLU L 184 42.32 -16.37 -41.26
C GLU L 184 41.43 -15.17 -41.01
N LYS L 185 40.16 -15.43 -40.66
CA LYS L 185 39.24 -14.34 -40.35
C LYS L 185 39.68 -13.51 -39.15
N ALA L 186 40.11 -14.20 -38.11
CA ALA L 186 40.60 -13.56 -36.89
C ALA L 186 41.77 -12.63 -37.17
N VAL L 187 42.76 -13.12 -37.91
CA VAL L 187 43.97 -12.35 -38.18
C VAL L 187 43.66 -11.18 -39.13
N ARG L 188 42.81 -11.41 -40.12
CA ARG L 188 42.39 -10.33 -41.02
C ARG L 188 41.75 -9.19 -40.24
N ALA L 189 40.85 -9.53 -39.32
CA ALA L 189 40.20 -8.53 -38.46
C ALA L 189 41.21 -7.84 -37.55
N ALA L 190 42.14 -8.60 -36.99
CA ALA L 190 43.17 -8.05 -36.10
C ALA L 190 44.08 -7.07 -36.84
N ARG L 191 44.45 -7.43 -38.06
CA ARG L 191 45.28 -6.63 -38.96
C ARG L 191 44.60 -5.29 -39.27
N GLN L 192 43.29 -5.33 -39.53
CA GLN L 192 42.50 -4.13 -39.77
C GLN L 192 42.43 -3.21 -38.55
N ALA L 193 42.29 -3.82 -37.37
CA ALA L 193 42.24 -3.06 -36.12
C ALA L 193 43.60 -2.49 -35.72
N ALA L 194 44.67 -3.25 -35.98
CA ALA L 194 46.01 -2.84 -35.61
C ALA L 194 46.55 -1.76 -36.54
N ASP L 195 46.15 -1.86 -37.81
CA ASP L 195 46.61 -0.95 -38.88
C ASP L 195 48.14 -0.85 -38.90
N PHE L 196 48.67 0.35 -39.05
CA PHE L 196 50.13 0.56 -39.00
C PHE L 196 50.70 0.79 -37.61
N ALA L 197 49.85 1.19 -36.67
CA ALA L 197 50.32 1.62 -35.35
C ALA L 197 50.60 0.47 -34.39
N LEU L 198 49.90 -0.65 -34.58
CA LEU L 198 49.95 -1.76 -33.61
C LEU L 198 50.41 -3.04 -34.25
N LYS L 199 51.11 -3.85 -33.46
CA LYS L 199 51.48 -5.20 -33.89
C LYS L 199 50.32 -6.15 -33.71
N VAL L 200 50.36 -7.27 -34.43
CA VAL L 200 49.43 -8.37 -34.25
C VAL L 200 50.21 -9.59 -33.76
N GLU L 201 49.72 -10.22 -32.69
CA GLU L 201 50.28 -11.48 -32.20
C GLU L 201 49.19 -12.54 -32.22
N VAL L 202 49.57 -13.76 -32.60
CA VAL L 202 48.63 -14.87 -32.72
C VAL L 202 49.10 -16.07 -31.92
N GLU L 203 48.22 -16.55 -31.05
CA GLU L 203 48.48 -17.70 -30.21
C GLU L 203 48.25 -18.94 -31.05
N CYS L 204 49.34 -19.70 -31.23
CA CYS L 204 49.36 -20.92 -32.04
C CYS L 204 49.79 -22.14 -31.21
N SER L 205 49.16 -23.28 -31.49
CA SER L 205 49.38 -24.49 -30.69
C SER L 205 50.00 -25.65 -31.51
N SER L 206 50.29 -25.37 -32.78
CA SER L 206 50.94 -26.33 -33.66
C SER L 206 51.74 -25.57 -34.73
N LEU L 207 52.54 -26.32 -35.50
CA LEU L 207 53.33 -25.74 -36.59
C LEU L 207 52.43 -25.20 -37.72
N GLN L 208 51.40 -25.98 -38.08
CA GLN L 208 50.43 -25.57 -39.10
C GLN L 208 49.79 -24.21 -38.81
N GLU L 209 49.35 -24.02 -37.57
CA GLU L 209 48.74 -22.76 -37.13
C GLU L 209 49.71 -21.59 -37.15
N ALA L 210 50.96 -21.84 -36.78
CA ALA L 210 52.00 -20.81 -36.73
C ALA L 210 52.34 -20.30 -38.11
N VAL L 211 52.56 -21.23 -39.06
CA VAL L 211 52.82 -20.88 -40.46
C VAL L 211 51.61 -20.14 -41.04
N GLN L 212 50.42 -20.67 -40.75
CA GLN L 212 49.16 -20.09 -41.17
C GLN L 212 49.00 -18.64 -40.70
N ALA L 213 49.30 -18.40 -39.43
CA ALA L 213 49.24 -17.05 -38.84
C ALA L 213 50.32 -16.13 -39.41
N ALA L 214 51.50 -16.71 -39.67
CA ALA L 214 52.61 -15.97 -40.27
C ALA L 214 52.32 -15.56 -41.72
N GLU L 215 51.65 -16.44 -42.48
CA GLU L 215 51.24 -16.11 -43.84
C GLU L 215 50.07 -15.12 -43.86
N ALA L 216 49.27 -15.14 -42.79
CA ALA L 216 48.15 -14.21 -42.63
C ALA L 216 48.60 -12.80 -42.19
N GLY L 217 49.88 -12.69 -41.81
CA GLY L 217 50.50 -11.40 -41.53
C GLY L 217 50.70 -11.03 -40.07
N ALA L 218 50.95 -12.03 -39.24
CA ALA L 218 51.21 -11.80 -37.80
C ALA L 218 52.63 -11.28 -37.60
N ASP L 219 52.80 -10.35 -36.66
CA ASP L 219 54.12 -9.84 -36.29
C ASP L 219 54.80 -10.79 -35.31
N LEU L 220 54.00 -11.38 -34.43
CA LEU L 220 54.49 -12.30 -33.42
C LEU L 220 53.65 -13.56 -33.44
N VAL L 221 54.34 -14.69 -33.35
CA VAL L 221 53.67 -15.96 -33.20
C VAL L 221 53.99 -16.48 -31.80
N LEU L 222 52.94 -16.73 -31.04
CA LEU L 222 53.06 -17.25 -29.69
C LEU L 222 52.83 -18.75 -29.70
N LEU L 223 53.92 -19.49 -29.48
CA LEU L 223 53.87 -20.95 -29.41
C LEU L 223 53.53 -21.35 -27.98
N ASP L 224 52.28 -21.77 -27.79
CA ASP L 224 51.73 -21.95 -26.46
C ASP L 224 51.68 -23.41 -26.05
N ASN L 225 52.16 -23.69 -24.84
CA ASN L 225 52.16 -25.04 -24.23
C ASN L 225 52.79 -26.15 -25.09
N PHE L 226 53.86 -25.78 -25.80
CA PHE L 226 54.68 -26.75 -26.51
C PHE L 226 55.62 -27.41 -25.51
N LYS L 227 55.94 -28.68 -25.75
CA LYS L 227 57.09 -29.32 -25.10
C LYS L 227 58.34 -28.75 -25.77
N PRO L 228 59.41 -28.50 -24.99
CA PRO L 228 60.66 -27.97 -25.54
C PRO L 228 61.16 -28.69 -26.79
N GLU L 229 61.04 -30.02 -26.81
CA GLU L 229 61.46 -30.82 -27.96
C GLU L 229 60.64 -30.56 -29.23
N GLU L 230 59.41 -30.08 -29.05
CA GLU L 230 58.56 -29.68 -30.18
C GLU L 230 58.72 -28.20 -30.49
N LEU L 231 58.95 -27.40 -29.45
CA LEU L 231 59.06 -25.95 -29.56
C LEU L 231 60.15 -25.49 -30.53
N HIS L 232 61.37 -25.97 -30.31
CA HIS L 232 62.53 -25.49 -31.05
C HIS L 232 62.55 -25.85 -32.55
N PRO L 233 62.22 -27.11 -32.91
CA PRO L 233 62.05 -27.44 -34.33
C PRO L 233 60.97 -26.60 -35.03
N THR L 234 59.87 -26.35 -34.33
CA THR L 234 58.78 -25.50 -34.85
C THR L 234 59.28 -24.08 -35.10
N ALA L 235 59.92 -23.48 -34.10
CA ALA L 235 60.47 -22.12 -34.21
C ALA L 235 61.53 -22.03 -35.31
N THR L 236 62.32 -23.09 -35.46
CA THR L 236 63.37 -23.15 -36.49
C THR L 236 62.81 -23.02 -37.91
N VAL L 237 61.79 -23.82 -38.22
CA VAL L 237 61.13 -23.82 -39.53
C VAL L 237 60.43 -22.48 -39.78
N LEU L 238 59.88 -21.90 -38.72
CA LEU L 238 59.18 -20.63 -38.78
C LEU L 238 60.17 -19.50 -39.09
N LYS L 239 61.34 -19.57 -38.46
CA LYS L 239 62.37 -18.54 -38.60
C LYS L 239 63.06 -18.62 -39.96
N ALA L 240 63.05 -19.82 -40.56
CA ALA L 240 63.54 -20.02 -41.91
C ALA L 240 62.59 -19.41 -42.95
N GLN L 241 61.30 -19.74 -42.83
CA GLN L 241 60.29 -19.26 -43.78
C GLN L 241 59.94 -17.77 -43.63
N PHE L 242 59.75 -17.32 -42.39
CA PHE L 242 59.41 -15.92 -42.12
C PHE L 242 60.40 -15.31 -41.13
N PRO L 243 61.60 -14.91 -41.62
CA PRO L 243 62.61 -14.32 -40.74
C PRO L 243 62.21 -12.98 -40.11
N SER L 244 61.07 -12.44 -40.51
CA SER L 244 60.55 -11.18 -39.93
C SER L 244 59.65 -11.40 -38.73
N VAL L 245 59.12 -12.62 -38.58
CA VAL L 245 58.19 -12.93 -37.50
C VAL L 245 58.93 -13.25 -36.20
N ALA L 246 58.48 -12.63 -35.11
CA ALA L 246 59.02 -12.89 -33.79
C ALA L 246 58.31 -14.08 -33.16
N VAL L 247 59.05 -14.91 -32.43
CA VAL L 247 58.50 -16.09 -31.79
C VAL L 247 58.51 -15.95 -30.27
N GLU L 248 57.34 -16.14 -29.67
CA GLU L 248 57.19 -16.12 -28.22
C GLU L 248 56.80 -17.51 -27.73
N ALA L 249 57.42 -17.93 -26.63
CA ALA L 249 57.06 -19.19 -25.97
C ALA L 249 56.40 -18.89 -24.64
N SER L 250 55.34 -19.62 -24.34
CA SER L 250 54.65 -19.47 -23.06
C SER L 250 53.90 -20.76 -22.71
N GLY L 251 53.56 -20.89 -21.44
CA GLY L 251 52.74 -22.00 -21.00
C GLY L 251 53.53 -23.02 -20.21
N GLY L 252 53.31 -23.03 -18.89
CA GLY L 252 53.95 -24.02 -18.02
C GLY L 252 55.45 -23.81 -17.85
N ILE L 253 55.89 -22.56 -18.04
CA ILE L 253 57.30 -22.24 -17.89
C ILE L 253 57.55 -21.80 -16.45
N THR L 254 58.57 -22.40 -15.85
CA THR L 254 58.95 -22.10 -14.47
C THR L 254 60.41 -21.69 -14.45
N LEU L 255 60.87 -21.15 -13.33
CA LEU L 255 62.27 -20.81 -13.16
C LEU L 255 63.15 -22.04 -13.42
N ASP L 256 62.71 -23.19 -12.90
CA ASP L 256 63.47 -24.43 -13.02
C ASP L 256 63.60 -24.95 -14.46
N ASN L 257 62.50 -24.88 -15.23
CA ASN L 257 62.53 -25.42 -16.61
C ASN L 257 62.83 -24.40 -17.70
N LEU L 258 62.96 -23.13 -17.29
CA LEU L 258 63.20 -22.03 -18.24
C LEU L 258 64.32 -22.29 -19.26
N PRO L 259 65.50 -22.77 -18.80
CA PRO L 259 66.55 -23.07 -19.78
C PRO L 259 66.13 -24.00 -20.93
N GLN L 260 65.18 -24.90 -20.69
CA GLN L 260 64.70 -25.84 -21.73
C GLN L 260 63.93 -25.11 -22.84
N PHE L 261 63.32 -23.98 -22.48
CA PHE L 261 62.53 -23.18 -23.42
C PHE L 261 63.38 -22.13 -24.14
N CYS L 262 64.59 -21.92 -23.64
CA CYS L 262 65.55 -21.05 -24.32
C CYS L 262 66.11 -21.74 -25.56
N GLY L 263 66.14 -21.01 -26.66
CA GLY L 263 66.73 -21.50 -27.91
C GLY L 263 66.95 -20.35 -28.87
N PRO L 264 67.77 -20.58 -29.91
CA PRO L 264 68.13 -19.51 -30.85
C PRO L 264 66.95 -18.94 -31.64
N HIS L 265 65.86 -19.69 -31.75
CA HIS L 265 64.72 -19.23 -32.54
C HIS L 265 63.53 -18.77 -31.71
N ILE L 266 63.76 -18.64 -30.40
CA ILE L 266 62.77 -18.09 -29.48
C ILE L 266 63.21 -16.67 -29.10
N ASP L 267 62.33 -15.69 -29.31
CA ASP L 267 62.66 -14.29 -29.08
C ASP L 267 62.19 -13.79 -27.73
N VAL L 268 61.04 -14.30 -27.30
CA VAL L 268 60.39 -13.87 -26.07
C VAL L 268 59.92 -15.11 -25.32
N ILE L 269 60.13 -15.12 -24.00
CA ILE L 269 59.57 -16.14 -23.14
C ILE L 269 58.76 -15.42 -22.07
N SER L 270 57.45 -15.64 -22.07
CA SER L 270 56.58 -14.97 -21.09
C SER L 270 56.15 -15.95 -20.01
N MET L 271 56.14 -15.46 -18.78
CA MET L 271 55.88 -16.29 -17.61
C MET L 271 54.83 -15.62 -16.73
N GLY L 272 53.67 -16.26 -16.62
CA GLY L 272 52.63 -15.83 -15.70
C GLY L 272 53.08 -15.87 -14.25
N MET L 273 53.96 -16.83 -13.92
CA MET L 273 54.43 -17.00 -12.53
C MET L 273 55.14 -15.77 -11.96
N LEU L 274 55.74 -14.96 -12.83
CA LEU L 274 56.51 -13.79 -12.39
C LEU L 274 55.62 -12.81 -11.65
N THR L 275 54.34 -12.79 -11.99
CA THR L 275 53.37 -11.92 -11.32
C THR L 275 52.35 -12.67 -10.47
N GLN L 276 52.04 -13.91 -10.86
CA GLN L 276 51.01 -14.68 -10.15
C GLN L 276 51.52 -15.44 -8.93
N ALA L 277 52.83 -15.72 -8.90
CA ALA L 277 53.40 -16.59 -7.89
C ALA L 277 54.78 -16.12 -7.41
N ALA L 278 54.95 -14.81 -7.30
CA ALA L 278 56.17 -14.26 -6.72
C ALA L 278 55.88 -13.83 -5.28
N PRO L 279 56.46 -14.55 -4.30
CA PRO L 279 56.22 -14.17 -2.89
C PRO L 279 56.75 -12.76 -2.61
N ALA L 280 55.99 -12.01 -1.82
CA ALA L 280 56.42 -10.68 -1.39
C ALA L 280 57.67 -10.78 -0.54
N LEU L 281 58.55 -9.78 -0.62
CA LEU L 281 59.74 -9.76 0.24
C LEU L 281 59.37 -9.26 1.62
N ASP L 282 60.20 -9.59 2.61
CA ASP L 282 59.97 -9.20 3.98
C ASP L 282 60.69 -7.89 4.26
N PHE L 283 59.92 -6.82 4.44
CA PHE L 283 60.45 -5.51 4.85
C PHE L 283 59.80 -5.10 6.16
N SER L 284 60.55 -4.36 6.99
CA SER L 284 59.95 -3.70 8.16
C SER L 284 60.36 -2.23 8.23
N LEU L 285 59.54 -1.44 8.90
CA LEU L 285 59.84 -0.04 9.13
C LEU L 285 59.83 0.19 10.63
N LYS L 286 60.99 0.55 11.17
CA LYS L 286 61.14 0.68 12.62
C LYS L 286 61.48 2.09 13.04
N LEU L 287 60.59 2.70 13.80
CA LEU L 287 60.85 4.00 14.39
C LEU L 287 62.07 3.91 15.33
N PHE L 288 63.03 4.81 15.15
CA PHE L 288 64.11 4.93 16.10
C PHE L 288 64.21 6.38 16.60
O1 SRT M . -59.78 1.51 16.63
O11 SRT M . -59.03 3.60 16.54
C1 SRT M . -59.63 2.65 16.07
C2 SRT M . -60.28 3.03 14.76
O2 SRT M . -59.37 3.32 13.70
C3 SRT M . -61.42 2.07 14.46
O3 SRT M . -62.45 2.83 15.10
C4 SRT M . -61.75 1.87 13.00
O4 SRT M . -61.15 0.97 12.35
O41 SRT M . -62.64 2.60 12.49
O1 SRT N . -32.84 16.84 2.04
O11 SRT N . -33.43 18.95 1.88
C1 SRT N . -33.40 17.79 1.43
C2 SRT N . -34.10 17.56 0.12
O2 SRT N . -33.29 17.92 -0.98
C3 SRT N . -34.62 16.13 -0.03
O3 SRT N . -35.99 16.27 0.36
C4 SRT N . -34.62 15.64 -1.46
O4 SRT N . -33.56 15.19 -1.99
O41 SRT N . -35.73 15.71 -2.05
O1 SRT O . -44.01 -11.05 36.03
O11 SRT O . -44.50 -12.00 37.96
C1 SRT O . -44.80 -11.67 36.80
C2 SRT O . -46.17 -12.11 36.33
O2 SRT O . -47.26 -11.39 36.91
C3 SRT O . -46.24 -12.16 34.83
O3 SRT O . -45.98 -13.54 34.63
C4 SRT O . -47.60 -11.82 34.26
O4 SRT O . -47.91 -10.61 34.03
O41 SRT O . -48.36 -12.78 34.05
O1 SRT P . -33.36 -36.48 15.69
O11 SRT P . -33.57 -36.16 17.88
C1 SRT P . -34.03 -36.49 16.77
C2 SRT P . -35.44 -36.99 16.88
O2 SRT P . -36.37 -36.00 17.26
C3 SRT P . -35.86 -37.84 15.71
O3 SRT P . -35.50 -39.09 16.29
C4 SRT P . -37.35 -37.85 15.50
O4 SRT P . -37.88 -37.06 14.68
O41 SRT P . -38.01 -38.70 16.13
O1 SRT Q . -11.04 -22.24 7.13
O11 SRT Q . -9.29 -22.93 6.01
C1 SRT Q . -10.45 -23.10 6.43
C2 SRT Q . -11.12 -24.39 6.12
O2 SRT Q . -11.24 -25.14 7.33
C3 SRT Q . -12.52 -24.10 5.61
O3 SRT Q . -12.40 -23.52 4.33
C4 SRT Q . -13.31 -25.37 5.51
O4 SRT Q . -13.64 -25.98 6.56
O41 SRT Q . -13.60 -25.76 4.36
O1 SRT R . -27.49 -3.50 -16.17
O11 SRT R . -25.35 -4.06 -15.90
C1 SRT R . -26.50 -4.28 -16.27
C2 SRT R . -26.55 -5.56 -17.04
O2 SRT R . -26.19 -6.76 -16.39
C3 SRT R . -27.72 -5.55 -18.01
O3 SRT R . -26.97 -4.99 -19.08
C4 SRT R . -28.16 -6.93 -18.39
O4 SRT R . -29.14 -7.47 -17.80
O41 SRT R . -27.51 -7.49 -19.28
O1 SRT S . 21.38 26.93 -24.65
O11 SRT S . 23.04 27.69 -25.87
C1 SRT S . 22.02 27.01 -25.73
C2 SRT S . 21.56 26.27 -26.94
O2 SRT S . 22.57 25.33 -27.30
C3 SRT S . 20.18 25.64 -26.75
O3 SRT S . 19.26 26.69 -27.07
C4 SRT S . 19.92 24.48 -27.69
O4 SRT S . 19.59 23.37 -27.19
O41 SRT S . 20.03 24.67 -28.92
O1 SRT T . 52.78 15.39 -30.53
O11 SRT T . 53.35 16.57 -32.31
C1 SRT T . 52.84 15.55 -31.78
C2 SRT T . 52.30 14.52 -32.73
O2 SRT T . 53.29 13.51 -32.94
C3 SRT T . 50.99 13.94 -32.18
O3 SRT T . 49.94 14.79 -32.65
C4 SRT T . 50.67 12.55 -32.67
O4 SRT T . 51.27 11.56 -32.19
O41 SRT T . 49.79 12.47 -33.55
O1 SRT U . 28.03 34.37 1.49
O11 SRT U . 27.01 35.56 3.05
C1 SRT U . 26.98 34.86 2.01
C2 SRT U . 25.59 34.61 1.46
O2 SRT U . 25.05 35.70 0.69
C3 SRT U . 25.45 33.30 0.71
O3 SRT U . 24.96 32.47 1.74
C4 SRT U . 24.43 33.35 -0.39
O4 SRT U . 24.75 33.71 -1.56
O41 SRT U . 23.27 33.01 -0.07
O1 SRT V . 24.75 3.17 14.85
O11 SRT V . 24.63 5.13 15.86
C1 SRT V . 24.13 4.22 15.19
C2 SRT V . 22.66 4.41 14.94
O2 SRT V . 22.25 5.51 14.11
C3 SRT V . 21.95 3.10 14.67
O3 SRT V . 21.65 2.93 16.05
C4 SRT V . 20.65 3.24 13.97
O4 SRT V . 20.58 3.10 12.72
O41 SRT V . 19.67 3.51 14.69
O1 SRT W . 51.38 -3.16 10.53
O11 SRT W . 52.88 -4.66 11.10
C1 SRT W . 51.71 -4.32 10.87
C2 SRT W . 50.66 -5.38 11.03
O2 SRT W . 50.39 -5.66 12.40
C3 SRT W . 49.42 -5.02 10.19
O3 SRT W . 49.66 -5.75 8.98
C4 SRT W . 48.09 -5.43 10.78
O4 SRT W . 47.51 -4.65 11.57
O41 SRT W . 47.60 -6.53 10.44
O1 SRT X . 44.61 -13.06 -21.67
O11 SRT X . 45.22 -15.16 -21.69
C1 SRT X . 45.49 -13.95 -21.78
C2 SRT X . 46.93 -13.58 -22.04
O2 SRT X . 47.16 -13.57 -23.46
C3 SRT X . 47.29 -12.25 -21.35
O3 SRT X . 48.08 -12.53 -20.18
C4 SRT X . 48.03 -11.26 -22.22
O4 SRT X . 47.52 -10.87 -23.31
O41 SRT X . 49.14 -10.84 -21.79
#